data_1TNO
#
_entry.id   1TNO
#
_cell.length_a   272.531
_cell.length_b   268.484
_cell.length_c   185.940
_cell.angle_alpha   90.00
_cell.angle_beta   131.48
_cell.angle_gamma   90.00
#
_symmetry.space_group_name_H-M   'C 1 2 1'
#
loop_
_entity.id
_entity.type
_entity.pdbx_description
1 polymer 'geranylgeranyltransferase type I alpha subunit'
2 polymer 'Geranylgeranyl transferase type I beta subunit'
3 polymer 'c-K-ras2 protein isoform b'
4 non-polymer 'ZINC ION'
5 non-polymer '2-(N-MORPHOLINO)-ETHANESULFONIC ACID'
6 non-polymer 2-[METHYL-(5-GERANYL-4-METHYL-PENT-3-ENYL)-AMINO]-ETHYL-DIPHOSPHATE
7 non-polymer 'CHLORIDE ION'
8 water water
#
loop_
_entity_poly.entity_id
_entity_poly.type
_entity_poly.pdbx_seq_one_letter_code
_entity_poly.pdbx_strand_id
1 'polypeptide(L)'
;MAATEGVGESAPGGEPGQPEQPPPPPPPPPAQQPQEEEMAAEAGEAAASPMDDGFLSLDSPTYVLYRDRAEWADIDPVPQ
NDGPSPVVQIIYSEKFRDVYDYFRAVLQRDERSERAFKLTRDAIELNAANYTVWHFRRVLLRSLQKDLQEEMNYIIAIIE
EQPKNYQVWHHRRVLVEWLKDPSQELEFIADILNQDAKNYHAWQHRQWVIQEFRLWDNELQYVDQLLKEDVRNNSVWNQR
HFVISNTTGYSDRAVLEREVQYTLEMIKLVPHNESAWNYLKGILQDRGLSRYPNLLNQLLDLQPSHSSPYLIAFLVDIYE
DMLENQCDNKEDILNKALELCEILAKEKDTIRKEYWRYIGRSLQSKHSRESDIPASV
;
A,C,E,G,I,K
2 'polypeptide(L)'
;MAATEDDRLAGSGEGERLDFLRDRHVRFFQRCLQVLPERYSSLETSRLTIAFFALSGLDMLDSLDVVNKDDIIEWIYSLQ
VLPTEDRSNLDRCGFRGSSYLGIPFNPSKNPGTAHPYDSGHIAMTYTGLSCLIILGDDLSRVDKEACLAGLRALQLEDGS
FCAVPEGSENDMRFVYCASCICYMLNNWSGMDMKKAISYIRRSMSYDNGLAQGAGLESHGGSTFCGIASLCLMGKLEEVF
SEKELNRIKRWCIMRQQNGYHGRPNKPVDTCYSFWVGATLKLLKIFQYTNFEKNRNYILSTQDRLVGGFAKWPDSHPDAL
HAYFGICGLSLMEESGICKVHPALNVSTRTSERLRDLHQSWKTKDSKQCSDNVHISS
;
B,D,F,H,J,L
3 'polypeptide(L)' KKKSKTKCVIM M,N,O,P,Q,R
#
loop_
_chem_comp.id
_chem_comp.type
_chem_comp.name
_chem_comp.formula
CL non-polymer 'CHLORIDE ION' 'Cl -1'
MES non-polymer '2-(N-MORPHOLINO)-ETHANESULFONIC ACID' 'C6 H13 N O4 S'
MGM non-polymer 2-[METHYL-(5-GERANYL-4-METHYL-PENT-3-ENYL)-AMINO]-ETHYL-DIPHOSPHATE 'C19 H37 N O7 P2'
ZN non-polymer 'ZINC ION' 'Zn 2'
#
# COMPACT_ATOMS: atom_id res chain seq x y z
N PHE A 55 -33.78 -18.57 -0.09
CA PHE A 55 -33.96 -18.46 -1.57
C PHE A 55 -32.75 -17.90 -2.34
N LEU A 56 -32.70 -16.56 -2.46
CA LEU A 56 -31.61 -15.89 -3.18
C LEU A 56 -30.34 -15.75 -2.35
N SER A 57 -29.37 -16.62 -2.64
CA SER A 57 -28.10 -16.62 -1.93
C SER A 57 -27.30 -15.31 -2.01
N LEU A 58 -26.59 -14.98 -0.94
CA LEU A 58 -25.80 -13.76 -0.88
C LEU A 58 -24.68 -13.70 -1.89
N ASP A 59 -24.25 -14.85 -2.39
CA ASP A 59 -23.19 -14.85 -3.38
C ASP A 59 -23.65 -15.36 -4.75
N SER A 60 -24.96 -15.35 -4.98
CA SER A 60 -25.51 -15.76 -6.26
C SER A 60 -25.24 -14.65 -7.28
N PRO A 61 -24.92 -15.02 -8.54
CA PRO A 61 -24.66 -14.00 -9.54
C PRO A 61 -25.85 -13.08 -9.75
N THR A 62 -27.06 -13.54 -9.42
CA THR A 62 -28.25 -12.72 -9.59
C THR A 62 -28.77 -12.08 -8.31
N TYR A 63 -27.91 -12.00 -7.28
CA TYR A 63 -28.31 -11.39 -6.02
C TYR A 63 -28.66 -9.92 -6.24
N VAL A 64 -29.66 -9.43 -5.53
CA VAL A 64 -30.08 -8.05 -5.67
C VAL A 64 -30.18 -7.40 -4.29
N LEU A 65 -29.64 -6.19 -4.15
CA LEU A 65 -29.71 -5.51 -2.87
C LEU A 65 -31.17 -5.34 -2.49
N TYR A 66 -31.45 -5.32 -1.20
CA TYR A 66 -32.81 -5.15 -0.73
C TYR A 66 -33.34 -3.79 -1.16
N ARG A 67 -32.46 -2.80 -1.27
CA ARG A 67 -32.86 -1.46 -1.68
C ARG A 67 -33.43 -1.46 -3.11
N ASP A 68 -33.12 -2.50 -3.88
CA ASP A 68 -33.59 -2.62 -5.25
C ASP A 68 -34.66 -3.69 -5.46
N ARG A 69 -35.22 -4.22 -4.38
CA ARG A 69 -36.25 -5.26 -4.51
C ARG A 69 -37.64 -4.67 -4.38
N ALA A 70 -38.53 -5.04 -5.30
CA ALA A 70 -39.90 -4.55 -5.33
C ALA A 70 -40.69 -4.92 -4.08
N GLU A 71 -40.53 -6.17 -3.61
CA GLU A 71 -41.24 -6.64 -2.41
C GLU A 71 -40.87 -5.80 -1.18
N TRP A 72 -39.80 -5.02 -1.27
CA TRP A 72 -39.36 -4.21 -0.13
C TRP A 72 -39.50 -2.71 -0.34
N ALA A 73 -40.18 -2.32 -1.40
CA ALA A 73 -40.35 -0.91 -1.72
C ALA A 73 -41.06 -0.06 -0.67
N ASP A 74 -41.96 -0.68 0.10
CA ASP A 74 -42.72 0.03 1.11
C ASP A 74 -42.00 0.28 2.43
N ILE A 75 -40.82 -0.31 2.60
CA ILE A 75 -40.07 -0.14 3.84
C ILE A 75 -38.90 0.83 3.71
N ASP A 76 -38.76 1.74 4.69
CA ASP A 76 -37.65 2.69 4.69
C ASP A 76 -36.52 2.10 5.51
N PRO A 77 -35.35 1.90 4.92
CA PRO A 77 -34.23 1.33 5.68
C PRO A 77 -33.81 2.24 6.85
N VAL A 78 -33.35 1.63 7.93
CA VAL A 78 -32.91 2.38 9.11
C VAL A 78 -31.41 2.21 9.29
N PRO A 79 -30.65 3.30 9.15
CA PRO A 79 -29.20 3.26 9.29
C PRO A 79 -28.72 3.26 10.74
N GLN A 80 -27.48 2.81 10.93
CA GLN A 80 -26.86 2.78 12.24
C GLN A 80 -26.05 4.07 12.37
N ASN A 81 -26.01 4.66 13.55
CA ASN A 81 -25.24 5.89 13.75
C ASN A 81 -24.52 5.95 15.10
N ASP A 82 -23.18 5.93 15.04
CA ASP A 82 -22.34 5.98 16.22
C ASP A 82 -22.00 7.40 16.65
N GLY A 83 -22.79 8.38 16.23
CA GLY A 83 -22.52 9.75 16.60
C GLY A 83 -21.32 10.40 15.94
N PRO A 84 -20.95 11.61 16.38
CA PRO A 84 -19.82 12.39 15.86
C PRO A 84 -18.45 11.71 15.84
N SER A 85 -18.10 11.02 16.92
CA SER A 85 -16.79 10.36 17.00
C SER A 85 -16.95 8.89 17.36
N PRO A 86 -17.11 8.03 16.34
CA PRO A 86 -17.26 6.59 16.57
C PRO A 86 -16.02 5.89 17.14
N VAL A 87 -16.26 4.94 18.04
CA VAL A 87 -15.18 4.18 18.67
C VAL A 87 -15.28 2.73 18.21
N VAL A 88 -14.13 2.09 17.98
CA VAL A 88 -14.09 0.70 17.53
C VAL A 88 -15.13 0.49 16.43
N GLN A 89 -15.05 1.32 15.40
CA GLN A 89 -15.98 1.25 14.28
C GLN A 89 -15.55 0.21 13.26
N ILE A 90 -16.50 -0.63 12.87
CA ILE A 90 -16.23 -1.67 11.89
C ILE A 90 -16.74 -1.17 10.54
N ILE A 91 -15.93 -1.29 9.50
CA ILE A 91 -16.37 -0.85 8.17
C ILE A 91 -17.13 -1.97 7.47
N TYR A 92 -18.27 -1.62 6.88
CA TYR A 92 -19.12 -2.59 6.22
C TYR A 92 -19.24 -2.42 4.72
N SER A 93 -19.36 -3.54 4.02
CA SER A 93 -19.52 -3.55 2.57
C SER A 93 -20.94 -3.11 2.23
N GLU A 94 -21.17 -2.82 0.95
CA GLU A 94 -22.49 -2.40 0.50
C GLU A 94 -23.54 -3.44 0.84
N LYS A 95 -23.25 -4.70 0.52
CA LYS A 95 -24.20 -5.79 0.79
C LYS A 95 -24.53 -5.92 2.26
N PHE A 96 -23.48 -5.91 3.09
CA PHE A 96 -23.64 -6.04 4.53
C PHE A 96 -24.55 -4.95 5.09
N ARG A 97 -24.17 -3.71 4.86
CA ARG A 97 -24.95 -2.58 5.35
C ARG A 97 -26.38 -2.59 4.82
N ASP A 98 -26.56 -3.10 3.60
CA ASP A 98 -27.88 -3.15 2.98
C ASP A 98 -28.80 -4.14 3.72
N VAL A 99 -28.31 -5.34 3.99
CA VAL A 99 -29.10 -6.33 4.69
C VAL A 99 -29.50 -5.83 6.08
N TYR A 100 -28.53 -5.30 6.82
CA TYR A 100 -28.81 -4.83 8.18
C TYR A 100 -29.61 -3.55 8.28
N ASP A 101 -29.60 -2.75 7.22
CA ASP A 101 -30.37 -1.50 7.24
C ASP A 101 -31.83 -1.89 7.17
N TYR A 102 -32.12 -2.98 6.47
CA TYR A 102 -33.50 -3.45 6.35
C TYR A 102 -33.87 -4.27 7.58
N PHE A 103 -32.89 -4.96 8.16
CA PHE A 103 -33.16 -5.75 9.36
C PHE A 103 -33.60 -4.76 10.43
N ARG A 104 -32.86 -3.66 10.58
CA ARG A 104 -33.21 -2.65 11.57
C ARG A 104 -34.62 -2.15 11.38
N ALA A 105 -35.02 -1.98 10.13
CA ALA A 105 -36.35 -1.50 9.80
C ALA A 105 -37.43 -2.47 10.25
N VAL A 106 -37.30 -3.72 9.83
CA VAL A 106 -38.26 -4.75 10.18
C VAL A 106 -38.33 -4.96 11.69
N LEU A 107 -37.17 -4.95 12.33
CA LEU A 107 -37.03 -5.15 13.76
C LEU A 107 -37.76 -4.03 14.51
N GLN A 108 -37.50 -2.80 14.08
CA GLN A 108 -38.09 -1.63 14.70
C GLN A 108 -39.61 -1.60 14.66
N ARG A 109 -40.19 -2.26 13.67
CA ARG A 109 -41.64 -2.28 13.54
C ARG A 109 -42.22 -3.61 13.96
N ASP A 110 -41.38 -4.48 14.51
CA ASP A 110 -41.80 -5.80 14.94
C ASP A 110 -42.70 -6.47 13.91
N GLU A 111 -42.28 -6.41 12.64
CA GLU A 111 -43.06 -7.00 11.56
C GLU A 111 -42.89 -8.52 11.52
N ARG A 112 -43.97 -9.25 11.83
CA ARG A 112 -43.92 -10.71 11.84
C ARG A 112 -44.28 -11.26 10.45
N SER A 113 -43.51 -10.91 9.43
CA SER A 113 -43.80 -11.38 8.08
C SER A 113 -42.91 -12.51 7.58
N GLU A 114 -43.31 -13.09 6.46
CA GLU A 114 -42.55 -14.15 5.83
C GLU A 114 -41.28 -13.58 5.21
N ARG A 115 -41.36 -12.33 4.75
CA ARG A 115 -40.20 -11.70 4.14
C ARG A 115 -39.15 -11.39 5.21
N ALA A 116 -39.61 -11.09 6.43
CA ALA A 116 -38.71 -10.79 7.53
C ALA A 116 -37.96 -12.07 7.92
N PHE A 117 -38.70 -13.18 7.94
CA PHE A 117 -38.12 -14.47 8.26
C PHE A 117 -36.98 -14.81 7.31
N LYS A 118 -37.19 -14.56 6.02
CA LYS A 118 -36.16 -14.84 5.02
C LYS A 118 -34.99 -13.88 5.17
N LEU A 119 -35.26 -12.65 5.61
CA LEU A 119 -34.22 -11.66 5.80
C LEU A 119 -33.27 -12.08 6.92
N THR A 120 -33.78 -12.74 7.95
CA THR A 120 -32.92 -13.18 9.06
C THR A 120 -31.91 -14.21 8.60
N ARG A 121 -32.28 -15.00 7.59
CA ARG A 121 -31.36 -16.01 7.10
C ARG A 121 -30.10 -15.34 6.56
N ASP A 122 -30.29 -14.19 5.90
CA ASP A 122 -29.18 -13.45 5.33
C ASP A 122 -28.37 -12.76 6.42
N ALA A 123 -29.09 -12.20 7.40
CA ALA A 123 -28.44 -11.51 8.50
C ALA A 123 -27.55 -12.49 9.27
N ILE A 124 -28.02 -13.72 9.41
CA ILE A 124 -27.26 -14.75 10.10
C ILE A 124 -26.05 -15.19 9.28
N GLU A 125 -26.19 -15.22 7.96
CA GLU A 125 -25.06 -15.63 7.14
C GLU A 125 -23.98 -14.55 7.26
N LEU A 126 -24.39 -13.30 7.42
CA LEU A 126 -23.43 -12.21 7.56
C LEU A 126 -22.79 -12.18 8.95
N ASN A 127 -23.56 -12.53 9.97
CA ASN A 127 -23.04 -12.52 11.34
C ASN A 127 -23.87 -13.38 12.30
N ALA A 128 -23.47 -14.63 12.47
CA ALA A 128 -24.19 -15.57 13.35
C ALA A 128 -24.04 -15.29 14.84
N ALA A 129 -23.24 -14.29 15.20
CA ALA A 129 -23.04 -13.96 16.59
C ALA A 129 -23.97 -12.85 17.08
N ASN A 130 -24.88 -12.40 16.21
CA ASN A 130 -25.82 -11.35 16.61
C ASN A 130 -27.01 -12.02 17.33
N TYR A 131 -27.00 -11.97 18.65
CA TYR A 131 -28.05 -12.61 19.44
C TYR A 131 -29.44 -12.05 19.22
N THR A 132 -29.55 -10.77 18.89
CA THR A 132 -30.86 -10.18 18.63
C THR A 132 -31.49 -10.81 17.38
N VAL A 133 -30.68 -11.04 16.36
CA VAL A 133 -31.21 -11.65 15.15
C VAL A 133 -31.78 -13.02 15.47
N TRP A 134 -31.07 -13.83 16.24
CA TRP A 134 -31.57 -15.16 16.59
C TRP A 134 -32.87 -15.11 17.40
N HIS A 135 -32.96 -14.13 18.31
CA HIS A 135 -34.17 -14.00 19.11
C HIS A 135 -35.36 -13.69 18.20
N PHE A 136 -35.20 -12.70 17.33
CA PHE A 136 -36.26 -12.30 16.41
C PHE A 136 -36.67 -13.48 15.51
N ARG A 137 -35.69 -14.28 15.09
CA ARG A 137 -35.98 -15.42 14.25
C ARG A 137 -36.87 -16.40 15.02
N ARG A 138 -36.63 -16.52 16.33
CA ARG A 138 -37.43 -17.43 17.14
C ARG A 138 -38.84 -16.87 17.30
N VAL A 139 -38.96 -15.55 17.41
CA VAL A 139 -40.27 -14.91 17.51
C VAL A 139 -41.04 -15.25 16.23
N LEU A 140 -40.38 -15.12 15.09
CA LEU A 140 -41.01 -15.41 13.80
C LEU A 140 -41.35 -16.89 13.65
N LEU A 141 -40.47 -17.78 14.11
CA LEU A 141 -40.73 -19.21 14.00
C LEU A 141 -42.08 -19.52 14.65
N ARG A 142 -42.35 -18.87 15.77
CA ARG A 142 -43.61 -19.05 16.46
C ARG A 142 -44.76 -18.37 15.72
N SER A 143 -44.65 -17.05 15.49
CA SER A 143 -45.70 -16.30 14.80
C SER A 143 -46.17 -16.91 13.48
N LEU A 144 -45.24 -17.41 12.68
CA LEU A 144 -45.60 -17.98 11.39
C LEU A 144 -45.76 -19.49 11.49
N GLN A 145 -45.68 -20.03 12.70
CA GLN A 145 -45.82 -21.47 12.91
C GLN A 145 -45.04 -22.27 11.87
N LYS A 146 -43.73 -22.04 11.81
CA LYS A 146 -42.86 -22.74 10.86
C LYS A 146 -42.57 -24.17 11.30
N ASP A 147 -42.17 -25.00 10.34
CA ASP A 147 -41.85 -26.39 10.63
C ASP A 147 -40.54 -26.44 11.42
N LEU A 148 -40.62 -26.82 12.70
CA LEU A 148 -39.44 -26.87 13.55
C LEU A 148 -38.47 -27.99 13.16
N GLN A 149 -38.99 -29.02 12.53
CA GLN A 149 -38.13 -30.12 12.13
C GLN A 149 -37.19 -29.63 11.02
N GLU A 150 -37.65 -28.62 10.28
CA GLU A 150 -36.86 -28.03 9.20
C GLU A 150 -35.79 -27.13 9.82
N GLU A 151 -36.17 -26.38 10.85
CA GLU A 151 -35.26 -25.49 11.54
C GLU A 151 -34.14 -26.30 12.19
N MET A 152 -34.44 -27.53 12.60
CA MET A 152 -33.41 -28.39 13.20
C MET A 152 -32.32 -28.70 12.17
N ASN A 153 -32.73 -28.91 10.92
CA ASN A 153 -31.75 -29.19 9.86
C ASN A 153 -30.89 -27.97 9.66
N TYR A 154 -31.52 -26.80 9.67
CA TYR A 154 -30.83 -25.53 9.50
C TYR A 154 -29.76 -25.33 10.56
N ILE A 155 -30.18 -25.32 11.83
CA ILE A 155 -29.24 -25.12 12.92
C ILE A 155 -28.17 -26.22 12.97
N ILE A 156 -28.52 -27.42 12.52
CA ILE A 156 -27.53 -28.49 12.54
C ILE A 156 -26.38 -28.16 11.59
N ALA A 157 -26.71 -27.55 10.46
CA ALA A 157 -25.69 -27.19 9.49
C ALA A 157 -24.87 -25.99 10.00
N ILE A 158 -25.56 -24.99 10.55
CA ILE A 158 -24.91 -23.80 11.08
C ILE A 158 -23.87 -24.11 12.15
N ILE A 159 -24.25 -24.95 13.11
CA ILE A 159 -23.36 -25.32 14.20
C ILE A 159 -22.10 -26.04 13.70
N GLU A 160 -22.25 -26.85 12.65
CA GLU A 160 -21.10 -27.56 12.12
C GLU A 160 -20.06 -26.59 11.56
N GLU A 161 -20.54 -25.48 11.03
CA GLU A 161 -19.67 -24.46 10.46
C GLU A 161 -19.09 -23.56 11.55
N GLN A 162 -19.81 -23.40 12.65
CA GLN A 162 -19.38 -22.55 13.75
C GLN A 162 -19.65 -23.19 15.10
N PRO A 163 -18.93 -24.26 15.41
CA PRO A 163 -19.08 -25.00 16.67
C PRO A 163 -18.68 -24.31 17.96
N LYS A 164 -18.10 -23.11 17.88
CA LYS A 164 -17.68 -22.40 19.09
C LYS A 164 -18.47 -21.12 19.33
N ASN A 165 -19.60 -21.00 18.67
CA ASN A 165 -20.48 -19.83 18.77
C ASN A 165 -21.55 -20.09 19.86
N TYR A 166 -21.67 -19.17 20.82
CA TYR A 166 -22.65 -19.32 21.90
C TYR A 166 -24.10 -19.23 21.46
N GLN A 167 -24.41 -18.31 20.56
CA GLN A 167 -25.79 -18.12 20.10
C GLN A 167 -26.40 -19.33 19.39
N VAL A 168 -25.62 -20.04 18.59
CA VAL A 168 -26.13 -21.19 17.85
C VAL A 168 -26.46 -22.37 18.74
N TRP A 169 -25.65 -22.57 19.79
CA TRP A 169 -25.92 -23.66 20.72
C TRP A 169 -27.17 -23.35 21.54
N HIS A 170 -27.35 -22.09 21.89
CA HIS A 170 -28.52 -21.71 22.65
C HIS A 170 -29.77 -21.92 21.80
N HIS A 171 -29.68 -21.58 20.51
CA HIS A 171 -30.83 -21.71 19.61
C HIS A 171 -31.27 -23.18 19.52
N ARG A 172 -30.31 -24.09 19.37
CA ARG A 172 -30.65 -25.51 19.25
C ARG A 172 -31.29 -26.02 20.53
N ARG A 173 -30.80 -25.57 21.68
CA ARG A 173 -31.36 -26.02 22.94
C ARG A 173 -32.83 -25.58 23.08
N VAL A 174 -33.14 -24.36 22.64
CA VAL A 174 -34.51 -23.87 22.71
C VAL A 174 -35.41 -24.73 21.80
N LEU A 175 -34.92 -25.08 20.62
CA LEU A 175 -35.68 -25.90 19.69
C LEU A 175 -36.00 -27.27 20.28
N VAL A 176 -34.99 -27.91 20.83
CA VAL A 176 -35.19 -29.24 21.42
C VAL A 176 -36.20 -29.16 22.56
N GLU A 177 -36.19 -28.07 23.33
CA GLU A 177 -37.15 -27.89 24.41
C GLU A 177 -38.55 -27.78 23.81
N TRP A 178 -38.67 -27.04 22.72
CA TRP A 178 -39.97 -26.85 22.05
C TRP A 178 -40.52 -28.17 21.53
N LEU A 179 -39.67 -28.93 20.84
CA LEU A 179 -40.10 -30.21 20.28
C LEU A 179 -40.21 -31.32 21.30
N LYS A 180 -39.53 -31.19 22.42
CA LYS A 180 -39.52 -32.23 23.45
C LYS A 180 -39.02 -33.50 22.77
N ASP A 181 -38.16 -33.34 21.78
CA ASP A 181 -37.63 -34.47 21.01
C ASP A 181 -36.09 -34.50 21.04
N PRO A 182 -35.51 -35.41 21.82
CA PRO A 182 -34.05 -35.50 21.89
C PRO A 182 -33.42 -36.60 21.02
N SER A 183 -34.24 -37.27 20.24
CA SER A 183 -33.78 -38.39 19.41
C SER A 183 -32.55 -38.15 18.52
N GLN A 184 -32.30 -36.91 18.12
CA GLN A 184 -31.16 -36.60 17.26
C GLN A 184 -29.90 -36.15 18.01
N GLU A 185 -30.11 -35.59 19.20
CA GLU A 185 -29.02 -35.05 20.01
C GLU A 185 -27.73 -35.82 20.24
N LEU A 186 -27.80 -36.98 20.87
CA LEU A 186 -26.58 -37.74 21.17
C LEU A 186 -25.69 -38.05 19.97
N GLU A 187 -26.31 -38.31 18.82
CA GLU A 187 -25.54 -38.61 17.63
C GLU A 187 -24.94 -37.35 17.02
N PHE A 188 -25.71 -36.25 17.06
CA PHE A 188 -25.24 -34.98 16.54
C PHE A 188 -24.01 -34.51 17.32
N ILE A 189 -24.11 -34.57 18.64
CA ILE A 189 -23.02 -34.15 19.48
C ILE A 189 -21.78 -35.02 19.27
N ALA A 190 -21.99 -36.31 19.05
CA ALA A 190 -20.87 -37.23 18.84
C ALA A 190 -20.10 -36.83 17.59
N ASP A 191 -20.82 -36.31 16.59
CA ASP A 191 -20.19 -35.87 15.35
C ASP A 191 -19.37 -34.61 15.58
N ILE A 192 -19.95 -33.67 16.33
CA ILE A 192 -19.25 -32.43 16.64
C ILE A 192 -17.99 -32.75 17.47
N LEU A 193 -18.12 -33.67 18.41
CA LEU A 193 -16.99 -34.05 19.25
C LEU A 193 -15.90 -34.73 18.42
N ASN A 194 -16.21 -35.04 17.16
CA ASN A 194 -15.22 -35.65 16.29
C ASN A 194 -14.31 -34.62 15.69
N GLN A 195 -14.75 -33.37 15.64
CA GLN A 195 -13.91 -32.29 15.12
C GLN A 195 -13.07 -31.73 16.27
N ASP A 196 -13.58 -31.88 17.49
CA ASP A 196 -12.91 -31.38 18.70
C ASP A 196 -13.50 -32.09 19.89
N ALA A 197 -12.81 -33.12 20.38
CA ALA A 197 -13.30 -33.91 21.51
C ALA A 197 -13.39 -33.17 22.84
N LYS A 198 -12.93 -31.92 22.87
CA LYS A 198 -12.96 -31.16 24.13
C LYS A 198 -13.80 -29.90 24.08
N ASN A 199 -14.56 -29.73 23.00
CA ASN A 199 -15.43 -28.59 22.79
C ASN A 199 -16.36 -28.41 23.99
N TYR A 200 -16.11 -27.39 24.81
CA TYR A 200 -16.93 -27.18 25.99
C TYR A 200 -18.43 -27.02 25.68
N HIS A 201 -18.76 -26.35 24.59
CA HIS A 201 -20.16 -26.15 24.21
C HIS A 201 -20.87 -27.49 23.97
N ALA A 202 -20.18 -28.41 23.29
CA ALA A 202 -20.71 -29.72 22.97
C ALA A 202 -20.98 -30.56 24.23
N TRP A 203 -20.01 -30.61 25.13
CA TRP A 203 -20.19 -31.37 26.36
C TRP A 203 -21.31 -30.78 27.22
N GLN A 204 -21.41 -29.46 27.21
CA GLN A 204 -22.43 -28.78 28.00
C GLN A 204 -23.82 -29.14 27.49
N HIS A 205 -23.96 -29.15 26.17
CA HIS A 205 -25.23 -29.47 25.54
C HIS A 205 -25.58 -30.94 25.80
N ARG A 206 -24.56 -31.80 25.71
CA ARG A 206 -24.76 -33.23 25.92
C ARG A 206 -25.25 -33.52 27.33
N GLN A 207 -24.71 -32.84 28.33
CA GLN A 207 -25.15 -33.07 29.70
C GLN A 207 -26.56 -32.57 29.91
N TRP A 208 -26.90 -31.44 29.28
CA TRP A 208 -28.24 -30.90 29.42
C TRP A 208 -29.25 -31.89 28.87
N VAL A 209 -28.98 -32.41 27.67
CA VAL A 209 -29.89 -33.36 27.04
C VAL A 209 -30.10 -34.61 27.89
N ILE A 210 -29.00 -35.26 28.26
CA ILE A 210 -29.07 -36.46 29.06
C ILE A 210 -29.85 -36.26 30.36
N GLN A 211 -29.62 -35.15 31.04
CA GLN A 211 -30.29 -34.86 32.28
C GLN A 211 -31.78 -34.58 32.08
N GLU A 212 -32.08 -33.72 31.11
CA GLU A 212 -33.44 -33.31 30.81
C GLU A 212 -34.38 -34.42 30.31
N PHE A 213 -33.86 -35.36 29.53
CA PHE A 213 -34.69 -36.43 29.00
C PHE A 213 -34.30 -37.80 29.53
N ARG A 214 -33.55 -37.80 30.63
CA ARG A 214 -33.05 -39.00 31.30
C ARG A 214 -32.54 -40.09 30.34
N LEU A 215 -31.47 -39.76 29.60
CA LEU A 215 -30.89 -40.69 28.65
C LEU A 215 -29.55 -41.22 29.15
N TRP A 216 -29.54 -41.80 30.35
CA TRP A 216 -28.31 -42.32 30.94
C TRP A 216 -27.89 -43.71 30.45
N ASP A 217 -28.86 -44.48 29.98
CA ASP A 217 -28.63 -45.84 29.52
C ASP A 217 -27.34 -46.24 28.79
N ASN A 218 -26.89 -45.41 27.84
CA ASN A 218 -25.69 -45.78 27.08
C ASN A 218 -24.49 -44.87 27.27
N GLU A 219 -24.61 -43.84 28.10
CA GLU A 219 -23.51 -42.91 28.25
C GLU A 219 -22.24 -43.52 28.84
N LEU A 220 -22.37 -44.37 29.86
CA LEU A 220 -21.17 -44.98 30.45
C LEU A 220 -20.36 -45.78 29.44
N GLN A 221 -21.05 -46.32 28.44
CA GLN A 221 -20.41 -47.10 27.39
C GLN A 221 -19.72 -46.17 26.39
N TYR A 222 -20.37 -45.04 26.10
CA TYR A 222 -19.83 -44.03 25.19
C TYR A 222 -18.52 -43.50 25.79
N VAL A 223 -18.54 -43.29 27.10
CA VAL A 223 -17.39 -42.81 27.84
C VAL A 223 -16.22 -43.80 27.73
N ASP A 224 -16.51 -45.09 27.93
CA ASP A 224 -15.49 -46.12 27.83
C ASP A 224 -14.85 -46.16 26.45
N GLN A 225 -15.65 -45.92 25.44
CA GLN A 225 -15.16 -45.91 24.07
C GLN A 225 -14.22 -44.74 23.82
N LEU A 226 -14.61 -43.56 24.28
CA LEU A 226 -13.78 -42.38 24.09
C LEU A 226 -12.48 -42.42 24.89
N LEU A 227 -12.53 -42.99 26.09
CA LEU A 227 -11.33 -43.08 26.90
C LEU A 227 -10.28 -43.99 26.24
N LYS A 228 -10.73 -44.87 25.36
CA LYS A 228 -9.82 -45.76 24.66
C LYS A 228 -9.17 -45.00 23.51
N GLU A 229 -9.90 -44.03 22.95
CA GLU A 229 -9.37 -43.22 21.86
C GLU A 229 -8.32 -42.22 22.35
N ASP A 230 -8.51 -41.73 23.59
CA ASP A 230 -7.58 -40.77 24.20
C ASP A 230 -7.83 -40.72 25.70
N VAL A 231 -7.06 -41.51 26.44
CA VAL A 231 -7.19 -41.58 27.89
C VAL A 231 -6.83 -40.27 28.60
N ARG A 232 -6.29 -39.30 27.85
CA ARG A 232 -5.92 -38.03 28.43
C ARG A 232 -6.98 -36.94 28.31
N ASN A 233 -8.10 -37.26 27.66
CA ASN A 233 -9.18 -36.27 27.49
C ASN A 233 -9.91 -36.02 28.81
N ASN A 234 -9.58 -34.89 29.46
CA ASN A 234 -10.17 -34.54 30.74
C ASN A 234 -11.69 -34.40 30.72
N SER A 235 -12.24 -34.05 29.55
CA SER A 235 -13.68 -33.88 29.41
C SER A 235 -14.40 -35.22 29.58
N VAL A 236 -13.81 -36.28 29.06
CA VAL A 236 -14.39 -37.61 29.16
C VAL A 236 -14.38 -38.14 30.59
N TRP A 237 -13.31 -37.87 31.34
CA TRP A 237 -13.26 -38.33 32.72
C TRP A 237 -14.36 -37.62 33.51
N ASN A 238 -14.60 -36.35 33.17
CA ASN A 238 -15.64 -35.60 33.87
C ASN A 238 -17.00 -36.21 33.55
N GLN A 239 -17.17 -36.60 32.29
CA GLN A 239 -18.42 -37.19 31.85
C GLN A 239 -18.69 -38.49 32.62
N ARG A 240 -17.64 -39.28 32.81
CA ARG A 240 -17.76 -40.53 33.53
C ARG A 240 -18.28 -40.28 34.94
N HIS A 241 -17.73 -39.29 35.62
CA HIS A 241 -18.17 -38.98 36.96
C HIS A 241 -19.62 -38.46 36.96
N PHE A 242 -19.96 -37.76 35.88
CA PHE A 242 -21.30 -37.22 35.69
C PHE A 242 -22.34 -38.35 35.63
N VAL A 243 -22.08 -39.33 34.78
CA VAL A 243 -22.97 -40.47 34.62
C VAL A 243 -23.16 -41.25 35.92
N ILE A 244 -22.06 -41.74 36.46
CA ILE A 244 -22.10 -42.53 37.67
C ILE A 244 -22.76 -41.84 38.86
N SER A 245 -22.33 -40.63 39.18
CA SER A 245 -22.93 -39.96 40.34
C SER A 245 -24.41 -39.64 40.15
N ASN A 246 -24.90 -39.69 38.90
CA ASN A 246 -26.30 -39.40 38.63
C ASN A 246 -27.13 -40.67 38.43
N THR A 247 -26.49 -41.83 38.55
CA THR A 247 -27.22 -43.09 38.42
C THR A 247 -27.04 -43.92 39.70
N THR A 248 -26.02 -44.77 39.73
CA THR A 248 -25.77 -45.61 40.90
C THR A 248 -25.18 -44.87 42.09
N GLY A 249 -24.34 -43.87 41.85
CA GLY A 249 -23.70 -43.15 42.93
C GLY A 249 -22.42 -43.90 43.27
N TYR A 250 -21.63 -43.41 44.23
CA TYR A 250 -20.38 -44.08 44.59
C TYR A 250 -20.42 -44.76 45.96
N SER A 251 -21.52 -44.57 46.69
CA SER A 251 -21.68 -45.15 48.02
C SER A 251 -21.79 -46.67 47.97
N ASP A 252 -22.11 -47.23 46.80
CA ASP A 252 -22.19 -48.67 46.67
C ASP A 252 -20.76 -49.20 46.57
N ARG A 253 -20.28 -49.82 47.65
CA ARG A 253 -18.93 -50.35 47.68
C ARG A 253 -18.51 -51.16 46.46
N ALA A 254 -19.48 -51.81 45.81
CA ALA A 254 -19.18 -52.62 44.63
C ALA A 254 -18.78 -51.69 43.48
N VAL A 255 -19.49 -50.57 43.39
CA VAL A 255 -19.24 -49.59 42.32
C VAL A 255 -17.92 -48.86 42.57
N LEU A 256 -17.72 -48.42 43.81
CA LEU A 256 -16.50 -47.72 44.17
C LEU A 256 -15.29 -48.57 43.81
N GLU A 257 -15.34 -49.86 44.16
CA GLU A 257 -14.24 -50.77 43.87
C GLU A 257 -14.05 -50.93 42.37
N ARG A 258 -15.14 -51.03 41.63
CA ARG A 258 -15.08 -51.19 40.18
C ARG A 258 -14.36 -49.99 39.56
N GLU A 259 -14.74 -48.80 40.01
CA GLU A 259 -14.16 -47.55 39.53
C GLU A 259 -12.70 -47.36 39.92
N VAL A 260 -12.37 -47.60 41.19
CA VAL A 260 -10.99 -47.44 41.64
C VAL A 260 -10.09 -48.42 40.89
N GLN A 261 -10.62 -49.59 40.58
CA GLN A 261 -9.85 -50.60 39.88
C GLN A 261 -9.67 -50.19 38.42
N TYR A 262 -10.73 -49.64 37.83
CA TYR A 262 -10.71 -49.20 36.44
C TYR A 262 -9.69 -48.11 36.21
N THR A 263 -9.65 -47.18 37.14
CA THR A 263 -8.73 -46.05 37.09
C THR A 263 -7.28 -46.50 37.26
N LEU A 264 -7.02 -47.40 38.21
CA LEU A 264 -5.66 -47.88 38.42
C LEU A 264 -5.18 -48.57 37.15
N GLU A 265 -6.08 -49.16 36.39
CA GLU A 265 -5.72 -49.83 35.15
C GLU A 265 -5.30 -48.83 34.09
N MET A 266 -6.02 -47.71 34.03
CA MET A 266 -5.72 -46.65 33.07
C MET A 266 -4.41 -45.96 33.44
N ILE A 267 -4.19 -45.80 34.74
CA ILE A 267 -2.98 -45.19 35.24
C ILE A 267 -1.79 -46.06 34.85
N LYS A 268 -1.96 -47.38 34.92
CA LYS A 268 -0.88 -48.30 34.58
C LYS A 268 -0.53 -48.20 33.09
N LEU A 269 -1.52 -47.85 32.26
CA LEU A 269 -1.28 -47.71 30.83
C LEU A 269 -0.56 -46.41 30.48
N VAL A 270 -0.91 -45.35 31.20
CA VAL A 270 -0.30 -44.03 30.98
C VAL A 270 -0.23 -43.38 32.35
N PRO A 271 0.85 -43.67 33.10
CA PRO A 271 1.08 -43.15 34.45
C PRO A 271 1.08 -41.63 34.59
N HIS A 272 1.54 -40.93 33.56
CA HIS A 272 1.56 -39.47 33.61
C HIS A 272 0.28 -38.91 32.99
N ASN A 273 -0.78 -38.87 33.79
CA ASN A 273 -2.07 -38.37 33.33
C ASN A 273 -2.81 -37.75 34.51
N GLU A 274 -2.80 -36.43 34.60
CA GLU A 274 -3.46 -35.72 35.70
C GLU A 274 -4.94 -36.08 35.82
N SER A 275 -5.62 -36.22 34.68
CA SER A 275 -7.04 -36.55 34.64
C SER A 275 -7.41 -37.82 35.40
N ALA A 276 -6.69 -38.90 35.11
CA ALA A 276 -6.93 -40.17 35.79
C ALA A 276 -6.68 -40.03 37.29
N TRP A 277 -5.57 -39.41 37.67
CA TRP A 277 -5.26 -39.24 39.08
C TRP A 277 -6.27 -38.36 39.80
N ASN A 278 -6.78 -37.34 39.11
CA ASN A 278 -7.76 -36.45 39.70
C ASN A 278 -9.08 -37.16 39.94
N TYR A 279 -9.43 -38.09 39.06
CA TYR A 279 -10.67 -38.85 39.19
C TYR A 279 -10.54 -39.78 40.40
N LEU A 280 -9.42 -40.50 40.47
CA LEU A 280 -9.15 -41.41 41.57
C LEU A 280 -9.23 -40.68 42.92
N LYS A 281 -8.55 -39.55 43.05
CA LYS A 281 -8.58 -38.80 44.30
C LYS A 281 -9.97 -38.22 44.52
N GLY A 282 -10.62 -37.83 43.44
CA GLY A 282 -11.94 -37.24 43.54
C GLY A 282 -13.00 -38.13 44.16
N ILE A 283 -13.05 -39.38 43.76
CA ILE A 283 -14.05 -40.30 44.30
C ILE A 283 -13.73 -40.86 45.68
N LEU A 284 -12.55 -40.52 46.22
CA LEU A 284 -12.15 -41.03 47.53
C LEU A 284 -11.87 -39.96 48.59
N GLN A 285 -11.49 -38.76 48.16
CA GLN A 285 -11.15 -37.70 49.11
C GLN A 285 -12.18 -37.34 50.17
N ASP A 286 -13.46 -37.50 49.86
CA ASP A 286 -14.47 -37.15 50.86
C ASP A 286 -14.79 -38.27 51.83
N ARG A 287 -14.50 -39.51 51.46
CA ARG A 287 -14.74 -40.64 52.36
C ARG A 287 -13.54 -40.72 53.30
N GLY A 288 -12.40 -40.15 52.88
CA GLY A 288 -11.20 -40.17 53.69
C GLY A 288 -10.12 -41.07 53.09
N LEU A 289 -9.09 -40.47 52.50
CA LEU A 289 -8.02 -41.24 51.88
C LEU A 289 -7.30 -42.23 52.80
N SER A 290 -7.18 -41.88 54.07
CA SER A 290 -6.50 -42.76 55.03
C SER A 290 -7.33 -43.98 55.42
N ARG A 291 -8.61 -43.98 55.07
CA ARG A 291 -9.47 -45.12 55.39
C ARG A 291 -9.28 -46.30 54.43
N TYR A 292 -8.31 -46.19 53.53
CA TYR A 292 -8.07 -47.26 52.56
C TYR A 292 -6.63 -47.79 52.61
N PRO A 293 -6.29 -48.54 53.67
CA PRO A 293 -4.96 -49.11 53.87
C PRO A 293 -4.31 -49.85 52.71
N ASN A 294 -5.08 -50.61 51.93
CA ASN A 294 -4.47 -51.33 50.81
C ASN A 294 -4.08 -50.40 49.66
N LEU A 295 -4.68 -49.22 49.64
CA LEU A 295 -4.40 -48.25 48.58
C LEU A 295 -3.00 -47.67 48.78
N LEU A 296 -2.70 -47.28 50.01
CA LEU A 296 -1.39 -46.74 50.31
C LEU A 296 -0.27 -47.66 49.86
N ASN A 297 -0.42 -48.96 50.12
CA ASN A 297 0.61 -49.93 49.73
C ASN A 297 0.65 -50.21 48.24
N GLN A 298 -0.52 -50.28 47.58
CA GLN A 298 -0.56 -50.53 46.15
C GLN A 298 0.11 -49.41 45.37
N LEU A 299 0.07 -48.20 45.93
CA LEU A 299 0.69 -47.05 45.30
C LEU A 299 2.19 -47.08 45.56
N LEU A 300 2.59 -47.33 46.79
CA LEU A 300 4.00 -47.42 47.15
C LEU A 300 4.70 -48.47 46.30
N ASP A 301 3.94 -49.44 45.81
CA ASP A 301 4.49 -50.51 44.97
C ASP A 301 4.63 -50.07 43.52
N LEU A 302 3.87 -49.05 43.12
CA LEU A 302 3.95 -48.54 41.76
C LEU A 302 5.13 -47.60 41.61
N GLN A 303 5.41 -46.86 42.70
CA GLN A 303 6.49 -45.88 42.75
C GLN A 303 7.74 -46.28 41.97
N PRO A 304 8.20 -47.54 42.12
CA PRO A 304 9.39 -47.99 41.41
C PRO A 304 9.36 -47.75 39.89
N SER A 305 8.32 -48.25 39.23
CA SER A 305 8.19 -48.10 37.78
C SER A 305 7.27 -46.95 37.33
N HIS A 306 5.97 -47.11 37.55
CA HIS A 306 4.97 -46.11 37.16
C HIS A 306 4.97 -44.82 37.98
N SER A 307 6.15 -44.31 38.34
CA SER A 307 6.20 -43.08 39.13
C SER A 307 5.88 -41.85 38.29
N SER A 308 5.46 -40.78 38.96
CA SER A 308 5.13 -39.51 38.33
C SER A 308 4.85 -38.55 39.47
N PRO A 309 4.87 -37.24 39.20
CA PRO A 309 4.59 -36.28 40.28
C PRO A 309 3.17 -36.43 40.83
N TYR A 310 2.26 -36.91 40.00
CA TYR A 310 0.87 -37.11 40.40
C TYR A 310 0.77 -38.18 41.49
N LEU A 311 1.57 -39.23 41.34
CA LEU A 311 1.59 -40.32 42.33
C LEU A 311 2.17 -39.79 43.64
N ILE A 312 3.32 -39.13 43.57
CA ILE A 312 3.98 -38.59 44.77
C ILE A 312 3.04 -37.67 45.52
N ALA A 313 2.31 -36.85 44.75
CA ALA A 313 1.37 -35.90 45.32
C ALA A 313 0.25 -36.63 46.05
N PHE A 314 -0.25 -37.70 45.42
CA PHE A 314 -1.32 -38.50 46.01
C PHE A 314 -0.86 -39.01 47.38
N LEU A 315 0.37 -39.54 47.42
CA LEU A 315 0.96 -40.05 48.66
C LEU A 315 1.00 -38.97 49.74
N VAL A 316 1.48 -37.79 49.39
CA VAL A 316 1.55 -36.68 50.34
C VAL A 316 0.16 -36.41 50.91
N ASP A 317 -0.85 -36.49 50.04
CA ASP A 317 -2.22 -36.23 50.46
C ASP A 317 -2.76 -37.31 51.38
N ILE A 318 -2.32 -38.56 51.16
CA ILE A 318 -2.71 -39.67 52.01
C ILE A 318 -2.12 -39.43 53.41
N TYR A 319 -0.81 -39.20 53.47
CA TYR A 319 -0.14 -38.95 54.74
C TYR A 319 -0.77 -37.79 55.49
N GLU A 320 -1.19 -36.77 54.76
CA GLU A 320 -1.77 -35.64 55.45
C GLU A 320 -3.13 -36.00 56.03
N ASP A 321 -3.87 -36.88 55.35
CA ASP A 321 -5.17 -37.27 55.86
C ASP A 321 -4.97 -37.99 57.19
N MET A 322 -3.91 -38.80 57.25
CA MET A 322 -3.57 -39.54 58.45
C MET A 322 -3.31 -38.59 59.61
N LEU A 323 -2.41 -37.62 59.40
CA LEU A 323 -2.10 -36.65 60.44
C LEU A 323 -3.36 -35.93 60.89
N GLU A 324 -4.28 -35.70 59.95
CA GLU A 324 -5.53 -35.01 60.24
C GLU A 324 -6.41 -35.86 61.18
N ASN A 325 -6.25 -37.18 61.09
CA ASN A 325 -7.02 -38.11 61.91
C ASN A 325 -6.19 -38.74 63.02
N GLN A 326 -5.40 -37.91 63.71
CA GLN A 326 -4.55 -38.36 64.81
C GLN A 326 -4.15 -39.83 64.72
N CYS A 327 -3.34 -40.18 63.73
CA CYS A 327 -2.91 -41.56 63.54
C CYS A 327 -1.74 -41.93 64.43
N ASP A 328 -1.26 -43.16 64.30
CA ASP A 328 -0.14 -43.67 65.09
C ASP A 328 1.16 -43.29 64.39
N ASN A 329 2.14 -42.81 65.16
CA ASN A 329 3.44 -42.42 64.65
C ASN A 329 3.34 -41.03 64.01
N LYS A 330 2.55 -40.16 64.61
CA LYS A 330 2.36 -38.82 64.09
C LYS A 330 3.69 -38.22 63.61
N GLU A 331 4.66 -38.13 64.51
CA GLU A 331 5.97 -37.57 64.18
C GLU A 331 6.68 -38.30 63.03
N ASP A 332 6.43 -39.59 62.88
CA ASP A 332 7.08 -40.33 61.81
C ASP A 332 6.41 -40.13 60.46
N ILE A 333 5.09 -40.08 60.45
CA ILE A 333 4.31 -39.88 59.22
C ILE A 333 4.66 -38.52 58.63
N LEU A 334 4.68 -37.50 59.49
CA LEU A 334 5.00 -36.15 59.08
C LEU A 334 6.33 -36.07 58.33
N ASN A 335 7.28 -36.91 58.71
CA ASN A 335 8.58 -36.92 58.06
C ASN A 335 8.53 -37.64 56.72
N LYS A 336 7.61 -38.60 56.60
CA LYS A 336 7.47 -39.34 55.35
C LYS A 336 6.88 -38.39 54.31
N ALA A 337 6.03 -37.48 54.78
CA ALA A 337 5.40 -36.48 53.93
C ALA A 337 6.44 -35.46 53.49
N LEU A 338 7.05 -34.79 54.46
CA LEU A 338 8.06 -33.77 54.20
C LEU A 338 9.12 -34.30 53.23
N GLU A 339 9.48 -35.57 53.37
CA GLU A 339 10.48 -36.17 52.50
C GLU A 339 10.00 -36.14 51.07
N LEU A 340 8.70 -36.40 50.88
CA LEU A 340 8.11 -36.39 49.54
C LEU A 340 7.98 -34.98 48.99
N CYS A 341 7.54 -34.05 49.83
CA CYS A 341 7.39 -32.66 49.42
C CYS A 341 8.70 -32.17 48.83
N GLU A 342 9.81 -32.48 49.51
CA GLU A 342 11.12 -32.05 49.03
C GLU A 342 11.51 -32.79 47.76
N ILE A 343 11.04 -34.03 47.61
CA ILE A 343 11.36 -34.78 46.40
C ILE A 343 10.63 -34.13 45.23
N LEU A 344 9.45 -33.59 45.49
CA LEU A 344 8.67 -32.92 44.46
C LEU A 344 9.37 -31.62 44.07
N ALA A 345 9.70 -30.82 45.09
CA ALA A 345 10.38 -29.53 44.90
C ALA A 345 11.72 -29.62 44.19
N LYS A 346 12.59 -30.50 44.67
CA LYS A 346 13.92 -30.63 44.09
C LYS A 346 14.06 -31.44 42.80
N GLU A 347 13.19 -32.42 42.56
CA GLU A 347 13.36 -33.22 41.35
C GLU A 347 12.14 -33.70 40.54
N LYS A 348 10.99 -33.84 41.17
CA LYS A 348 9.81 -34.34 40.46
C LYS A 348 8.87 -33.32 39.81
N ASP A 349 8.64 -32.21 40.47
CA ASP A 349 7.74 -31.17 39.97
C ASP A 349 8.40 -29.82 40.25
N THR A 350 9.63 -29.67 39.77
CA THR A 350 10.42 -28.45 39.99
C THR A 350 9.74 -27.13 39.70
N ILE A 351 8.93 -27.06 38.66
CA ILE A 351 8.26 -25.81 38.31
C ILE A 351 7.42 -25.29 39.48
N ARG A 352 6.99 -26.19 40.36
CA ARG A 352 6.20 -25.82 41.53
C ARG A 352 7.03 -25.90 42.82
N LYS A 353 8.36 -25.84 42.65
CA LYS A 353 9.32 -25.88 43.73
C LYS A 353 8.89 -25.08 44.96
N GLU A 354 8.61 -23.79 44.78
CA GLU A 354 8.22 -22.95 45.91
C GLU A 354 6.87 -23.33 46.52
N TYR A 355 5.98 -23.91 45.71
CA TYR A 355 4.67 -24.32 46.21
C TYR A 355 4.82 -25.52 47.15
N TRP A 356 5.54 -26.53 46.68
CA TRP A 356 5.76 -27.72 47.48
C TRP A 356 6.49 -27.43 48.79
N ARG A 357 7.42 -26.47 48.77
CA ARG A 357 8.15 -26.10 49.98
C ARG A 357 7.19 -25.38 50.92
N TYR A 358 6.25 -24.66 50.34
CA TYR A 358 5.25 -23.94 51.12
C TYR A 358 4.28 -24.96 51.73
N ILE A 359 4.05 -26.06 51.03
CA ILE A 359 3.17 -27.11 51.55
C ILE A 359 3.88 -27.76 52.75
N GLY A 360 5.16 -28.06 52.56
CA GLY A 360 5.96 -28.66 53.61
C GLY A 360 5.95 -27.85 54.88
N ARG A 361 6.27 -26.55 54.78
CA ARG A 361 6.29 -25.68 55.94
C ARG A 361 4.93 -25.64 56.62
N SER A 362 3.86 -25.84 55.84
CA SER A 362 2.50 -25.84 56.36
C SER A 362 2.23 -27.08 57.19
N LEU A 363 2.75 -28.21 56.73
CA LEU A 363 2.57 -29.47 57.44
C LEU A 363 3.31 -29.45 58.79
N GLN A 364 4.52 -28.90 58.80
CA GLN A 364 5.31 -28.82 60.02
C GLN A 364 4.67 -27.97 61.09
N SER A 365 4.29 -26.74 60.74
CA SER A 365 3.69 -25.86 61.73
C SER A 365 2.30 -26.32 62.19
N LYS A 366 1.75 -27.36 61.55
CA LYS A 366 0.43 -27.86 61.92
C LYS A 366 0.45 -29.19 62.67
N HIS A 367 1.54 -29.94 62.55
CA HIS A 367 1.65 -31.23 63.24
C HIS A 367 3.01 -31.43 63.93
N SER A 368 3.27 -30.63 64.97
CA SER A 368 4.54 -30.74 65.71
C SER A 368 4.40 -30.37 67.18
N LEU B 18 12.08 -12.35 25.21
CA LEU B 18 12.98 -11.17 24.98
C LEU B 18 12.56 -10.00 25.88
N ASP B 19 12.19 -8.88 25.26
CA ASP B 19 11.79 -7.70 26.01
C ASP B 19 10.37 -7.24 25.66
N PHE B 20 9.82 -6.42 26.53
CA PHE B 20 8.47 -5.91 26.38
C PHE B 20 8.45 -4.66 25.50
N LEU B 21 7.84 -4.75 24.33
CA LEU B 21 7.74 -3.63 23.38
C LEU B 21 6.59 -2.67 23.70
N ARG B 22 6.65 -2.07 24.89
CA ARG B 22 5.61 -1.16 25.34
C ARG B 22 4.98 -0.16 24.35
N ASP B 23 5.80 0.63 23.66
CA ASP B 23 5.26 1.62 22.73
C ASP B 23 4.45 0.98 21.60
N ARG B 24 4.93 -0.18 21.14
CA ARG B 24 4.26 -0.91 20.09
C ARG B 24 2.84 -1.30 20.53
N HIS B 25 2.71 -1.75 21.78
CA HIS B 25 1.41 -2.15 22.32
C HIS B 25 0.50 -0.96 22.49
N VAL B 26 1.06 0.21 22.75
CA VAL B 26 0.25 1.41 22.91
C VAL B 26 -0.37 1.76 21.56
N ARG B 27 0.42 1.68 20.50
CA ARG B 27 -0.11 1.97 19.17
C ARG B 27 -1.18 0.97 18.77
N PHE B 28 -0.97 -0.30 19.13
CA PHE B 28 -1.91 -1.37 18.85
C PHE B 28 -3.30 -1.03 19.42
N PHE B 29 -3.35 -0.68 20.70
CA PHE B 29 -4.61 -0.34 21.34
C PHE B 29 -5.21 0.92 20.71
N GLN B 30 -4.35 1.86 20.31
CA GLN B 30 -4.84 3.08 19.69
C GLN B 30 -5.62 2.74 18.43
N ARG B 31 -5.04 1.87 17.61
CA ARG B 31 -5.67 1.43 16.38
C ARG B 31 -7.03 0.79 16.65
N CYS B 32 -7.11 -0.06 17.69
CA CYS B 32 -8.36 -0.73 18.04
C CYS B 32 -9.48 0.27 18.27
N LEU B 33 -9.18 1.40 18.91
CA LEU B 33 -10.21 2.40 19.18
C LEU B 33 -10.63 3.19 17.95
N GLN B 34 -9.89 3.04 16.87
CA GLN B 34 -10.18 3.75 15.64
C GLN B 34 -11.10 3.07 14.64
N VAL B 35 -10.54 2.26 13.75
CA VAL B 35 -11.36 1.59 12.76
C VAL B 35 -10.91 0.16 12.51
N LEU B 36 -11.88 -0.75 12.37
CA LEU B 36 -11.59 -2.17 12.12
C LEU B 36 -12.09 -2.65 10.76
N PRO B 37 -11.43 -3.67 10.19
CA PRO B 37 -11.75 -4.28 8.88
C PRO B 37 -13.04 -5.08 8.98
N GLU B 38 -13.82 -5.11 7.88
CA GLU B 38 -15.09 -5.83 7.92
C GLU B 38 -14.97 -7.25 8.44
N ARG B 39 -13.75 -7.78 8.47
CA ARG B 39 -13.57 -9.14 8.94
C ARG B 39 -13.78 -9.27 10.46
N TYR B 40 -14.10 -8.16 11.11
CA TYR B 40 -14.33 -8.19 12.55
C TYR B 40 -15.81 -7.92 12.86
N SER B 41 -16.63 -8.03 11.82
CA SER B 41 -18.06 -7.80 11.92
C SER B 41 -18.76 -8.63 12.99
N SER B 42 -18.20 -9.80 13.31
CA SER B 42 -18.81 -10.67 14.30
C SER B 42 -18.64 -10.18 15.74
N LEU B 43 -17.97 -9.05 15.91
CA LEU B 43 -17.77 -8.47 17.23
C LEU B 43 -18.68 -7.27 17.40
N GLU B 44 -19.42 -6.94 16.34
CA GLU B 44 -20.33 -5.81 16.33
C GLU B 44 -21.12 -5.62 17.62
N THR B 45 -21.85 -6.65 18.04
CA THR B 45 -22.67 -6.55 19.25
C THR B 45 -21.92 -6.50 20.58
N SER B 46 -20.60 -6.62 20.53
CA SER B 46 -19.80 -6.54 21.74
C SER B 46 -18.61 -5.60 21.55
N ARG B 47 -18.84 -4.53 20.77
CA ARG B 47 -17.80 -3.54 20.51
C ARG B 47 -17.37 -2.85 21.78
N LEU B 48 -18.31 -2.72 22.72
CA LEU B 48 -18.01 -2.07 23.98
C LEU B 48 -16.95 -2.83 24.76
N THR B 49 -16.93 -4.15 24.66
CA THR B 49 -15.91 -4.90 25.40
C THR B 49 -14.56 -4.80 24.68
N ILE B 50 -14.60 -4.53 23.38
CA ILE B 50 -13.35 -4.38 22.63
C ILE B 50 -12.76 -3.04 23.08
N ALA B 51 -13.64 -2.06 23.28
CA ALA B 51 -13.24 -0.74 23.73
C ALA B 51 -12.59 -0.86 25.12
N PHE B 52 -13.20 -1.67 25.98
CA PHE B 52 -12.69 -1.91 27.34
C PHE B 52 -11.27 -2.48 27.28
N PHE B 53 -11.07 -3.49 26.44
CA PHE B 53 -9.76 -4.11 26.30
C PHE B 53 -8.71 -3.07 25.94
N ALA B 54 -9.08 -2.15 25.05
CA ALA B 54 -8.18 -1.10 24.57
C ALA B 54 -7.93 -0.02 25.62
N LEU B 55 -9.01 0.52 26.17
CA LEU B 55 -8.90 1.56 27.19
C LEU B 55 -8.20 1.06 28.46
N SER B 56 -8.72 -0.02 29.03
CA SER B 56 -8.12 -0.59 30.23
C SER B 56 -6.68 -0.98 29.91
N GLY B 57 -6.44 -1.36 28.67
CA GLY B 57 -5.09 -1.74 28.28
C GLY B 57 -4.16 -0.53 28.27
N LEU B 58 -4.68 0.60 27.80
CA LEU B 58 -3.89 1.84 27.76
C LEU B 58 -3.67 2.34 29.18
N ASP B 59 -4.68 2.15 30.01
CA ASP B 59 -4.62 2.54 31.41
C ASP B 59 -3.48 1.77 32.08
N MET B 60 -3.45 0.48 31.84
CA MET B 60 -2.41 -0.39 32.41
C MET B 60 -1.00 0.00 31.97
N LEU B 61 -0.88 0.68 30.83
CA LEU B 61 0.41 1.10 30.31
C LEU B 61 0.62 2.58 30.58
N ASP B 62 -0.31 3.17 31.33
CA ASP B 62 -0.27 4.58 31.67
C ASP B 62 -0.13 5.45 30.42
N SER B 63 -1.09 5.32 29.50
CA SER B 63 -1.10 6.08 28.24
C SER B 63 -2.49 6.54 27.84
N LEU B 64 -3.38 6.69 28.79
CA LEU B 64 -4.73 7.13 28.46
C LEU B 64 -4.73 8.51 27.83
N ASP B 65 -3.60 9.20 27.93
CA ASP B 65 -3.49 10.54 27.38
C ASP B 65 -3.55 10.58 25.86
N VAL B 66 -3.30 9.45 25.20
CA VAL B 66 -3.31 9.42 23.74
C VAL B 66 -4.71 9.34 23.13
N VAL B 67 -5.74 9.49 23.95
CA VAL B 67 -7.12 9.44 23.49
C VAL B 67 -7.94 10.61 24.04
N ASN B 68 -9.03 10.94 23.37
CA ASN B 68 -9.89 12.02 23.82
C ASN B 68 -10.96 11.49 24.77
N LYS B 69 -10.63 11.46 26.05
CA LYS B 69 -11.55 10.94 27.06
C LYS B 69 -12.98 11.46 26.97
N ASP B 70 -13.15 12.72 26.59
CA ASP B 70 -14.49 13.28 26.51
C ASP B 70 -15.33 12.73 25.38
N ASP B 71 -14.72 12.50 24.22
CA ASP B 71 -15.46 11.97 23.08
C ASP B 71 -15.92 10.55 23.39
N ILE B 72 -14.99 9.73 23.87
CA ILE B 72 -15.31 8.36 24.20
C ILE B 72 -16.37 8.22 25.28
N ILE B 73 -16.36 9.11 26.26
CA ILE B 73 -17.36 9.05 27.33
C ILE B 73 -18.76 9.30 26.78
N GLU B 74 -18.86 10.18 25.79
CA GLU B 74 -20.16 10.47 25.19
C GLU B 74 -20.65 9.27 24.38
N TRP B 75 -19.73 8.60 23.71
CA TRP B 75 -20.07 7.42 22.92
C TRP B 75 -20.61 6.35 23.87
N ILE B 76 -19.92 6.14 24.98
CA ILE B 76 -20.34 5.13 25.93
C ILE B 76 -21.74 5.44 26.45
N TYR B 77 -21.98 6.69 26.84
CA TYR B 77 -23.29 7.06 27.35
C TYR B 77 -24.40 6.92 26.32
N SER B 78 -24.05 6.92 25.03
CA SER B 78 -25.05 6.77 23.98
C SER B 78 -25.47 5.30 23.89
N LEU B 79 -24.78 4.44 24.63
CA LEU B 79 -25.08 3.02 24.65
C LEU B 79 -25.97 2.63 25.84
N GLN B 80 -26.29 3.57 26.70
CA GLN B 80 -27.13 3.26 27.85
C GLN B 80 -28.61 3.17 27.50
N VAL B 81 -29.24 2.09 27.94
CA VAL B 81 -30.67 1.89 27.70
C VAL B 81 -31.34 2.52 28.91
N LEU B 82 -31.88 3.72 28.72
CA LEU B 82 -32.54 4.46 29.78
C LEU B 82 -34.03 4.14 29.88
N PRO B 83 -34.63 4.35 31.07
CA PRO B 83 -36.05 4.07 31.23
C PRO B 83 -36.87 5.09 30.46
N THR B 84 -37.95 4.63 29.85
CA THR B 84 -38.82 5.51 29.08
C THR B 84 -39.67 6.39 30.00
N GLU B 85 -40.43 7.30 29.42
CA GLU B 85 -41.29 8.21 30.18
C GLU B 85 -42.15 7.44 31.19
N ASP B 86 -42.88 6.44 30.70
CA ASP B 86 -43.75 5.63 31.55
C ASP B 86 -43.01 4.61 32.42
N ARG B 87 -41.68 4.55 32.28
CA ARG B 87 -40.85 3.64 33.07
C ARG B 87 -41.35 2.18 33.03
N SER B 88 -41.85 1.76 31.87
CA SER B 88 -42.37 0.42 31.70
C SER B 88 -41.32 -0.55 31.16
N ASN B 89 -40.08 -0.08 31.06
CA ASN B 89 -38.99 -0.89 30.54
C ASN B 89 -37.83 -1.02 31.52
N LEU B 90 -38.11 -0.86 32.81
CA LEU B 90 -37.05 -0.95 33.81
C LEU B 90 -36.28 -2.27 33.78
N ASP B 91 -37.01 -3.36 33.57
CA ASP B 91 -36.41 -4.69 33.53
C ASP B 91 -35.46 -4.90 32.35
N ARG B 92 -35.30 -3.88 31.53
CA ARG B 92 -34.44 -4.00 30.36
C ARG B 92 -33.35 -2.97 30.27
N CYS B 93 -33.13 -2.22 31.35
CA CYS B 93 -32.11 -1.20 31.33
C CYS B 93 -30.71 -1.73 31.60
N GLY B 94 -29.72 -0.97 31.15
CA GLY B 94 -28.32 -1.33 31.29
C GLY B 94 -27.63 -0.73 30.10
N PHE B 95 -26.66 -1.43 29.52
CA PHE B 95 -25.96 -0.90 28.34
C PHE B 95 -25.98 -1.86 27.13
N ARG B 96 -25.87 -1.29 25.93
CA ARG B 96 -25.84 -2.06 24.67
C ARG B 96 -24.38 -2.24 24.31
N GLY B 97 -24.09 -3.25 23.50
CA GLY B 97 -22.72 -3.49 23.08
C GLY B 97 -22.29 -2.54 21.97
N SER B 98 -23.27 -2.02 21.23
CA SER B 98 -23.04 -1.07 20.14
C SER B 98 -24.37 -0.47 19.72
N SER B 99 -24.34 0.26 18.61
CA SER B 99 -25.53 0.93 18.09
C SER B 99 -26.19 0.17 16.93
N TYR B 100 -25.91 -1.12 16.81
CA TYR B 100 -26.47 -1.91 15.72
C TYR B 100 -28.01 -1.90 15.55
N LEU B 101 -28.76 -1.48 16.57
CA LEU B 101 -30.22 -1.47 16.44
C LEU B 101 -30.76 -0.28 15.66
N GLY B 102 -29.94 0.76 15.49
CA GLY B 102 -30.39 1.91 14.73
C GLY B 102 -31.08 3.00 15.53
N ILE B 103 -30.91 2.99 16.84
CA ILE B 103 -31.52 4.01 17.68
C ILE B 103 -30.70 5.30 17.55
N PRO B 104 -31.37 6.44 17.34
CA PRO B 104 -30.71 7.74 17.20
C PRO B 104 -29.77 8.11 18.35
N PHE B 105 -28.56 8.53 17.99
CA PHE B 105 -27.52 8.92 18.95
C PHE B 105 -28.07 9.80 20.07
N ASN B 106 -27.83 9.39 21.31
CA ASN B 106 -28.31 10.13 22.47
C ASN B 106 -27.44 9.81 23.68
N PRO B 107 -26.43 10.65 23.97
CA PRO B 107 -25.52 10.46 25.11
C PRO B 107 -26.17 10.63 26.48
N SER B 108 -27.19 9.82 26.75
CA SER B 108 -27.91 9.86 28.01
C SER B 108 -28.35 11.28 28.36
N LYS B 109 -28.95 11.97 27.39
CA LYS B 109 -29.43 13.33 27.58
C LYS B 109 -30.96 13.29 27.70
N ASN B 110 -31.64 12.96 26.61
CA ASN B 110 -33.10 12.89 26.61
C ASN B 110 -33.52 11.53 27.19
N PRO B 111 -34.82 11.36 27.50
CA PRO B 111 -35.29 10.08 28.05
C PRO B 111 -35.27 8.96 27.02
N GLY B 112 -35.46 7.73 27.49
CA GLY B 112 -35.42 6.58 26.60
C GLY B 112 -36.49 6.51 25.52
N THR B 113 -36.06 6.19 24.30
CA THR B 113 -36.97 6.06 23.16
C THR B 113 -37.39 4.58 23.03
N ALA B 114 -38.69 4.32 23.22
CA ALA B 114 -39.22 2.96 23.16
C ALA B 114 -38.84 2.22 21.88
N HIS B 115 -38.58 0.93 22.02
CA HIS B 115 -38.21 0.06 20.91
C HIS B 115 -38.50 -1.37 21.36
N PRO B 116 -39.25 -2.14 20.57
CA PRO B 116 -39.59 -3.52 20.93
C PRO B 116 -38.45 -4.47 21.31
N TYR B 117 -37.25 -4.25 20.78
CA TYR B 117 -36.14 -5.16 21.06
C TYR B 117 -34.89 -4.54 21.64
N ASP B 118 -34.97 -3.31 22.14
CA ASP B 118 -33.79 -2.66 22.70
C ASP B 118 -33.69 -2.85 24.21
N SER B 119 -32.60 -3.49 24.63
CA SER B 119 -32.37 -3.72 26.05
C SER B 119 -30.88 -3.93 26.28
N GLY B 120 -30.48 -3.95 27.55
CA GLY B 120 -29.08 -4.11 27.86
C GLY B 120 -28.55 -5.53 27.81
N HIS B 121 -27.24 -5.65 27.94
CA HIS B 121 -26.55 -6.94 27.95
C HIS B 121 -25.61 -6.87 29.16
N ILE B 122 -25.79 -7.81 30.07
CA ILE B 122 -25.00 -7.84 31.30
C ILE B 122 -23.49 -7.64 31.15
N ALA B 123 -22.88 -8.20 30.11
CA ALA B 123 -21.44 -8.04 29.93
C ALA B 123 -21.12 -6.63 29.43
N MET B 124 -22.10 -5.97 28.83
CA MET B 124 -21.90 -4.63 28.30
C MET B 124 -22.11 -3.61 29.41
N THR B 125 -23.04 -3.90 30.33
CA THR B 125 -23.28 -3.01 31.44
C THR B 125 -22.01 -2.99 32.29
N TYR B 126 -21.42 -4.17 32.47
CA TYR B 126 -20.20 -4.33 33.22
C TYR B 126 -19.04 -3.57 32.58
N THR B 127 -18.70 -3.91 31.34
CA THR B 127 -17.59 -3.23 30.66
C THR B 127 -17.86 -1.74 30.45
N GLY B 128 -19.13 -1.38 30.29
CA GLY B 128 -19.48 0.01 30.10
C GLY B 128 -19.14 0.84 31.33
N LEU B 129 -19.69 0.45 32.49
CA LEU B 129 -19.44 1.15 33.75
C LEU B 129 -17.93 1.17 33.99
N SER B 130 -17.31 0.03 33.75
CA SER B 130 -15.88 -0.12 33.93
C SER B 130 -15.11 0.91 33.09
N CYS B 131 -15.51 1.10 31.84
CA CYS B 131 -14.85 2.06 30.96
C CYS B 131 -15.02 3.49 31.45
N LEU B 132 -16.24 3.82 31.88
CA LEU B 132 -16.53 5.17 32.38
C LEU B 132 -15.60 5.52 33.54
N ILE B 133 -15.40 4.58 34.47
CA ILE B 133 -14.52 4.80 35.62
C ILE B 133 -13.08 4.99 35.20
N ILE B 134 -12.64 4.18 34.24
CA ILE B 134 -11.27 4.27 33.74
C ILE B 134 -11.03 5.63 33.09
N LEU B 135 -12.05 6.15 32.41
CA LEU B 135 -11.94 7.44 31.74
C LEU B 135 -12.11 8.65 32.66
N GLY B 136 -12.41 8.39 33.93
CA GLY B 136 -12.55 9.49 34.88
C GLY B 136 -13.96 10.00 35.14
N ASP B 137 -14.95 9.49 34.41
CA ASP B 137 -16.32 9.92 34.61
C ASP B 137 -16.75 9.58 36.05
N ASP B 138 -17.77 10.27 36.56
CA ASP B 138 -18.24 10.03 37.91
C ASP B 138 -19.55 9.25 37.99
N LEU B 139 -20.00 8.73 36.85
CA LEU B 139 -21.24 7.94 36.78
C LEU B 139 -22.51 8.68 37.14
N SER B 140 -22.46 10.01 37.12
CA SER B 140 -23.64 10.80 37.45
C SER B 140 -24.76 10.64 36.42
N ARG B 141 -24.40 10.33 35.18
CA ARG B 141 -25.42 10.16 34.14
C ARG B 141 -25.92 8.72 34.04
N VAL B 142 -25.44 7.86 34.94
CA VAL B 142 -25.86 6.46 34.96
C VAL B 142 -27.11 6.36 35.84
N ASP B 143 -28.16 5.75 35.32
CA ASP B 143 -29.38 5.57 36.10
C ASP B 143 -29.18 4.31 36.95
N LYS B 144 -28.45 4.47 38.04
CA LYS B 144 -28.14 3.35 38.93
C LYS B 144 -29.31 2.45 39.26
N GLU B 145 -30.45 3.02 39.65
CA GLU B 145 -31.61 2.19 40.00
C GLU B 145 -32.15 1.38 38.85
N ALA B 146 -32.10 1.94 37.65
CA ALA B 146 -32.59 1.25 36.47
C ALA B 146 -31.67 0.07 36.15
N CYS B 147 -30.37 0.29 36.23
CA CYS B 147 -29.40 -0.77 35.97
C CYS B 147 -29.58 -1.92 36.94
N LEU B 148 -29.73 -1.60 38.22
CA LEU B 148 -29.91 -2.62 39.25
C LEU B 148 -31.22 -3.37 39.05
N ALA B 149 -32.23 -2.66 38.55
CA ALA B 149 -33.53 -3.31 38.30
C ALA B 149 -33.35 -4.30 37.15
N GLY B 150 -32.61 -3.89 36.13
CA GLY B 150 -32.37 -4.75 35.00
C GLY B 150 -31.56 -5.95 35.41
N LEU B 151 -30.57 -5.73 36.29
CA LEU B 151 -29.72 -6.82 36.76
C LEU B 151 -30.55 -7.87 37.48
N ARG B 152 -31.37 -7.44 38.42
CA ARG B 152 -32.22 -8.36 39.19
C ARG B 152 -33.04 -9.26 38.27
N ALA B 153 -33.57 -8.67 37.20
CA ALA B 153 -34.39 -9.42 36.25
C ALA B 153 -33.66 -10.53 35.52
N LEU B 154 -32.34 -10.48 35.50
CA LEU B 154 -31.56 -11.50 34.82
C LEU B 154 -31.24 -12.75 35.63
N GLN B 155 -31.40 -12.68 36.96
CA GLN B 155 -31.08 -13.83 37.78
C GLN B 155 -32.12 -14.95 37.75
N LEU B 156 -31.63 -16.18 37.66
CA LEU B 156 -32.49 -17.35 37.59
C LEU B 156 -32.70 -17.99 38.97
N GLU B 157 -33.62 -18.95 39.04
CA GLU B 157 -33.91 -19.63 40.29
C GLU B 157 -32.68 -20.28 40.92
N ASP B 158 -31.78 -20.82 40.10
CA ASP B 158 -30.59 -21.48 40.63
C ASP B 158 -29.47 -20.53 41.09
N GLY B 159 -29.72 -19.22 40.98
CA GLY B 159 -28.71 -18.27 41.41
C GLY B 159 -27.85 -17.67 40.30
N SER B 160 -27.75 -18.34 39.15
CA SER B 160 -26.95 -17.82 38.05
C SER B 160 -27.69 -16.71 37.28
N PHE B 161 -27.04 -16.17 36.25
CA PHE B 161 -27.61 -15.09 35.45
C PHE B 161 -27.62 -15.35 33.93
N CYS B 162 -28.48 -14.60 33.25
CA CYS B 162 -28.60 -14.60 31.80
C CYS B 162 -27.97 -13.29 31.37
N ALA B 163 -27.67 -13.15 30.09
CA ALA B 163 -27.06 -11.92 29.61
C ALA B 163 -28.09 -10.86 29.21
N VAL B 164 -29.23 -11.30 28.68
CA VAL B 164 -30.27 -10.37 28.25
C VAL B 164 -31.67 -10.82 28.67
N PRO B 165 -32.58 -9.86 28.93
CA PRO B 165 -33.94 -10.18 29.35
C PRO B 165 -34.75 -11.06 28.39
N GLU B 166 -34.41 -11.04 27.11
CA GLU B 166 -35.11 -11.86 26.12
C GLU B 166 -34.72 -13.32 26.26
N GLY B 167 -33.66 -13.59 27.01
CA GLY B 167 -33.22 -14.95 27.20
C GLY B 167 -31.90 -15.27 26.54
N SER B 168 -31.11 -16.13 27.19
CA SER B 168 -29.82 -16.54 26.66
C SER B 168 -29.35 -17.71 27.51
N GLU B 169 -28.14 -18.17 27.26
CA GLU B 169 -27.59 -19.26 28.05
C GLU B 169 -27.24 -18.63 29.41
N ASN B 170 -27.07 -19.44 30.44
CA ASN B 170 -26.74 -18.91 31.76
C ASN B 170 -25.58 -19.69 32.37
N ASP B 171 -24.62 -18.98 32.93
CA ASP B 171 -23.48 -19.63 33.57
C ASP B 171 -22.65 -18.69 34.42
N MET B 172 -21.51 -19.20 34.89
CA MET B 172 -20.61 -18.45 35.75
C MET B 172 -20.10 -17.12 35.17
N ARG B 173 -19.93 -17.05 33.86
CA ARG B 173 -19.46 -15.82 33.23
C ARG B 173 -20.32 -14.63 33.66
N PHE B 174 -21.63 -14.82 33.60
CA PHE B 174 -22.55 -13.75 33.94
C PHE B 174 -22.70 -13.48 35.43
N VAL B 175 -22.35 -14.48 36.25
CA VAL B 175 -22.40 -14.30 37.71
C VAL B 175 -21.29 -13.30 38.05
N TYR B 176 -20.16 -13.42 37.37
CA TYR B 176 -19.04 -12.51 37.59
C TYR B 176 -19.42 -11.09 37.16
N CYS B 177 -20.13 -10.98 36.04
CA CYS B 177 -20.55 -9.68 35.54
C CYS B 177 -21.47 -9.00 36.52
N ALA B 178 -22.42 -9.76 37.06
CA ALA B 178 -23.38 -9.25 38.03
C ALA B 178 -22.63 -8.73 39.25
N SER B 179 -21.66 -9.52 39.72
CA SER B 179 -20.87 -9.14 40.87
C SER B 179 -20.11 -7.84 40.64
N CYS B 180 -19.48 -7.69 39.48
CA CYS B 180 -18.74 -6.47 39.17
C CYS B 180 -19.66 -5.25 39.11
N ILE B 181 -20.87 -5.43 38.58
CA ILE B 181 -21.80 -4.33 38.48
C ILE B 181 -22.22 -3.86 39.86
N CYS B 182 -22.60 -4.80 40.73
CA CYS B 182 -23.02 -4.49 42.08
C CYS B 182 -21.89 -3.81 42.85
N TYR B 183 -20.68 -4.31 42.65
CA TYR B 183 -19.53 -3.76 43.33
C TYR B 183 -19.25 -2.32 42.91
N MET B 184 -19.26 -2.06 41.60
CA MET B 184 -18.98 -0.71 41.10
C MET B 184 -20.05 0.30 41.49
N LEU B 185 -21.31 -0.13 41.48
CA LEU B 185 -22.40 0.78 41.84
C LEU B 185 -22.52 0.75 43.37
N ASN B 186 -21.61 0.01 44.00
CA ASN B 186 -21.58 -0.10 45.45
C ASN B 186 -22.97 -0.33 46.04
N ASN B 187 -23.69 -1.29 45.47
CA ASN B 187 -25.04 -1.60 45.92
C ASN B 187 -25.37 -3.04 45.49
N TRP B 188 -25.52 -3.94 46.45
CA TRP B 188 -25.81 -5.32 46.12
C TRP B 188 -27.28 -5.70 46.02
N SER B 189 -28.14 -4.70 45.84
CA SER B 189 -29.56 -4.98 45.71
C SER B 189 -29.81 -5.52 44.31
N GLY B 190 -28.75 -5.50 43.50
CA GLY B 190 -28.84 -5.98 42.14
C GLY B 190 -28.95 -7.49 42.03
N MET B 191 -28.70 -8.20 43.13
CA MET B 191 -28.78 -9.65 43.10
C MET B 191 -29.15 -10.27 44.44
N ASP B 192 -29.53 -11.54 44.40
CA ASP B 192 -29.86 -12.30 45.60
C ASP B 192 -28.56 -13.04 45.86
N MET B 193 -27.68 -12.39 46.63
CA MET B 193 -26.37 -12.94 46.95
C MET B 193 -26.36 -14.35 47.50
N LYS B 194 -27.38 -14.70 48.28
CA LYS B 194 -27.44 -16.03 48.87
C LYS B 194 -27.56 -17.09 47.77
N LYS B 195 -28.44 -16.85 46.79
CA LYS B 195 -28.61 -17.79 45.69
C LYS B 195 -27.38 -17.87 44.78
N ALA B 196 -26.73 -16.73 44.55
CA ALA B 196 -25.54 -16.70 43.72
C ALA B 196 -24.43 -17.54 44.35
N ILE B 197 -24.23 -17.37 45.66
CA ILE B 197 -23.22 -18.12 46.37
C ILE B 197 -23.50 -19.61 46.28
N SER B 198 -24.78 -19.97 46.33
CA SER B 198 -25.18 -21.36 46.23
C SER B 198 -24.75 -21.91 44.88
N TYR B 199 -24.99 -21.14 43.82
CA TYR B 199 -24.63 -21.54 42.47
C TYR B 199 -23.12 -21.76 42.37
N ILE B 200 -22.34 -20.83 42.92
CA ILE B 200 -20.89 -20.93 42.89
C ILE B 200 -20.40 -22.17 43.63
N ARG B 201 -20.96 -22.47 44.80
CA ARG B 201 -20.55 -23.66 45.53
C ARG B 201 -20.84 -24.91 44.72
N ARG B 202 -22.05 -25.01 44.19
CA ARG B 202 -22.47 -26.18 43.42
C ARG B 202 -21.67 -26.43 42.14
N SER B 203 -20.91 -25.45 41.69
CA SER B 203 -20.13 -25.62 40.48
C SER B 203 -18.78 -26.28 40.73
N MET B 204 -18.42 -26.47 41.99
CA MET B 204 -17.15 -27.11 42.31
C MET B 204 -17.17 -28.57 41.87
N SER B 205 -16.15 -28.96 41.11
CA SER B 205 -16.03 -30.32 40.59
C SER B 205 -15.33 -31.28 41.55
N TYR B 206 -15.37 -32.56 41.21
CA TYR B 206 -14.72 -33.59 42.03
C TYR B 206 -13.21 -33.37 42.05
N ASP B 207 -12.68 -32.71 41.02
CA ASP B 207 -11.24 -32.45 40.98
C ASP B 207 -10.89 -31.13 41.67
N ASN B 208 -11.92 -30.51 42.25
CA ASN B 208 -11.80 -29.28 43.02
C ASN B 208 -11.72 -27.93 42.31
N GLY B 209 -11.80 -27.91 40.99
CA GLY B 209 -11.80 -26.64 40.30
C GLY B 209 -13.26 -26.21 40.22
N LEU B 210 -13.53 -25.07 39.60
CA LEU B 210 -14.91 -24.60 39.46
C LEU B 210 -15.31 -24.68 37.98
N ALA B 211 -16.51 -25.20 37.69
CA ALA B 211 -16.97 -25.32 36.32
C ALA B 211 -18.00 -24.23 36.01
N GLN B 212 -18.49 -24.19 34.77
CA GLN B 212 -19.47 -23.18 34.38
C GLN B 212 -20.78 -23.38 35.12
N GLY B 213 -21.00 -24.62 35.53
CA GLY B 213 -22.21 -24.98 36.24
C GLY B 213 -22.05 -26.38 36.82
N ALA B 214 -22.95 -26.75 37.72
CA ALA B 214 -22.90 -28.05 38.37
C ALA B 214 -22.77 -29.23 37.40
N GLY B 215 -21.83 -30.12 37.71
CA GLY B 215 -21.61 -31.30 36.88
C GLY B 215 -20.69 -31.14 35.69
N LEU B 216 -20.50 -29.89 35.25
CA LEU B 216 -19.62 -29.61 34.12
C LEU B 216 -18.13 -29.71 34.49
N GLU B 217 -17.28 -29.78 33.47
CA GLU B 217 -15.84 -29.87 33.68
C GLU B 217 -15.28 -28.56 34.25
N SER B 218 -14.52 -28.66 35.34
CA SER B 218 -13.94 -27.46 35.96
C SER B 218 -13.05 -26.77 34.90
N HIS B 219 -12.98 -25.45 34.98
CA HIS B 219 -12.28 -24.68 33.97
C HIS B 219 -11.62 -23.41 34.57
N GLY B 220 -10.46 -23.04 34.04
CA GLY B 220 -9.78 -21.86 34.53
C GLY B 220 -10.59 -20.58 34.49
N GLY B 221 -11.39 -20.43 33.42
CA GLY B 221 -12.21 -19.25 33.27
C GLY B 221 -13.31 -19.14 34.30
N SER B 222 -14.04 -20.24 34.51
CA SER B 222 -15.13 -20.24 35.50
C SER B 222 -14.60 -20.21 36.93
N THR B 223 -13.41 -20.79 37.15
CA THR B 223 -12.83 -20.78 38.48
C THR B 223 -12.51 -19.33 38.84
N PHE B 224 -11.97 -18.57 37.88
CA PHE B 224 -11.69 -17.16 38.13
C PHE B 224 -12.99 -16.43 38.42
N CYS B 225 -13.99 -16.62 37.57
CA CYS B 225 -15.26 -15.95 37.76
C CYS B 225 -15.87 -16.22 39.12
N GLY B 226 -15.82 -17.48 39.55
CA GLY B 226 -16.37 -17.83 40.84
C GLY B 226 -15.63 -17.22 42.02
N ILE B 227 -14.32 -17.46 42.07
CA ILE B 227 -13.48 -16.95 43.15
C ILE B 227 -13.50 -15.41 43.21
N ALA B 228 -13.37 -14.76 42.05
CA ALA B 228 -13.37 -13.30 42.00
C ALA B 228 -14.71 -12.73 42.47
N SER B 229 -15.80 -13.40 42.12
CA SER B 229 -17.13 -12.96 42.54
C SER B 229 -17.23 -13.00 44.06
N LEU B 230 -16.76 -14.09 44.67
CA LEU B 230 -16.79 -14.22 46.12
C LEU B 230 -15.92 -13.15 46.78
N CYS B 231 -14.73 -12.88 46.22
CA CYS B 231 -13.85 -11.87 46.78
C CYS B 231 -14.49 -10.49 46.69
N LEU B 232 -15.21 -10.23 45.61
CA LEU B 232 -15.87 -8.95 45.44
C LEU B 232 -16.99 -8.80 46.48
N MET B 233 -17.63 -9.91 46.85
CA MET B 233 -18.71 -9.90 47.85
C MET B 233 -18.09 -9.94 49.24
N GLY B 234 -16.78 -10.21 49.26
CA GLY B 234 -16.06 -10.30 50.52
C GLY B 234 -16.51 -11.50 51.34
N LYS B 235 -16.70 -12.63 50.68
CA LYS B 235 -17.16 -13.84 51.37
C LYS B 235 -16.41 -15.11 51.02
N LEU B 236 -15.18 -14.98 50.53
CA LEU B 236 -14.41 -16.16 50.15
C LEU B 236 -14.27 -17.11 51.34
N GLU B 237 -13.72 -16.56 52.44
CA GLU B 237 -13.48 -17.30 53.69
C GLU B 237 -14.74 -17.93 54.26
N GLU B 238 -15.85 -17.21 54.14
CA GLU B 238 -17.14 -17.65 54.66
C GLU B 238 -17.81 -18.76 53.85
N VAL B 239 -17.51 -18.83 52.55
CA VAL B 239 -18.13 -19.83 51.70
C VAL B 239 -17.36 -21.14 51.59
N PHE B 240 -16.05 -21.06 51.53
CA PHE B 240 -15.22 -22.27 51.43
C PHE B 240 -14.39 -22.47 52.70
N SER B 241 -14.31 -23.73 53.15
CA SER B 241 -13.54 -24.07 54.33
C SER B 241 -12.06 -24.01 53.98
N GLU B 242 -11.21 -24.05 54.99
CA GLU B 242 -9.77 -24.03 54.75
C GLU B 242 -9.35 -25.25 53.93
N LYS B 243 -9.95 -26.40 54.21
CA LYS B 243 -9.63 -27.62 53.47
C LYS B 243 -10.03 -27.45 52.01
N GLU B 244 -11.20 -26.83 51.80
CA GLU B 244 -11.71 -26.61 50.45
C GLU B 244 -10.80 -25.64 49.68
N LEU B 245 -10.43 -24.53 50.32
CA LEU B 245 -9.56 -23.55 49.68
C LEU B 245 -8.21 -24.17 49.33
N ASN B 246 -7.73 -25.10 50.15
CA ASN B 246 -6.45 -25.73 49.84
C ASN B 246 -6.56 -26.59 48.59
N ARG B 247 -7.70 -27.24 48.43
CA ARG B 247 -7.93 -28.08 47.26
C ARG B 247 -8.07 -27.24 46.00
N ILE B 248 -8.75 -26.10 46.10
CA ILE B 248 -8.92 -25.20 44.97
C ILE B 248 -7.54 -24.66 44.57
N LYS B 249 -6.74 -24.26 45.56
CA LYS B 249 -5.38 -23.76 45.30
C LYS B 249 -4.56 -24.81 44.58
N ARG B 250 -4.67 -26.06 45.00
CA ARG B 250 -3.92 -27.13 44.37
C ARG B 250 -4.30 -27.25 42.90
N TRP B 251 -5.60 -27.19 42.62
CA TRP B 251 -6.09 -27.31 41.25
C TRP B 251 -5.55 -26.18 40.39
N CYS B 252 -5.63 -24.96 40.92
CA CYS B 252 -5.16 -23.79 40.19
C CYS B 252 -3.65 -23.84 39.90
N ILE B 253 -2.83 -24.04 40.93
CA ILE B 253 -1.40 -24.06 40.70
C ILE B 253 -0.92 -25.18 39.79
N MET B 254 -1.74 -26.21 39.62
CA MET B 254 -1.39 -27.32 38.73
C MET B 254 -1.58 -26.94 37.26
N ARG B 255 -2.17 -25.76 37.03
CA ARG B 255 -2.43 -25.30 35.67
C ARG B 255 -1.17 -24.76 34.97
N GLN B 256 -0.12 -24.43 35.72
CA GLN B 256 1.09 -23.91 35.09
C GLN B 256 1.96 -25.00 34.47
N GLN B 257 2.23 -24.87 33.17
CA GLN B 257 3.07 -25.82 32.45
C GLN B 257 4.38 -25.09 32.15
N ASN B 258 4.25 -23.80 31.85
CA ASN B 258 5.31 -22.83 31.56
C ASN B 258 4.43 -21.59 31.60
N GLY B 259 3.50 -21.54 30.66
CA GLY B 259 2.50 -20.50 30.65
C GLY B 259 1.35 -21.26 31.33
N TYR B 260 0.10 -20.84 31.16
CA TYR B 260 -1.00 -21.55 31.81
C TYR B 260 -2.05 -22.07 30.84
N HIS B 261 -2.65 -23.22 31.16
CA HIS B 261 -3.73 -23.75 30.32
C HIS B 261 -5.02 -23.63 31.14
N GLY B 262 -6.17 -23.77 30.50
CA GLY B 262 -7.43 -23.64 31.22
C GLY B 262 -8.02 -24.93 31.80
N ARG B 263 -7.50 -26.07 31.36
CA ARG B 263 -7.98 -27.37 31.82
C ARG B 263 -6.87 -28.40 31.73
N PRO B 264 -6.90 -29.42 32.60
CA PRO B 264 -5.86 -30.46 32.57
C PRO B 264 -5.75 -31.03 31.15
N ASN B 265 -4.52 -31.28 30.72
CA ASN B 265 -4.23 -31.86 29.41
C ASN B 265 -4.60 -31.01 28.20
N LYS B 266 -4.71 -29.71 28.39
CA LYS B 266 -5.00 -28.79 27.29
C LYS B 266 -3.76 -27.91 27.07
N PRO B 267 -3.53 -27.48 25.84
CA PRO B 267 -2.35 -26.63 25.56
C PRO B 267 -2.46 -25.24 26.24
N VAL B 268 -1.32 -24.65 26.62
CA VAL B 268 -1.33 -23.35 27.28
C VAL B 268 -1.84 -22.26 26.34
N ASP B 269 -2.37 -21.21 26.93
CA ASP B 269 -2.95 -20.09 26.21
C ASP B 269 -2.67 -18.81 27.03
N THR B 270 -2.07 -17.83 26.38
CA THR B 270 -1.72 -16.57 27.04
C THR B 270 -2.75 -15.99 28.01
N CYS B 271 -4.03 -15.92 27.60
CA CYS B 271 -5.03 -15.32 28.47
C CYS B 271 -5.18 -15.99 29.83
N TYR B 272 -4.76 -17.25 29.94
CA TYR B 272 -4.88 -17.94 31.22
C TYR B 272 -3.84 -17.46 32.24
N SER B 273 -2.84 -16.73 31.76
CA SER B 273 -1.83 -16.17 32.65
C SER B 273 -2.58 -15.18 33.54
N PHE B 274 -3.72 -14.68 33.07
CA PHE B 274 -4.51 -13.79 33.90
C PHE B 274 -5.62 -14.56 34.60
N TRP B 275 -6.44 -15.29 33.84
CA TRP B 275 -7.55 -16.04 34.42
C TRP B 275 -7.12 -16.85 35.66
N VAL B 276 -6.10 -17.69 35.49
CA VAL B 276 -5.61 -18.52 36.57
C VAL B 276 -4.68 -17.72 37.49
N GLY B 277 -3.76 -16.97 36.88
CA GLY B 277 -2.82 -16.16 37.65
C GLY B 277 -3.52 -15.24 38.64
N ALA B 278 -4.60 -14.60 38.20
CA ALA B 278 -5.34 -13.69 39.06
C ALA B 278 -6.03 -14.48 40.18
N THR B 279 -6.47 -15.70 39.89
CA THR B 279 -7.14 -16.53 40.89
C THR B 279 -6.11 -16.85 41.97
N LEU B 280 -4.91 -17.26 41.54
CA LEU B 280 -3.84 -17.59 42.48
C LEU B 280 -3.50 -16.37 43.35
N LYS B 281 -3.53 -15.18 42.74
CA LYS B 281 -3.23 -13.95 43.46
C LYS B 281 -4.30 -13.73 44.53
N LEU B 282 -5.56 -13.96 44.17
CA LEU B 282 -6.64 -13.79 45.13
C LEU B 282 -6.52 -14.81 46.27
N LEU B 283 -5.97 -15.99 45.96
CA LEU B 283 -5.81 -17.04 46.95
C LEU B 283 -4.47 -16.91 47.67
N LYS B 284 -3.78 -15.82 47.39
CA LYS B 284 -2.49 -15.50 48.00
C LYS B 284 -1.36 -16.51 47.87
N ILE B 285 -1.27 -17.19 46.73
CA ILE B 285 -0.19 -18.13 46.52
C ILE B 285 0.43 -17.98 45.15
N PHE B 286 0.11 -16.89 44.45
CA PHE B 286 0.68 -16.67 43.12
C PHE B 286 2.19 -16.53 43.29
N GLN B 287 2.58 -16.00 44.45
CA GLN B 287 3.97 -15.80 44.80
C GLN B 287 4.80 -17.07 44.76
N TYR B 288 4.14 -18.23 44.81
CA TYR B 288 4.84 -19.50 44.81
C TYR B 288 4.93 -20.15 43.44
N THR B 289 4.48 -19.44 42.41
CA THR B 289 4.54 -19.97 41.04
C THR B 289 5.90 -19.62 40.46
N ASN B 290 6.21 -20.14 39.28
CA ASN B 290 7.48 -19.84 38.64
C ASN B 290 7.27 -18.65 37.70
N PHE B 291 7.79 -17.47 38.08
CA PHE B 291 7.64 -16.26 37.28
C PHE B 291 8.33 -16.26 35.92
N GLU B 292 9.58 -16.72 35.89
CA GLU B 292 10.34 -16.70 34.65
C GLU B 292 9.72 -17.45 33.49
N LYS B 293 9.31 -18.69 33.72
CA LYS B 293 8.71 -19.48 32.63
C LYS B 293 7.39 -18.88 32.15
N ASN B 294 6.64 -18.28 33.07
CA ASN B 294 5.38 -17.67 32.71
C ASN B 294 5.66 -16.46 31.83
N ARG B 295 6.56 -15.58 32.30
CA ARG B 295 6.93 -14.39 31.57
C ARG B 295 7.48 -14.74 30.19
N ASN B 296 8.35 -15.75 30.15
CA ASN B 296 8.91 -16.15 28.88
C ASN B 296 7.84 -16.61 27.90
N TYR B 297 6.86 -17.37 28.38
CA TYR B 297 5.81 -17.83 27.48
C TYR B 297 5.00 -16.66 26.94
N ILE B 298 4.52 -15.79 27.83
CA ILE B 298 3.73 -14.65 27.41
C ILE B 298 4.46 -13.84 26.33
N LEU B 299 5.73 -13.53 26.58
CA LEU B 299 6.49 -12.76 25.62
C LEU B 299 6.66 -13.48 24.29
N SER B 300 6.67 -14.81 24.32
CA SER B 300 6.82 -15.55 23.08
C SER B 300 5.61 -15.41 22.16
N THR B 301 4.52 -14.84 22.69
CA THR B 301 3.32 -14.67 21.88
C THR B 301 3.15 -13.22 21.47
N GLN B 302 4.16 -12.42 21.76
CA GLN B 302 4.16 -10.99 21.44
C GLN B 302 4.41 -10.79 19.96
N ASP B 303 3.59 -9.97 19.31
CA ASP B 303 3.80 -9.68 17.88
C ASP B 303 4.70 -8.44 17.82
N ARG B 304 5.97 -8.66 17.54
CA ARG B 304 6.96 -7.57 17.49
C ARG B 304 6.77 -6.57 16.36
N LEU B 305 5.98 -6.94 15.37
CA LEU B 305 5.73 -6.07 14.22
C LEU B 305 4.51 -5.18 14.42
N VAL B 306 3.33 -5.77 14.66
CA VAL B 306 2.12 -4.99 14.82
C VAL B 306 1.76 -4.66 16.28
N GLY B 307 2.35 -5.39 17.22
CA GLY B 307 2.05 -5.16 18.62
C GLY B 307 0.97 -6.11 19.10
N GLY B 308 0.66 -6.08 20.40
CA GLY B 308 -0.34 -6.96 20.96
C GLY B 308 0.20 -8.38 21.18
N PHE B 309 -0.63 -9.25 21.73
CA PHE B 309 -0.24 -10.64 21.99
C PHE B 309 -1.26 -11.60 21.38
N ALA B 310 -0.84 -12.85 21.17
CA ALA B 310 -1.71 -13.88 20.61
C ALA B 310 -1.89 -14.97 21.65
N LYS B 311 -2.76 -15.95 21.39
CA LYS B 311 -2.94 -17.01 22.37
C LYS B 311 -1.74 -17.96 22.34
N TRP B 312 -1.18 -18.15 21.15
CA TRP B 312 -0.01 -19.02 20.99
C TRP B 312 1.08 -18.30 20.23
N PRO B 313 2.33 -18.78 20.35
CA PRO B 313 3.42 -18.12 19.62
C PRO B 313 3.20 -18.31 18.11
N ASP B 314 3.67 -17.35 17.32
CA ASP B 314 3.51 -17.41 15.87
C ASP B 314 2.03 -17.58 15.54
N SER B 315 1.21 -16.66 16.03
CA SER B 315 -0.22 -16.67 15.82
C SER B 315 -0.63 -15.20 15.78
N HIS B 316 -1.74 -14.88 15.11
CA HIS B 316 -2.14 -13.49 15.01
C HIS B 316 -2.68 -12.92 16.31
N PRO B 317 -2.27 -11.69 16.66
CA PRO B 317 -2.71 -11.02 17.89
C PRO B 317 -4.13 -10.48 17.81
N ASP B 318 -4.72 -10.23 18.97
CA ASP B 318 -6.07 -9.68 19.04
C ASP B 318 -6.16 -8.86 20.34
N ALA B 319 -7.20 -8.04 20.45
CA ALA B 319 -7.40 -7.20 21.61
C ALA B 319 -7.51 -7.98 22.93
N LEU B 320 -8.19 -9.12 22.90
CA LEU B 320 -8.37 -9.91 24.11
C LEU B 320 -7.03 -10.42 24.67
N HIS B 321 -6.23 -11.06 23.82
CA HIS B 321 -4.95 -11.57 24.31
C HIS B 321 -3.92 -10.48 24.58
N ALA B 322 -4.04 -9.36 23.88
CA ALA B 322 -3.12 -8.26 24.11
C ALA B 322 -3.40 -7.73 25.53
N TYR B 323 -4.67 -7.55 25.85
CA TYR B 323 -5.04 -7.06 27.17
C TYR B 323 -4.69 -8.05 28.29
N PHE B 324 -5.11 -9.30 28.16
CA PHE B 324 -4.83 -10.28 29.20
C PHE B 324 -3.37 -10.67 29.30
N GLY B 325 -2.62 -10.57 28.20
CA GLY B 325 -1.20 -10.88 28.26
C GLY B 325 -0.52 -9.81 29.11
N ILE B 326 -0.96 -8.57 28.93
CA ILE B 326 -0.41 -7.45 29.67
C ILE B 326 -0.80 -7.56 31.15
N CYS B 327 -2.04 -7.95 31.44
CA CYS B 327 -2.45 -8.12 32.83
C CYS B 327 -1.69 -9.28 33.46
N GLY B 328 -1.36 -10.29 32.65
CA GLY B 328 -0.61 -11.42 33.16
C GLY B 328 0.77 -10.96 33.57
N LEU B 329 1.38 -10.10 32.74
CA LEU B 329 2.70 -9.56 33.04
C LEU B 329 2.62 -8.68 34.29
N SER B 330 1.51 -7.95 34.40
CA SER B 330 1.27 -7.07 35.54
C SER B 330 1.31 -7.83 36.87
N LEU B 331 0.69 -9.00 36.89
CA LEU B 331 0.66 -9.82 38.09
C LEU B 331 2.07 -10.01 38.66
N MET B 332 3.08 -10.03 37.78
CA MET B 332 4.47 -10.21 38.20
C MET B 332 5.24 -8.88 38.28
N GLU B 333 4.50 -7.77 38.26
CA GLU B 333 5.06 -6.42 38.34
C GLU B 333 6.09 -6.08 37.27
N GLU B 334 5.69 -6.24 36.02
CA GLU B 334 6.52 -5.96 34.86
C GLU B 334 6.98 -4.49 34.88
N SER B 335 8.25 -4.25 34.57
CA SER B 335 8.77 -2.88 34.55
C SER B 335 8.01 -2.09 33.49
N GLY B 336 7.18 -1.15 33.93
CA GLY B 336 6.43 -0.35 32.99
C GLY B 336 4.93 -0.63 32.93
N ILE B 337 4.41 -1.46 33.81
CA ILE B 337 2.98 -1.80 33.81
C ILE B 337 2.34 -1.65 35.18
N CYS B 338 1.25 -0.88 35.26
CA CYS B 338 0.56 -0.70 36.53
C CYS B 338 0.10 -2.03 37.12
N LYS B 339 -0.15 -2.05 38.43
CA LYS B 339 -0.62 -3.26 39.12
C LYS B 339 -2.11 -3.41 38.81
N VAL B 340 -2.49 -4.60 38.36
CA VAL B 340 -3.90 -4.84 38.06
C VAL B 340 -4.62 -5.35 39.31
N HIS B 341 -5.84 -4.86 39.51
CA HIS B 341 -6.67 -5.32 40.61
C HIS B 341 -7.17 -6.68 40.11
N PRO B 342 -6.64 -7.79 40.67
CA PRO B 342 -7.01 -9.15 40.27
C PRO B 342 -8.47 -9.57 40.31
N ALA B 343 -9.31 -8.86 41.04
CA ALA B 343 -10.70 -9.26 41.09
C ALA B 343 -11.62 -8.36 40.28
N LEU B 344 -11.28 -7.08 40.20
CA LEU B 344 -12.12 -6.13 39.47
C LEU B 344 -11.77 -5.98 37.99
N ASN B 345 -10.56 -6.42 37.65
CA ASN B 345 -10.08 -6.38 36.28
C ASN B 345 -9.82 -4.98 35.71
N VAL B 346 -9.38 -4.07 36.58
CA VAL B 346 -9.03 -2.70 36.19
C VAL B 346 -7.68 -2.49 36.86
N SER B 347 -7.01 -1.37 36.60
CA SER B 347 -5.72 -1.12 37.26
C SER B 347 -6.00 -0.80 38.73
N THR B 348 -5.05 -1.10 39.62
CA THR B 348 -5.29 -0.79 41.04
C THR B 348 -5.47 0.74 41.17
N ARG B 349 -4.79 1.50 40.32
CA ARG B 349 -4.94 2.95 40.35
C ARG B 349 -6.41 3.32 40.10
N THR B 350 -7.06 2.62 39.17
CA THR B 350 -8.46 2.87 38.86
C THR B 350 -9.35 2.37 39.98
N SER B 351 -8.96 1.27 40.60
CA SER B 351 -9.75 0.72 41.69
C SER B 351 -9.73 1.71 42.86
N GLU B 352 -8.61 2.43 42.99
CA GLU B 352 -8.46 3.43 44.06
C GLU B 352 -9.38 4.63 43.78
N ARG B 353 -9.43 5.07 42.52
CA ARG B 353 -10.29 6.19 42.16
C ARG B 353 -11.74 5.82 42.43
N LEU B 354 -12.07 4.54 42.23
CA LEU B 354 -13.43 4.06 42.46
C LEU B 354 -13.74 4.10 43.97
N ARG B 355 -12.73 3.85 44.80
CA ARG B 355 -12.92 3.87 46.24
C ARG B 355 -13.31 5.30 46.63
N ASP B 356 -12.62 6.28 46.06
CA ASP B 356 -12.89 7.69 46.35
C ASP B 356 -14.28 8.09 45.90
N LEU B 357 -14.66 7.59 44.72
CA LEU B 357 -15.97 7.89 44.16
C LEU B 357 -17.06 7.39 45.11
N HIS B 358 -16.88 6.18 45.65
CA HIS B 358 -17.85 5.60 46.56
C HIS B 358 -17.94 6.42 47.84
N GLN B 359 -16.80 6.86 48.34
CA GLN B 359 -16.76 7.67 49.57
C GLN B 359 -17.49 8.98 49.34
N SER B 360 -17.23 9.64 48.23
CA SER B 360 -17.87 10.91 47.92
C SER B 360 -19.40 10.80 47.87
N TRP B 361 -19.92 9.67 47.38
CA TRP B 361 -21.36 9.49 47.31
C TRP B 361 -21.96 9.45 48.71
N LYS B 362 -21.22 8.84 49.64
CA LYS B 362 -21.65 8.71 51.03
C LYS B 362 -21.53 10.03 51.79
N THR B 363 -22.42 10.98 51.47
CA THR B 363 -22.45 12.28 52.10
C THR B 363 -23.87 12.84 52.02
N PHE C 55 20.05 54.97 -44.99
CA PHE C 55 19.64 56.29 -45.53
C PHE C 55 18.13 56.42 -45.79
N LEU C 56 17.71 56.15 -47.03
CA LEU C 56 16.31 56.25 -47.44
C LEU C 56 15.50 55.00 -47.07
N SER C 57 14.72 55.12 -45.99
CA SER C 57 13.88 54.03 -45.49
C SER C 57 12.81 53.54 -46.48
N LEU C 58 12.34 52.30 -46.30
CA LEU C 58 11.35 51.72 -47.21
C LEU C 58 9.93 52.29 -47.18
N ASP C 59 9.61 53.03 -46.13
CA ASP C 59 8.29 53.65 -46.03
C ASP C 59 8.39 55.18 -45.94
N SER C 60 9.54 55.72 -46.34
CA SER C 60 9.73 57.17 -46.34
C SER C 60 8.89 57.71 -47.49
N PRO C 61 8.25 58.87 -47.29
CA PRO C 61 7.42 59.44 -48.36
C PRO C 61 8.23 59.59 -49.65
N THR C 62 9.52 59.88 -49.51
CA THR C 62 10.42 60.08 -50.63
C THR C 62 11.20 58.86 -51.12
N TYR C 63 10.72 57.67 -50.77
CA TYR C 63 11.39 56.45 -51.20
C TYR C 63 11.23 56.28 -52.70
N VAL C 64 12.32 55.92 -53.36
CA VAL C 64 12.30 55.73 -54.81
C VAL C 64 12.74 54.31 -55.15
N LEU C 65 12.05 53.69 -56.10
CA LEU C 65 12.41 52.35 -56.52
C LEU C 65 13.82 52.38 -57.11
N TYR C 66 14.56 51.29 -56.96
CA TYR C 66 15.92 51.20 -57.47
C TYR C 66 15.93 51.33 -58.98
N ARG C 67 14.82 50.95 -59.62
CA ARG C 67 14.70 51.03 -61.08
C ARG C 67 14.74 52.50 -61.52
N ASP C 68 14.39 53.40 -60.60
CA ASP C 68 14.37 54.83 -60.89
C ASP C 68 15.49 55.63 -60.22
N ARG C 69 16.55 54.95 -59.79
CA ARG C 69 17.65 55.65 -59.14
C ARG C 69 18.83 55.75 -60.10
N ALA C 70 19.37 56.96 -60.24
CA ALA C 70 20.48 57.22 -61.15
C ALA C 70 21.74 56.41 -60.80
N GLU C 71 22.03 56.25 -59.51
CA GLU C 71 23.21 55.51 -59.08
C GLU C 71 23.17 54.04 -59.49
N TRP C 72 21.98 53.56 -59.89
CA TRP C 72 21.83 52.17 -60.29
C TRP C 72 21.48 51.97 -61.75
N ALA C 73 21.64 53.02 -62.55
CA ALA C 73 21.31 52.93 -63.96
C ALA C 73 22.19 52.00 -64.79
N ASP C 74 23.39 51.72 -64.28
CA ASP C 74 24.32 50.86 -64.99
C ASP C 74 24.10 49.37 -64.79
N ILE C 75 23.25 49.03 -63.82
CA ILE C 75 22.96 47.63 -63.50
C ILE C 75 21.64 47.15 -64.09
N ASP C 76 21.67 45.94 -64.64
CA ASP C 76 20.47 45.33 -65.19
C ASP C 76 19.89 44.38 -64.15
N PRO C 77 18.67 44.67 -63.65
CA PRO C 77 18.03 43.82 -62.64
C PRO C 77 17.85 42.38 -63.12
N VAL C 78 17.99 41.43 -62.19
CA VAL C 78 17.84 40.01 -62.49
C VAL C 78 16.58 39.49 -61.80
N PRO C 79 15.62 39.01 -62.59
CA PRO C 79 14.35 38.48 -62.08
C PRO C 79 14.40 37.00 -61.69
N GLN C 80 13.52 36.64 -60.75
CA GLN C 80 13.39 35.29 -60.25
C GLN C 80 12.42 34.56 -61.18
N ASN C 81 12.68 33.30 -61.49
CA ASN C 81 11.76 32.55 -62.35
C ASN C 81 11.60 31.09 -61.96
N ASP C 82 10.39 30.75 -61.52
CA ASP C 82 10.08 29.40 -61.10
C ASP C 82 9.61 28.49 -62.23
N GLY C 83 9.92 28.87 -63.46
CA GLY C 83 9.52 28.03 -64.58
C GLY C 83 8.04 28.09 -64.93
N PRO C 84 7.58 27.21 -65.83
CA PRO C 84 6.19 27.11 -66.29
C PRO C 84 5.10 26.92 -65.24
N SER C 85 5.35 26.06 -64.25
CA SER C 85 4.36 25.79 -63.21
C SER C 85 4.94 25.97 -61.81
N PRO C 86 4.92 27.20 -61.29
CA PRO C 86 5.46 27.47 -59.95
C PRO C 86 4.70 26.82 -58.77
N VAL C 87 5.46 26.31 -57.80
CA VAL C 87 4.90 25.69 -56.61
C VAL C 87 5.15 26.57 -55.38
N VAL C 88 4.16 26.65 -54.49
CA VAL C 88 4.29 27.46 -53.29
C VAL C 88 4.86 28.83 -53.64
N GLN C 89 4.24 29.45 -54.64
CA GLN C 89 4.65 30.77 -55.12
C GLN C 89 4.10 31.93 -54.29
N ILE C 90 5.00 32.75 -53.78
CA ILE C 90 4.63 33.91 -52.96
C ILE C 90 4.49 35.14 -53.87
N ILE C 91 3.40 35.89 -53.72
CA ILE C 91 3.22 37.08 -54.54
C ILE C 91 3.94 38.27 -53.90
N TYR C 92 4.65 39.03 -54.72
CA TYR C 92 5.40 40.18 -54.22
C TYR C 92 4.94 41.54 -54.73
N SER C 93 5.05 42.54 -53.86
CA SER C 93 4.68 43.90 -54.23
C SER C 93 5.73 44.48 -55.16
N GLU C 94 5.42 45.63 -55.75
CA GLU C 94 6.35 46.30 -56.67
C GLU C 94 7.67 46.59 -55.96
N LYS C 95 7.58 47.18 -54.77
CA LYS C 95 8.76 47.53 -53.98
C LYS C 95 9.64 46.32 -53.69
N PHE C 96 9.00 45.28 -53.16
CA PHE C 96 9.69 44.04 -52.80
C PHE C 96 10.46 43.46 -53.97
N ARG C 97 9.75 43.20 -55.06
CA ARG C 97 10.37 42.63 -56.24
C ARG C 97 11.48 43.53 -56.78
N ASP C 98 11.31 44.83 -56.62
CA ASP C 98 12.29 45.80 -57.10
C ASP C 98 13.61 45.65 -56.35
N VAL C 99 13.53 45.65 -55.02
CA VAL C 99 14.74 45.52 -54.20
C VAL C 99 15.48 44.22 -54.50
N TYR C 100 14.75 43.11 -54.53
CA TYR C 100 15.38 41.82 -54.77
C TYR C 100 15.85 41.57 -56.18
N ASP C 101 15.27 42.27 -57.15
CA ASP C 101 15.70 42.10 -58.53
C ASP C 101 17.10 42.72 -58.65
N TYR C 102 17.36 43.76 -57.86
CA TYR C 102 18.68 44.39 -57.90
C TYR C 102 19.64 43.65 -56.99
N PHE C 103 19.12 43.06 -55.92
CA PHE C 103 19.98 42.28 -55.03
C PHE C 103 20.54 41.12 -55.86
N ARG C 104 19.67 40.45 -56.61
CA ARG C 104 20.08 39.34 -57.46
C ARG C 104 21.19 39.76 -58.41
N ALA C 105 21.05 40.96 -58.97
CA ALA C 105 22.03 41.48 -59.91
C ALA C 105 23.40 41.68 -59.24
N VAL C 106 23.42 42.42 -58.14
CA VAL C 106 24.65 42.68 -57.41
C VAL C 106 25.31 41.39 -56.93
N LEU C 107 24.48 40.48 -56.44
CA LEU C 107 24.93 39.19 -55.90
C LEU C 107 25.58 38.36 -57.00
N GLN C 108 24.93 38.31 -58.15
CA GLN C 108 25.42 37.55 -59.28
C GLN C 108 26.78 38.01 -59.80
N ARG C 109 27.09 39.28 -59.59
CA ARG C 109 28.35 39.83 -60.06
C ARG C 109 29.33 40.02 -58.92
N ASP C 110 28.96 39.57 -57.73
CA ASP C 110 29.81 39.67 -56.56
C ASP C 110 30.41 41.08 -56.42
N GLU C 111 29.57 42.09 -56.63
CA GLU C 111 29.99 43.48 -56.53
C GLU C 111 30.19 43.91 -55.09
N ARG C 112 31.44 44.15 -54.69
CA ARG C 112 31.74 44.58 -53.33
C ARG C 112 31.69 46.11 -53.20
N SER C 113 30.55 46.71 -53.51
CA SER C 113 30.41 48.16 -53.44
C SER C 113 29.68 48.70 -52.22
N GLU C 114 29.76 50.02 -52.06
CA GLU C 114 29.08 50.68 -50.95
C GLU C 114 27.59 50.72 -51.23
N ARG C 115 27.22 50.77 -52.50
CA ARG C 115 25.81 50.81 -52.83
C ARG C 115 25.17 49.44 -52.58
N ALA C 116 25.97 48.39 -52.74
CA ALA C 116 25.48 47.04 -52.51
C ALA C 116 25.23 46.87 -51.02
N PHE C 117 26.15 47.38 -50.21
CA PHE C 117 26.03 47.30 -48.76
C PHE C 117 24.74 47.98 -48.29
N LYS C 118 24.42 49.11 -48.89
CA LYS C 118 23.21 49.83 -48.52
C LYS C 118 21.97 49.06 -48.99
N LEU C 119 22.10 48.38 -50.12
CA LEU C 119 21.00 47.60 -50.66
C LEU C 119 20.63 46.45 -49.73
N THR C 120 21.63 45.86 -49.06
CA THR C 120 21.34 44.75 -48.17
C THR C 120 20.49 45.18 -46.99
N ARG C 121 20.64 46.44 -46.57
CA ARG C 121 19.85 46.92 -45.45
C ARG C 121 18.35 46.87 -45.78
N ASP C 122 18.02 47.18 -47.02
CA ASP C 122 16.63 47.15 -47.46
C ASP C 122 16.13 45.73 -47.67
N ALA C 123 17.02 44.87 -48.17
CA ALA C 123 16.68 43.46 -48.41
C ALA C 123 16.37 42.81 -47.07
N ILE C 124 17.12 43.18 -46.04
CA ILE C 124 16.91 42.63 -44.72
C ILE C 124 15.62 43.16 -44.12
N GLU C 125 15.30 44.42 -44.38
CA GLU C 125 14.07 44.97 -43.83
C GLU C 125 12.89 44.24 -44.44
N LEU C 126 13.03 43.81 -45.69
CA LEU C 126 11.97 43.08 -46.37
C LEU C 126 11.87 41.62 -45.93
N ASN C 127 13.00 41.02 -45.57
CA ASN C 127 13.04 39.63 -45.16
C ASN C 127 14.34 39.27 -44.43
N ALA C 128 14.33 39.37 -43.10
CA ALA C 128 15.51 39.08 -42.30
C ALA C 128 15.84 37.59 -42.20
N ALA C 129 15.02 36.74 -42.81
CA ALA C 129 15.25 35.32 -42.75
C ALA C 129 16.04 34.80 -43.95
N ASN C 130 16.42 35.70 -44.85
CA ASN C 130 17.19 35.28 -46.01
C ASN C 130 18.67 35.18 -45.61
N TYR C 131 19.13 33.95 -45.37
CA TYR C 131 20.52 33.71 -44.95
C TYR C 131 21.57 34.14 -45.97
N THR C 132 21.26 34.09 -47.26
CA THR C 132 22.21 34.51 -48.27
C THR C 132 22.49 36.01 -48.14
N VAL C 133 21.44 36.79 -47.90
CA VAL C 133 21.59 38.23 -47.75
C VAL C 133 22.55 38.53 -46.60
N TRP C 134 22.37 37.87 -45.46
CA TRP C 134 23.25 38.10 -44.31
C TRP C 134 24.70 37.69 -44.60
N HIS C 135 24.89 36.64 -45.38
CA HIS C 135 26.24 36.20 -45.70
C HIS C 135 26.93 37.27 -46.54
N PHE C 136 26.24 37.72 -47.57
CA PHE C 136 26.78 38.73 -48.46
C PHE C 136 27.09 40.01 -47.69
N ARG C 137 26.22 40.37 -46.74
CA ARG C 137 26.46 41.56 -45.96
C ARG C 137 27.76 41.40 -45.17
N ARG C 138 28.04 40.18 -44.71
CA ARG C 138 29.28 39.94 -43.95
C ARG C 138 30.49 40.02 -44.87
N VAL C 139 30.32 39.56 -46.11
CA VAL C 139 31.41 39.65 -47.08
C VAL C 139 31.73 41.14 -47.28
N LEU C 140 30.69 41.96 -47.44
CA LEU C 140 30.85 43.39 -47.64
C LEU C 140 31.44 44.07 -46.41
N LEU C 141 30.99 43.68 -45.22
CA LEU C 141 31.53 44.27 -44.00
C LEU C 141 33.05 44.16 -44.01
N ARG C 142 33.57 43.02 -44.46
CA ARG C 142 35.01 42.78 -44.52
C ARG C 142 35.65 43.56 -45.68
N SER C 143 35.15 43.37 -46.89
CA SER C 143 35.68 44.06 -48.08
C SER C 143 35.76 45.57 -47.93
N LEU C 144 34.73 46.19 -47.36
CA LEU C 144 34.72 47.63 -47.19
C LEU C 144 35.24 48.06 -45.82
N GLN C 145 35.75 47.10 -45.06
CA GLN C 145 36.27 47.39 -43.73
C GLN C 145 35.38 48.36 -42.95
N LYS C 146 34.11 47.99 -42.77
CA LYS C 146 33.17 48.82 -42.05
C LYS C 146 33.38 48.75 -40.55
N ASP C 147 32.86 49.74 -39.84
CA ASP C 147 32.97 49.80 -38.39
C ASP C 147 32.07 48.74 -37.77
N LEU C 148 32.69 47.71 -37.19
CA LEU C 148 31.94 46.62 -36.57
C LEU C 148 31.16 47.03 -35.34
N GLN C 149 31.64 48.05 -34.66
CA GLN C 149 30.96 48.51 -33.45
C GLN C 149 29.61 49.11 -33.85
N GLU C 150 29.55 49.62 -35.08
CA GLU C 150 28.32 50.20 -35.60
C GLU C 150 27.36 49.07 -35.98
N GLU C 151 27.91 48.00 -36.56
CA GLU C 151 27.11 46.83 -36.95
C GLU C 151 26.49 46.19 -35.71
N MET C 152 27.20 46.25 -34.59
CA MET C 152 26.67 45.69 -33.36
C MET C 152 25.38 46.40 -32.96
N ASN C 153 25.34 47.71 -33.14
CA ASN C 153 24.14 48.47 -32.80
C ASN C 153 23.01 48.05 -33.71
N TYR C 154 23.34 47.86 -34.98
CA TYR C 154 22.37 47.46 -35.98
C TYR C 154 21.74 46.12 -35.61
N ILE C 155 22.57 45.09 -35.45
CA ILE C 155 22.07 43.77 -35.12
C ILE C 155 21.37 43.76 -33.77
N ILE C 156 21.81 44.61 -32.85
CA ILE C 156 21.15 44.64 -31.54
C ILE C 156 19.69 45.09 -31.70
N ALA C 157 19.44 46.02 -32.61
CA ALA C 157 18.09 46.50 -32.85
C ALA C 157 17.28 45.44 -33.57
N ILE C 158 17.86 44.84 -34.61
CA ILE C 158 17.20 43.80 -35.40
C ILE C 158 16.71 42.61 -34.54
N ILE C 159 17.59 42.11 -33.68
CA ILE C 159 17.24 40.98 -32.84
C ILE C 159 16.09 41.31 -31.89
N GLU C 160 16.03 42.55 -31.39
CA GLU C 160 14.96 42.93 -30.49
C GLU C 160 13.61 42.85 -31.18
N GLU C 161 13.58 43.13 -32.49
CA GLU C 161 12.35 43.08 -33.26
C GLU C 161 12.02 41.65 -33.69
N GLN C 162 13.03 40.80 -33.82
CA GLN C 162 12.83 39.42 -34.25
C GLN C 162 13.71 38.48 -33.45
N PRO C 163 13.42 38.30 -32.16
CA PRO C 163 14.19 37.43 -31.29
C PRO C 163 14.12 35.93 -31.52
N LYS C 164 13.31 35.48 -32.47
CA LYS C 164 13.19 34.04 -32.73
C LYS C 164 13.70 33.66 -34.13
N ASN C 165 14.49 34.55 -34.71
CA ASN C 165 15.06 34.36 -36.05
C ASN C 165 16.47 33.73 -35.93
N TYR C 166 16.71 32.63 -36.63
CA TYR C 166 18.02 31.96 -36.56
C TYR C 166 19.17 32.75 -37.18
N GLN C 167 18.92 33.39 -38.32
CA GLN C 167 19.95 34.14 -39.02
C GLN C 167 20.52 35.33 -38.25
N VAL C 168 19.66 36.06 -37.53
CA VAL C 168 20.12 37.21 -36.77
C VAL C 168 21.01 36.83 -35.59
N TRP C 169 20.71 35.73 -34.92
CA TRP C 169 21.53 35.31 -33.81
C TRP C 169 22.88 34.81 -34.30
N HIS C 170 22.89 34.17 -35.47
CA HIS C 170 24.13 33.67 -36.03
C HIS C 170 25.02 34.87 -36.41
N HIS C 171 24.41 35.90 -36.98
CA HIS C 171 25.15 37.09 -37.38
C HIS C 171 25.84 37.73 -36.18
N ARG C 172 25.11 37.90 -35.09
CA ARG C 172 25.68 38.52 -33.90
C ARG C 172 26.83 37.70 -33.35
N ARG C 173 26.71 36.38 -33.42
CA ARG C 173 27.77 35.52 -32.92
C ARG C 173 29.04 35.68 -33.74
N VAL C 174 28.90 35.79 -35.05
CA VAL C 174 30.07 35.98 -35.90
C VAL C 174 30.76 37.31 -35.57
N LEU C 175 29.96 38.36 -35.34
CA LEU C 175 30.51 39.68 -35.01
C LEU C 175 31.31 39.63 -33.72
N VAL C 176 30.74 39.03 -32.69
CA VAL C 176 31.44 38.95 -31.41
C VAL C 176 32.74 38.17 -31.55
N GLU C 177 32.76 37.16 -32.42
CA GLU C 177 33.99 36.40 -32.63
C GLU C 177 35.02 37.32 -33.31
N TRP C 178 34.56 38.10 -34.28
CA TRP C 178 35.44 39.03 -34.99
C TRP C 178 36.05 40.07 -34.04
N LEU C 179 35.22 40.68 -33.21
CA LEU C 179 35.70 41.70 -32.30
C LEU C 179 36.41 41.16 -31.08
N LYS C 180 36.18 39.89 -30.77
CA LYS C 180 36.76 39.27 -29.57
C LYS C 180 36.36 40.14 -28.38
N ASP C 181 35.19 40.76 -28.47
CA ASP C 181 34.68 41.63 -27.42
C ASP C 181 33.30 41.18 -26.91
N PRO C 182 33.26 40.58 -25.71
CA PRO C 182 31.98 40.11 -25.17
C PRO C 182 31.35 41.05 -24.13
N SER C 183 31.98 42.21 -23.92
CA SER C 183 31.51 43.16 -22.91
C SER C 183 30.02 43.55 -22.94
N GLN C 184 29.38 43.49 -24.10
CA GLN C 184 27.97 43.85 -24.19
C GLN C 184 27.01 42.67 -24.03
N GLU C 185 27.47 41.49 -24.40
CA GLU C 185 26.66 40.28 -24.39
C GLU C 185 25.75 39.91 -23.22
N LEU C 186 26.31 39.72 -22.03
CA LEU C 186 25.48 39.33 -20.90
C LEU C 186 24.29 40.24 -20.60
N GLU C 187 24.49 41.54 -20.76
CA GLU C 187 23.43 42.49 -20.49
C GLU C 187 22.39 42.50 -21.60
N PHE C 188 22.84 42.34 -22.84
CA PHE C 188 21.95 42.32 -23.99
C PHE C 188 21.00 41.12 -23.88
N ILE C 189 21.58 39.97 -23.58
CA ILE C 189 20.81 38.75 -23.45
C ILE C 189 19.81 38.87 -22.30
N ALA C 190 20.23 39.47 -21.20
CA ALA C 190 19.33 39.64 -20.06
C ALA C 190 18.10 40.48 -20.47
N ASP C 191 18.29 41.42 -21.39
CA ASP C 191 17.18 42.24 -21.86
C ASP C 191 16.23 41.42 -22.70
N ILE C 192 16.78 40.61 -23.61
CA ILE C 192 15.98 39.76 -24.46
C ILE C 192 15.22 38.74 -23.59
N LEU C 193 15.89 38.17 -22.60
CA LEU C 193 15.26 37.22 -21.73
C LEU C 193 14.14 37.87 -20.92
N ASN C 194 14.03 39.19 -21.01
CA ASN C 194 12.99 39.90 -20.30
C ASN C 194 11.69 39.87 -21.08
N GLN C 195 11.77 39.67 -22.39
CA GLN C 195 10.58 39.58 -23.21
C GLN C 195 10.10 38.13 -23.26
N ASP C 196 11.02 37.19 -23.00
CA ASP C 196 10.74 35.76 -23.00
C ASP C 196 11.87 35.06 -22.26
N ALA C 197 11.64 34.71 -21.01
CA ALA C 197 12.66 34.07 -20.19
C ALA C 197 13.05 32.66 -20.63
N LYS C 198 12.38 32.14 -21.65
CA LYS C 198 12.67 30.78 -22.11
C LYS C 198 13.13 30.68 -23.57
N ASN C 199 13.38 31.84 -24.19
CA ASN C 199 13.85 31.91 -25.57
C ASN C 199 15.10 31.03 -25.74
N TYR C 200 14.95 29.92 -26.45
CA TYR C 200 16.07 29.00 -26.64
C TYR C 200 17.29 29.66 -27.29
N HIS C 201 17.06 30.53 -28.28
CA HIS C 201 18.15 31.22 -28.97
C HIS C 201 18.99 32.05 -28.00
N ALA C 202 18.31 32.75 -27.09
CA ALA C 202 18.99 33.59 -26.11
C ALA C 202 19.87 32.79 -25.16
N TRP C 203 19.33 31.70 -24.61
CA TRP C 203 20.11 30.87 -23.70
C TRP C 203 21.28 30.21 -24.42
N GLN C 204 21.09 29.86 -25.68
CA GLN C 204 22.15 29.21 -26.45
C GLN C 204 23.30 30.21 -26.62
N HIS C 205 22.95 31.43 -27.00
CA HIS C 205 23.95 32.45 -27.20
C HIS C 205 24.67 32.75 -25.89
N ARG C 206 23.91 32.80 -24.80
CA ARG C 206 24.49 33.10 -23.50
C ARG C 206 25.51 32.03 -23.09
N GLN C 207 25.22 30.77 -23.37
CA GLN C 207 26.17 29.72 -22.99
C GLN C 207 27.41 29.80 -23.86
N TRP C 208 27.23 30.11 -25.14
CA TRP C 208 28.38 30.22 -26.02
C TRP C 208 29.32 31.31 -25.52
N VAL C 209 28.77 32.49 -25.23
CA VAL C 209 29.57 33.60 -24.76
C VAL C 209 30.34 33.27 -23.49
N ILE C 210 29.63 32.79 -22.48
CA ILE C 210 30.25 32.44 -21.20
C ILE C 210 31.37 31.41 -21.35
N GLN C 211 31.17 30.41 -22.20
CA GLN C 211 32.18 29.38 -22.39
C GLN C 211 33.38 29.91 -23.17
N GLU C 212 33.10 30.61 -24.25
CA GLU C 212 34.13 31.16 -25.12
C GLU C 212 35.05 32.21 -24.50
N PHE C 213 34.51 33.05 -23.63
CA PHE C 213 35.30 34.10 -23.00
C PHE C 213 35.46 33.91 -21.50
N ARG C 214 35.18 32.70 -21.03
CA ARG C 214 35.29 32.35 -19.61
C ARG C 214 34.69 33.39 -18.65
N LEU C 215 33.39 33.65 -18.77
CA LEU C 215 32.71 34.62 -17.94
C LEU C 215 31.80 33.95 -16.92
N TRP C 216 32.36 33.03 -16.13
CA TRP C 216 31.58 32.31 -15.14
C TRP C 216 31.32 33.07 -13.84
N ASP C 217 32.21 33.99 -13.50
CA ASP C 217 32.16 34.76 -12.27
C ASP C 217 30.82 35.17 -11.66
N ASN C 218 29.89 35.64 -12.48
CA ASN C 218 28.61 36.10 -11.94
C ASN C 218 27.37 35.33 -12.37
N GLU C 219 27.53 34.30 -13.17
CA GLU C 219 26.37 33.57 -13.64
C GLU C 219 25.57 32.84 -12.56
N LEU C 220 26.24 32.21 -11.60
CA LEU C 220 25.51 31.51 -10.55
C LEU C 220 24.60 32.45 -9.77
N GLN C 221 24.98 33.72 -9.71
CA GLN C 221 24.20 34.72 -9.00
C GLN C 221 23.01 35.14 -9.86
N TYR C 222 23.25 35.26 -11.16
CA TYR C 222 22.20 35.63 -12.11
C TYR C 222 21.12 34.56 -12.07
N VAL C 223 21.56 33.31 -11.98
CA VAL C 223 20.68 32.17 -11.91
C VAL C 223 19.81 32.26 -10.66
N ASP C 224 20.45 32.52 -9.51
CA ASP C 224 19.70 32.64 -8.24
C ASP C 224 18.63 33.71 -8.30
N GLN C 225 18.93 34.80 -9.00
CA GLN C 225 17.98 35.89 -9.13
C GLN C 225 16.78 35.50 -9.97
N LEU C 226 17.03 34.82 -11.09
CA LEU C 226 15.95 34.40 -11.97
C LEU C 226 15.08 33.31 -11.37
N LEU C 227 15.68 32.41 -10.59
CA LEU C 227 14.88 31.36 -9.97
C LEU C 227 13.92 31.95 -8.93
N LYS C 228 14.20 33.16 -8.46
CA LYS C 228 13.31 33.79 -7.50
C LYS C 228 12.16 34.43 -8.24
N GLU C 229 12.40 34.84 -9.48
CA GLU C 229 11.34 35.47 -10.28
C GLU C 229 10.35 34.40 -10.75
N ASP C 230 10.86 33.19 -11.01
CA ASP C 230 10.02 32.08 -11.48
C ASP C 230 10.76 30.76 -11.29
N VAL C 231 10.51 30.10 -10.16
CA VAL C 231 11.15 28.84 -9.84
C VAL C 231 10.80 27.69 -10.79
N ARG C 232 9.85 27.93 -11.69
CA ARG C 232 9.43 26.91 -12.64
C ARG C 232 10.09 27.02 -14.02
N ASN C 233 10.95 28.02 -14.22
CA ASN C 233 11.63 28.19 -15.51
C ASN C 233 12.71 27.12 -15.67
N ASN C 234 12.40 26.11 -16.46
CA ASN C 234 13.28 24.97 -16.73
C ASN C 234 14.65 25.40 -17.31
N SER C 235 14.66 26.48 -18.08
CA SER C 235 15.87 26.99 -18.70
C SER C 235 16.88 27.45 -17.67
N VAL C 236 16.39 28.05 -16.58
CA VAL C 236 17.26 28.55 -15.53
C VAL C 236 17.87 27.40 -14.71
N TRP C 237 17.10 26.34 -14.48
CA TRP C 237 17.65 25.20 -13.76
C TRP C 237 18.76 24.58 -14.59
N ASN C 238 18.59 24.59 -15.91
CA ASN C 238 19.60 24.03 -16.79
C ASN C 238 20.86 24.89 -16.70
N GLN C 239 20.67 26.20 -16.68
CA GLN C 239 21.78 27.14 -16.61
C GLN C 239 22.57 26.90 -15.33
N ARG C 240 21.87 26.65 -14.22
CA ARG C 240 22.52 26.40 -12.94
C ARG C 240 23.46 25.20 -13.06
N HIS C 241 22.98 24.12 -13.66
CA HIS C 241 23.80 22.92 -13.81
C HIS C 241 25.00 23.20 -14.74
N PHE C 242 24.76 24.06 -15.73
CA PHE C 242 25.77 24.46 -16.69
C PHE C 242 26.93 25.14 -15.97
N VAL C 243 26.61 26.14 -15.16
CA VAL C 243 27.63 26.89 -14.42
C VAL C 243 28.43 26.00 -13.47
N ILE C 244 27.73 25.32 -12.56
CA ILE C 244 28.40 24.47 -11.59
C ILE C 244 29.26 23.36 -12.18
N SER C 245 28.72 22.59 -13.11
CA SER C 245 29.52 21.50 -13.68
C SER C 245 30.71 22.01 -14.50
N ASN C 246 30.71 23.29 -14.86
CA ASN C 246 31.82 23.86 -15.62
C ASN C 246 32.79 24.65 -14.74
N THR C 247 32.52 24.71 -13.44
CA THR C 247 33.42 25.40 -12.54
C THR C 247 33.91 24.44 -11.44
N THR C 248 33.20 24.38 -10.32
CA THR C 248 33.60 23.51 -9.22
C THR C 248 33.31 22.03 -9.46
N GLY C 249 32.24 21.72 -10.19
CA GLY C 249 31.88 20.33 -10.41
C GLY C 249 31.00 19.88 -9.25
N TYR C 250 30.53 18.64 -9.26
CA TYR C 250 29.68 18.16 -8.16
C TYR C 250 30.35 17.13 -7.28
N SER C 251 31.57 16.74 -7.64
CA SER C 251 32.33 15.75 -6.87
C SER C 251 32.76 16.28 -5.51
N ASP C 252 32.74 17.60 -5.34
CA ASP C 252 33.10 18.21 -4.07
C ASP C 252 31.90 18.06 -3.13
N ARG C 253 31.99 17.12 -2.19
CA ARG C 253 30.90 16.87 -1.26
C ARG C 253 30.27 18.10 -0.62
N ALA C 254 31.05 19.16 -0.48
CA ALA C 254 30.55 20.40 0.11
C ALA C 254 29.58 21.07 -0.86
N VAL C 255 29.91 21.01 -2.14
CA VAL C 255 29.08 21.60 -3.18
C VAL C 255 27.81 20.76 -3.42
N LEU C 256 27.97 19.44 -3.48
CA LEU C 256 26.83 18.56 -3.68
C LEU C 256 25.80 18.80 -2.57
N GLU C 257 26.28 18.90 -1.34
CA GLU C 257 25.38 19.12 -0.21
C GLU C 257 24.67 20.47 -0.32
N ARG C 258 25.43 21.49 -0.69
CA ARG C 258 24.91 22.84 -0.84
C ARG C 258 23.76 22.84 -1.86
N GLU C 259 23.98 22.13 -2.98
CA GLU C 259 23.01 22.04 -4.06
C GLU C 259 21.79 21.19 -3.72
N VAL C 260 22.00 20.03 -3.10
CA VAL C 260 20.89 19.18 -2.72
C VAL C 260 20.01 19.92 -1.71
N GLN C 261 20.65 20.67 -0.84
CA GLN C 261 19.94 21.42 0.18
C GLN C 261 19.15 22.57 -0.44
N TYR C 262 19.78 23.25 -1.40
CA TYR C 262 19.17 24.38 -2.10
C TYR C 262 17.91 23.96 -2.84
N THR C 263 17.99 22.79 -3.48
CA THR C 263 16.89 22.28 -4.25
C THR C 263 15.74 21.85 -3.35
N LEU C 264 16.05 21.16 -2.24
CA LEU C 264 15.01 20.75 -1.31
C LEU C 264 14.26 21.97 -0.79
N GLU C 265 14.95 23.10 -0.69
CA GLU C 265 14.31 24.33 -0.21
C GLU C 265 13.33 24.85 -1.25
N MET C 266 13.71 24.77 -2.52
CA MET C 266 12.87 25.22 -3.61
C MET C 266 11.65 24.31 -3.75
N ILE C 267 11.88 23.01 -3.56
CA ILE C 267 10.81 22.04 -3.64
C ILE C 267 9.79 22.31 -2.53
N LYS C 268 10.28 22.70 -1.36
CA LYS C 268 9.40 22.99 -0.23
C LYS C 268 8.53 24.21 -0.53
N LEU C 269 9.04 25.14 -1.33
CA LEU C 269 8.27 26.33 -1.68
C LEU C 269 7.20 26.05 -2.73
N VAL C 270 7.53 25.18 -3.68
CA VAL C 270 6.61 24.81 -4.76
C VAL C 270 6.85 23.34 -5.05
N PRO C 271 6.24 22.44 -4.27
CA PRO C 271 6.38 20.99 -4.42
C PRO C 271 6.08 20.40 -5.80
N HIS C 272 5.15 21.00 -6.54
CA HIS C 272 4.80 20.50 -7.87
C HIS C 272 5.61 21.25 -8.93
N ASN C 273 6.86 20.83 -9.11
CA ASN C 273 7.76 21.46 -10.06
C ASN C 273 8.73 20.43 -10.61
N GLU C 274 8.45 19.95 -11.82
CA GLU C 274 9.28 18.92 -12.45
C GLU C 274 10.76 19.35 -12.55
N SER C 275 10.98 20.62 -12.91
CA SER C 275 12.33 21.15 -13.05
C SER C 275 13.21 20.95 -11.82
N ALA C 276 12.69 21.33 -10.65
CA ALA C 276 13.42 21.17 -9.40
C ALA C 276 13.71 19.69 -9.14
N TRP C 277 12.69 18.85 -9.30
CA TRP C 277 12.89 17.42 -9.06
C TRP C 277 13.88 16.78 -10.04
N ASN C 278 13.85 17.23 -11.29
CA ASN C 278 14.76 16.69 -12.30
C ASN C 278 16.21 17.05 -12.00
N TYR C 279 16.43 18.25 -11.47
CA TYR C 279 17.76 18.72 -11.11
C TYR C 279 18.29 17.87 -9.95
N LEU C 280 17.45 17.72 -8.92
CA LEU C 280 17.80 16.91 -7.76
C LEU C 280 18.21 15.50 -8.18
N LYS C 281 17.37 14.83 -8.97
CA LYS C 281 17.69 13.48 -9.41
C LYS C 281 18.91 13.50 -10.34
N GLY C 282 19.00 14.55 -11.15
CA GLY C 282 20.10 14.67 -12.08
C GLY C 282 21.49 14.65 -11.46
N ILE C 283 21.67 15.42 -10.39
CA ILE C 283 22.98 15.49 -9.75
C ILE C 283 23.31 14.30 -8.85
N LEU C 284 22.35 13.39 -8.65
CA LEU C 284 22.58 12.23 -7.80
C LEU C 284 22.47 10.87 -8.47
N GLN C 285 21.70 10.79 -9.55
CA GLN C 285 21.48 9.50 -10.23
C GLN C 285 22.73 8.71 -10.64
N ASP C 286 23.81 9.40 -10.98
CA ASP C 286 24.98 8.67 -11.39
C ASP C 286 25.89 8.24 -10.26
N ARG C 287 25.76 8.87 -9.09
CA ARG C 287 26.57 8.46 -7.95
C ARG C 287 25.82 7.30 -7.28
N GLY C 288 24.53 7.18 -7.56
CA GLY C 288 23.73 6.11 -6.99
C GLY C 288 22.75 6.61 -5.95
N LEU C 289 21.47 6.67 -6.29
CA LEU C 289 20.44 7.16 -5.37
C LEU C 289 20.34 6.43 -4.03
N SER C 290 20.59 5.13 -4.04
CA SER C 290 20.51 4.35 -2.82
C SER C 290 21.68 4.58 -1.85
N ARG C 291 22.70 5.30 -2.27
CA ARG C 291 23.85 5.57 -1.40
C ARG C 291 23.63 6.75 -0.45
N TYR C 292 22.43 7.32 -0.45
CA TYR C 292 22.13 8.48 0.40
C TYR C 292 20.99 8.22 1.38
N PRO C 293 21.23 7.34 2.38
CA PRO C 293 20.24 6.98 3.40
C PRO C 293 19.43 8.12 4.01
N ASN C 294 20.07 9.25 4.32
CA ASN C 294 19.34 10.38 4.90
C ASN C 294 18.35 10.98 3.93
N LEU C 295 18.64 10.89 2.63
CA LEU C 295 17.75 11.46 1.63
C LEU C 295 16.44 10.69 1.61
N LEU C 296 16.53 9.37 1.60
CA LEU C 296 15.32 8.55 1.57
C LEU C 296 14.40 8.92 2.73
N ASN C 297 14.95 9.04 3.93
CA ASN C 297 14.15 9.39 5.11
C ASN C 297 13.53 10.76 5.01
N GLN C 298 14.33 11.75 4.61
CA GLN C 298 13.82 13.11 4.50
C GLN C 298 12.70 13.24 3.48
N LEU C 299 12.67 12.37 2.48
CA LEU C 299 11.62 12.43 1.47
C LEU C 299 10.37 11.74 1.99
N LEU C 300 10.55 10.57 2.62
CA LEU C 300 9.42 9.84 3.18
C LEU C 300 8.67 10.71 4.17
N ASP C 301 9.38 11.67 4.75
CA ASP C 301 8.80 12.60 5.73
C ASP C 301 8.04 13.74 5.08
N LEU C 302 8.38 14.04 3.83
CA LEU C 302 7.70 15.11 3.09
C LEU C 302 6.39 14.60 2.52
N GLN C 303 6.35 13.29 2.25
CA GLN C 303 5.18 12.64 1.65
C GLN C 303 3.84 13.12 2.20
N PRO C 304 3.68 13.15 3.54
CA PRO C 304 2.43 13.60 4.16
C PRO C 304 1.90 14.94 3.63
N SER C 305 2.75 15.97 3.66
CA SER C 305 2.35 17.31 3.21
C SER C 305 2.73 17.67 1.77
N HIS C 306 4.03 17.82 1.52
CA HIS C 306 4.54 18.19 0.20
C HIS C 306 4.56 17.07 -0.83
N SER C 307 3.49 16.27 -0.90
CA SER C 307 3.45 15.18 -1.86
C SER C 307 3.15 15.67 -3.29
N SER C 308 3.56 14.87 -4.26
CA SER C 308 3.35 15.13 -5.69
C SER C 308 3.79 13.89 -6.44
N PRO C 309 3.38 13.76 -7.71
CA PRO C 309 3.80 12.57 -8.45
C PRO C 309 5.33 12.52 -8.60
N TYR C 310 5.95 13.69 -8.65
CA TYR C 310 7.40 13.80 -8.78
C TYR C 310 8.13 13.17 -7.61
N LEU C 311 7.58 13.35 -6.41
CA LEU C 311 8.16 12.79 -5.21
C LEU C 311 8.02 11.26 -5.21
N ILE C 312 6.82 10.77 -5.50
CA ILE C 312 6.57 9.33 -5.52
C ILE C 312 7.50 8.61 -6.50
N ALA C 313 7.65 9.22 -7.67
CA ALA C 313 8.51 8.67 -8.70
C ALA C 313 9.97 8.61 -8.23
N PHE C 314 10.40 9.64 -7.53
CA PHE C 314 11.75 9.69 -7.01
C PHE C 314 11.97 8.49 -6.07
N LEU C 315 10.98 8.26 -5.20
CA LEU C 315 11.04 7.14 -4.27
C LEU C 315 11.15 5.82 -5.05
N VAL C 316 10.32 5.65 -6.07
CA VAL C 316 10.36 4.44 -6.88
C VAL C 316 11.78 4.23 -7.40
N ASP C 317 12.37 5.32 -7.87
CA ASP C 317 13.72 5.25 -8.41
C ASP C 317 14.75 4.91 -7.35
N ILE C 318 14.57 5.40 -6.13
CA ILE C 318 15.50 5.09 -5.04
C ILE C 318 15.45 3.58 -4.78
N TYR C 319 14.23 3.04 -4.69
CA TYR C 319 14.04 1.62 -4.45
C TYR C 319 14.63 0.80 -5.58
N GLU C 320 14.44 1.27 -6.81
CA GLU C 320 14.97 0.52 -7.93
C GLU C 320 16.49 0.43 -7.86
N ASP C 321 17.13 1.50 -7.41
CA ASP C 321 18.58 1.51 -7.29
C ASP C 321 19.03 0.50 -6.23
N MET C 322 18.22 0.34 -5.18
CA MET C 322 18.54 -0.62 -4.14
C MET C 322 18.53 -2.02 -4.72
N LEU C 323 17.42 -2.38 -5.37
CA LEU C 323 17.29 -3.70 -5.99
C LEU C 323 18.46 -3.94 -6.95
N GLU C 324 18.91 -2.86 -7.57
CA GLU C 324 20.03 -2.90 -8.51
C GLU C 324 21.31 -3.33 -7.84
N ASN C 325 21.48 -2.92 -6.59
CA ASN C 325 22.69 -3.24 -5.84
C ASN C 325 22.45 -4.30 -4.77
N GLN C 326 21.79 -5.39 -5.15
CA GLN C 326 21.50 -6.51 -4.26
C GLN C 326 21.45 -6.11 -2.77
N CYS C 327 20.40 -5.40 -2.39
CA CYS C 327 20.24 -4.96 -1.00
C CYS C 327 19.62 -6.05 -0.11
N ASP C 328 19.42 -5.71 1.16
CA ASP C 328 18.83 -6.64 2.12
C ASP C 328 17.30 -6.48 2.09
N ASN C 329 16.59 -7.61 2.04
CA ASN C 329 15.12 -7.63 1.99
C ASN C 329 14.64 -7.33 0.57
N LYS C 330 15.37 -7.86 -0.41
CA LYS C 330 15.03 -7.63 -1.80
C LYS C 330 13.54 -7.72 -2.04
N GLU C 331 12.92 -8.83 -1.63
CA GLU C 331 11.49 -9.01 -1.84
C GLU C 331 10.62 -7.94 -1.16
N ASP C 332 11.08 -7.43 -0.03
CA ASP C 332 10.31 -6.43 0.68
C ASP C 332 10.39 -5.07 -0.02
N ILE C 333 11.58 -4.75 -0.52
CA ILE C 333 11.80 -3.49 -1.23
C ILE C 333 10.97 -3.45 -2.50
N LEU C 334 11.03 -4.54 -3.27
CA LEU C 334 10.29 -4.65 -4.51
C LEU C 334 8.81 -4.33 -4.32
N ASN C 335 8.25 -4.78 -3.20
CA ASN C 335 6.84 -4.51 -2.94
C ASN C 335 6.57 -3.06 -2.61
N LYS C 336 7.55 -2.40 -2.00
CA LYS C 336 7.42 -0.99 -1.66
C LYS C 336 7.34 -0.20 -2.96
N ALA C 337 8.13 -0.64 -3.93
CA ALA C 337 8.17 0.02 -5.22
C ALA C 337 6.87 -0.20 -5.97
N LEU C 338 6.44 -1.46 -6.06
CA LEU C 338 5.21 -1.82 -6.76
C LEU C 338 4.02 -1.10 -6.16
N GLU C 339 4.01 -0.96 -4.84
CA GLU C 339 2.91 -0.27 -4.18
C GLU C 339 2.83 1.19 -4.66
N LEU C 340 4.00 1.79 -4.86
CA LEU C 340 4.06 3.18 -5.30
C LEU C 340 3.68 3.30 -6.77
N CYS C 341 4.12 2.34 -7.59
CA CYS C 341 3.79 2.36 -9.01
C CYS C 341 2.27 2.39 -9.18
N GLU C 342 1.59 1.54 -8.42
CA GLU C 342 0.13 1.46 -8.48
C GLU C 342 -0.52 2.75 -7.99
N ILE C 343 0.08 3.39 -6.99
CA ILE C 343 -0.46 4.63 -6.46
C ILE C 343 -0.38 5.71 -7.53
N LEU C 344 0.67 5.65 -8.33
CA LEU C 344 0.88 6.62 -9.41
C LEU C 344 -0.16 6.35 -10.50
N ALA C 345 -0.30 5.07 -10.87
CA ALA C 345 -1.26 4.65 -11.88
C ALA C 345 -2.71 4.96 -11.48
N LYS C 346 -3.10 4.50 -10.30
CA LYS C 346 -4.46 4.68 -9.79
C LYS C 346 -4.89 6.08 -9.36
N GLU C 347 -3.98 6.89 -8.83
CA GLU C 347 -4.42 8.21 -8.37
C GLU C 347 -3.50 9.43 -8.48
N LYS C 348 -2.19 9.25 -8.42
CA LYS C 348 -1.30 10.41 -8.46
C LYS C 348 -0.85 10.95 -9.82
N ASP C 349 -0.76 10.08 -10.82
CA ASP C 349 -0.33 10.46 -12.16
C ASP C 349 -1.09 9.57 -13.16
N THR C 350 -2.42 9.61 -13.08
CA THR C 350 -3.28 8.77 -13.92
C THR C 350 -3.12 8.83 -15.43
N ILE C 351 -2.75 9.98 -15.98
CA ILE C 351 -2.58 10.10 -17.42
C ILE C 351 -1.51 9.11 -17.92
N ARG C 352 -0.61 8.72 -17.03
CA ARG C 352 0.44 7.79 -17.40
C ARG C 352 0.22 6.41 -16.76
N LYS C 353 -1.03 6.13 -16.42
CA LYS C 353 -1.41 4.86 -15.79
C LYS C 353 -0.83 3.63 -16.47
N GLU C 354 -0.97 3.53 -17.78
CA GLU C 354 -0.45 2.38 -18.50
C GLU C 354 1.07 2.32 -18.45
N TYR C 355 1.71 3.49 -18.37
CA TYR C 355 3.16 3.55 -18.29
C TYR C 355 3.63 3.04 -16.95
N TRP C 356 3.02 3.54 -15.87
CA TRP C 356 3.40 3.12 -14.51
C TRP C 356 3.17 1.63 -14.26
N ARG C 357 2.08 1.09 -14.83
CA ARG C 357 1.77 -0.34 -14.70
C ARG C 357 2.83 -1.13 -15.45
N TYR C 358 3.31 -0.56 -16.55
CA TYR C 358 4.35 -1.18 -17.37
C TYR C 358 5.65 -1.19 -16.57
N ILE C 359 5.91 -0.12 -15.84
CA ILE C 359 7.12 -0.02 -15.03
C ILE C 359 7.08 -1.09 -13.95
N GLY C 360 5.90 -1.21 -13.32
CA GLY C 360 5.70 -2.20 -12.29
C GLY C 360 6.03 -3.60 -12.79
N ARG C 361 5.41 -3.99 -13.90
CA ARG C 361 5.65 -5.31 -14.46
C ARG C 361 7.14 -5.52 -14.72
N SER C 362 7.82 -4.47 -15.16
CA SER C 362 9.25 -4.55 -15.45
C SER C 362 10.07 -4.88 -14.21
N LEU C 363 9.70 -4.26 -13.09
CA LEU C 363 10.38 -4.48 -11.82
C LEU C 363 10.14 -5.91 -11.35
N GLN C 364 8.90 -6.36 -11.49
CA GLN C 364 8.50 -7.72 -11.12
C GLN C 364 9.36 -8.78 -11.79
N SER C 365 9.31 -8.79 -13.11
CA SER C 365 10.05 -9.77 -13.89
C SER C 365 11.56 -9.62 -13.84
N LYS C 366 12.07 -8.62 -13.11
CA LYS C 366 13.52 -8.47 -13.05
C LYS C 366 14.06 -8.75 -11.66
N HIS C 367 13.20 -8.66 -10.64
CA HIS C 367 13.64 -8.90 -9.27
C HIS C 367 12.72 -9.86 -8.50
N SER C 368 12.68 -11.13 -8.90
CA SER C 368 11.84 -12.12 -8.22
C SER C 368 12.40 -13.54 -8.24
N LEU D 18 -14.42 16.28 -31.25
CA LEU D 18 -14.91 16.68 -32.61
C LEU D 18 -14.47 15.69 -33.70
N ASP D 19 -14.89 15.94 -34.94
CA ASP D 19 -14.56 15.07 -36.07
C ASP D 19 -13.45 15.61 -36.96
N PHE D 20 -12.76 14.70 -37.64
CA PHE D 20 -11.67 15.05 -38.53
C PHE D 20 -12.15 15.43 -39.94
N LEU D 21 -12.08 16.71 -40.28
CA LEU D 21 -12.52 17.23 -41.58
C LEU D 21 -11.53 16.96 -42.72
N ARG D 22 -11.32 15.70 -43.07
CA ARG D 22 -10.38 15.32 -44.11
C ARG D 22 -10.39 16.13 -45.41
N ASP D 23 -11.56 16.24 -46.06
CA ASP D 23 -11.64 16.99 -47.32
C ASP D 23 -11.18 18.43 -47.19
N ARG D 24 -11.51 19.06 -46.08
CA ARG D 24 -11.14 20.43 -45.84
C ARG D 24 -9.60 20.57 -45.77
N HIS D 25 -8.94 19.55 -45.22
CA HIS D 25 -7.49 19.58 -45.11
C HIS D 25 -6.85 19.35 -46.46
N VAL D 26 -7.50 18.56 -47.31
CA VAL D 26 -6.96 18.32 -48.64
C VAL D 26 -6.96 19.66 -49.38
N ARG D 27 -8.05 20.39 -49.28
CA ARG D 27 -8.14 21.69 -49.95
C ARG D 27 -7.05 22.63 -49.42
N PHE D 28 -6.83 22.60 -48.12
CA PHE D 28 -5.81 23.44 -47.48
C PHE D 28 -4.45 23.17 -48.10
N PHE D 29 -4.06 21.91 -48.19
CA PHE D 29 -2.77 21.58 -48.77
C PHE D 29 -2.67 21.95 -50.24
N GLN D 30 -3.76 21.83 -50.99
CA GLN D 30 -3.74 22.19 -52.40
C GLN D 30 -3.48 23.68 -52.56
N ARG D 31 -4.12 24.49 -51.73
CA ARG D 31 -3.95 25.93 -51.79
C ARG D 31 -2.50 26.31 -51.47
N CYS D 32 -1.87 25.56 -50.58
CA CYS D 32 -0.47 25.82 -50.21
C CYS D 32 0.44 25.64 -51.41
N LEU D 33 0.16 24.63 -52.24
CA LEU D 33 0.99 24.38 -53.42
C LEU D 33 0.76 25.39 -54.52
N GLN D 34 -0.24 26.24 -54.37
CA GLN D 34 -0.54 27.22 -55.42
C GLN D 34 0.10 28.58 -55.24
N VAL D 35 -0.59 29.50 -54.57
CA VAL D 35 -0.06 30.83 -54.37
C VAL D 35 -0.26 31.30 -52.93
N LEU D 36 0.77 31.95 -52.38
CA LEU D 36 0.73 32.48 -51.03
C LEU D 36 0.79 34.01 -51.01
N PRO D 37 0.21 34.64 -49.97
CA PRO D 37 0.17 36.11 -49.80
C PRO D 37 1.56 36.64 -49.43
N GLU D 38 1.88 37.86 -49.87
CA GLU D 38 3.19 38.43 -49.60
C GLU D 38 3.60 38.37 -48.13
N ARG D 39 2.66 38.10 -47.24
CA ARG D 39 2.95 38.03 -45.82
C ARG D 39 3.75 36.78 -45.46
N TYR D 40 3.95 35.89 -46.43
CA TYR D 40 4.72 34.66 -46.18
C TYR D 40 6.11 34.74 -46.80
N SER D 41 6.50 35.96 -47.18
CA SER D 41 7.78 36.24 -47.81
C SER D 41 8.98 35.76 -47.00
N SER D 42 8.81 35.61 -45.69
CA SER D 42 9.91 35.15 -44.84
C SER D 42 10.17 33.65 -44.96
N LEU D 43 9.42 32.97 -45.82
CA LEU D 43 9.59 31.54 -46.03
C LEU D 43 10.15 31.27 -47.43
N GLU D 44 10.47 32.34 -48.14
CA GLU D 44 11.02 32.24 -49.49
C GLU D 44 12.18 31.28 -49.61
N THR D 45 13.18 31.40 -48.73
CA THR D 45 14.33 30.52 -48.83
C THR D 45 14.09 29.11 -48.35
N SER D 46 12.86 28.81 -47.95
CA SER D 46 12.53 27.46 -47.52
C SER D 46 11.19 27.00 -48.09
N ARG D 47 10.88 27.46 -49.30
CA ARG D 47 9.64 27.09 -49.96
C ARG D 47 9.57 25.59 -50.21
N LEU D 48 10.73 24.96 -50.43
CA LEU D 48 10.77 23.53 -50.67
C LEU D 48 10.25 22.74 -49.47
N THR D 49 10.50 23.22 -48.25
CA THR D 49 10.01 22.49 -47.09
C THR D 49 8.50 22.73 -46.91
N ILE D 50 8.00 23.86 -47.42
CA ILE D 50 6.55 24.13 -47.35
C ILE D 50 5.89 23.15 -48.31
N ALA D 51 6.53 22.94 -49.46
CA ALA D 51 6.04 22.00 -50.46
C ALA D 51 5.98 20.61 -49.85
N PHE D 52 7.01 20.25 -49.07
CA PHE D 52 7.08 18.97 -48.40
C PHE D 52 5.90 18.74 -47.44
N PHE D 53 5.60 19.73 -46.62
CA PHE D 53 4.49 19.62 -45.68
C PHE D 53 3.19 19.34 -46.46
N ALA D 54 3.00 20.07 -47.56
CA ALA D 54 1.80 19.91 -48.38
C ALA D 54 1.75 18.59 -49.15
N LEU D 55 2.87 18.22 -49.77
CA LEU D 55 2.90 16.98 -50.53
C LEU D 55 2.83 15.76 -49.63
N SER D 56 3.66 15.71 -48.60
CA SER D 56 3.66 14.59 -47.67
C SER D 56 2.33 14.53 -46.91
N GLY D 57 1.71 15.69 -46.75
CA GLY D 57 0.42 15.78 -46.07
C GLY D 57 -0.65 15.16 -46.96
N LEU D 58 -0.65 15.52 -48.23
CA LEU D 58 -1.62 14.97 -49.18
C LEU D 58 -1.40 13.47 -49.32
N ASP D 59 -0.15 13.05 -49.21
CA ASP D 59 0.19 11.63 -49.31
C ASP D 59 -0.45 10.93 -48.10
N MET D 60 -0.27 11.52 -46.92
CA MET D 60 -0.80 10.98 -45.68
C MET D 60 -2.31 10.87 -45.71
N LEU D 61 -2.98 11.71 -46.49
CA LEU D 61 -4.43 11.68 -46.60
C LEU D 61 -4.83 10.95 -47.88
N ASP D 62 -3.85 10.35 -48.54
CA ASP D 62 -4.06 9.62 -49.79
C ASP D 62 -4.82 10.46 -50.83
N SER D 63 -4.25 11.60 -51.21
CA SER D 63 -4.85 12.49 -52.18
C SER D 63 -3.82 13.12 -53.12
N LEU D 64 -2.71 12.44 -53.35
CA LEU D 64 -1.71 12.99 -54.24
C LEU D 64 -2.23 13.14 -55.66
N ASP D 65 -3.32 12.48 -55.98
CA ASP D 65 -3.86 12.57 -57.34
C ASP D 65 -4.46 13.94 -57.66
N VAL D 66 -4.61 14.82 -56.66
CA VAL D 66 -5.17 16.14 -56.94
C VAL D 66 -4.11 17.15 -57.41
N VAL D 67 -2.88 16.67 -57.64
CA VAL D 67 -1.78 17.52 -58.12
C VAL D 67 -1.06 16.86 -59.31
N ASN D 68 -0.46 17.68 -60.17
CA ASN D 68 0.26 17.13 -61.32
C ASN D 68 1.67 16.74 -60.89
N LYS D 69 1.85 15.48 -60.54
CA LYS D 69 3.14 15.01 -60.08
C LYS D 69 4.30 15.38 -61.02
N ASP D 70 4.05 15.31 -62.32
CA ASP D 70 5.09 15.61 -63.29
C ASP D 70 5.58 17.05 -63.25
N ASP D 71 4.66 18.00 -63.13
CA ASP D 71 5.02 19.42 -63.07
C ASP D 71 5.86 19.69 -61.84
N ILE D 72 5.39 19.23 -60.69
CA ILE D 72 6.10 19.44 -59.44
C ILE D 72 7.49 18.79 -59.42
N ILE D 73 7.62 17.61 -60.01
CA ILE D 73 8.92 16.94 -60.04
C ILE D 73 9.95 17.76 -60.83
N GLU D 74 9.48 18.44 -61.89
CA GLU D 74 10.39 19.26 -62.69
C GLU D 74 10.81 20.49 -61.90
N TRP D 75 9.87 21.05 -61.13
CA TRP D 75 10.16 22.22 -60.31
C TRP D 75 11.22 21.86 -59.27
N ILE D 76 11.06 20.70 -58.64
CA ILE D 76 12.00 20.27 -57.63
C ILE D 76 13.39 20.10 -58.25
N TYR D 77 13.46 19.42 -59.38
CA TYR D 77 14.75 19.23 -60.02
C TYR D 77 15.42 20.52 -60.44
N SER D 78 14.64 21.59 -60.61
CA SER D 78 15.19 22.87 -61.00
C SER D 78 15.87 23.50 -59.79
N LEU D 79 15.70 22.89 -58.63
CA LEU D 79 16.30 23.40 -57.40
C LEU D 79 17.61 22.69 -57.06
N GLN D 80 18.01 21.70 -57.86
CA GLN D 80 19.25 21.00 -57.58
C GLN D 80 20.49 21.77 -58.02
N VAL D 81 21.45 21.89 -57.12
CA VAL D 81 22.70 22.56 -57.44
C VAL D 81 23.62 21.47 -57.98
N LEU D 82 23.74 21.41 -59.30
CA LEU D 82 24.58 20.41 -59.96
C LEU D 82 26.02 20.84 -60.11
N PRO D 83 26.94 19.86 -60.20
CA PRO D 83 28.34 20.22 -60.36
C PRO D 83 28.59 20.83 -61.73
N THR D 84 29.47 21.83 -61.77
CA THR D 84 29.80 22.52 -63.02
C THR D 84 30.72 21.65 -63.90
N GLU D 85 30.99 22.13 -65.10
CA GLU D 85 31.85 21.41 -66.04
C GLU D 85 33.16 20.96 -65.39
N ASP D 86 33.85 21.91 -64.77
CA ASP D 86 35.13 21.63 -64.12
C ASP D 86 34.99 20.91 -62.77
N ARG D 87 33.75 20.69 -62.33
CA ARG D 87 33.46 20.02 -61.06
C ARG D 87 34.23 20.63 -59.88
N SER D 88 34.35 21.96 -59.89
CA SER D 88 35.07 22.67 -58.82
C SER D 88 34.14 23.15 -57.72
N ASN D 89 32.86 22.77 -57.81
CA ASN D 89 31.88 23.18 -56.80
C ASN D 89 31.20 22.00 -56.14
N LEU D 90 31.88 20.85 -56.09
CA LEU D 90 31.28 19.65 -55.47
C LEU D 90 30.88 19.86 -54.03
N ASP D 91 31.70 20.56 -53.27
CA ASP D 91 31.44 20.84 -51.87
C ASP D 91 30.22 21.71 -51.63
N ARG D 92 29.54 22.12 -52.69
CA ARG D 92 28.38 22.98 -52.56
C ARG D 92 27.13 22.43 -53.21
N CYS D 93 27.16 21.17 -53.59
CA CYS D 93 26.00 20.58 -54.24
C CYS D 93 24.93 20.10 -53.27
N GLY D 94 23.72 19.98 -53.79
CA GLY D 94 22.57 19.57 -53.00
C GLY D 94 21.37 20.29 -53.59
N PHE D 95 20.45 20.78 -52.76
CA PHE D 95 19.28 21.50 -53.27
C PHE D 95 19.09 22.88 -52.64
N ARG D 96 18.42 23.77 -53.38
CA ARG D 96 18.14 25.13 -52.92
C ARG D 96 16.71 25.11 -52.38
N GLY D 97 16.39 26.08 -51.53
CA GLY D 97 15.05 26.15 -50.98
C GLY D 97 14.07 26.74 -51.97
N SER D 98 14.58 27.53 -52.90
CA SER D 98 13.76 28.16 -53.94
C SER D 98 14.66 28.75 -55.01
N SER D 99 14.07 29.53 -55.90
CA SER D 99 14.80 30.14 -56.98
C SER D 99 15.16 31.62 -56.74
N TYR D 100 15.18 32.02 -55.48
CA TYR D 100 15.48 33.42 -55.16
C TYR D 100 16.80 34.00 -55.70
N LEU D 101 17.76 33.15 -56.07
CA LEU D 101 19.02 33.70 -56.58
C LEU D 101 18.97 34.19 -58.02
N GLY D 102 17.94 33.81 -58.75
CA GLY D 102 17.82 34.26 -60.12
C GLY D 102 18.49 33.39 -61.17
N ILE D 103 18.81 32.14 -60.81
CA ILE D 103 19.43 31.26 -61.78
C ILE D 103 18.36 30.76 -62.76
N PRO D 104 18.65 30.80 -64.07
CA PRO D 104 17.70 30.36 -65.09
C PRO D 104 17.18 28.93 -64.91
N PHE D 105 15.87 28.78 -65.01
CA PHE D 105 15.17 27.50 -64.85
C PHE D 105 15.87 26.35 -65.60
N ASN D 106 16.22 25.30 -64.87
CA ASN D 106 16.88 24.15 -65.46
C ASN D 106 16.59 22.89 -64.65
N PRO D 107 15.58 22.10 -65.06
CA PRO D 107 15.21 20.87 -64.36
C PRO D 107 16.26 19.76 -64.43
N SER D 108 17.45 20.05 -63.93
CA SER D 108 18.56 19.10 -63.92
C SER D 108 18.78 18.47 -65.29
N LYS D 109 18.79 19.31 -66.33
CA LYS D 109 19.00 18.86 -67.69
C LYS D 109 20.44 19.18 -68.11
N ASN D 110 20.76 20.48 -68.20
CA ASN D 110 22.09 20.92 -68.59
C ASN D 110 22.99 20.91 -67.36
N PRO D 111 24.30 21.06 -67.53
CA PRO D 111 25.22 21.07 -66.39
C PRO D 111 25.08 22.34 -65.56
N GLY D 112 25.69 22.35 -64.38
CA GLY D 112 25.59 23.50 -63.50
C GLY D 112 26.20 24.80 -63.98
N THR D 113 25.45 25.88 -63.82
CA THR D 113 25.90 27.21 -64.21
C THR D 113 26.56 27.88 -63.00
N ALA D 114 27.85 28.17 -63.11
CA ALA D 114 28.61 28.79 -62.03
C ALA D 114 27.98 30.07 -61.50
N HIS D 115 28.08 30.27 -60.19
CA HIS D 115 27.54 31.45 -59.51
C HIS D 115 28.28 31.52 -58.18
N PRO D 116 28.83 32.69 -57.84
CA PRO D 116 29.59 32.88 -56.60
C PRO D 116 28.89 32.52 -55.28
N TYR D 117 27.57 32.57 -55.25
CA TYR D 117 26.86 32.29 -54.00
C TYR D 117 25.78 31.21 -54.06
N ASP D 118 25.77 30.41 -55.12
CA ASP D 118 24.77 29.36 -55.25
C ASP D 118 25.26 28.02 -54.71
N SER D 119 24.57 27.51 -53.70
CA SER D 119 24.92 26.23 -53.12
C SER D 119 23.70 25.65 -52.40
N GLY D 120 23.78 24.39 -52.01
CA GLY D 120 22.65 23.76 -51.35
C GLY D 120 22.48 24.05 -49.88
N HIS D 121 21.33 23.65 -49.35
CA HIS D 121 21.01 23.83 -47.94
C HIS D 121 20.58 22.44 -47.45
N ILE D 122 21.26 21.94 -46.43
CA ILE D 122 20.99 20.60 -45.91
C ILE D 122 19.52 20.24 -45.66
N ALA D 123 18.72 21.18 -45.17
CA ALA D 123 17.30 20.90 -44.93
C ALA D 123 16.52 20.85 -46.23
N MET D 124 17.06 21.47 -47.27
CA MET D 124 16.39 21.48 -48.57
C MET D 124 16.77 20.22 -49.35
N THR D 125 17.99 19.75 -49.16
CA THR D 125 18.42 18.53 -49.84
C THR D 125 17.56 17.39 -49.26
N TYR D 126 17.36 17.42 -47.95
CA TYR D 126 16.55 16.43 -47.28
C TYR D 126 15.11 16.46 -47.76
N THR D 127 14.43 17.60 -47.61
CA THR D 127 13.03 17.69 -48.04
C THR D 127 12.85 17.52 -49.54
N GLY D 128 13.88 17.90 -50.30
CA GLY D 128 13.81 17.75 -51.75
C GLY D 128 13.77 16.29 -52.16
N LEU D 129 14.76 15.50 -51.72
CA LEU D 129 14.83 14.08 -52.02
C LEU D 129 13.56 13.41 -51.51
N SER D 130 13.15 13.81 -50.32
CA SER D 130 11.96 13.28 -49.70
C SER D 130 10.73 13.52 -50.60
N CYS D 131 10.59 14.72 -51.16
CA CYS D 131 9.47 15.04 -52.04
C CYS D 131 9.49 14.21 -53.32
N LEU D 132 10.68 14.05 -53.90
CA LEU D 132 10.82 13.28 -55.14
C LEU D 132 10.30 11.87 -54.94
N ILE D 133 10.67 11.24 -53.82
CA ILE D 133 10.23 9.87 -53.52
C ILE D 133 8.71 9.81 -53.32
N ILE D 134 8.18 10.80 -52.63
CA ILE D 134 6.74 10.84 -52.40
C ILE D 134 5.98 10.95 -53.74
N LEU D 135 6.54 11.71 -54.67
CA LEU D 135 5.92 11.91 -55.97
C LEU D 135 6.12 10.75 -56.95
N GLY D 136 6.91 9.76 -56.55
CA GLY D 136 7.13 8.61 -57.41
C GLY D 136 8.39 8.60 -58.25
N ASP D 137 9.14 9.70 -58.24
CA ASP D 137 10.37 9.75 -59.02
C ASP D 137 11.33 8.68 -58.52
N ASP D 138 12.29 8.30 -59.36
CA ASP D 138 13.26 7.28 -58.99
C ASP D 138 14.66 7.82 -58.67
N LEU D 139 14.78 9.14 -58.55
CA LEU D 139 16.04 9.79 -58.22
C LEU D 139 17.16 9.59 -59.23
N SER D 140 16.82 9.20 -60.45
CA SER D 140 17.84 8.98 -61.47
C SER D 140 18.53 10.28 -61.89
N ARG D 141 17.83 11.41 -61.78
CA ARG D 141 18.41 12.70 -62.14
C ARG D 141 19.12 13.39 -60.97
N VAL D 142 19.23 12.68 -59.85
CA VAL D 142 19.91 13.21 -58.68
C VAL D 142 21.38 12.78 -58.76
N ASP D 143 22.30 13.74 -58.64
CA ASP D 143 23.71 13.42 -58.68
C ASP D 143 24.10 12.97 -57.28
N LYS D 144 23.81 11.72 -56.96
CA LYS D 144 24.09 11.17 -55.65
C LYS D 144 25.49 11.47 -55.11
N GLU D 145 26.51 11.26 -55.91
CA GLU D 145 27.87 11.51 -55.43
C GLU D 145 28.13 12.97 -55.08
N ALA D 146 27.53 13.88 -55.84
CA ALA D 146 27.70 15.31 -55.59
C ALA D 146 27.01 15.69 -54.29
N CYS D 147 25.80 15.17 -54.07
CA CYS D 147 25.08 15.46 -52.84
C CYS D 147 25.84 14.98 -51.62
N LEU D 148 26.36 13.76 -51.70
CA LEU D 148 27.12 13.19 -50.58
C LEU D 148 28.41 13.98 -50.34
N ALA D 149 29.00 14.51 -51.41
CA ALA D 149 30.22 15.30 -51.28
C ALA D 149 29.88 16.59 -50.54
N GLY D 150 28.74 17.18 -50.89
CA GLY D 150 28.30 18.40 -50.25
C GLY D 150 27.98 18.14 -48.79
N LEU D 151 27.34 17.00 -48.51
CA LEU D 151 26.99 16.66 -47.15
C LEU D 151 28.25 16.55 -46.28
N ARG D 152 29.23 15.78 -46.73
CA ARG D 152 30.48 15.63 -45.98
C ARG D 152 31.09 16.97 -45.59
N ALA D 153 31.05 17.91 -46.51
CA ALA D 153 31.65 19.23 -46.28
C ALA D 153 30.98 20.02 -45.15
N LEU D 154 29.74 19.68 -44.82
CA LEU D 154 29.01 20.39 -43.79
C LEU D 154 29.29 19.94 -42.35
N GLN D 155 29.86 18.74 -42.19
CA GLN D 155 30.11 18.23 -40.85
C GLN D 155 31.29 18.91 -40.16
N LEU D 156 31.11 19.23 -38.88
CA LEU D 156 32.15 19.88 -38.08
C LEU D 156 32.95 18.87 -37.26
N GLU D 157 34.03 19.34 -36.64
CA GLU D 157 34.88 18.47 -35.85
C GLU D 157 34.12 17.73 -34.74
N ASP D 158 33.15 18.40 -34.11
CA ASP D 158 32.41 17.77 -33.03
C ASP D 158 31.33 16.78 -33.46
N GLY D 159 31.20 16.57 -34.75
CA GLY D 159 30.23 15.61 -35.24
C GLY D 159 28.93 16.19 -35.78
N SER D 160 28.57 17.41 -35.35
CA SER D 160 27.34 18.01 -35.83
C SER D 160 27.50 18.58 -37.25
N PHE D 161 26.43 19.19 -37.76
CA PHE D 161 26.43 19.75 -39.13
C PHE D 161 25.96 21.20 -39.22
N CYS D 162 26.35 21.86 -40.31
CA CYS D 162 25.92 23.21 -40.62
C CYS D 162 24.90 23.03 -41.74
N ALA D 163 24.15 24.07 -42.08
CA ALA D 163 23.16 23.95 -43.15
C ALA D 163 23.69 24.30 -44.52
N VAL D 164 24.68 25.19 -44.57
CA VAL D 164 25.26 25.64 -45.83
C VAL D 164 26.77 25.76 -45.74
N PRO D 165 27.47 25.52 -46.86
CA PRO D 165 28.93 25.61 -46.89
C PRO D 165 29.50 26.97 -46.52
N GLU D 166 28.73 28.04 -46.75
CA GLU D 166 29.21 29.39 -46.41
C GLU D 166 29.23 29.59 -44.90
N GLY D 167 28.58 28.70 -44.16
CA GLY D 167 28.55 28.81 -42.72
C GLY D 167 27.19 29.14 -42.14
N SER D 168 26.89 28.60 -40.97
CA SER D 168 25.62 28.83 -40.30
C SER D 168 25.75 28.28 -38.91
N GLU D 169 24.67 28.30 -38.16
CA GLU D 169 24.70 27.73 -36.81
C GLU D 169 24.74 26.22 -37.02
N ASN D 170 25.13 25.47 -35.99
CA ASN D 170 25.18 24.02 -36.09
C ASN D 170 24.52 23.38 -34.88
N ASP D 171 23.71 22.36 -35.11
CA ASP D 171 23.03 21.66 -34.02
C ASP D 171 22.37 20.37 -34.47
N MET D 172 21.61 19.77 -33.55
CA MET D 172 20.93 18.51 -33.79
C MET D 172 19.97 18.50 -34.98
N ARG D 173 19.34 19.62 -35.27
CA ARG D 173 18.42 19.69 -36.40
C ARG D 173 19.08 19.20 -37.67
N PHE D 174 20.30 19.66 -37.92
CA PHE D 174 21.02 19.30 -39.12
C PHE D 174 21.63 17.90 -39.08
N VAL D 175 21.83 17.36 -37.88
CA VAL D 175 22.35 15.99 -37.76
C VAL D 175 21.24 15.06 -38.28
N TYR D 176 20.00 15.39 -37.95
CA TYR D 176 18.87 14.59 -38.42
C TYR D 176 18.72 14.67 -39.93
N CYS D 177 18.95 15.86 -40.49
CA CYS D 177 18.87 16.05 -41.93
C CYS D 177 19.92 15.20 -42.64
N ALA D 178 21.13 15.22 -42.12
CA ALA D 178 22.23 14.45 -42.68
C ALA D 178 21.86 12.97 -42.67
N SER D 179 21.33 12.51 -41.54
CA SER D 179 20.93 11.11 -41.39
C SER D 179 19.88 10.70 -42.43
N CYS D 180 18.86 11.53 -42.62
CA CYS D 180 17.81 11.24 -43.58
C CYS D 180 18.36 11.18 -45.00
N ILE D 181 19.29 12.06 -45.32
CA ILE D 181 19.87 12.10 -46.64
C ILE D 181 20.64 10.80 -46.90
N CYS D 182 21.52 10.43 -45.96
CA CYS D 182 22.30 9.21 -46.11
C CYS D 182 21.38 8.00 -46.22
N TYR D 183 20.32 7.99 -45.43
CA TYR D 183 19.38 6.88 -45.46
C TYR D 183 18.67 6.74 -46.80
N MET D 184 18.15 7.84 -47.33
CA MET D 184 17.44 7.82 -48.60
C MET D 184 18.34 7.48 -49.78
N LEU D 185 19.57 7.96 -49.77
CA LEU D 185 20.49 7.66 -50.86
C LEU D 185 21.13 6.31 -50.55
N ASN D 186 20.68 5.71 -49.46
CA ASN D 186 21.19 4.41 -49.03
C ASN D 186 22.72 4.33 -49.12
N ASN D 187 23.39 5.34 -48.58
CA ASN D 187 24.84 5.43 -48.60
C ASN D 187 25.30 6.32 -47.45
N TRP D 188 26.00 5.78 -46.47
CA TRP D 188 26.44 6.58 -45.34
C TRP D 188 27.82 7.21 -45.48
N SER D 189 28.34 7.30 -46.70
CA SER D 189 29.64 7.92 -46.91
C SER D 189 29.49 9.43 -46.77
N GLY D 190 28.23 9.87 -46.66
CA GLY D 190 27.96 11.29 -46.53
C GLY D 190 28.31 11.84 -45.17
N MET D 191 28.67 10.99 -44.23
CA MET D 191 29.02 11.48 -42.90
C MET D 191 29.96 10.55 -42.17
N ASP D 192 30.59 11.09 -41.12
CA ASP D 192 31.47 10.31 -40.26
C ASP D 192 30.55 9.91 -39.11
N MET D 193 29.88 8.78 -39.28
CA MET D 193 28.93 8.28 -38.31
C MET D 193 29.44 8.21 -36.86
N LYS D 194 30.71 7.88 -36.69
CA LYS D 194 31.28 7.78 -35.35
C LYS D 194 31.23 9.12 -34.63
N LYS D 195 31.60 10.19 -35.32
CA LYS D 195 31.57 11.52 -34.73
C LYS D 195 30.15 12.04 -34.50
N ALA D 196 29.23 11.70 -35.37
CA ALA D 196 27.84 12.12 -35.24
C ALA D 196 27.24 11.49 -33.98
N ILE D 197 27.52 10.21 -33.79
CA ILE D 197 27.02 9.46 -32.62
C ILE D 197 27.58 10.09 -31.35
N SER D 198 28.84 10.51 -31.42
CA SER D 198 29.47 11.14 -30.27
C SER D 198 28.72 12.43 -29.91
N TYR D 199 28.38 13.21 -30.93
CA TYR D 199 27.65 14.46 -30.73
C TYR D 199 26.29 14.18 -30.08
N ILE D 200 25.60 13.16 -30.59
CA ILE D 200 24.29 12.82 -30.07
C ILE D 200 24.39 12.41 -28.59
N ARG D 201 25.39 11.59 -28.24
CA ARG D 201 25.54 11.19 -26.84
C ARG D 201 25.78 12.37 -25.93
N ARG D 202 26.69 13.25 -26.34
CA ARG D 202 27.03 14.40 -25.53
C ARG D 202 25.92 15.42 -25.32
N SER D 203 24.87 15.31 -26.11
CA SER D 203 23.76 16.25 -25.98
C SER D 203 22.78 15.83 -24.89
N MET D 204 22.95 14.63 -24.34
CA MET D 204 22.05 14.18 -23.28
C MET D 204 22.26 15.03 -22.02
N SER D 205 21.15 15.58 -21.51
CA SER D 205 21.15 16.42 -20.34
C SER D 205 21.07 15.62 -19.02
N TYR D 206 21.26 16.33 -17.90
CA TYR D 206 21.18 15.70 -16.58
C TYR D 206 19.76 15.19 -16.33
N ASP D 207 18.75 15.77 -16.99
CA ASP D 207 17.38 15.33 -16.80
C ASP D 207 17.03 14.20 -17.78
N ASN D 208 18.04 13.77 -18.53
CA ASN D 208 17.95 12.67 -19.48
C ASN D 208 17.32 12.87 -20.85
N GLY D 209 16.90 14.09 -21.17
CA GLY D 209 16.37 14.36 -22.49
C GLY D 209 17.57 14.69 -23.38
N LEU D 210 17.34 15.02 -24.64
CA LEU D 210 18.44 15.38 -25.53
C LEU D 210 18.32 16.85 -25.90
N ALA D 211 19.42 17.59 -25.84
CA ALA D 211 19.41 19.02 -26.17
C ALA D 211 19.94 19.27 -27.58
N GLN D 212 19.91 20.51 -28.03
CA GLN D 212 20.42 20.85 -29.36
C GLN D 212 21.93 20.63 -29.41
N GLY D 213 22.56 20.66 -28.24
CA GLY D 213 24.00 20.45 -28.13
C GLY D 213 24.37 20.31 -26.66
N ALA D 214 25.59 19.88 -26.39
CA ALA D 214 26.08 19.70 -25.03
C ALA D 214 25.85 20.89 -24.09
N GLY D 215 25.33 20.61 -22.90
CA GLY D 215 25.11 21.66 -21.92
C GLY D 215 23.80 22.42 -22.05
N LEU D 216 23.20 22.40 -23.24
CA LEU D 216 21.94 23.09 -23.47
C LEU D 216 20.73 22.37 -22.83
N GLU D 217 19.61 23.06 -22.74
CA GLU D 217 18.39 22.51 -22.16
C GLU D 217 17.81 21.43 -23.07
N SER D 218 17.50 20.26 -22.51
CA SER D 218 16.92 19.16 -23.30
C SER D 218 15.60 19.65 -23.90
N HIS D 219 15.28 19.18 -25.09
CA HIS D 219 14.11 19.64 -25.81
C HIS D 219 13.45 18.55 -26.66
N GLY D 220 12.12 18.57 -26.76
CA GLY D 220 11.41 17.56 -27.53
C GLY D 220 11.84 17.45 -28.98
N GLY D 221 12.16 18.60 -29.60
CA GLY D 221 12.59 18.61 -30.98
C GLY D 221 13.94 17.96 -31.17
N SER D 222 14.92 18.31 -30.34
CA SER D 222 16.25 17.74 -30.47
C SER D 222 16.30 16.27 -30.03
N THR D 223 15.42 15.90 -29.10
CA THR D 223 15.36 14.52 -28.65
C THR D 223 14.88 13.67 -29.83
N PHE D 224 13.88 14.16 -30.56
CA PHE D 224 13.39 13.44 -31.72
C PHE D 224 14.53 13.30 -32.74
N CYS D 225 15.17 14.42 -33.05
CA CYS D 225 16.26 14.42 -34.02
C CYS D 225 17.36 13.43 -33.66
N GLY D 226 17.74 13.39 -32.38
CA GLY D 226 18.78 12.48 -31.97
C GLY D 226 18.36 11.01 -32.02
N ILE D 227 17.23 10.68 -31.40
CA ILE D 227 16.75 9.30 -31.40
C ILE D 227 16.45 8.80 -32.81
N ALA D 228 15.77 9.61 -33.61
CA ALA D 228 15.44 9.22 -34.98
C ALA D 228 16.70 8.98 -35.81
N SER D 229 17.72 9.81 -35.60
CA SER D 229 18.97 9.67 -36.34
C SER D 229 19.60 8.32 -36.04
N LEU D 230 19.65 7.98 -34.75
CA LEU D 230 20.23 6.70 -34.34
C LEU D 230 19.43 5.53 -34.92
N CYS D 231 18.10 5.64 -34.92
CA CYS D 231 17.25 4.57 -35.47
C CYS D 231 17.52 4.39 -36.96
N LEU D 232 17.70 5.51 -37.67
CA LEU D 232 17.99 5.49 -39.09
C LEU D 232 19.33 4.81 -39.35
N MET D 233 20.29 5.00 -38.43
CA MET D 233 21.61 4.38 -38.56
C MET D 233 21.54 2.94 -38.05
N GLY D 234 20.43 2.63 -37.37
CA GLY D 234 20.25 1.31 -36.80
C GLY D 234 21.21 1.06 -35.66
N LYS D 235 21.42 2.04 -34.78
CA LYS D 235 22.35 1.89 -33.68
C LYS D 235 21.82 2.37 -32.33
N LEU D 236 20.51 2.47 -32.19
CA LEU D 236 19.94 2.94 -30.94
C LEU D 236 20.43 2.11 -29.77
N GLU D 237 20.20 0.80 -29.86
CA GLU D 237 20.59 -0.18 -28.83
C GLU D 237 22.09 -0.18 -28.54
N GLU D 238 22.88 0.06 -29.57
CA GLU D 238 24.32 0.07 -29.44
C GLU D 238 24.89 1.33 -28.81
N VAL D 239 24.19 2.45 -28.93
CA VAL D 239 24.66 3.71 -28.37
C VAL D 239 24.22 3.98 -26.95
N PHE D 240 22.98 3.61 -26.62
CA PHE D 240 22.47 3.85 -25.27
C PHE D 240 22.20 2.52 -24.54
N SER D 241 22.58 2.46 -23.26
CA SER D 241 22.37 1.27 -22.46
C SER D 241 20.89 1.15 -22.13
N GLU D 242 20.48 0.01 -21.59
CA GLU D 242 19.08 -0.19 -21.23
C GLU D 242 18.68 0.83 -20.16
N LYS D 243 19.58 1.07 -19.21
CA LYS D 243 19.31 2.03 -18.15
C LYS D 243 19.12 3.41 -18.74
N GLU D 244 19.97 3.77 -19.70
CA GLU D 244 19.90 5.06 -20.37
C GLU D 244 18.58 5.22 -21.14
N LEU D 245 18.23 4.20 -21.91
CA LEU D 245 17.00 4.23 -22.68
C LEU D 245 15.78 4.37 -21.77
N ASN D 246 15.84 3.77 -20.59
CA ASN D 246 14.73 3.86 -19.65
C ASN D 246 14.56 5.28 -19.17
N ARG D 247 15.68 5.97 -18.94
CA ARG D 247 15.65 7.36 -18.49
C ARG D 247 15.12 8.28 -19.59
N ILE D 248 15.54 8.03 -20.84
CA ILE D 248 15.09 8.83 -21.97
C ILE D 248 13.57 8.65 -22.13
N LYS D 249 13.11 7.40 -21.99
CA LYS D 249 11.69 7.10 -22.11
C LYS D 249 10.91 7.87 -21.05
N ARG D 250 11.43 7.87 -19.84
CA ARG D 250 10.77 8.56 -18.74
C ARG D 250 10.63 10.04 -19.07
N TRP D 251 11.72 10.64 -19.57
CA TRP D 251 11.69 12.06 -19.90
C TRP D 251 10.64 12.36 -20.98
N CYS D 252 10.61 11.53 -22.02
CA CYS D 252 9.66 11.70 -23.09
C CYS D 252 8.20 11.56 -22.66
N ILE D 253 7.87 10.44 -21.99
CA ILE D 253 6.48 10.24 -21.58
C ILE D 253 5.97 11.29 -20.60
N MET D 254 6.89 11.97 -19.92
CA MET D 254 6.49 13.03 -18.99
C MET D 254 6.07 14.29 -19.74
N ARG D 255 6.25 14.29 -21.06
CA ARG D 255 5.89 15.44 -21.87
C ARG D 255 4.40 15.56 -22.15
N GLN D 256 3.63 14.50 -21.92
CA GLN D 256 2.19 14.59 -22.17
C GLN D 256 1.43 15.24 -21.03
N GLN D 257 0.69 16.30 -21.34
CA GLN D 257 -0.11 17.04 -20.36
C GLN D 257 -1.57 16.70 -20.68
N ASN D 258 -1.86 16.68 -21.97
CA ASN D 258 -3.14 16.33 -22.59
C ASN D 258 -2.60 16.15 -24.00
N GLY D 259 -2.09 17.26 -24.55
CA GLY D 259 -1.41 17.26 -25.83
C GLY D 259 0.02 17.16 -25.34
N TYR D 260 1.01 17.55 -26.13
CA TYR D 260 2.40 17.48 -25.69
C TYR D 260 3.13 18.83 -25.73
N HIS D 261 4.04 19.04 -24.79
CA HIS D 261 4.84 20.26 -24.78
C HIS D 261 6.27 19.85 -25.12
N GLY D 262 7.12 20.81 -25.48
CA GLY D 262 8.49 20.50 -25.86
C GLY D 262 9.51 20.50 -24.73
N ARG D 263 9.15 21.11 -23.60
CA ARG D 263 10.04 21.20 -22.45
C ARG D 263 9.22 21.27 -21.17
N PRO D 264 9.79 20.79 -20.05
CA PRO D 264 9.06 20.84 -18.78
C PRO D 264 8.58 22.27 -18.51
N ASN D 265 7.36 22.39 -17.98
CA ASN D 265 6.76 23.68 -17.65
C ASN D 265 6.48 24.64 -18.80
N LYS D 266 6.34 24.10 -20.00
CA LYS D 266 6.01 24.91 -21.17
C LYS D 266 4.63 24.49 -21.64
N PRO D 267 3.87 25.41 -22.26
CA PRO D 267 2.53 25.06 -22.74
C PRO D 267 2.56 24.06 -23.91
N VAL D 268 1.53 23.22 -24.02
CA VAL D 268 1.48 22.23 -25.08
C VAL D 268 1.37 22.90 -26.44
N ASP D 269 1.83 22.19 -27.45
CA ASP D 269 1.85 22.68 -28.82
C ASP D 269 1.61 21.48 -29.76
N THR D 270 0.61 21.58 -30.61
CA THR D 270 0.26 20.50 -31.54
C THR D 270 1.42 19.75 -32.20
N CYS D 271 2.41 20.46 -32.74
CA CYS D 271 3.49 19.77 -33.42
C CYS D 271 4.27 18.79 -32.56
N TYR D 272 4.20 18.94 -31.24
CA TYR D 272 4.92 18.01 -30.37
C TYR D 272 4.24 16.65 -30.27
N SER D 273 2.99 16.58 -30.74
CA SER D 273 2.27 15.32 -30.75
C SER D 273 3.05 14.41 -31.71
N PHE D 274 3.79 15.02 -32.64
CA PHE D 274 4.61 14.21 -33.54
C PHE D 274 6.04 14.13 -33.02
N TRP D 275 6.68 15.28 -32.75
CA TRP D 275 8.07 15.28 -32.26
C TRP D 275 8.29 14.29 -31.11
N VAL D 276 7.49 14.40 -30.06
CA VAL D 276 7.61 13.52 -28.90
C VAL D 276 6.91 12.18 -29.14
N GLY D 277 5.72 12.24 -29.72
CA GLY D 277 4.96 11.04 -30.00
C GLY D 277 5.75 10.06 -30.86
N ALA D 278 6.42 10.58 -31.88
CA ALA D 278 7.21 9.74 -32.77
C ALA D 278 8.41 9.14 -32.03
N THR D 279 8.97 9.89 -31.08
CA THR D 279 10.12 9.40 -30.33
C THR D 279 9.65 8.23 -29.46
N LEU D 280 8.49 8.41 -28.83
CA LEU D 280 7.92 7.37 -27.98
C LEU D 280 7.64 6.13 -28.83
N LYS D 281 7.17 6.33 -30.06
CA LYS D 281 6.88 5.21 -30.94
C LYS D 281 8.18 4.47 -31.25
N LEU D 282 9.25 5.22 -31.51
CA LEU D 282 10.53 4.59 -31.80
C LEU D 282 11.06 3.84 -30.59
N LEU D 283 10.72 4.33 -29.38
CA LEU D 283 11.17 3.69 -28.15
C LEU D 283 10.16 2.61 -27.70
N LYS D 284 9.19 2.33 -28.57
CA LYS D 284 8.17 1.31 -28.33
C LYS D 284 7.31 1.45 -27.08
N ILE D 285 7.01 2.67 -26.66
CA ILE D 285 6.16 2.82 -25.49
C ILE D 285 5.05 3.85 -25.74
N PHE D 286 4.88 4.27 -27.00
CA PHE D 286 3.83 5.24 -27.32
C PHE D 286 2.48 4.62 -26.97
N GLN D 287 2.41 3.29 -27.07
CA GLN D 287 1.22 2.51 -26.76
C GLN D 287 0.73 2.72 -25.33
N TYR D 288 1.64 3.17 -24.46
CA TYR D 288 1.29 3.37 -23.05
C TYR D 288 0.84 4.79 -22.72
N THR D 289 0.74 5.65 -23.73
CA THR D 289 0.29 7.01 -23.49
C THR D 289 -1.24 7.06 -23.54
N ASN D 290 -1.83 8.19 -23.19
CA ASN D 290 -3.27 8.34 -23.22
C ASN D 290 -3.67 8.90 -24.59
N PHE D 291 -4.26 8.06 -25.43
CA PHE D 291 -4.67 8.47 -26.78
C PHE D 291 -5.80 9.51 -26.84
N GLU D 292 -6.85 9.31 -26.06
CA GLU D 292 -7.98 10.20 -26.11
C GLU D 292 -7.68 11.67 -25.83
N LYS D 293 -6.93 11.95 -24.77
CA LYS D 293 -6.58 13.34 -24.43
C LYS D 293 -5.70 13.98 -25.51
N ASN D 294 -4.80 13.19 -26.09
CA ASN D 294 -3.93 13.70 -27.14
C ASN D 294 -4.77 14.04 -28.37
N ARG D 295 -5.60 13.10 -28.80
CA ARG D 295 -6.46 13.32 -29.96
C ARG D 295 -7.38 14.53 -29.72
N ASN D 296 -7.95 14.61 -28.52
CA ASN D 296 -8.84 15.71 -28.19
C ASN D 296 -8.13 17.05 -28.33
N TYR D 297 -6.89 17.13 -27.85
CA TYR D 297 -6.14 18.38 -27.95
C TYR D 297 -5.87 18.75 -29.40
N ILE D 298 -5.34 17.81 -30.18
CA ILE D 298 -5.02 18.07 -31.58
C ILE D 298 -6.24 18.61 -32.31
N LEU D 299 -7.37 17.93 -32.18
CA LEU D 299 -8.57 18.38 -32.87
C LEU D 299 -9.03 19.75 -32.42
N SER D 300 -8.73 20.12 -31.18
CA SER D 300 -9.15 21.43 -30.69
C SER D 300 -8.39 22.56 -31.39
N THR D 301 -7.35 22.22 -32.15
CA THR D 301 -6.57 23.24 -32.86
C THR D 301 -6.87 23.20 -34.35
N GLN D 302 -7.89 22.40 -34.71
CA GLN D 302 -8.29 22.26 -36.10
C GLN D 302 -9.10 23.47 -36.52
N ASP D 303 -8.78 24.06 -37.68
CA ASP D 303 -9.53 25.20 -38.19
C ASP D 303 -10.65 24.63 -39.06
N ARG D 304 -11.86 24.61 -38.53
CA ARG D 304 -13.00 24.04 -39.24
C ARG D 304 -13.45 24.82 -40.48
N LEU D 305 -13.01 26.06 -40.58
CA LEU D 305 -13.38 26.92 -41.70
C LEU D 305 -12.42 26.83 -42.87
N VAL D 306 -11.13 27.10 -42.64
CA VAL D 306 -10.14 27.06 -43.72
C VAL D 306 -9.37 25.74 -43.80
N GLY D 307 -9.40 24.94 -42.74
CA GLY D 307 -8.66 23.67 -42.75
C GLY D 307 -7.30 23.82 -42.10
N GLY D 308 -6.58 22.72 -41.96
CA GLY D 308 -5.27 22.75 -41.33
C GLY D 308 -5.37 22.82 -39.81
N PHE D 309 -4.23 22.81 -39.13
CA PHE D 309 -4.19 22.90 -37.66
C PHE D 309 -3.25 24.02 -37.22
N ALA D 310 -3.44 24.48 -35.98
CA ALA D 310 -2.61 25.55 -35.43
C ALA D 310 -1.83 24.99 -34.24
N LYS D 311 -0.94 25.77 -33.65
CA LYS D 311 -0.18 25.25 -32.51
C LYS D 311 -1.07 25.21 -31.27
N TRP D 312 -1.97 26.20 -31.18
CA TRP D 312 -2.89 26.29 -30.05
C TRP D 312 -4.33 26.47 -30.53
N PRO D 313 -5.31 26.13 -29.68
CA PRO D 313 -6.69 26.29 -30.09
C PRO D 313 -6.99 27.77 -30.32
N ASP D 314 -7.92 28.08 -31.22
CA ASP D 314 -8.27 29.47 -31.50
C ASP D 314 -6.99 30.24 -31.87
N SER D 315 -6.30 29.73 -32.89
CA SER D 315 -5.06 30.34 -33.37
C SER D 315 -5.03 30.03 -34.86
N HIS D 316 -4.36 30.87 -35.66
CA HIS D 316 -4.33 30.64 -37.10
C HIS D 316 -3.51 29.42 -37.52
N PRO D 317 -4.03 28.64 -38.46
CA PRO D 317 -3.34 27.43 -38.94
C PRO D 317 -2.20 27.74 -39.90
N ASP D 318 -1.30 26.79 -40.07
CA ASP D 318 -0.17 26.92 -40.98
C ASP D 318 0.20 25.53 -41.48
N ALA D 319 1.00 25.48 -42.53
CA ALA D 319 1.41 24.21 -43.12
C ALA D 319 2.17 23.28 -42.18
N LEU D 320 3.02 23.83 -41.32
CA LEU D 320 3.78 23.01 -40.39
C LEU D 320 2.89 22.28 -39.38
N HIS D 321 2.00 23.01 -38.71
CA HIS D 321 1.14 22.38 -37.74
C HIS D 321 0.05 21.51 -38.39
N ALA D 322 -0.35 21.85 -39.61
CA ALA D 322 -1.34 21.05 -40.30
C ALA D 322 -0.71 19.68 -40.57
N TYR D 323 0.53 19.69 -41.05
CA TYR D 323 1.22 18.45 -41.34
C TYR D 323 1.52 17.63 -40.09
N PHE D 324 2.12 18.26 -39.10
CA PHE D 324 2.47 17.53 -37.88
C PHE D 324 1.26 17.12 -37.03
N GLY D 325 0.17 17.89 -37.14
CA GLY D 325 -1.03 17.52 -36.41
C GLY D 325 -1.58 16.24 -37.02
N ILE D 326 -1.51 16.16 -38.34
CA ILE D 326 -1.99 15.00 -39.05
C ILE D 326 -1.10 13.79 -38.76
N CYS D 327 0.21 14.00 -38.68
CA CYS D 327 1.11 12.89 -38.38
C CYS D 327 0.91 12.46 -36.93
N GLY D 328 0.53 13.40 -36.08
CA GLY D 328 0.29 13.08 -34.69
C GLY D 328 -0.91 12.15 -34.62
N LEU D 329 -1.96 12.49 -35.37
CA LEU D 329 -3.18 11.69 -35.42
C LEU D 329 -2.85 10.31 -35.99
N SER D 330 -1.94 10.27 -36.95
CA SER D 330 -1.53 9.03 -37.58
C SER D 330 -0.89 8.08 -36.60
N LEU D 331 -0.05 8.60 -35.71
CA LEU D 331 0.63 7.78 -34.72
C LEU D 331 -0.36 6.93 -33.91
N MET D 332 -1.56 7.45 -33.71
CA MET D 332 -2.60 6.75 -32.95
C MET D 332 -3.59 6.05 -33.87
N GLU D 333 -3.44 6.28 -35.17
CA GLU D 333 -4.30 5.71 -36.22
C GLU D 333 -5.64 6.43 -36.21
N GLU D 334 -5.95 7.07 -37.34
CA GLU D 334 -7.18 7.84 -37.48
C GLU D 334 -7.76 7.48 -38.84
N SER D 335 -9.07 7.31 -38.92
CA SER D 335 -9.70 6.96 -40.19
C SER D 335 -9.44 8.02 -41.24
N GLY D 336 -8.96 7.57 -42.40
CA GLY D 336 -8.70 8.50 -43.50
C GLY D 336 -7.28 9.04 -43.55
N ILE D 337 -6.43 8.54 -42.66
CA ILE D 337 -5.04 8.96 -42.59
C ILE D 337 -4.16 7.73 -42.67
N CYS D 338 -3.08 7.82 -43.41
CA CYS D 338 -2.17 6.71 -43.57
C CYS D 338 -1.21 6.64 -42.40
N LYS D 339 -0.58 5.48 -42.27
CA LYS D 339 0.38 5.22 -41.20
C LYS D 339 1.71 5.90 -41.53
N VAL D 340 2.20 6.74 -40.63
CA VAL D 340 3.46 7.45 -40.85
C VAL D 340 4.67 6.67 -40.31
N HIS D 341 5.77 6.69 -41.06
CA HIS D 341 7.00 6.03 -40.65
C HIS D 341 7.61 7.00 -39.64
N PRO D 342 7.71 6.60 -38.37
CA PRO D 342 8.27 7.47 -37.33
C PRO D 342 9.66 8.09 -37.48
N ALA D 343 10.65 7.33 -37.93
CA ALA D 343 12.00 7.91 -38.04
C ALA D 343 12.27 8.67 -39.33
N LEU D 344 11.64 8.27 -40.42
CA LEU D 344 11.88 8.89 -41.72
C LEU D 344 10.97 10.09 -42.00
N ASN D 345 9.85 10.15 -41.31
CA ASN D 345 8.90 11.25 -41.45
C ASN D 345 8.22 11.32 -42.83
N VAL D 346 7.77 10.16 -43.29
CA VAL D 346 7.05 10.03 -44.56
C VAL D 346 6.06 8.91 -44.30
N SER D 347 5.03 8.78 -45.15
CA SER D 347 4.05 7.71 -44.98
C SER D 347 4.78 6.40 -45.20
N THR D 348 4.27 5.31 -44.62
CA THR D 348 4.89 3.99 -44.78
C THR D 348 4.83 3.52 -46.24
N ARG D 349 3.76 3.88 -46.93
CA ARG D 349 3.61 3.54 -48.35
C ARG D 349 4.87 4.03 -49.07
N THR D 350 5.27 5.25 -48.76
CA THR D 350 6.46 5.86 -49.36
C THR D 350 7.76 5.21 -48.86
N SER D 351 7.83 4.88 -47.57
CA SER D 351 9.03 4.24 -47.05
C SER D 351 9.26 2.89 -47.72
N GLU D 352 8.18 2.28 -48.18
CA GLU D 352 8.24 1.00 -48.87
C GLU D 352 8.62 1.20 -50.34
N ARG D 353 8.13 2.28 -50.93
CA ARG D 353 8.44 2.64 -52.31
C ARG D 353 9.97 2.81 -52.36
N LEU D 354 10.52 3.42 -51.31
CA LEU D 354 11.96 3.66 -51.19
C LEU D 354 12.72 2.36 -50.99
N ARG D 355 12.12 1.41 -50.29
CA ARG D 355 12.75 0.12 -50.03
C ARG D 355 12.93 -0.58 -51.38
N ASP D 356 11.93 -0.47 -52.24
CA ASP D 356 11.99 -1.07 -53.56
C ASP D 356 13.08 -0.42 -54.38
N LEU D 357 13.15 0.90 -54.33
CA LEU D 357 14.18 1.65 -55.04
C LEU D 357 15.56 1.15 -54.65
N HIS D 358 15.76 0.95 -53.35
CA HIS D 358 17.05 0.48 -52.85
C HIS D 358 17.41 -0.93 -53.37
N GLN D 359 16.44 -1.84 -53.39
CA GLN D 359 16.69 -3.19 -53.88
C GLN D 359 17.08 -3.06 -55.35
N SER D 360 16.34 -2.20 -56.04
CA SER D 360 16.57 -1.94 -57.45
C SER D 360 18.00 -1.49 -57.75
N TRP D 361 18.52 -0.55 -56.96
CA TRP D 361 19.89 -0.08 -57.18
C TRP D 361 20.90 -1.15 -56.78
N LYS D 362 20.53 -1.96 -55.79
CA LYS D 362 21.40 -3.02 -55.27
C LYS D 362 21.77 -4.07 -56.32
N THR D 363 21.13 -4.03 -57.48
CA THR D 363 21.41 -4.98 -58.57
C THR D 363 22.34 -4.38 -59.64
N PHE E 55 58.40 22.40 -2.29
CA PHE E 55 58.87 22.32 -0.87
C PHE E 55 60.35 21.94 -0.70
N LEU E 56 60.62 20.64 -0.60
CA LEU E 56 61.98 20.12 -0.40
C LEU E 56 62.86 20.08 -1.66
N SER E 57 63.70 21.11 -1.83
CA SER E 57 64.59 21.22 -2.99
C SER E 57 65.48 20.02 -3.29
N LEU E 58 65.64 19.72 -4.57
CA LEU E 58 66.46 18.59 -4.98
C LEU E 58 67.92 18.71 -4.58
N ASP E 59 68.35 19.92 -4.28
CA ASP E 59 69.74 20.15 -3.88
C ASP E 59 69.86 20.61 -2.43
N SER E 60 68.76 20.49 -1.68
CA SER E 60 68.78 20.86 -0.27
C SER E 60 69.64 19.84 0.50
N PRO E 61 70.38 20.30 1.53
CA PRO E 61 71.23 19.39 2.31
C PRO E 61 70.43 18.30 3.01
N THR E 62 69.15 18.58 3.28
CA THR E 62 68.28 17.62 3.94
C THR E 62 67.37 16.81 2.99
N TYR E 63 67.61 16.89 1.68
CA TYR E 63 66.80 16.17 0.73
C TYR E 63 66.80 14.67 1.05
N VAL E 64 65.64 14.04 0.90
CA VAL E 64 65.50 12.62 1.18
C VAL E 64 64.89 11.91 -0.03
N LEU E 65 65.49 10.80 -0.44
CA LEU E 65 64.94 10.05 -1.57
C LEU E 65 63.49 9.69 -1.28
N TYR E 66 62.70 9.55 -2.34
CA TYR E 66 61.29 9.21 -2.22
C TYR E 66 61.12 7.82 -1.60
N ARG E 67 62.09 6.94 -1.84
CA ARG E 67 61.98 5.61 -1.28
C ARG E 67 62.15 5.61 0.24
N ASP E 68 62.59 6.74 0.80
CA ASP E 68 62.78 6.84 2.25
C ASP E 68 61.82 7.84 2.88
N ARG E 69 60.77 8.21 2.16
CA ARG E 69 59.80 9.16 2.69
C ARG E 69 58.57 8.39 3.15
N ALA E 70 58.10 8.74 4.35
CA ALA E 70 56.94 8.09 4.95
C ALA E 70 55.70 8.29 4.10
N GLU E 71 55.48 9.52 3.64
CA GLU E 71 54.32 9.86 2.82
C GLU E 71 54.22 9.03 1.55
N TRP E 72 55.26 8.29 1.21
CA TRP E 72 55.27 7.48 0.00
C TRP E 72 55.46 5.99 0.27
N ALA E 73 55.35 5.61 1.54
CA ALA E 73 55.54 4.21 1.93
C ALA E 73 54.54 3.23 1.31
N ASP E 74 53.32 3.70 1.06
CA ASP E 74 52.27 2.85 0.49
C ASP E 74 52.43 2.51 -0.99
N ILE E 75 53.21 3.33 -1.70
CA ILE E 75 53.43 3.15 -3.14
C ILE E 75 54.67 2.34 -3.49
N ASP E 76 54.51 1.41 -4.43
CA ASP E 76 55.63 0.59 -4.89
C ASP E 76 56.19 1.19 -6.17
N PRO E 77 57.44 1.67 -6.13
CA PRO E 77 58.06 2.28 -7.32
C PRO E 77 58.07 1.34 -8.53
N VAL E 78 57.92 1.94 -9.70
CA VAL E 78 57.91 1.18 -10.95
C VAL E 78 59.17 1.52 -11.74
N PRO E 79 60.02 0.52 -11.98
CA PRO E 79 61.26 0.72 -12.72
C PRO E 79 61.11 0.65 -14.24
N GLN E 80 62.02 1.32 -14.93
CA GLN E 80 62.04 1.33 -16.39
C GLN E 80 62.82 0.11 -16.80
N ASN E 81 62.49 -0.48 -17.95
CA ASN E 81 63.20 -1.68 -18.39
C ASN E 81 63.31 -1.80 -19.92
N ASP E 82 64.53 -1.65 -20.42
CA ASP E 82 64.77 -1.73 -21.85
C ASP E 82 65.08 -3.15 -22.34
N GLY E 83 64.73 -4.13 -21.52
CA GLY E 83 64.98 -5.51 -21.90
C GLY E 83 66.44 -5.95 -21.87
N PRO E 84 66.72 -7.17 -22.36
CA PRO E 84 68.06 -7.75 -22.41
C PRO E 84 69.19 -6.91 -23.03
N SER E 85 68.94 -6.29 -24.19
CA SER E 85 69.95 -5.48 -24.86
C SER E 85 69.50 -4.04 -25.12
N PRO E 86 69.68 -3.16 -24.13
CA PRO E 86 69.27 -1.75 -24.28
C PRO E 86 70.02 -0.98 -25.37
N VAL E 87 69.30 -0.08 -26.03
CA VAL E 87 69.89 0.75 -27.08
C VAL E 87 69.81 2.22 -26.67
N VAL E 88 70.86 2.99 -26.97
CA VAL E 88 70.93 4.40 -26.63
C VAL E 88 70.46 4.59 -25.19
N GLN E 89 71.07 3.83 -24.29
CA GLN E 89 70.72 3.88 -22.88
C GLN E 89 71.43 5.00 -22.11
N ILE E 90 70.64 5.81 -21.42
CA ILE E 90 71.17 6.93 -20.63
C ILE E 90 71.34 6.48 -19.18
N ILE E 91 72.51 6.76 -18.59
CA ILE E 91 72.74 6.36 -17.20
C ILE E 91 72.18 7.43 -16.25
N TYR E 92 71.48 6.98 -15.22
CA TYR E 92 70.86 7.90 -14.28
C TYR E 92 71.40 7.81 -12.85
N SER E 93 71.44 8.96 -12.19
CA SER E 93 71.92 9.03 -10.82
C SER E 93 70.84 8.45 -9.90
N GLU E 94 71.20 8.25 -8.64
CA GLU E 94 70.28 7.71 -7.65
C GLU E 94 69.04 8.60 -7.54
N LYS E 95 69.26 9.90 -7.38
CA LYS E 95 68.18 10.87 -7.25
C LYS E 95 67.23 10.85 -8.44
N PHE E 96 67.81 10.91 -9.63
CA PHE E 96 67.04 10.92 -10.86
C PHE E 96 66.14 9.70 -10.97
N ARG E 97 66.74 8.53 -10.90
CA ARG E 97 65.99 7.28 -11.00
C ARG E 97 64.93 7.18 -9.92
N ASP E 98 65.21 7.73 -8.75
CA ASP E 98 64.28 7.70 -7.62
C ASP E 98 63.01 8.49 -7.93
N VAL E 99 63.18 9.73 -8.38
CA VAL E 99 62.04 10.57 -8.71
C VAL E 99 61.16 9.94 -9.80
N TYR E 100 61.78 9.46 -10.86
CA TYR E 100 61.03 8.88 -11.97
C TYR E 100 60.45 7.50 -11.72
N ASP E 101 61.01 6.78 -10.74
CA ASP E 101 60.48 5.46 -10.40
C ASP E 101 59.14 5.67 -9.71
N TYR E 102 59.02 6.78 -8.99
CA TYR E 102 57.79 7.09 -8.30
C TYR E 102 56.83 7.79 -9.26
N PHE E 103 57.37 8.53 -10.22
CA PHE E 103 56.53 9.20 -11.20
C PHE E 103 55.81 8.09 -11.97
N ARG E 104 56.55 7.08 -12.39
CA ARG E 104 55.98 5.97 -13.13
C ARG E 104 54.85 5.32 -12.34
N ALA E 105 55.04 5.18 -11.04
CA ALA E 105 54.05 4.58 -10.17
C ALA E 105 52.76 5.39 -10.12
N VAL E 106 52.89 6.68 -9.82
CA VAL E 106 51.73 7.57 -9.73
C VAL E 106 51.00 7.66 -11.08
N LEU E 107 51.78 7.75 -12.15
CA LEU E 107 51.26 7.84 -13.51
C LEU E 107 50.46 6.60 -13.86
N GLN E 108 51.05 5.44 -13.60
CA GLN E 108 50.40 4.17 -13.89
C GLN E 108 49.06 3.97 -13.20
N ARG E 109 48.86 4.64 -12.06
CA ARG E 109 47.62 4.49 -11.31
C ARG E 109 46.74 5.72 -11.45
N ASP E 110 47.15 6.63 -12.32
CA ASP E 110 46.41 7.85 -12.55
C ASP E 110 45.95 8.48 -11.24
N GLU E 111 46.85 8.56 -10.27
CA GLU E 111 46.56 9.15 -8.97
C GLU E 111 46.48 10.68 -9.04
N ARG E 112 45.28 11.24 -8.87
CA ARG E 112 45.12 12.70 -8.91
C ARG E 112 45.32 13.30 -7.51
N SER E 113 46.50 13.10 -6.92
CA SER E 113 46.76 13.62 -5.59
C SER E 113 47.62 14.88 -5.53
N GLU E 114 47.66 15.49 -4.35
CA GLU E 114 48.45 16.69 -4.11
C GLU E 114 49.93 16.29 -4.08
N ARG E 115 50.21 15.07 -3.61
CA ARG E 115 51.60 14.64 -3.54
C ARG E 115 52.13 14.37 -4.94
N ALA E 116 51.24 13.94 -5.84
CA ALA E 116 51.62 13.67 -7.22
C ALA E 116 51.96 15.00 -7.89
N PHE E 117 51.14 16.02 -7.63
CA PHE E 117 51.36 17.34 -8.20
C PHE E 117 52.74 17.87 -7.82
N LYS E 118 53.12 17.69 -6.56
CA LYS E 118 54.43 18.15 -6.10
C LYS E 118 55.55 17.32 -6.73
N LEU E 119 55.28 16.04 -6.96
CA LEU E 119 56.26 15.18 -7.57
C LEU E 119 56.59 15.64 -9.00
N THR E 120 55.58 16.14 -9.74
CA THR E 120 55.83 16.60 -11.11
C THR E 120 56.80 17.77 -11.15
N ARG E 121 56.80 18.60 -10.11
CA ARG E 121 57.71 19.74 -10.05
C ARG E 121 59.16 19.26 -10.07
N ASP E 122 59.42 18.15 -9.36
CA ASP E 122 60.77 17.59 -9.32
C ASP E 122 61.13 16.91 -10.65
N ALA E 123 60.15 16.21 -11.23
CA ALA E 123 60.33 15.51 -12.49
C ALA E 123 60.67 16.54 -13.56
N ILE E 124 60.02 17.69 -13.51
CA ILE E 124 60.28 18.74 -14.48
C ILE E 124 61.65 19.36 -14.27
N GLU E 125 62.09 19.47 -13.02
CA GLU E 125 63.39 20.05 -12.76
C GLU E 125 64.46 19.12 -13.30
N LEU E 126 64.19 17.83 -13.27
CA LEU E 126 65.14 16.85 -13.78
C LEU E 126 65.14 16.80 -15.32
N ASN E 127 63.97 17.00 -15.92
CA ASN E 127 63.84 16.98 -17.37
C ASN E 127 62.58 17.65 -17.86
N ALA E 128 62.69 18.92 -18.23
CA ALA E 128 61.54 19.69 -18.71
C ALA E 128 61.10 19.32 -20.13
N ALA E 129 61.81 18.40 -20.78
CA ALA E 129 61.46 18.02 -22.13
C ALA E 129 60.54 16.80 -22.17
N ASN E 130 60.17 16.27 -21.00
CA ASN E 130 59.29 15.10 -20.96
C ASN E 130 57.84 15.56 -21.11
N TYR E 131 57.30 15.40 -22.32
CA TYR E 131 55.94 15.86 -22.60
C TYR E 131 54.84 15.17 -21.78
N THR E 132 55.05 13.92 -21.41
CA THR E 132 54.06 13.20 -20.61
C THR E 132 53.93 13.84 -19.22
N VAL E 133 55.06 14.25 -18.64
CA VAL E 133 55.04 14.88 -17.33
C VAL E 133 54.20 16.16 -17.39
N TRP E 134 54.41 16.97 -18.41
CA TRP E 134 53.63 18.21 -18.51
C TRP E 134 52.14 17.93 -18.71
N HIS E 135 51.81 16.91 -19.47
CA HIS E 135 50.41 16.58 -19.69
C HIS E 135 49.77 16.20 -18.36
N PHE E 136 50.40 15.29 -17.62
CA PHE E 136 49.90 14.84 -16.33
C PHE E 136 49.75 16.01 -15.36
N ARG E 137 50.69 16.94 -15.41
CA ARG E 137 50.63 18.09 -14.53
C ARG E 137 49.39 18.92 -14.86
N ARG E 138 49.02 18.97 -16.14
CA ARG E 138 47.83 19.73 -16.57
C ARG E 138 46.57 19.00 -16.09
N VAL E 139 46.61 17.67 -16.13
CA VAL E 139 45.48 16.88 -15.65
C VAL E 139 45.27 17.23 -14.18
N LEU E 140 46.36 17.25 -13.41
CA LEU E 140 46.31 17.56 -11.99
C LEU E 140 45.87 18.98 -11.73
N LEU E 141 46.36 19.93 -12.53
CA LEU E 141 45.97 21.32 -12.35
C LEU E 141 44.43 21.41 -12.37
N ARG E 142 43.82 20.64 -13.26
CA ARG E 142 42.36 20.63 -13.38
C ARG E 142 41.72 19.88 -12.21
N SER E 143 42.09 18.62 -12.02
CA SER E 143 41.56 17.80 -10.93
C SER E 143 41.61 18.46 -9.56
N LEU E 144 42.72 19.11 -9.23
CA LEU E 144 42.87 19.75 -7.92
C LEU E 144 42.48 21.21 -7.96
N GLN E 145 41.97 21.66 -9.10
CA GLN E 145 41.57 23.06 -9.27
C GLN E 145 42.57 24.03 -8.64
N LYS E 146 43.82 23.96 -9.12
CA LYS E 146 44.90 24.82 -8.64
C LYS E 146 44.79 26.24 -9.18
N ASP E 147 45.44 27.18 -8.52
CA ASP E 147 45.41 28.57 -8.95
C ASP E 147 46.26 28.70 -10.21
N LEU E 148 45.60 28.97 -11.34
CA LEU E 148 46.29 29.10 -12.61
C LEU E 148 47.18 30.33 -12.68
N GLN E 149 46.83 31.35 -11.91
CA GLN E 149 47.62 32.57 -11.92
C GLN E 149 49.00 32.26 -11.32
N GLU E 150 49.01 31.27 -10.44
CA GLU E 150 50.24 30.85 -9.79
C GLU E 150 51.08 30.06 -10.79
N GLU E 151 50.41 29.20 -11.55
CA GLU E 151 51.07 28.38 -12.56
C GLU E 151 51.69 29.27 -13.62
N MET E 152 51.08 30.42 -13.88
CA MET E 152 51.63 31.34 -14.87
C MET E 152 53.01 31.82 -14.41
N ASN E 153 53.15 32.09 -13.11
CA ASN E 153 54.43 32.56 -12.60
C ASN E 153 55.46 31.45 -12.74
N TYR E 154 55.03 30.22 -12.47
CA TYR E 154 55.90 29.05 -12.58
C TYR E 154 56.44 28.90 -13.99
N ILE E 155 55.55 28.77 -14.97
CA ILE E 155 55.95 28.59 -16.36
C ILE E 155 56.75 29.80 -16.86
N ILE E 156 56.44 30.99 -16.36
CA ILE E 156 57.19 32.17 -16.79
C ILE E 156 58.67 32.04 -16.42
N ALA E 157 58.93 31.47 -15.24
CA ALA E 157 60.31 31.29 -14.80
C ALA E 157 60.97 30.16 -15.59
N ILE E 158 60.26 29.06 -15.77
CA ILE E 158 60.78 27.90 -16.50
C ILE E 158 61.21 28.26 -17.93
N ILE E 159 60.36 28.99 -18.65
CA ILE E 159 60.66 29.39 -20.03
C ILE E 159 61.89 30.29 -20.11
N GLU E 160 62.10 31.15 -19.11
CA GLU E 160 63.27 32.02 -19.14
C GLU E 160 64.55 31.19 -19.05
N GLU E 161 64.50 30.08 -18.34
CA GLU E 161 65.67 29.21 -18.19
C GLU E 161 65.85 28.29 -19.40
N GLN E 162 64.77 27.99 -20.11
CA GLN E 162 64.81 27.11 -21.27
C GLN E 162 63.91 27.64 -22.37
N PRO E 163 64.28 28.76 -22.99
CA PRO E 163 63.49 29.38 -24.06
C PRO E 163 63.41 28.66 -25.39
N LYS E 164 64.10 27.53 -25.53
CA LYS E 164 64.06 26.79 -26.79
C LYS E 164 63.43 25.41 -26.65
N ASN E 165 62.69 25.21 -25.56
CA ASN E 165 62.01 23.94 -25.26
C ASN E 165 60.56 24.00 -25.80
N TYR E 166 60.17 23.01 -26.59
CA TYR E 166 58.81 22.98 -27.16
C TYR E 166 57.70 22.77 -26.14
N GLN E 167 57.92 21.87 -25.18
CA GLN E 167 56.90 21.56 -24.18
C GLN E 167 56.51 22.74 -23.28
N VAL E 168 57.47 23.58 -22.93
CA VAL E 168 57.17 24.70 -22.06
C VAL E 168 56.35 25.76 -22.76
N TRP E 169 56.61 26.00 -24.05
CA TRP E 169 55.83 26.99 -24.79
C TRP E 169 54.41 26.49 -25.01
N HIS E 170 54.27 25.18 -25.21
CA HIS E 170 52.95 24.61 -25.42
C HIS E 170 52.16 24.74 -24.12
N HIS E 171 52.82 24.48 -22.99
CA HIS E 171 52.17 24.57 -21.68
C HIS E 171 51.62 25.97 -21.44
N ARG E 172 52.43 27.00 -21.71
CA ARG E 172 51.98 28.36 -21.49
C ARG E 172 50.78 28.71 -22.37
N ARG E 173 50.80 28.24 -23.61
CA ARG E 173 49.70 28.53 -24.50
C ARG E 173 48.40 27.91 -24.00
N VAL E 174 48.47 26.69 -23.46
CA VAL E 174 47.27 26.05 -22.95
C VAL E 174 46.73 26.85 -21.76
N LEU E 175 47.62 27.34 -20.90
CA LEU E 175 47.20 28.15 -19.74
C LEU E 175 46.50 29.42 -20.16
N VAL E 176 47.09 30.14 -21.12
CA VAL E 176 46.49 31.38 -21.59
C VAL E 176 45.11 31.12 -22.19
N GLU E 177 44.95 29.97 -22.85
CA GLU E 177 43.65 29.62 -23.44
C GLU E 177 42.65 29.40 -22.30
N TRP E 178 43.10 28.71 -21.25
CA TRP E 178 42.26 28.45 -20.09
C TRP E 178 41.81 29.73 -19.40
N LEU E 179 42.76 30.63 -19.14
CA LEU E 179 42.43 31.87 -18.46
C LEU E 179 41.76 32.90 -19.36
N LYS E 180 41.92 32.76 -20.67
CA LYS E 180 41.36 33.72 -21.61
C LYS E 180 41.89 35.09 -21.21
N ASP E 181 43.11 35.10 -20.69
CA ASP E 181 43.76 36.33 -20.24
C ASP E 181 45.12 36.54 -20.92
N PRO E 182 45.20 37.46 -21.88
CA PRO E 182 46.47 37.70 -22.57
C PRO E 182 47.24 38.92 -22.07
N SER E 183 46.74 39.55 -21.01
CA SER E 183 47.36 40.76 -20.47
C SER E 183 48.86 40.73 -20.17
N GLN E 184 49.43 39.57 -19.89
CA GLN E 184 50.87 39.47 -19.60
C GLN E 184 51.73 39.12 -20.83
N GLU E 185 51.14 38.43 -21.79
CA GLU E 185 51.84 37.96 -22.97
C GLU E 185 52.78 38.87 -23.77
N LEU E 186 52.29 39.95 -24.33
CA LEU E 186 53.16 40.82 -25.13
C LEU E 186 54.44 41.29 -24.43
N GLU E 187 54.34 41.59 -23.13
CA GLU E 187 55.50 42.06 -22.38
C GLU E 187 56.46 40.91 -22.08
N PHE E 188 55.90 39.75 -21.78
CA PHE E 188 56.70 38.57 -21.47
C PHE E 188 57.55 38.18 -22.67
N ILE E 189 56.91 38.14 -23.83
CA ILE E 189 57.58 37.79 -25.07
C ILE E 189 58.66 38.82 -25.40
N ALA E 190 58.37 40.10 -25.19
CA ALA E 190 59.35 41.15 -25.46
C ALA E 190 60.62 40.94 -24.62
N ASP E 191 60.46 40.39 -23.42
CA ASP E 191 61.59 40.11 -22.54
C ASP E 191 62.41 38.95 -23.09
N ILE E 192 61.72 37.90 -23.51
CA ILE E 192 62.39 36.73 -24.08
C ILE E 192 63.11 37.14 -25.37
N LEU E 193 62.47 37.97 -26.18
CA LEU E 193 63.08 38.42 -27.41
C LEU E 193 64.32 39.27 -27.13
N ASN E 194 64.51 39.61 -25.86
CA ASN E 194 65.69 40.40 -25.51
C ASN E 194 66.91 39.52 -25.35
N GLN E 195 66.71 38.24 -25.11
CA GLN E 195 67.83 37.33 -24.98
C GLN E 195 68.18 36.78 -26.36
N ASP E 196 67.19 36.79 -27.25
CA ASP E 196 67.35 36.29 -28.62
C ASP E 196 66.21 36.84 -29.47
N ALA E 197 66.49 37.90 -30.22
CA ALA E 197 65.48 38.54 -31.04
C ALA E 197 64.94 37.71 -32.19
N LYS E 198 65.51 36.52 -32.39
CA LYS E 198 65.06 35.66 -33.49
C LYS E 198 64.47 34.31 -33.07
N ASN E 199 64.28 34.14 -31.77
CA ASN E 199 63.72 32.92 -31.19
C ASN E 199 62.40 32.57 -31.89
N TYR E 200 62.41 31.50 -32.69
CA TYR E 200 61.21 31.13 -33.44
C TYR E 200 60.02 30.84 -32.53
N HIS E 201 60.27 30.23 -31.38
CA HIS E 201 59.21 29.88 -30.43
C HIS E 201 58.50 31.13 -29.94
N ALA E 202 59.28 32.18 -29.65
CA ALA E 202 58.75 33.43 -29.15
C ALA E 202 57.87 34.15 -30.17
N TRP E 203 58.34 34.22 -31.41
CA TRP E 203 57.56 34.88 -32.45
C TRP E 203 56.29 34.11 -32.75
N GLN E 204 56.37 32.80 -32.67
CA GLN E 204 55.22 31.96 -32.94
C GLN E 204 54.15 32.22 -31.90
N HIS E 205 54.57 32.26 -30.63
CA HIS E 205 53.65 32.50 -29.53
C HIS E 205 53.04 33.90 -29.64
N ARG E 206 53.88 34.86 -30.01
CA ARG E 206 53.43 36.23 -30.14
C ARG E 206 52.34 36.36 -31.21
N GLN E 207 52.52 35.69 -32.35
CA GLN E 207 51.50 35.78 -33.41
C GLN E 207 50.22 35.09 -32.98
N TRP E 208 50.32 33.98 -32.26
CA TRP E 208 49.13 33.29 -31.79
C TRP E 208 48.32 34.20 -30.88
N VAL E 209 48.98 34.80 -29.89
CA VAL E 209 48.30 35.69 -28.96
C VAL E 209 47.61 36.84 -29.68
N ILE E 210 48.35 37.57 -30.50
CA ILE E 210 47.80 38.70 -31.21
C ILE E 210 46.56 38.36 -32.04
N GLN E 211 46.63 37.23 -32.73
CA GLN E 211 45.53 36.79 -33.58
C GLN E 211 44.31 36.35 -32.75
N GLU E 212 44.56 35.50 -31.75
CA GLU E 212 43.53 34.96 -30.88
C GLU E 212 42.76 35.99 -30.05
N PHE E 213 43.43 37.02 -29.57
CA PHE E 213 42.77 38.03 -28.75
C PHE E 213 42.73 39.40 -29.41
N ARG E 214 42.93 39.41 -30.73
CA ARG E 214 42.94 40.62 -31.56
C ARG E 214 43.65 41.83 -30.92
N LEU E 215 44.96 41.68 -30.69
CA LEU E 215 45.78 42.73 -30.10
C LEU E 215 46.68 43.38 -31.14
N TRP E 216 46.10 43.87 -32.24
CA TRP E 216 46.88 44.49 -33.30
C TRP E 216 47.31 45.94 -33.06
N ASP E 217 46.54 46.64 -32.24
CA ASP E 217 46.76 48.05 -31.94
C ASP E 217 48.16 48.63 -31.83
N ASN E 218 49.06 47.95 -31.15
CA ASN E 218 50.41 48.48 -30.98
C ASN E 218 51.54 47.70 -31.63
N GLU E 219 51.23 46.61 -32.32
CA GLU E 219 52.28 45.82 -32.92
C GLU E 219 53.09 46.52 -34.01
N LEU E 220 52.44 47.29 -34.88
CA LEU E 220 53.18 47.98 -35.94
C LEU E 220 54.22 48.93 -35.37
N GLN E 221 53.94 49.45 -34.19
CA GLN E 221 54.85 50.37 -33.52
C GLN E 221 56.01 49.59 -32.92
N TYR E 222 55.71 48.43 -32.36
CA TYR E 222 56.72 47.56 -31.75
C TYR E 222 57.71 47.14 -32.83
N VAL E 223 57.17 46.84 -34.00
CA VAL E 223 57.96 46.44 -35.15
C VAL E 223 58.91 47.57 -35.54
N ASP E 224 58.39 48.79 -35.63
CA ASP E 224 59.20 49.96 -35.98
C ASP E 224 60.36 50.15 -35.02
N GLN E 225 60.11 49.90 -33.75
CA GLN E 225 61.13 50.04 -32.72
C GLN E 225 62.24 49.01 -32.90
N LEU E 226 61.85 47.76 -33.12
CA LEU E 226 62.82 46.69 -33.29
C LEU E 226 63.63 46.83 -34.57
N LEU E 227 63.02 47.33 -35.63
CA LEU E 227 63.75 47.50 -36.87
C LEU E 227 64.83 48.56 -36.72
N LYS E 228 64.68 49.43 -35.72
CA LYS E 228 65.67 50.48 -35.49
C LYS E 228 66.85 49.86 -34.73
N GLU E 229 66.56 48.85 -33.91
CA GLU E 229 67.60 48.18 -33.14
C GLU E 229 68.47 47.28 -34.04
N ASP E 230 67.87 46.71 -35.07
CA ASP E 230 68.57 45.82 -36.00
C ASP E 230 67.73 45.62 -37.26
N VAL E 231 67.99 46.45 -38.27
CA VAL E 231 67.25 46.41 -39.51
C VAL E 231 67.45 45.10 -40.29
N ARG E 232 68.36 44.26 -39.82
CA ARG E 232 68.62 42.99 -40.48
C ARG E 232 67.86 41.79 -39.89
N ASN E 233 67.06 42.03 -38.85
CA ASN E 233 66.32 40.93 -38.24
C ASN E 233 65.14 40.51 -39.11
N ASN E 234 65.31 39.39 -39.80
CA ASN E 234 64.30 38.86 -40.72
C ASN E 234 62.97 38.56 -40.03
N SER E 235 63.01 38.21 -38.75
CA SER E 235 61.80 37.91 -38.00
C SER E 235 60.91 39.13 -37.86
N VAL E 236 61.52 40.30 -37.69
CA VAL E 236 60.79 41.55 -37.54
C VAL E 236 60.13 41.99 -38.84
N TRP E 237 60.81 41.79 -39.97
CA TRP E 237 60.20 42.15 -41.25
C TRP E 237 58.98 41.27 -41.49
N ASN E 238 59.07 40.01 -41.08
CA ASN E 238 57.95 39.11 -41.26
C ASN E 238 56.79 39.59 -40.38
N GLN E 239 57.11 40.01 -39.16
CA GLN E 239 56.10 40.50 -38.24
C GLN E 239 55.36 41.71 -38.84
N ARG E 240 56.12 42.59 -39.50
CA ARG E 240 55.53 43.76 -40.12
C ARG E 240 54.48 43.35 -41.14
N HIS E 241 54.82 42.39 -41.99
CA HIS E 241 53.89 41.92 -43.02
C HIS E 241 52.68 41.25 -42.39
N PHE E 242 52.92 40.59 -41.27
CA PHE E 242 51.88 39.90 -40.52
C PHE E 242 50.82 40.92 -40.05
N VAL E 243 51.29 41.98 -39.39
CA VAL E 243 50.40 43.02 -38.88
C VAL E 243 49.60 43.69 -39.98
N ILE E 244 50.28 44.24 -40.97
CA ILE E 244 49.61 44.94 -42.04
C ILE E 244 48.61 44.10 -42.81
N SER E 245 49.02 42.93 -43.28
CA SER E 245 48.09 42.12 -44.05
C SER E 245 46.88 41.64 -43.23
N ASN E 246 46.98 41.69 -41.91
CA ASN E 246 45.87 41.28 -41.07
C ASN E 246 45.03 42.46 -40.57
N THR E 247 45.41 43.67 -40.96
CA THR E 247 44.63 44.84 -40.55
C THR E 247 44.15 45.61 -41.79
N THR E 248 44.94 46.57 -42.27
CA THR E 248 44.54 47.36 -43.43
C THR E 248 44.69 46.62 -44.75
N GLY E 249 45.67 45.73 -44.86
CA GLY E 249 45.89 45.03 -46.12
C GLY E 249 46.78 45.90 -46.98
N TYR E 250 47.16 45.44 -48.17
CA TYR E 250 48.03 46.23 -49.03
C TYR E 250 47.33 46.79 -50.28
N SER E 251 46.07 46.43 -50.45
CA SER E 251 45.30 46.89 -51.60
C SER E 251 45.02 48.39 -51.53
N ASP E 252 45.15 48.98 -50.35
CA ASP E 252 44.93 50.42 -50.23
C ASP E 252 46.18 51.12 -50.75
N ARG E 253 46.08 51.71 -51.94
CA ARG E 253 47.21 52.40 -52.56
C ARG E 253 47.99 53.32 -51.63
N ALA E 254 47.33 53.90 -50.65
CA ALA E 254 47.99 54.79 -49.71
C ALA E 254 48.93 54.00 -48.82
N VAL E 255 48.48 52.82 -48.41
CA VAL E 255 49.29 51.95 -47.55
C VAL E 255 50.46 51.35 -48.33
N LEU E 256 50.19 50.88 -49.55
CA LEU E 256 51.23 50.30 -50.38
C LEU E 256 52.35 51.30 -50.58
N GLU E 257 51.99 52.54 -50.89
CA GLU E 257 52.97 53.60 -51.11
C GLU E 257 53.76 53.88 -49.83
N ARG E 258 53.07 53.94 -48.70
CA ARG E 258 53.72 54.19 -47.43
C ARG E 258 54.78 53.12 -47.16
N GLU E 259 54.40 51.86 -47.41
CA GLU E 259 55.28 50.71 -47.20
C GLU E 259 56.46 50.65 -48.16
N VAL E 260 56.19 50.84 -49.44
CA VAL E 260 57.26 50.81 -50.42
C VAL E 260 58.26 51.92 -50.12
N GLN E 261 57.76 53.05 -49.64
CA GLN E 261 58.60 54.20 -49.33
C GLN E 261 59.44 53.93 -48.09
N TYR E 262 58.82 53.31 -47.10
CA TYR E 262 59.46 52.97 -45.84
C TYR E 262 60.64 52.01 -46.07
N THR E 263 60.39 51.02 -46.93
CA THR E 263 61.38 50.03 -47.24
C THR E 263 62.55 50.63 -48.00
N LEU E 264 62.27 51.46 -49.01
CA LEU E 264 63.34 52.09 -49.77
C LEU E 264 64.22 52.91 -48.84
N GLU E 265 63.64 53.44 -47.78
CA GLU E 265 64.41 54.23 -46.83
C GLU E 265 65.36 53.34 -46.04
N MET E 266 64.88 52.16 -45.66
CA MET E 266 65.70 51.22 -44.90
C MET E 266 66.80 50.68 -45.78
N ILE E 267 66.48 50.44 -47.05
CA ILE E 267 67.45 49.94 -47.99
C ILE E 267 68.56 50.98 -48.17
N LYS E 268 68.20 52.26 -48.18
CA LYS E 268 69.19 53.34 -48.34
C LYS E 268 70.14 53.37 -47.14
N LEU E 269 69.67 52.96 -45.98
CA LEU E 269 70.52 52.96 -44.78
C LEU E 269 71.48 51.79 -44.76
N VAL E 270 71.01 50.64 -45.23
CA VAL E 270 71.82 49.42 -45.28
C VAL E 270 71.41 48.68 -46.53
N PRO E 271 72.00 49.04 -47.67
CA PRO E 271 71.71 48.44 -48.97
C PRO E 271 71.84 46.93 -49.09
N HIS E 272 72.77 46.35 -48.33
CA HIS E 272 72.97 44.91 -48.38
C HIS E 272 72.17 44.24 -47.28
N ASN E 273 70.88 44.05 -47.53
CA ASN E 273 69.98 43.44 -46.56
C ASN E 273 68.88 42.67 -47.29
N GLU E 274 69.02 41.34 -47.35
CA GLU E 274 68.07 40.49 -48.05
C GLU E 274 66.64 40.65 -47.53
N SER E 275 66.51 40.79 -46.22
CA SER E 275 65.19 40.95 -45.60
C SER E 275 64.39 42.12 -46.15
N ALA E 276 65.02 43.30 -46.22
CA ALA E 276 64.35 44.48 -46.75
C ALA E 276 63.96 44.28 -48.22
N TRP E 277 64.88 43.74 -49.02
CA TRP E 277 64.57 43.52 -50.42
C TRP E 277 63.48 42.47 -50.63
N ASN E 278 63.44 41.46 -49.76
CA ASN E 278 62.43 40.42 -49.86
C ASN E 278 61.04 40.95 -49.56
N TYR E 279 60.97 41.88 -48.61
CA TYR E 279 59.71 42.49 -48.22
C TYR E 279 59.21 43.35 -49.39
N LEU E 280 60.09 44.19 -49.94
CA LEU E 280 59.75 45.04 -51.05
C LEU E 280 59.20 44.22 -52.23
N LYS E 281 59.90 43.16 -52.62
CA LYS E 281 59.45 42.33 -53.72
C LYS E 281 58.19 41.58 -53.33
N GLY E 282 58.13 41.19 -52.06
CA GLY E 282 56.98 40.45 -51.56
C GLY E 282 55.65 41.17 -51.71
N ILE E 283 55.60 42.44 -51.34
CA ILE E 283 54.37 43.21 -51.42
C ILE E 283 54.01 43.72 -52.82
N LEU E 284 54.89 43.48 -53.79
CA LEU E 284 54.64 43.93 -55.16
C LEU E 284 54.58 42.83 -56.21
N GLN E 285 55.25 41.71 -55.98
CA GLN E 285 55.28 40.63 -56.98
C GLN E 285 53.95 40.11 -57.49
N ASP E 286 52.92 40.11 -56.66
CA ASP E 286 51.65 39.59 -57.13
C ASP E 286 50.79 40.61 -57.88
N ARG E 287 51.06 41.90 -57.69
CA ARG E 287 50.32 42.91 -58.43
C ARG E 287 51.00 43.11 -59.78
N GLY E 288 52.25 42.69 -59.89
CA GLY E 288 52.97 42.81 -61.14
C GLY E 288 54.08 43.85 -61.07
N LEU E 289 55.33 43.41 -60.94
CA LEU E 289 56.45 44.33 -60.84
C LEU E 289 56.55 45.33 -61.99
N SER E 290 56.17 44.91 -63.19
CA SER E 290 56.26 45.80 -64.34
C SER E 290 55.19 46.91 -64.39
N ARG E 291 54.22 46.89 -63.48
CA ARG E 291 53.17 47.91 -63.44
C ARG E 291 53.56 49.16 -62.63
N TYR E 292 54.82 49.25 -62.21
CA TYR E 292 55.29 50.40 -61.43
C TYR E 292 56.50 51.05 -62.08
N PRO E 293 56.26 51.82 -63.17
CA PRO E 293 57.29 52.53 -63.94
C PRO E 293 58.30 53.38 -63.18
N ASN E 294 57.87 54.08 -62.14
CA ASN E 294 58.81 54.91 -61.40
C ASN E 294 59.77 54.08 -60.55
N LEU E 295 59.34 52.86 -60.22
CA LEU E 295 60.16 51.96 -59.40
C LEU E 295 61.41 51.55 -60.18
N LEU E 296 61.20 51.15 -61.42
CA LEU E 296 62.32 50.74 -62.25
C LEU E 296 63.39 51.82 -62.35
N ASN E 297 62.97 53.07 -62.51
CA ASN E 297 63.92 54.16 -62.63
C ASN E 297 64.57 54.53 -61.31
N GLN E 298 63.79 54.51 -60.23
CA GLN E 298 64.34 54.85 -58.93
C GLN E 298 65.41 53.85 -58.50
N LEU E 299 65.27 52.60 -58.95
CA LEU E 299 66.23 51.55 -58.61
C LEU E 299 67.47 51.68 -59.49
N LEU E 300 67.27 51.96 -60.78
CA LEU E 300 68.38 52.13 -61.68
C LEU E 300 69.28 53.29 -61.22
N ASP E 301 68.68 54.24 -60.49
CA ASP E 301 69.43 55.38 -60.00
C ASP E 301 70.22 55.09 -58.73
N LEU E 302 69.80 54.06 -58.01
CA LEU E 302 70.48 53.65 -56.79
C LEU E 302 71.71 52.82 -57.13
N GLN E 303 71.65 52.14 -58.27
CA GLN E 303 72.72 51.27 -58.72
C GLN E 303 74.14 51.82 -58.55
N PRO E 304 74.38 53.08 -58.96
CA PRO E 304 75.73 53.65 -58.81
C PRO E 304 76.31 53.52 -57.41
N SER E 305 75.57 53.96 -56.40
CA SER E 305 76.05 53.91 -55.02
C SER E 305 75.56 52.71 -54.19
N HIS E 306 74.26 52.67 -53.91
CA HIS E 306 73.68 51.59 -53.10
C HIS E 306 73.52 50.23 -53.80
N SER E 307 74.46 49.85 -54.65
CA SER E 307 74.35 48.58 -55.35
C SER E 307 74.58 47.37 -54.45
N SER E 308 74.02 46.25 -54.85
CA SER E 308 74.14 44.99 -54.12
C SER E 308 73.53 43.92 -55.00
N PRO E 309 73.87 42.65 -54.73
CA PRO E 309 73.32 41.57 -55.55
C PRO E 309 71.79 41.54 -55.47
N TYR E 310 71.24 41.96 -54.34
CA TYR E 310 69.80 41.98 -54.15
C TYR E 310 69.11 42.96 -55.10
N LEU E 311 69.75 44.10 -55.34
CA LEU E 311 69.21 45.12 -56.24
C LEU E 311 69.24 44.61 -57.69
N ILE E 312 70.38 44.06 -58.10
CA ILE E 312 70.51 43.55 -59.46
C ILE E 312 69.45 42.50 -59.70
N ALA E 313 69.28 41.63 -58.71
CA ALA E 313 68.31 40.55 -58.80
C ALA E 313 66.92 41.12 -58.98
N PHE E 314 66.58 42.14 -58.18
CA PHE E 314 65.27 42.78 -58.26
C PHE E 314 65.03 43.28 -59.70
N LEU E 315 66.04 43.94 -60.26
CA LEU E 315 65.96 44.45 -61.62
C LEU E 315 65.69 43.31 -62.61
N VAL E 316 66.41 42.20 -62.48
CA VAL E 316 66.20 41.07 -63.38
C VAL E 316 64.73 40.65 -63.32
N ASP E 317 64.17 40.60 -62.11
CA ASP E 317 62.78 40.21 -61.91
C ASP E 317 61.79 41.19 -62.53
N ILE E 318 62.12 42.47 -62.47
CA ILE E 318 61.27 43.50 -63.07
C ILE E 318 61.25 43.25 -64.57
N TYR E 319 62.43 43.09 -65.16
CA TYR E 319 62.53 42.83 -66.59
C TYR E 319 61.77 41.58 -67.00
N GLU E 320 61.85 40.54 -66.18
CA GLU E 320 61.17 39.31 -66.52
C GLU E 320 59.66 39.48 -66.52
N ASP E 321 59.14 40.28 -65.59
CA ASP E 321 57.69 40.48 -65.53
C ASP E 321 57.22 41.22 -66.79
N MET E 322 58.08 42.08 -67.32
CA MET E 322 57.75 42.80 -68.54
C MET E 322 57.59 41.81 -69.68
N LEU E 323 58.64 41.00 -69.91
CA LEU E 323 58.64 40.00 -70.97
C LEU E 323 57.40 39.10 -70.85
N GLU E 324 56.99 38.85 -69.60
CA GLU E 324 55.83 38.02 -69.32
C GLU E 324 54.57 38.69 -69.85
N ASN E 325 54.52 40.00 -69.73
CA ASN E 325 53.37 40.78 -70.19
C ASN E 325 53.59 41.42 -71.54
N GLN E 326 54.05 40.62 -72.50
CA GLN E 326 54.31 41.08 -73.87
C GLN E 326 54.53 42.60 -73.97
N CYS E 327 55.68 43.07 -73.48
CA CYS E 327 56.00 44.51 -73.50
C CYS E 327 56.56 44.94 -74.85
N ASP E 328 56.94 46.22 -74.92
CA ASP E 328 57.52 46.82 -76.12
C ASP E 328 59.03 46.64 -76.07
N ASN E 329 59.62 46.19 -77.17
CA ASN E 329 61.07 45.97 -77.27
C ASN E 329 61.43 44.66 -76.60
N LYS E 330 60.56 43.66 -76.74
CA LYS E 330 60.79 42.36 -76.12
C LYS E 330 62.25 41.94 -76.21
N GLU E 331 62.80 41.88 -77.42
CA GLU E 331 64.19 41.45 -77.59
C GLU E 331 65.19 42.38 -76.92
N ASP E 332 64.85 43.65 -76.77
CA ASP E 332 65.77 44.60 -76.15
C ASP E 332 65.80 44.42 -74.62
N ILE E 333 64.63 44.17 -74.04
CA ILE E 333 64.52 43.97 -72.60
C ILE E 333 65.25 42.68 -72.21
N LEU E 334 65.02 41.62 -72.99
CA LEU E 334 65.65 40.33 -72.73
C LEU E 334 67.16 40.45 -72.62
N ASN E 335 67.75 41.31 -73.43
CA ASN E 335 69.20 41.50 -73.42
C ASN E 335 69.65 42.26 -72.18
N LYS E 336 68.79 43.13 -71.68
CA LYS E 336 69.13 43.89 -70.48
C LYS E 336 69.15 42.92 -69.29
N ALA E 337 68.24 41.95 -69.32
CA ALA E 337 68.14 40.95 -68.26
C ALA E 337 69.37 40.06 -68.28
N LEU E 338 69.62 39.45 -69.43
CA LEU E 338 70.76 38.56 -69.61
C LEU E 338 72.06 39.25 -69.23
N GLU E 339 72.16 40.54 -69.50
CA GLU E 339 73.36 41.30 -69.16
C GLU E 339 73.53 41.35 -67.64
N LEU E 340 72.41 41.49 -66.94
CA LEU E 340 72.44 41.54 -65.48
C LEU E 340 72.74 40.16 -64.89
N CYS E 341 72.16 39.12 -65.50
CA CYS E 341 72.40 37.76 -65.02
C CYS E 341 73.89 37.47 -65.02
N GLU E 342 74.57 37.87 -66.11
CA GLU E 342 76.00 37.64 -66.22
C GLU E 342 76.79 38.46 -65.21
N ILE E 343 76.29 39.64 -64.88
CA ILE E 343 76.98 40.48 -63.91
C ILE E 343 76.90 39.80 -62.57
N LEU E 344 75.76 39.17 -62.31
CA LEU E 344 75.55 38.45 -61.06
C LEU E 344 76.48 37.24 -61.01
N ALA E 345 76.51 36.48 -62.10
CA ALA E 345 77.34 35.28 -62.20
C ALA E 345 78.83 35.54 -62.13
N LYS E 346 79.30 36.52 -62.89
CA LYS E 346 80.72 36.83 -62.93
C LYS E 346 81.29 37.70 -61.83
N GLU E 347 80.53 38.65 -61.32
CA GLU E 347 81.10 39.51 -60.28
C GLU E 347 80.30 39.85 -59.02
N LYS E 348 78.98 39.94 -59.10
CA LYS E 348 78.19 40.31 -57.94
C LYS E 348 77.73 39.22 -56.96
N ASP E 349 77.32 38.06 -57.48
CA ASP E 349 76.84 36.97 -56.64
C ASP E 349 77.48 35.65 -57.14
N THR E 350 78.80 35.63 -57.21
CA THR E 350 79.54 34.46 -57.73
C THR E 350 79.25 33.09 -57.13
N ILE E 351 78.87 33.03 -55.85
CA ILE E 351 78.59 31.73 -55.27
C ILE E 351 77.40 31.06 -55.97
N ARG E 352 76.51 31.87 -56.55
CA ARG E 352 75.35 31.33 -57.28
C ARG E 352 75.57 31.44 -58.81
N LYS E 353 76.85 31.53 -59.18
CA LYS E 353 77.29 31.59 -60.55
C LYS E 353 76.50 30.68 -61.49
N GLU E 354 76.45 29.39 -61.17
CA GLU E 354 75.75 28.42 -62.01
C GLU E 354 74.23 28.58 -62.02
N TYR E 355 73.68 29.13 -60.94
CA TYR E 355 72.24 29.33 -60.86
C TYR E 355 71.84 30.49 -61.76
N TRP E 356 72.58 31.59 -61.67
CA TRP E 356 72.28 32.75 -62.49
C TRP E 356 72.45 32.43 -63.97
N ARG E 357 73.44 31.58 -64.31
CA ARG E 357 73.65 31.19 -65.70
C ARG E 357 72.43 30.37 -66.15
N TYR E 358 71.92 29.56 -65.24
CA TYR E 358 70.77 28.72 -65.51
C TYR E 358 69.54 29.60 -65.72
N ILE E 359 69.44 30.68 -64.93
CA ILE E 359 68.31 31.60 -65.06
C ILE E 359 68.37 32.27 -66.43
N GLY E 360 69.56 32.72 -66.83
CA GLY E 360 69.72 33.34 -68.12
C GLY E 360 69.29 32.42 -69.26
N ARG E 361 69.76 31.18 -69.24
CA ARG E 361 69.40 30.21 -70.27
C ARG E 361 67.90 30.03 -70.32
N SER E 362 67.25 30.12 -69.17
CA SER E 362 65.80 29.95 -69.09
C SER E 362 65.07 31.11 -69.76
N LEU E 363 65.56 32.33 -69.54
CA LEU E 363 64.94 33.51 -70.14
C LEU E 363 65.09 33.48 -71.65
N GLN E 364 66.26 33.05 -72.12
CA GLN E 364 66.55 32.95 -73.54
C GLN E 364 65.56 32.04 -74.26
N SER E 365 65.51 30.78 -73.84
CA SER E 365 64.63 29.81 -74.46
C SER E 365 63.15 30.07 -74.23
N LYS E 366 62.80 31.12 -73.49
CA LYS E 366 61.40 31.42 -73.24
C LYS E 366 60.94 32.70 -73.95
N HIS E 367 61.88 33.55 -74.33
CA HIS E 367 61.55 34.80 -75.01
C HIS E 367 62.46 35.10 -76.21
N SER E 368 62.36 34.29 -77.26
CA SER E 368 63.18 34.51 -78.45
C SER E 368 62.53 33.97 -79.72
N LEU F 18 89.66 19.53 -45.86
CA LEU F 18 90.60 18.39 -45.81
C LEU F 18 89.93 17.07 -46.26
N ASP F 19 90.04 16.05 -45.40
CA ASP F 19 89.48 14.75 -45.66
C ASP F 19 88.32 14.40 -44.73
N PHE F 20 87.68 13.28 -45.04
CA PHE F 20 86.53 12.77 -44.30
C PHE F 20 86.97 11.55 -43.46
N LEU F 21 86.98 11.70 -42.14
CA LEU F 21 87.39 10.62 -41.25
C LEU F 21 86.32 9.56 -41.06
N ARG F 22 85.99 8.84 -42.13
CA ARG F 22 84.96 7.81 -42.10
C ARG F 22 84.92 6.87 -40.89
N ASP F 23 86.04 6.19 -40.59
CA ASP F 23 86.09 5.24 -39.47
C ASP F 23 85.81 5.89 -38.13
N ARG F 24 86.28 7.10 -37.96
CA ARG F 24 86.05 7.83 -36.74
C ARG F 24 84.55 8.02 -36.55
N HIS F 25 83.84 8.33 -37.62
CA HIS F 25 82.40 8.54 -37.54
C HIS F 25 81.65 7.24 -37.29
N VAL F 26 82.17 6.13 -37.79
CA VAL F 26 81.52 4.85 -37.54
C VAL F 26 81.57 4.56 -36.03
N ARG F 27 82.74 4.78 -35.43
CA ARG F 27 82.90 4.55 -34.00
C ARG F 27 81.99 5.48 -33.22
N PHE F 28 81.89 6.74 -33.66
CA PHE F 28 81.04 7.73 -33.01
C PHE F 28 79.60 7.22 -32.94
N PHE F 29 79.09 6.69 -34.05
CA PHE F 29 77.73 6.19 -34.07
C PHE F 29 77.56 4.96 -33.20
N GLN F 30 78.59 4.11 -33.18
CA GLN F 30 78.54 2.90 -32.34
C GLN F 30 78.34 3.29 -30.88
N ARG F 31 79.14 4.24 -30.41
CA ARG F 31 79.02 4.68 -29.04
C ARG F 31 77.60 5.19 -28.75
N CYS F 32 77.00 5.89 -29.70
CA CYS F 32 75.63 6.40 -29.53
C CYS F 32 74.64 5.29 -29.22
N LEU F 33 74.76 4.16 -29.91
CA LEU F 33 73.84 3.04 -29.69
C LEU F 33 74.09 2.32 -28.36
N GLN F 34 75.20 2.65 -27.69
CA GLN F 34 75.53 1.99 -26.44
C GLN F 34 75.05 2.70 -25.17
N VAL F 35 75.90 3.53 -24.57
CA VAL F 35 75.50 4.22 -23.36
C VAL F 35 75.81 5.71 -23.44
N LEU F 36 74.92 6.51 -22.85
CA LEU F 36 75.07 7.97 -22.83
C LEU F 36 75.13 8.51 -21.40
N PRO F 37 75.87 9.61 -21.19
CA PRO F 37 76.03 10.26 -19.87
C PRO F 37 74.72 10.90 -19.41
N GLU F 38 74.48 10.91 -18.10
CA GLU F 38 73.23 11.48 -17.57
C GLU F 38 72.95 12.89 -18.10
N ARG F 39 73.93 13.50 -18.75
CA ARG F 39 73.75 14.85 -19.28
C ARG F 39 72.86 14.87 -20.52
N TYR F 40 72.47 13.69 -20.99
CA TYR F 40 71.61 13.61 -22.18
C TYR F 40 70.20 13.17 -21.78
N SER F 41 69.89 13.31 -20.50
CA SER F 41 68.61 12.94 -19.94
C SER F 41 67.43 13.61 -20.63
N SER F 42 67.65 14.81 -21.16
CA SER F 42 66.58 15.54 -21.83
C SER F 42 66.16 14.91 -23.17
N LEU F 43 66.81 13.80 -23.53
CA LEU F 43 66.49 13.11 -24.78
C LEU F 43 65.79 11.79 -24.51
N GLU F 44 65.56 11.50 -23.24
CA GLU F 44 64.90 10.26 -22.84
C GLU F 44 63.67 9.93 -23.69
N THR F 45 62.73 10.86 -23.77
CA THR F 45 61.50 10.61 -24.53
C THR F 45 61.65 10.54 -26.05
N SER F 46 62.85 10.77 -26.57
CA SER F 46 63.06 10.67 -28.00
C SER F 46 64.34 9.90 -28.32
N ARG F 47 64.58 8.84 -27.54
CA ARG F 47 65.76 8.00 -27.71
C ARG F 47 65.67 7.27 -29.03
N LEU F 48 64.45 6.96 -29.46
CA LEU F 48 64.26 6.26 -30.73
C LEU F 48 64.78 7.07 -31.91
N THR F 49 64.67 8.40 -31.85
CA THR F 49 65.18 9.20 -32.97
C THR F 49 66.70 9.29 -32.89
N ILE F 50 67.26 9.13 -31.70
CA ILE F 50 68.71 9.17 -31.55
C ILE F 50 69.23 7.88 -32.18
N ALA F 51 68.48 6.79 -31.96
CA ALA F 51 68.84 5.49 -32.52
C ALA F 51 68.80 5.60 -34.03
N PHE F 52 67.79 6.31 -34.54
CA PHE F 52 67.61 6.53 -35.98
C PHE F 52 68.83 7.26 -36.55
N PHE F 53 69.26 8.33 -35.91
CA PHE F 53 70.42 9.08 -36.39
C PHE F 53 71.65 8.19 -36.49
N ALA F 54 71.81 7.29 -35.52
CA ALA F 54 72.96 6.40 -35.48
C ALA F 54 72.86 5.25 -36.49
N LEU F 55 71.70 4.59 -36.53
CA LEU F 55 71.50 3.47 -37.45
C LEU F 55 71.50 3.94 -38.91
N SER F 56 70.73 4.99 -39.19
CA SER F 56 70.67 5.52 -40.55
C SER F 56 72.05 6.04 -40.94
N GLY F 57 72.74 6.63 -39.96
CA GLY F 57 74.08 7.14 -40.19
C GLY F 57 75.04 6.01 -40.52
N LEU F 58 74.91 4.88 -39.83
CA LEU F 58 75.77 3.72 -40.08
C LEU F 58 75.42 3.10 -41.43
N ASP F 59 74.14 3.13 -41.79
CA ASP F 59 73.69 2.58 -43.05
C ASP F 59 74.29 3.42 -44.18
N MET F 60 74.25 4.73 -44.01
CA MET F 60 74.79 5.68 -44.99
C MET F 60 76.29 5.50 -45.19
N LEU F 61 76.98 5.00 -44.16
CA LEU F 61 78.42 4.77 -44.22
C LEU F 61 78.70 3.30 -44.56
N ASP F 62 77.62 2.55 -44.79
CA ASP F 62 77.69 1.14 -45.12
C ASP F 62 78.42 0.32 -44.05
N SER F 63 78.06 0.52 -42.78
CA SER F 63 78.68 -0.21 -41.69
C SER F 63 77.68 -0.78 -40.72
N LEU F 64 76.50 -1.17 -41.20
CA LEU F 64 75.50 -1.72 -40.30
C LEU F 64 75.93 -3.04 -39.67
N ASP F 65 76.95 -3.66 -40.25
CA ASP F 65 77.44 -4.93 -39.75
C ASP F 65 78.07 -4.85 -38.34
N VAL F 66 78.41 -3.65 -37.88
CA VAL F 66 79.01 -3.51 -36.57
C VAL F 66 78.00 -3.54 -35.42
N VAL F 67 76.74 -3.83 -35.72
CA VAL F 67 75.73 -3.88 -34.68
C VAL F 67 74.92 -5.17 -34.82
N ASN F 68 74.22 -5.55 -33.77
CA ASN F 68 73.42 -6.76 -33.83
C ASN F 68 72.01 -6.38 -34.25
N LYS F 69 71.74 -6.49 -35.56
CA LYS F 69 70.44 -6.14 -36.12
C LYS F 69 69.26 -6.78 -35.37
N ASP F 70 69.41 -8.05 -35.01
CA ASP F 70 68.33 -8.75 -34.32
C ASP F 70 67.99 -8.21 -32.94
N ASP F 71 69.00 -7.86 -32.17
CA ASP F 71 68.75 -7.33 -30.83
C ASP F 71 68.03 -6.00 -30.91
N ILE F 72 68.53 -5.12 -31.78
CA ILE F 72 67.94 -3.80 -31.95
C ILE F 72 66.50 -3.86 -32.47
N ILE F 73 66.22 -4.79 -33.37
CA ILE F 73 64.87 -4.92 -33.91
C ILE F 73 63.88 -5.28 -32.81
N GLU F 74 64.32 -6.09 -31.85
CA GLU F 74 63.44 -6.50 -30.76
C GLU F 74 63.19 -5.31 -29.84
N TRP F 75 64.23 -4.51 -29.63
CA TRP F 75 64.11 -3.33 -28.78
C TRP F 75 63.08 -2.38 -29.39
N ILE F 76 63.19 -2.16 -30.70
CA ILE F 76 62.26 -1.29 -31.40
C ILE F 76 60.83 -1.78 -31.29
N TYR F 77 60.63 -3.08 -31.49
CA TYR F 77 59.28 -3.62 -31.38
C TYR F 77 58.72 -3.53 -29.97
N SER F 78 59.59 -3.40 -28.97
CA SER F 78 59.11 -3.29 -27.60
C SER F 78 58.56 -1.89 -27.37
N LEU F 79 58.76 -1.03 -28.36
CA LEU F 79 58.28 0.35 -28.25
C LEU F 79 56.94 0.58 -28.94
N GLN F 80 56.40 -0.47 -29.57
CA GLN F 80 55.12 -0.33 -30.25
C GLN F 80 53.94 -0.39 -29.30
N VAL F 81 53.04 0.59 -29.42
CA VAL F 81 51.85 0.64 -28.61
C VAL F 81 50.81 -0.13 -29.41
N LEU F 82 50.57 -1.37 -29.00
CA LEU F 82 49.62 -2.25 -29.68
C LEU F 82 48.22 -2.12 -29.13
N PRO F 83 47.22 -2.45 -29.95
CA PRO F 83 45.84 -2.35 -29.48
C PRO F 83 45.55 -3.42 -28.41
N THR F 84 44.79 -3.04 -27.39
CA THR F 84 44.45 -3.95 -26.31
C THR F 84 43.40 -4.96 -26.78
N GLU F 85 43.07 -5.92 -25.90
CA GLU F 85 42.09 -6.96 -26.22
C GLU F 85 40.79 -6.37 -26.76
N ASP F 86 40.22 -5.41 -26.04
CA ASP F 86 38.97 -4.78 -26.45
C ASP F 86 39.13 -3.76 -27.58
N ARG F 87 40.37 -3.52 -28.01
CA ARG F 87 40.67 -2.58 -29.08
C ARG F 87 40.05 -1.19 -28.86
N SER F 88 40.05 -0.75 -27.60
CA SER F 88 39.49 0.54 -27.24
C SER F 88 40.54 1.65 -27.22
N ASN F 89 41.75 1.32 -27.65
CA ASN F 89 42.85 2.29 -27.65
C ASN F 89 43.46 2.48 -29.04
N LEU F 90 42.67 2.20 -30.08
CA LEU F 90 43.18 2.34 -31.44
C LEU F 90 43.70 3.72 -31.77
N ASP F 91 43.00 4.75 -31.30
CA ASP F 91 43.38 6.14 -31.53
C ASP F 91 44.68 6.53 -30.87
N ARG F 92 45.33 5.59 -30.17
CA ARG F 92 46.58 5.88 -29.49
C ARG F 92 47.73 4.97 -29.87
N CYS F 93 47.56 4.19 -30.92
CA CYS F 93 48.61 3.29 -31.34
C CYS F 93 49.69 3.96 -32.18
N GLY F 94 50.86 3.34 -32.20
CA GLY F 94 52.02 3.85 -32.93
C GLY F 94 53.23 3.41 -32.14
N PHE F 95 54.24 4.26 -32.01
CA PHE F 95 55.43 3.90 -31.24
C PHE F 95 55.79 4.92 -30.17
N ARG F 96 56.50 4.47 -29.14
CA ARG F 96 56.94 5.33 -28.05
C ARG F 96 58.38 5.70 -28.32
N GLY F 97 58.86 6.78 -27.71
CA GLY F 97 60.24 7.20 -27.91
C GLY F 97 61.21 6.35 -27.11
N SER F 98 60.71 5.79 -26.01
CA SER F 98 61.51 4.93 -25.13
C SER F 98 60.58 4.22 -24.17
N SER F 99 61.18 3.59 -23.17
CA SER F 99 60.43 2.84 -22.16
C SER F 99 60.22 3.60 -20.86
N TYR F 100 60.34 4.93 -20.90
CA TYR F 100 60.20 5.71 -19.68
C TYR F 100 58.90 5.54 -18.88
N LEU F 101 57.86 4.97 -19.46
CA LEU F 101 56.61 4.80 -18.70
C LEU F 101 56.60 3.63 -17.75
N GLY F 102 57.53 2.69 -17.94
CA GLY F 102 57.60 1.55 -17.05
C GLY F 102 56.78 0.34 -17.45
N ILE F 103 56.40 0.27 -18.71
CA ILE F 103 55.63 -0.86 -19.20
C ILE F 103 56.58 -2.03 -19.42
N PRO F 104 56.22 -3.23 -18.91
CA PRO F 104 57.05 -4.44 -19.03
C PRO F 104 57.44 -4.78 -20.46
N PHE F 105 58.73 -5.03 -20.66
CA PHE F 105 59.29 -5.38 -21.97
C PHE F 105 58.45 -6.39 -22.73
N ASN F 106 58.08 -6.04 -23.96
CA ASN F 106 57.26 -6.90 -24.80
C ASN F 106 57.48 -6.57 -26.28
N PRO F 107 58.38 -7.31 -26.95
CA PRO F 107 58.68 -7.09 -28.36
C PRO F 107 57.54 -7.42 -29.32
N SER F 108 56.40 -6.75 -29.12
CA SER F 108 55.21 -6.96 -29.95
C SER F 108 54.86 -8.44 -30.07
N LYS F 109 54.84 -9.13 -28.92
CA LYS F 109 54.50 -10.54 -28.88
C LYS F 109 53.07 -10.70 -28.33
N ASN F 110 52.88 -10.35 -27.06
CA ASN F 110 51.56 -10.43 -26.44
C ASN F 110 50.76 -9.19 -26.80
N PRO F 111 49.45 -9.18 -26.52
CA PRO F 111 48.62 -8.00 -26.84
C PRO F 111 48.95 -6.81 -25.93
N GLY F 112 48.42 -5.65 -26.28
CA GLY F 112 48.69 -4.45 -25.51
C GLY F 112 48.17 -4.42 -24.09
N THR F 113 49.01 -3.97 -23.16
CA THR F 113 48.65 -3.87 -21.75
C THR F 113 48.15 -2.45 -21.48
N ALA F 114 46.87 -2.34 -21.10
CA ALA F 114 46.25 -1.05 -20.83
C ALA F 114 47.04 -0.18 -19.85
N HIS F 115 47.03 1.13 -20.11
CA HIS F 115 47.74 2.10 -19.28
C HIS F 115 47.10 3.45 -19.60
N PRO F 116 46.68 4.19 -18.58
CA PRO F 116 46.03 5.49 -18.75
C PRO F 116 46.77 6.54 -19.60
N TYR F 117 48.09 6.49 -19.64
CA TYR F 117 48.84 7.49 -20.38
C TYR F 117 49.80 6.96 -21.44
N ASP F 118 49.68 5.70 -21.82
CA ASP F 118 50.57 5.15 -22.84
C ASP F 118 49.99 5.26 -24.24
N SER F 119 50.71 5.96 -25.12
CA SER F 119 50.28 6.12 -26.50
C SER F 119 51.49 6.48 -27.36
N GLY F 120 51.32 6.45 -28.68
CA GLY F 120 52.44 6.74 -29.56
C GLY F 120 52.74 8.22 -29.77
N HIS F 121 53.87 8.49 -30.41
CA HIS F 121 54.30 9.84 -30.72
C HIS F 121 54.64 9.82 -32.22
N ILE F 122 53.97 10.67 -32.99
CA ILE F 122 54.15 10.70 -34.44
C ILE F 122 55.60 10.67 -34.95
N ALA F 123 56.51 11.37 -34.30
CA ALA F 123 57.90 11.37 -34.74
C ALA F 123 58.59 10.05 -34.40
N MET F 124 58.04 9.34 -33.41
CA MET F 124 58.62 8.06 -33.02
C MET F 124 58.10 6.96 -33.91
N THR F 125 56.84 7.06 -34.33
CA THR F 125 56.26 6.07 -35.23
C THR F 125 57.05 6.15 -36.53
N TYR F 126 57.33 7.38 -36.97
CA TYR F 126 58.10 7.62 -38.19
C TYR F 126 59.51 7.03 -38.09
N THR F 127 60.30 7.49 -37.12
CA THR F 127 61.67 6.99 -36.98
C THR F 127 61.71 5.51 -36.64
N GLY F 128 60.68 5.01 -35.95
CA GLY F 128 60.63 3.60 -35.62
C GLY F 128 60.51 2.73 -36.86
N LEU F 129 59.47 2.97 -37.67
CA LEU F 129 59.27 2.22 -38.91
C LEU F 129 60.50 2.36 -39.78
N SER F 130 61.03 3.57 -39.83
CA SER F 130 62.21 3.87 -40.60
C SER F 130 63.40 2.98 -40.17
N CYS F 131 63.60 2.85 -38.86
CA CYS F 131 64.69 2.01 -38.34
C CYS F 131 64.50 0.53 -38.69
N LEU F 132 63.27 0.05 -38.56
CA LEU F 132 62.97 -1.34 -38.87
C LEU F 132 63.34 -1.66 -40.32
N ILE F 133 63.01 -0.77 -41.24
CA ILE F 133 63.34 -1.00 -42.65
C ILE F 133 64.86 -0.97 -42.89
N ILE F 134 65.53 -0.07 -42.21
CA ILE F 134 66.98 0.04 -42.34
C ILE F 134 67.64 -1.24 -41.85
N LEU F 135 67.09 -1.82 -40.78
CA LEU F 135 67.65 -3.04 -40.20
C LEU F 135 67.26 -4.31 -40.95
N GLY F 136 66.43 -4.19 -41.97
CA GLY F 136 66.03 -5.35 -42.75
C GLY F 136 64.74 -6.05 -42.39
N ASP F 137 64.09 -5.61 -41.31
CA ASP F 137 62.83 -6.22 -40.91
C ASP F 137 61.79 -6.02 -42.02
N ASP F 138 60.74 -6.85 -42.02
CA ASP F 138 59.72 -6.74 -43.05
C ASP F 138 58.41 -6.13 -42.57
N LEU F 139 58.43 -5.56 -41.37
CA LEU F 139 57.25 -4.90 -40.81
C LEU F 139 56.05 -5.81 -40.56
N SER F 140 56.26 -7.12 -40.55
CA SER F 140 55.15 -8.05 -40.33
C SER F 140 54.56 -7.96 -38.92
N ARG F 141 55.37 -7.55 -37.95
CA ARG F 141 54.89 -7.42 -36.58
C ARG F 141 54.31 -6.03 -36.28
N VAL F 142 54.23 -5.20 -37.32
CA VAL F 142 53.67 -3.86 -37.16
C VAL F 142 52.17 -3.95 -37.42
N ASP F 143 51.35 -3.44 -36.52
CA ASP F 143 49.91 -3.45 -36.73
C ASP F 143 49.58 -2.23 -37.59
N LYS F 144 49.78 -2.38 -38.90
CA LYS F 144 49.53 -1.30 -39.83
C LYS F 144 48.23 -0.54 -39.63
N GLU F 145 47.12 -1.26 -39.51
CA GLU F 145 45.84 -0.61 -39.34
C GLU F 145 45.74 0.22 -38.08
N ALA F 146 46.36 -0.25 -37.00
CA ALA F 146 46.34 0.47 -35.74
C ALA F 146 47.14 1.76 -35.86
N CYS F 147 48.31 1.68 -36.48
CA CYS F 147 49.14 2.87 -36.66
C CYS F 147 48.41 3.92 -37.49
N LEU F 148 47.77 3.49 -38.57
CA LEU F 148 47.04 4.41 -39.44
C LEU F 148 45.84 5.02 -38.73
N ALA F 149 45.25 4.26 -37.81
CA ALA F 149 44.12 4.75 -37.04
C ALA F 149 44.63 5.84 -36.10
N GLY F 150 45.79 5.59 -35.50
CA GLY F 150 46.39 6.55 -34.59
C GLY F 150 46.80 7.82 -35.32
N LEU F 151 47.34 7.64 -36.53
CA LEU F 151 47.75 8.77 -37.34
C LEU F 151 46.56 9.68 -37.64
N ARG F 152 45.48 9.10 -38.14
CA ARG F 152 44.27 9.88 -38.48
C ARG F 152 43.78 10.72 -37.31
N ALA F 153 43.89 10.17 -36.10
CA ALA F 153 43.43 10.86 -34.91
C ALA F 153 44.25 12.11 -34.59
N LEU F 154 45.46 12.20 -35.12
CA LEU F 154 46.32 13.33 -34.85
C LEU F 154 46.10 14.55 -35.75
N GLN F 155 45.42 14.39 -36.87
CA GLN F 155 45.21 15.50 -37.78
C GLN F 155 44.15 16.48 -37.33
N LEU F 156 44.45 17.77 -37.46
CA LEU F 156 43.53 18.83 -37.06
C LEU F 156 42.67 19.34 -38.22
N GLU F 157 41.71 20.19 -37.93
CA GLU F 157 40.83 20.74 -38.95
C GLU F 157 41.57 21.48 -40.06
N ASP F 158 42.66 22.17 -39.70
CA ASP F 158 43.41 22.93 -40.70
C ASP F 158 44.35 22.09 -41.56
N GLY F 159 44.36 20.78 -41.33
CA GLY F 159 45.21 19.92 -42.14
C GLY F 159 46.51 19.49 -41.50
N SER F 160 47.01 20.24 -40.52
CA SER F 160 48.26 19.89 -39.85
C SER F 160 48.06 18.75 -38.83
N PHE F 161 49.15 18.36 -38.17
CA PHE F 161 49.11 17.29 -37.19
C PHE F 161 49.72 17.62 -35.82
N CYS F 162 49.30 16.85 -34.81
CA CYS F 162 49.82 16.95 -33.46
C CYS F 162 50.75 15.75 -33.33
N ALA F 163 51.57 15.71 -32.29
CA ALA F 163 52.49 14.58 -32.12
C ALA F 163 51.88 13.43 -31.29
N VAL F 164 51.01 13.77 -30.35
CA VAL F 164 50.39 12.79 -29.48
C VAL F 164 48.90 13.07 -29.30
N PRO F 165 48.08 12.01 -29.10
CA PRO F 165 46.63 12.15 -28.91
C PRO F 165 46.22 13.00 -27.71
N GLU F 166 47.08 13.09 -26.68
CA GLU F 166 46.76 13.88 -25.50
C GLU F 166 46.85 15.37 -25.82
N GLY F 167 47.47 15.69 -26.96
CA GLY F 167 47.61 17.08 -27.36
C GLY F 167 49.04 17.60 -27.33
N SER F 168 49.36 18.52 -28.24
CA SER F 168 50.68 19.12 -28.31
C SER F 168 50.60 20.25 -29.30
N GLU F 169 51.73 20.87 -29.60
CA GLU F 169 51.74 21.95 -30.58
C GLU F 169 51.55 21.26 -31.92
N ASN F 170 51.16 22.01 -32.96
CA ASN F 170 50.96 21.44 -34.27
C ASN F 170 51.64 22.29 -35.34
N ASP F 171 52.36 21.66 -36.26
CA ASP F 171 53.03 22.40 -37.32
C ASP F 171 53.53 21.50 -38.44
N MET F 172 54.28 22.10 -39.36
CA MET F 172 54.83 21.40 -40.51
C MET F 172 55.71 20.18 -40.19
N ARG F 173 56.42 20.21 -39.06
CA ARG F 173 57.27 19.08 -38.68
C ARG F 173 56.48 17.78 -38.68
N PHE F 174 55.29 17.82 -38.08
CA PHE F 174 54.46 16.63 -37.96
C PHE F 174 53.71 16.28 -39.25
N VAL F 175 53.56 17.24 -40.15
CA VAL F 175 52.92 16.95 -41.44
C VAL F 175 53.88 16.05 -42.20
N TYR F 176 55.18 16.34 -42.09
CA TYR F 176 56.21 15.53 -42.75
C TYR F 176 56.24 14.12 -42.17
N CYS F 177 56.12 14.01 -40.85
CA CYS F 177 56.12 12.70 -40.20
C CYS F 177 54.96 11.87 -40.70
N ALA F 178 53.78 12.48 -40.77
CA ALA F 178 52.57 11.79 -41.24
C ALA F 178 52.79 11.29 -42.67
N SER F 179 53.36 12.15 -43.51
CA SER F 179 53.62 11.78 -44.89
C SER F 179 54.57 10.59 -44.99
N CYS F 180 55.63 10.59 -44.18
CA CYS F 180 56.59 9.49 -44.22
C CYS F 180 55.95 8.18 -43.76
N ILE F 181 55.10 8.26 -42.75
CA ILE F 181 54.43 7.06 -42.25
C ILE F 181 53.53 6.47 -43.33
N CYS F 182 52.66 7.30 -43.92
CA CYS F 182 51.77 6.84 -44.98
C CYS F 182 52.54 6.25 -46.13
N TYR F 183 53.65 6.89 -46.49
CA TYR F 183 54.46 6.41 -47.59
C TYR F 183 55.10 5.03 -47.30
N MET F 184 55.67 4.86 -46.12
CA MET F 184 56.30 3.59 -45.75
C MET F 184 55.31 2.45 -45.63
N LEU F 185 54.13 2.74 -45.10
CA LEU F 185 53.11 1.71 -44.96
C LEU F 185 52.36 1.61 -46.28
N ASN F 186 52.83 2.37 -47.27
CA ASN F 186 52.23 2.40 -48.59
C ASN F 186 50.69 2.43 -48.52
N ASN F 187 50.16 3.34 -47.70
CA ASN F 187 48.73 3.48 -47.52
C ASN F 187 48.42 4.89 -47.03
N TRP F 188 47.77 5.71 -47.86
CA TRP F 188 47.47 7.08 -47.46
C TRP F 188 46.14 7.28 -46.75
N SER F 189 45.59 6.21 -46.18
CA SER F 189 44.33 6.35 -45.46
C SER F 189 44.62 6.95 -44.10
N GLY F 190 45.91 7.11 -43.80
CA GLY F 190 46.33 7.67 -42.54
C GLY F 190 46.09 9.16 -42.43
N MET F 191 45.77 9.82 -43.54
CA MET F 191 45.53 11.26 -43.51
C MET F 191 44.54 11.72 -44.57
N ASP F 192 44.05 12.94 -44.39
CA ASP F 192 43.15 13.57 -45.34
C ASP F 192 44.11 14.43 -46.15
N MET F 193 44.64 13.86 -47.22
CA MET F 193 45.61 14.52 -48.07
C MET F 193 45.19 15.88 -48.59
N LYS F 194 43.91 16.04 -48.87
CA LYS F 194 43.43 17.32 -49.38
C LYS F 194 43.67 18.42 -48.36
N LYS F 195 43.33 18.17 -47.10
CA LYS F 195 43.52 19.15 -46.04
C LYS F 195 45.00 19.43 -45.73
N ALA F 196 45.83 18.40 -45.82
CA ALA F 196 47.25 18.55 -45.55
C ALA F 196 47.87 19.46 -46.61
N ILE F 197 47.50 19.24 -47.86
CA ILE F 197 48.00 20.05 -48.97
C ILE F 197 47.58 21.50 -48.77
N SER F 198 46.38 21.70 -48.27
CA SER F 198 45.90 23.04 -48.04
C SER F 198 46.79 23.74 -47.00
N TYR F 199 47.14 23.00 -45.95
CA TYR F 199 47.98 23.53 -44.90
C TYR F 199 49.35 23.93 -45.46
N ILE F 200 49.92 23.05 -46.28
CA ILE F 200 51.22 23.31 -46.87
C ILE F 200 51.18 24.55 -47.76
N ARG F 201 50.15 24.70 -48.58
CA ARG F 201 50.04 25.88 -49.43
C ARG F 201 49.96 27.16 -48.59
N ARG F 202 49.09 27.17 -47.59
CA ARG F 202 48.91 28.33 -46.75
C ARG F 202 50.14 28.75 -45.95
N SER F 203 51.13 27.88 -45.85
CA SER F 203 52.32 28.21 -45.09
C SER F 203 53.34 29.01 -45.91
N MET F 204 53.08 29.15 -47.21
CA MET F 204 54.00 29.91 -48.04
C MET F 204 53.98 31.38 -47.66
N SER F 205 55.17 31.94 -47.44
CA SER F 205 55.34 33.33 -47.05
C SER F 205 55.42 34.30 -48.23
N TYR F 206 55.37 35.59 -47.91
CA TYR F 206 55.46 36.63 -48.94
C TYR F 206 56.84 36.58 -49.60
N ASP F 207 57.84 36.05 -48.89
CA ASP F 207 59.18 35.97 -49.46
C ASP F 207 59.36 34.64 -50.19
N ASN F 208 58.28 33.88 -50.28
CA ASN F 208 58.24 32.60 -51.00
C ASN F 208 58.78 31.31 -50.39
N GLY F 209 59.27 31.37 -49.16
CA GLY F 209 59.73 30.16 -48.52
C GLY F 209 58.51 29.58 -47.81
N LEU F 210 58.67 28.46 -47.11
CA LEU F 210 57.55 27.87 -46.38
C LEU F 210 57.79 28.02 -44.89
N ALA F 211 56.77 28.39 -44.14
CA ALA F 211 56.91 28.56 -42.69
C ALA F 211 56.29 27.38 -41.95
N GLN F 212 56.42 27.36 -40.63
CA GLN F 212 55.83 26.27 -39.84
C GLN F 212 54.31 26.29 -39.93
N GLY F 213 53.77 27.46 -40.27
CA GLY F 213 52.34 27.62 -40.40
C GLY F 213 52.06 28.97 -41.01
N ALA F 214 50.82 29.21 -41.40
CA ALA F 214 50.42 30.46 -42.03
C ALA F 214 50.80 31.71 -41.22
N GLY F 215 51.38 32.69 -41.91
CA GLY F 215 51.78 33.94 -41.29
C GLY F 215 53.14 33.95 -40.61
N LEU F 216 53.66 32.77 -40.27
CA LEU F 216 54.95 32.68 -39.61
C LEU F 216 56.11 32.94 -40.58
N GLU F 217 57.30 33.16 -40.03
CA GLU F 217 58.51 33.40 -40.84
C GLU F 217 58.93 32.13 -41.58
N SER F 218 59.17 32.24 -42.89
CA SER F 218 59.58 31.07 -43.68
C SER F 218 60.89 30.56 -43.11
N HIS F 219 61.08 29.24 -43.17
CA HIS F 219 62.25 28.60 -42.57
C HIS F 219 62.73 27.38 -43.36
N GLY F 220 64.04 27.17 -43.37
CA GLY F 220 64.60 26.04 -44.11
C GLY F 220 64.06 24.69 -43.69
N GLY F 221 63.81 24.53 -42.40
CA GLY F 221 63.30 23.27 -41.88
C GLY F 221 61.89 22.99 -42.35
N SER F 222 61.00 23.98 -42.23
CA SER F 222 59.62 23.79 -42.65
C SER F 222 59.48 23.74 -44.17
N THR F 223 60.38 24.41 -44.89
CA THR F 223 60.35 24.38 -46.34
C THR F 223 60.67 22.94 -46.79
N PHE F 224 61.66 22.32 -46.14
CA PHE F 224 61.98 20.93 -46.46
C PHE F 224 60.78 20.02 -46.15
N CYS F 225 60.22 20.17 -44.95
CA CYS F 225 59.07 19.36 -44.56
C CYS F 225 57.91 19.48 -45.56
N GLY F 226 57.62 20.70 -45.98
CA GLY F 226 56.53 20.91 -46.93
C GLY F 226 56.80 20.32 -48.31
N ILE F 227 57.92 20.69 -48.91
CA ILE F 227 58.26 20.18 -50.23
C ILE F 227 58.44 18.66 -50.25
N ALA F 228 59.11 18.12 -49.23
CA ALA F 228 59.32 16.66 -49.17
C ALA F 228 57.97 15.93 -49.03
N SER F 229 57.08 16.50 -48.23
CA SER F 229 55.76 15.88 -48.06
C SER F 229 55.02 15.80 -49.40
N LEU F 230 55.04 16.89 -50.15
CA LEU F 230 54.37 16.91 -51.45
C LEU F 230 55.03 15.90 -52.41
N CYS F 231 56.36 15.82 -52.39
CA CYS F 231 57.04 14.87 -53.26
C CYS F 231 56.68 13.44 -52.88
N LEU F 232 56.53 13.19 -51.60
CA LEU F 232 56.16 11.84 -51.13
C LEU F 232 54.75 11.49 -51.59
N MET F 233 53.87 12.49 -51.69
CA MET F 233 52.49 12.29 -52.13
C MET F 233 52.46 12.29 -53.66
N GLY F 234 53.58 12.69 -54.26
CA GLY F 234 53.69 12.77 -55.70
C GLY F 234 52.78 13.86 -56.24
N LYS F 235 52.75 15.01 -55.57
CA LYS F 235 51.88 16.11 -56.01
C LYS F 235 52.52 17.48 -56.07
N LEU F 236 53.85 17.55 -56.09
CA LEU F 236 54.56 18.83 -56.13
C LEU F 236 54.07 19.69 -57.29
N GLU F 237 54.17 19.15 -58.50
CA GLU F 237 53.77 19.83 -59.74
C GLU F 237 52.30 20.24 -59.75
N GLU F 238 51.46 19.44 -59.12
CA GLU F 238 50.02 19.70 -59.06
C GLU F 238 49.63 20.79 -58.07
N VAL F 239 50.41 20.95 -57.00
CA VAL F 239 50.09 21.95 -55.99
C VAL F 239 50.66 23.34 -56.24
N PHE F 240 51.87 23.41 -56.77
CA PHE F 240 52.48 24.71 -57.04
C PHE F 240 52.67 24.93 -58.55
N SER F 241 52.41 26.15 -58.99
CA SER F 241 52.56 26.49 -60.40
C SER F 241 54.04 26.61 -60.72
N GLU F 242 54.36 26.67 -62.00
CA GLU F 242 55.74 26.81 -62.41
C GLU F 242 56.31 28.11 -61.84
N LYS F 243 55.50 29.17 -61.84
CA LYS F 243 55.95 30.46 -61.33
C LYS F 243 56.21 30.36 -59.83
N GLU F 244 55.34 29.64 -59.14
CA GLU F 244 55.49 29.46 -57.71
C GLU F 244 56.75 28.65 -57.37
N LEU F 245 56.97 27.55 -58.10
CA LEU F 245 58.14 26.72 -57.90
C LEU F 245 59.42 27.50 -58.17
N ASN F 246 59.38 28.44 -59.12
CA ASN F 246 60.56 29.23 -59.42
C ASN F 246 60.89 30.15 -58.25
N ARG F 247 59.85 30.67 -57.61
CA ARG F 247 60.05 31.56 -56.48
C ARG F 247 60.59 30.79 -55.29
N ILE F 248 60.05 29.59 -55.06
CA ILE F 248 60.50 28.75 -53.96
C ILE F 248 61.98 28.41 -54.19
N LYS F 249 62.32 28.03 -55.42
CA LYS F 249 63.70 27.70 -55.76
C LYS F 249 64.62 28.86 -55.45
N ARG F 250 64.19 30.07 -55.80
CA ARG F 250 65.00 31.27 -55.56
C ARG F 250 65.25 31.45 -54.07
N TRP F 251 64.20 31.24 -53.27
CA TRP F 251 64.35 31.41 -51.83
C TRP F 251 65.33 30.41 -51.25
N CYS F 252 65.25 29.17 -51.71
CA CYS F 252 66.12 28.10 -51.24
C CYS F 252 67.57 28.32 -51.61
N ILE F 253 67.84 28.58 -52.88
CA ILE F 253 69.22 28.75 -53.30
C ILE F 253 69.89 29.97 -52.68
N MET F 254 69.09 30.93 -52.22
CA MET F 254 69.66 32.12 -51.59
C MET F 254 70.13 31.80 -50.17
N ARG F 255 69.86 30.58 -49.70
CA ARG F 255 70.27 30.17 -48.36
C ARG F 255 71.75 29.80 -48.25
N GLN F 256 72.43 29.59 -49.38
CA GLN F 256 73.84 29.26 -49.30
C GLN F 256 74.73 30.49 -49.13
N GLN F 257 75.56 30.47 -48.09
CA GLN F 257 76.50 31.56 -47.81
C GLN F 257 77.90 31.01 -48.09
N ASN F 258 78.09 29.75 -47.68
CA ASN F 258 79.28 28.93 -47.87
C ASN F 258 78.65 27.59 -47.53
N GLY F 259 78.18 27.48 -46.28
CA GLY F 259 77.43 26.32 -45.84
C GLY F 259 76.02 26.90 -45.98
N TYR F 260 75.04 26.35 -45.28
CA TYR F 260 73.68 26.90 -45.41
C TYR F 260 73.08 27.39 -44.09
N HIS F 261 72.25 28.44 -44.15
CA HIS F 261 71.57 28.92 -42.94
C HIS F 261 70.09 28.58 -43.11
N GLY F 262 69.31 28.64 -42.03
CA GLY F 262 67.90 28.31 -42.14
C GLY F 262 66.96 29.47 -42.44
N ARG F 263 67.46 30.69 -42.28
CA ARG F 263 66.67 31.90 -42.51
C ARG F 263 67.57 33.05 -42.92
N PRO F 264 67.05 34.00 -43.72
CA PRO F 264 67.86 35.14 -44.15
C PRO F 264 68.49 35.83 -42.93
N ASN F 265 69.74 36.24 -43.08
CA ASN F 265 70.48 36.93 -42.01
C ASN F 265 70.78 36.14 -40.74
N LYS F 266 70.76 34.81 -40.85
CA LYS F 266 71.08 33.95 -39.71
C LYS F 266 72.40 33.25 -40.03
N PRO F 267 73.20 32.90 -39.01
CA PRO F 267 74.47 32.21 -39.27
C PRO F 267 74.28 30.79 -39.81
N VAL F 268 75.22 30.32 -40.64
CA VAL F 268 75.09 28.97 -41.19
C VAL F 268 75.16 27.90 -40.11
N ASP F 269 74.57 26.74 -40.40
CA ASP F 269 74.50 25.63 -39.48
C ASP F 269 74.58 24.34 -40.32
N THR F 270 75.52 23.46 -39.98
CA THR F 270 75.70 22.21 -40.72
C THR F 270 74.44 21.45 -41.12
N CYS F 271 73.48 21.27 -40.22
CA CYS F 271 72.29 20.50 -40.57
C CYS F 271 71.49 21.07 -41.74
N TYR F 272 71.65 22.35 -42.04
CA TYR F 272 70.92 22.93 -43.16
C TYR F 272 71.49 22.51 -44.51
N SER F 273 72.68 21.92 -44.49
CA SER F 273 73.27 21.42 -45.71
C SER F 273 72.35 20.29 -46.19
N PHE F 274 71.61 19.70 -45.27
CA PHE F 274 70.66 18.68 -45.66
C PHE F 274 69.26 19.27 -45.82
N TRP F 275 68.75 19.95 -44.80
CA TRP F 275 67.41 20.54 -44.88
C TRP F 275 67.17 21.32 -46.19
N VAL F 276 68.05 22.26 -46.47
CA VAL F 276 67.92 23.07 -47.68
C VAL F 276 68.46 22.31 -48.89
N GLY F 277 69.64 21.71 -48.74
CA GLY F 277 70.25 20.95 -49.82
C GLY F 277 69.33 19.88 -50.41
N ALA F 278 68.62 19.17 -49.53
CA ALA F 278 67.70 18.14 -49.97
C ALA F 278 66.50 18.76 -50.68
N THR F 279 66.09 19.96 -50.25
CA THR F 279 64.96 20.63 -50.89
C THR F 279 65.38 21.01 -52.31
N LEU F 280 66.60 21.53 -52.45
CA LEU F 280 67.11 21.92 -53.75
C LEU F 280 67.22 20.70 -54.68
N LYS F 281 67.59 19.56 -54.10
CA LYS F 281 67.72 18.32 -54.85
C LYS F 281 66.33 17.89 -55.35
N LEU F 282 65.32 18.02 -54.50
CA LEU F 282 63.97 17.67 -54.91
C LEU F 282 63.45 18.61 -55.99
N LEU F 283 63.92 19.87 -55.96
CA LEU F 283 63.51 20.87 -56.94
C LEU F 283 64.42 20.84 -58.18
N LYS F 284 65.31 19.86 -58.20
CA LYS F 284 66.25 19.63 -59.29
C LYS F 284 67.19 20.78 -59.66
N ILE F 285 67.66 21.53 -58.68
CA ILE F 285 68.59 22.61 -58.97
C ILE F 285 69.75 22.61 -58.00
N PHE F 286 69.89 21.54 -57.20
CA PHE F 286 71.01 21.47 -56.26
C PHE F 286 72.31 21.48 -57.05
N GLN F 287 72.23 20.93 -58.25
CA GLN F 287 73.37 20.86 -59.18
C GLN F 287 73.94 22.23 -59.52
N TYR F 288 73.18 23.29 -59.29
CA TYR F 288 73.63 24.64 -59.60
C TYR F 288 74.22 25.40 -58.41
N THR F 289 74.33 24.73 -57.28
CA THR F 289 74.91 25.35 -56.09
C THR F 289 76.42 25.18 -56.15
N ASN F 290 77.13 25.80 -55.21
CA ASN F 290 78.59 25.69 -55.16
C ASN F 290 78.96 24.55 -54.19
N PHE F 291 79.39 23.42 -54.74
CA PHE F 291 79.75 22.25 -53.94
C PHE F 291 80.95 22.42 -53.01
N GLU F 292 82.04 22.97 -53.53
CA GLU F 292 83.24 23.11 -52.73
C GLU F 292 83.10 23.89 -51.43
N LYS F 293 82.45 25.06 -51.48
CA LYS F 293 82.28 25.85 -50.27
C LYS F 293 81.39 25.17 -49.26
N ASN F 294 80.40 24.42 -49.75
CA ASN F 294 79.48 23.71 -48.88
C ASN F 294 80.25 22.57 -48.21
N ARG F 295 80.98 21.79 -49.00
CA ARG F 295 81.77 20.68 -48.47
C ARG F 295 82.80 21.20 -47.48
N ASN F 296 83.48 22.29 -47.82
CA ASN F 296 84.48 22.83 -46.92
C ASN F 296 83.91 23.26 -45.58
N TYR F 297 82.71 23.85 -45.61
CA TYR F 297 82.09 24.28 -44.36
C TYR F 297 81.75 23.05 -43.51
N ILE F 298 81.07 22.08 -44.10
CA ILE F 298 80.69 20.88 -43.36
C ILE F 298 81.91 20.24 -42.68
N LEU F 299 82.98 20.05 -43.45
CA LEU F 299 84.17 19.43 -42.89
C LEU F 299 84.80 20.26 -41.78
N SER F 300 84.61 21.58 -41.82
CA SER F 300 85.18 22.43 -40.78
C SER F 300 84.50 22.22 -39.43
N THR F 301 83.37 21.51 -39.41
CA THR F 301 82.65 21.26 -38.17
C THR F 301 82.86 19.82 -37.72
N GLN F 302 83.77 19.14 -38.40
CA GLN F 302 84.07 17.74 -38.09
C GLN F 302 84.95 17.66 -36.87
N ASP F 303 84.60 16.80 -35.92
CA ASP F 303 85.44 16.63 -34.72
C ASP F 303 86.42 15.51 -35.03
N ARG F 304 87.66 15.87 -35.32
CA ARG F 304 88.70 14.91 -35.69
C ARG F 304 89.14 13.98 -34.57
N LEU F 305 88.78 14.34 -33.33
CA LEU F 305 89.17 13.52 -32.19
C LEU F 305 88.11 12.48 -31.82
N VAL F 306 86.88 12.90 -31.56
CA VAL F 306 85.83 11.97 -31.17
C VAL F 306 84.94 11.52 -32.33
N GLY F 307 84.97 12.25 -33.44
CA GLY F 307 84.13 11.91 -34.57
C GLY F 307 82.83 12.71 -34.57
N GLY F 308 82.00 12.53 -35.58
CA GLY F 308 80.75 13.27 -35.65
C GLY F 308 80.95 14.70 -36.12
N PHE F 309 79.86 15.44 -36.29
CA PHE F 309 79.92 16.84 -36.71
C PHE F 309 79.14 17.73 -35.74
N ALA F 310 79.45 19.02 -35.74
CA ALA F 310 78.78 19.99 -34.86
C ALA F 310 78.05 21.00 -35.75
N LYS F 311 77.25 21.88 -35.16
CA LYS F 311 76.53 22.84 -35.99
C LYS F 311 77.50 23.91 -36.49
N TRP F 312 78.47 24.25 -35.65
CA TRP F 312 79.47 25.25 -36.00
C TRP F 312 80.88 24.71 -35.77
N PRO F 313 81.88 25.31 -36.42
CA PRO F 313 83.25 24.83 -36.22
C PRO F 313 83.68 25.08 -34.78
N ASP F 314 84.56 24.23 -34.26
CA ASP F 314 85.01 24.39 -32.87
C ASP F 314 83.79 24.41 -31.94
N SER F 315 82.98 23.36 -32.04
CA SER F 315 81.78 23.24 -31.24
C SER F 315 81.63 21.73 -31.00
N HIS F 316 80.97 21.34 -29.92
CA HIS F 316 80.83 19.92 -29.64
C HIS F 316 79.88 19.21 -30.58
N PRO F 317 80.25 18.03 -31.04
CA PRO F 317 79.42 17.23 -31.95
C PRO F 317 78.27 16.52 -31.26
N ASP F 318 77.25 16.16 -32.04
CA ASP F 318 76.09 15.45 -31.53
C ASP F 318 75.56 14.54 -32.64
N ALA F 319 74.68 13.62 -32.28
CA ALA F 319 74.13 12.68 -33.25
C ALA F 319 73.37 13.34 -34.39
N LEU F 320 72.61 14.40 -34.10
CA LEU F 320 71.85 15.08 -35.14
C LEU F 320 72.74 15.70 -36.21
N HIS F 321 73.74 16.47 -35.81
CA HIS F 321 74.61 17.09 -36.79
C HIS F 321 75.55 16.10 -37.47
N ALA F 322 75.88 15.03 -36.77
CA ALA F 322 76.75 14.02 -37.34
C ALA F 322 75.97 13.39 -38.51
N TYR F 323 74.71 13.05 -38.25
CA TYR F 323 73.89 12.42 -39.28
C TYR F 323 73.60 13.36 -40.44
N PHE F 324 73.12 14.56 -40.16
CA PHE F 324 72.81 15.50 -41.22
C PHE F 324 74.04 16.04 -41.97
N GLY F 325 75.18 16.08 -41.29
CA GLY F 325 76.38 16.55 -41.95
C GLY F 325 76.75 15.50 -43.00
N ILE F 326 76.60 14.23 -42.62
CA ILE F 326 76.90 13.14 -43.51
C ILE F 326 75.92 13.11 -44.68
N CYS F 327 74.64 13.34 -44.41
CA CYS F 327 73.64 13.36 -45.50
C CYS F 327 73.92 14.56 -46.42
N GLY F 328 74.42 15.65 -45.85
CA GLY F 328 74.74 16.82 -46.64
C GLY F 328 75.86 16.49 -47.60
N LEU F 329 76.88 15.79 -47.11
CA LEU F 329 78.02 15.37 -47.91
C LEU F 329 77.53 14.40 -49.00
N SER F 330 76.57 13.55 -48.63
CA SER F 330 75.98 12.57 -49.54
C SER F 330 75.33 13.22 -50.76
N LEU F 331 74.61 14.32 -50.53
CA LEU F 331 73.94 15.04 -51.61
C LEU F 331 74.92 15.35 -52.75
N MET F 332 76.19 15.58 -52.41
CA MET F 332 77.21 15.87 -53.42
C MET F 332 78.03 14.62 -53.77
N GLU F 333 77.50 13.46 -53.37
CA GLU F 333 78.11 12.15 -53.60
C GLU F 333 79.56 11.96 -53.09
N GLU F 334 79.72 12.17 -51.80
CA GLU F 334 81.01 12.01 -51.10
C GLU F 334 81.51 10.58 -51.30
N SER F 335 82.81 10.45 -51.56
CA SER F 335 83.42 9.14 -51.75
C SER F 335 83.33 8.35 -50.46
N GLY F 336 82.56 7.26 -50.47
CA GLY F 336 82.44 6.45 -49.26
C GLY F 336 81.13 6.59 -48.50
N ILE F 337 80.20 7.40 -49.03
CA ILE F 337 78.90 7.58 -48.39
C ILE F 337 77.80 7.24 -49.39
N CYS F 338 76.82 6.46 -48.95
CA CYS F 338 75.70 6.10 -49.81
C CYS F 338 74.96 7.36 -50.15
N LYS F 339 74.17 7.29 -51.21
CA LYS F 339 73.40 8.44 -51.66
C LYS F 339 72.08 8.47 -50.89
N VAL F 340 71.82 9.57 -50.17
CA VAL F 340 70.58 9.67 -49.41
C VAL F 340 69.36 9.92 -50.30
N HIS F 341 68.21 9.44 -49.86
CA HIS F 341 66.96 9.67 -50.57
C HIS F 341 66.48 11.00 -49.97
N PRO F 342 66.50 12.09 -50.76
CA PRO F 342 66.10 13.44 -50.35
C PRO F 342 64.72 13.64 -49.72
N ALA F 343 63.73 12.85 -50.09
CA ALA F 343 62.42 13.04 -49.51
C ALA F 343 62.20 12.14 -48.32
N LEU F 344 62.59 10.88 -48.46
CA LEU F 344 62.38 9.88 -47.43
C LEU F 344 63.38 9.89 -46.27
N ASN F 345 64.51 10.55 -46.45
CA ASN F 345 65.54 10.66 -45.41
C ASN F 345 66.16 9.32 -44.96
N VAL F 346 66.52 8.48 -45.93
CA VAL F 346 67.16 7.18 -45.69
C VAL F 346 68.05 6.91 -46.90
N SER F 347 69.00 5.98 -46.79
CA SER F 347 69.86 5.70 -47.95
C SER F 347 68.93 5.23 -49.06
N THR F 348 69.25 5.55 -50.32
CA THR F 348 68.34 5.12 -51.40
C THR F 348 68.38 3.59 -51.44
N ARG F 349 69.53 3.05 -51.06
CA ARG F 349 69.71 1.61 -51.00
C ARG F 349 68.54 1.04 -50.16
N THR F 350 68.23 1.71 -49.06
CA THR F 350 67.16 1.30 -48.19
C THR F 350 65.78 1.61 -48.75
N SER F 351 65.68 2.65 -49.59
CA SER F 351 64.39 2.99 -50.15
C SER F 351 63.97 1.96 -51.19
N GLU F 352 64.96 1.31 -51.81
CA GLU F 352 64.69 0.27 -52.80
C GLU F 352 64.22 -0.98 -52.06
N ARG F 353 64.90 -1.29 -50.97
CA ARG F 353 64.56 -2.41 -50.11
C ARG F 353 63.04 -2.24 -49.82
N LEU F 354 62.66 -1.00 -49.51
CA LEU F 354 61.27 -0.67 -49.20
C LEU F 354 60.34 -0.86 -50.39
N ARG F 355 60.82 -0.49 -51.57
CA ARG F 355 60.01 -0.62 -52.78
C ARG F 355 59.64 -2.09 -52.93
N ASP F 356 60.59 -2.98 -52.62
CA ASP F 356 60.34 -4.42 -52.71
C ASP F 356 59.35 -4.93 -51.68
N LEU F 357 59.44 -4.43 -50.46
CA LEU F 357 58.48 -4.86 -49.44
C LEU F 357 57.08 -4.61 -49.97
N HIS F 358 56.89 -3.45 -50.60
CA HIS F 358 55.59 -3.07 -51.14
C HIS F 358 55.11 -4.01 -52.25
N GLN F 359 56.01 -4.33 -53.17
CA GLN F 359 55.70 -5.23 -54.28
C GLN F 359 55.26 -6.58 -53.74
N SER F 360 55.93 -7.06 -52.69
CA SER F 360 55.58 -8.35 -52.10
C SER F 360 54.21 -8.32 -51.42
N TRP F 361 53.92 -7.29 -50.64
CA TRP F 361 52.61 -7.22 -49.98
C TRP F 361 51.52 -7.25 -51.05
N LYS F 362 51.83 -6.74 -52.24
CA LYS F 362 50.87 -6.72 -53.34
C LYS F 362 50.79 -8.10 -54.00
N THR F 363 49.94 -8.96 -53.44
CA THR F 363 49.74 -10.31 -53.96
C THR F 363 48.29 -10.76 -53.86
N PHE G 55 -46.22 -55.68 53.36
CA PHE G 55 -46.26 -57.05 53.94
C PHE G 55 -47.51 -57.28 54.82
N LEU G 56 -47.35 -56.99 56.11
CA LEU G 56 -48.43 -57.18 57.09
C LEU G 56 -49.46 -56.04 57.09
N SER G 57 -50.62 -56.31 56.50
CA SER G 57 -51.70 -55.33 56.42
C SER G 57 -52.28 -54.90 57.77
N LEU G 58 -52.85 -53.69 57.82
CA LEU G 58 -53.42 -53.14 59.05
C LEU G 58 -54.66 -53.82 59.63
N ASP G 59 -55.27 -54.70 58.86
CA ASP G 59 -56.44 -55.42 59.34
C ASP G 59 -56.26 -56.92 59.21
N SER G 60 -55.01 -57.34 59.01
CA SER G 60 -54.71 -58.75 58.93
C SER G 60 -54.93 -59.29 60.33
N PRO G 61 -55.39 -60.54 60.43
CA PRO G 61 -55.61 -61.12 61.76
C PRO G 61 -54.30 -61.11 62.56
N THR G 62 -53.19 -61.34 61.85
CA THR G 62 -51.87 -61.39 62.45
C THR G 62 -51.10 -60.07 62.53
N TYR G 63 -51.83 -58.97 62.59
CA TYR G 63 -51.21 -57.65 62.67
C TYR G 63 -50.69 -57.42 64.07
N VAL G 64 -49.48 -56.87 64.17
CA VAL G 64 -48.88 -56.61 65.46
C VAL G 64 -48.49 -55.14 65.57
N LEU G 65 -48.78 -54.52 66.70
CA LEU G 65 -48.42 -53.13 66.90
C LEU G 65 -46.89 -53.01 66.83
N TYR G 66 -46.42 -51.85 66.36
CA TYR G 66 -44.99 -51.63 66.24
C TYR G 66 -44.28 -51.71 67.59
N ARG G 67 -45.00 -51.38 68.66
CA ARG G 67 -44.41 -51.41 70.00
C ARG G 67 -44.07 -52.86 70.42
N ASP G 68 -44.66 -53.83 69.72
CA ASP G 68 -44.44 -55.26 70.00
C ASP G 68 -43.64 -55.96 68.92
N ARG G 69 -42.93 -55.21 68.09
CA ARG G 69 -42.14 -55.83 67.03
C ARG G 69 -40.65 -55.75 67.39
N ALA G 70 -39.99 -56.90 67.31
CA ALA G 70 -38.57 -56.99 67.64
C ALA G 70 -37.73 -56.05 66.78
N GLU G 71 -38.05 -55.98 65.49
CA GLU G 71 -37.32 -55.14 64.55
C GLU G 71 -37.32 -53.66 64.95
N TRP G 72 -38.23 -53.30 65.84
CA TRP G 72 -38.33 -51.91 66.27
C TRP G 72 -38.01 -51.68 67.75
N ALA G 73 -37.35 -52.65 68.38
CA ALA G 73 -37.00 -52.55 69.79
C ALA G 73 -36.03 -51.42 70.14
N ASP G 74 -35.14 -51.09 69.20
CA ASP G 74 -34.15 -50.03 69.44
C ASP G 74 -34.67 -48.61 69.30
N ILE G 75 -35.86 -48.46 68.74
CA ILE G 75 -36.44 -47.13 68.55
C ILE G 75 -37.43 -46.73 69.63
N ASP G 76 -37.31 -45.49 70.11
CA ASP G 76 -38.21 -44.97 71.13
C ASP G 76 -39.29 -44.14 70.46
N PRO G 77 -40.55 -44.57 70.56
CA PRO G 77 -41.66 -43.85 69.95
C PRO G 77 -41.77 -42.40 70.42
N VAL G 78 -42.12 -41.51 69.51
CA VAL G 78 -42.28 -40.09 69.84
C VAL G 78 -43.76 -39.74 69.78
N PRO G 79 -44.33 -39.31 70.90
CA PRO G 79 -45.74 -38.95 70.96
C PRO G 79 -46.04 -37.52 70.55
N GLN G 80 -47.30 -37.28 70.17
CA GLN G 80 -47.76 -35.96 69.76
C GLN G 80 -48.29 -35.25 71.02
N ASN G 81 -48.04 -33.95 71.13
CA ASN G 81 -48.49 -33.21 72.30
C ASN G 81 -49.03 -31.83 71.98
N ASP G 82 -50.35 -31.66 72.11
CA ASP G 82 -50.99 -30.38 71.82
C ASP G 82 -51.01 -29.44 73.01
N GLY G 83 -50.19 -29.72 74.01
CA GLY G 83 -50.16 -28.87 75.19
C GLY G 83 -51.30 -29.05 76.16
N PRO G 84 -51.42 -28.17 77.18
CA PRO G 84 -52.46 -28.21 78.20
C PRO G 84 -53.91 -28.13 77.73
N SER G 85 -54.19 -27.29 76.74
CA SER G 85 -55.55 -27.15 76.22
C SER G 85 -55.61 -27.35 74.71
N PRO G 86 -55.69 -28.61 74.26
CA PRO G 86 -55.76 -28.92 72.84
C PRO G 86 -57.03 -28.43 72.12
N VAL G 87 -56.85 -27.94 70.89
CA VAL G 87 -57.95 -27.44 70.08
C VAL G 87 -58.17 -28.35 68.88
N VAL G 88 -59.43 -28.58 68.52
CA VAL G 88 -59.78 -29.45 67.39
C VAL G 88 -58.95 -30.73 67.48
N GLN G 89 -59.05 -31.38 68.62
CA GLN G 89 -58.32 -32.60 68.91
C GLN G 89 -59.06 -33.83 68.39
N ILE G 90 -58.36 -34.66 67.62
CA ILE G 90 -58.94 -35.88 67.06
C ILE G 90 -58.53 -37.06 67.94
N ILE G 91 -59.47 -37.92 68.29
CA ILE G 91 -59.14 -39.08 69.11
C ILE G 91 -58.64 -40.22 68.23
N TYR G 92 -57.56 -40.85 68.65
CA TYR G 92 -56.98 -41.94 67.88
C TYR G 92 -56.99 -43.30 68.55
N SER G 93 -57.15 -44.34 67.73
CA SER G 93 -57.16 -45.71 68.23
C SER G 93 -55.74 -46.12 68.60
N GLU G 94 -55.62 -47.26 69.27
CA GLU G 94 -54.32 -47.77 69.69
C GLU G 94 -53.40 -47.94 68.48
N LYS G 95 -53.92 -48.62 67.46
CA LYS G 95 -53.15 -48.90 66.25
C LYS G 95 -52.66 -47.61 65.60
N PHE G 96 -53.58 -46.67 65.41
CA PHE G 96 -53.28 -45.40 64.77
C PHE G 96 -52.16 -44.66 65.49
N ARG G 97 -52.35 -44.40 66.77
CA ARG G 97 -51.35 -43.70 67.54
C ARG G 97 -50.02 -44.45 67.55
N ASP G 98 -50.09 -45.78 67.50
CA ASP G 98 -48.89 -46.60 67.51
C ASP G 98 -48.06 -46.37 66.24
N VAL G 99 -48.70 -46.45 65.09
CA VAL G 99 -48.00 -46.24 63.82
C VAL G 99 -47.35 -44.86 63.74
N TYR G 100 -48.12 -43.84 64.09
CA TYR G 100 -47.60 -42.47 64.02
C TYR G 100 -46.59 -42.09 65.09
N ASP G 101 -46.61 -42.79 66.23
CA ASP G 101 -45.65 -42.51 67.29
C ASP G 101 -44.29 -42.97 66.79
N TYR G 102 -44.27 -44.01 65.98
CA TYR G 102 -43.02 -44.51 65.44
C TYR G 102 -42.63 -43.71 64.21
N PHE G 103 -43.63 -43.22 63.47
CA PHE G 103 -43.35 -42.42 62.29
C PHE G 103 -42.64 -41.15 62.77
N ARG G 104 -43.15 -40.55 63.84
CA ARG G 104 -42.54 -39.35 64.39
C ARG G 104 -41.08 -39.60 64.75
N ALA G 105 -40.83 -40.77 65.33
CA ALA G 105 -39.49 -41.14 65.74
C ALA G 105 -38.53 -41.25 64.57
N VAL G 106 -38.90 -42.02 63.56
CA VAL G 106 -38.08 -42.20 62.38
C VAL G 106 -37.86 -40.86 61.64
N LEU G 107 -38.93 -40.07 61.55
CA LEU G 107 -38.93 -38.79 60.87
C LEU G 107 -37.96 -37.84 61.58
N GLN G 108 -38.06 -37.79 62.90
CA GLN G 108 -37.22 -36.93 63.71
C GLN G 108 -35.73 -37.21 63.57
N ARG G 109 -35.38 -38.45 63.26
CA ARG G 109 -33.99 -38.85 63.12
C ARG G 109 -33.58 -38.97 61.66
N ASP G 110 -34.49 -38.62 60.76
CA ASP G 110 -34.21 -38.70 59.33
C ASP G 110 -33.56 -40.04 58.98
N GLU G 111 -34.12 -41.12 59.52
CA GLU G 111 -33.61 -42.46 59.26
C GLU G 111 -34.00 -42.97 57.87
N ARG G 112 -33.02 -43.11 56.98
CA ARG G 112 -33.28 -43.57 55.62
C ARG G 112 -33.19 -45.11 55.53
N SER G 113 -34.01 -45.80 56.31
CA SER G 113 -33.98 -47.26 56.33
C SER G 113 -35.11 -47.94 55.55
N GLU G 114 -34.95 -49.24 55.37
CA GLU G 114 -35.94 -50.04 54.67
C GLU G 114 -37.16 -50.24 55.56
N ARG G 115 -36.94 -50.24 56.88
CA ARG G 115 -38.06 -50.42 57.78
C ARG G 115 -38.91 -49.16 57.83
N ALA G 116 -38.26 -48.00 57.64
CA ALA G 116 -38.97 -46.71 57.65
C ALA G 116 -39.85 -46.66 56.39
N PHE G 117 -39.31 -47.13 55.27
CA PHE G 117 -40.06 -47.14 54.02
C PHE G 117 -41.32 -47.96 54.16
N LYS G 118 -41.22 -49.10 54.85
CA LYS G 118 -42.39 -49.96 55.04
C LYS G 118 -43.38 -49.30 56.00
N LEU G 119 -42.85 -48.53 56.94
CA LEU G 119 -43.69 -47.85 57.92
C LEU G 119 -44.58 -46.80 57.23
N THR G 120 -44.05 -46.15 56.20
CA THR G 120 -44.81 -45.11 55.51
C THR G 120 -46.03 -45.71 54.83
N ARG G 121 -45.93 -46.96 54.39
CA ARG G 121 -47.06 -47.58 53.74
C ARG G 121 -48.24 -47.69 54.69
N ASP G 122 -47.95 -47.94 55.96
CA ASP G 122 -49.00 -48.04 56.98
C ASP G 122 -49.53 -46.66 57.35
N ALA G 123 -48.64 -45.69 57.44
CA ALA G 123 -49.01 -44.32 57.77
C ALA G 123 -49.95 -43.77 56.69
N ILE G 124 -49.69 -44.14 55.44
CA ILE G 124 -50.51 -43.70 54.33
C ILE G 124 -51.86 -44.40 54.33
N GLU G 125 -51.90 -45.66 54.74
CA GLU G 125 -53.18 -46.36 54.78
C GLU G 125 -54.04 -45.70 55.86
N LEU G 126 -53.41 -45.22 56.92
CA LEU G 126 -54.15 -44.58 57.99
C LEU G 126 -54.61 -43.18 57.62
N ASN G 127 -53.81 -42.48 56.81
CA ASN G 127 -54.14 -41.13 56.39
C ASN G 127 -53.34 -40.68 55.18
N ALA G 128 -53.91 -40.85 53.99
CA ALA G 128 -53.26 -40.47 52.75
C ALA G 128 -53.17 -38.96 52.51
N ALA G 129 -53.75 -38.17 53.40
CA ALA G 129 -53.72 -36.73 53.23
C ALA G 129 -52.56 -36.07 53.96
N ASN G 130 -51.71 -36.88 54.58
CA ASN G 130 -50.57 -36.32 55.30
C ASN G 130 -49.43 -36.06 54.31
N TYR G 131 -49.29 -34.81 53.89
CA TYR G 131 -48.25 -34.44 52.92
C TYR G 131 -46.81 -34.71 53.37
N THR G 132 -46.55 -34.63 54.67
CA THR G 132 -45.19 -34.88 55.16
C THR G 132 -44.82 -36.37 54.94
N VAL G 133 -45.79 -37.25 55.16
CA VAL G 133 -45.54 -38.67 54.98
C VAL G 133 -45.15 -38.94 53.52
N TRP G 134 -45.88 -38.35 52.57
CA TRP G 134 -45.56 -38.57 51.16
C TRP G 134 -44.18 -38.00 50.79
N HIS G 135 -43.82 -36.87 51.38
CA HIS G 135 -42.52 -36.28 51.09
C HIS G 135 -41.42 -37.21 51.55
N PHE G 136 -41.52 -37.67 52.80
CA PHE G 136 -40.53 -38.56 53.37
C PHE G 136 -40.43 -39.83 52.54
N ARG G 137 -41.57 -40.33 52.08
CA ARG G 137 -41.56 -41.55 51.29
C ARG G 137 -40.77 -41.31 50.00
N ARG G 138 -40.87 -40.11 49.45
CA ARG G 138 -40.13 -39.77 48.23
C ARG G 138 -38.64 -39.70 48.54
N VAL G 139 -38.31 -39.18 49.72
CA VAL G 139 -36.91 -39.08 50.12
C VAL G 139 -36.33 -40.49 50.17
N LEU G 140 -37.10 -41.42 50.75
CA LEU G 140 -36.69 -42.81 50.87
C LEU G 140 -36.61 -43.49 49.52
N LEU G 141 -37.57 -43.20 48.64
CA LEU G 141 -37.55 -43.81 47.31
C LEU G 141 -36.20 -43.53 46.66
N ARG G 142 -35.69 -42.32 46.85
CA ARG G 142 -34.41 -41.92 46.27
C ARG G 142 -33.25 -42.58 47.03
N SER G 143 -33.19 -42.36 48.35
CA SER G 143 -32.14 -42.93 49.19
C SER G 143 -31.92 -44.43 49.02
N LEU G 144 -33.00 -45.19 48.95
CA LEU G 144 -32.90 -46.64 48.81
C LEU G 144 -32.98 -47.08 47.36
N GLN G 145 -32.98 -46.12 46.44
CA GLN G 145 -33.07 -46.42 45.01
C GLN G 145 -34.08 -47.52 44.71
N LYS G 146 -35.33 -47.30 45.10
CA LYS G 146 -36.40 -48.26 44.88
C LYS G 146 -36.86 -48.28 43.43
N ASP G 147 -37.55 -49.36 43.05
CA ASP G 147 -38.05 -49.50 41.70
C ASP G 147 -39.25 -48.56 41.52
N LEU G 148 -39.06 -47.51 40.73
CA LEU G 148 -40.13 -46.54 40.49
C LEU G 148 -41.30 -47.11 39.71
N GLN G 149 -41.04 -48.11 38.88
CA GLN G 149 -42.11 -48.71 38.09
C GLN G 149 -43.07 -49.41 39.05
N GLU G 150 -42.53 -49.85 40.18
CA GLU G 150 -43.31 -50.52 41.21
C GLU G 150 -44.16 -49.48 41.94
N GLU G 151 -43.56 -48.33 42.24
CA GLU G 151 -44.25 -47.25 42.93
C GLU G 151 -45.40 -46.74 42.07
N MET G 152 -45.26 -46.82 40.75
CA MET G 152 -46.32 -46.38 39.85
C MET G 152 -47.56 -47.25 40.05
N ASN G 153 -47.35 -48.55 40.25
CA ASN G 153 -48.48 -49.45 40.47
C ASN G 153 -49.14 -49.10 41.79
N TYR G 154 -48.32 -48.78 42.79
CA TYR G 154 -48.81 -48.42 44.11
C TYR G 154 -49.70 -47.17 44.04
N ILE G 155 -49.15 -46.08 43.54
CA ILE G 155 -49.90 -44.83 43.45
C ILE G 155 -51.12 -44.98 42.54
N ILE G 156 -51.04 -45.84 41.53
CA ILE G 156 -52.18 -46.04 40.65
C ILE G 156 -53.37 -46.62 41.43
N ALA G 157 -53.08 -47.53 42.36
CA ALA G 157 -54.14 -48.13 43.15
C ALA G 157 -54.67 -47.11 44.15
N ILE G 158 -53.77 -46.38 44.81
CA ILE G 158 -54.14 -45.39 45.81
C ILE G 158 -55.09 -44.32 45.26
N ILE G 159 -54.74 -43.78 44.10
CA ILE G 159 -55.56 -42.75 43.49
C ILE G 159 -56.96 -43.25 43.14
N GLU G 160 -57.07 -44.51 42.71
CA GLU G 160 -58.39 -45.04 42.37
C GLU G 160 -59.29 -45.06 43.60
N GLU G 161 -58.70 -45.28 44.78
CA GLU G 161 -59.45 -45.32 46.03
C GLU G 161 -59.74 -43.92 46.56
N GLN G 162 -58.89 -42.96 46.24
CA GLN G 162 -59.06 -41.58 46.69
C GLN G 162 -58.73 -40.60 45.58
N PRO G 163 -59.59 -40.52 44.55
CA PRO G 163 -59.38 -39.63 43.41
C PRO G 163 -59.51 -38.12 43.64
N LYS G 164 -59.87 -37.70 44.85
CA LYS G 164 -60.02 -36.28 45.12
C LYS G 164 -59.01 -35.77 46.14
N ASN G 165 -57.95 -36.55 46.34
CA ASN G 165 -56.89 -36.21 47.28
C ASN G 165 -55.76 -35.45 46.54
N TYR G 166 -55.38 -34.28 47.05
CA TYR G 166 -54.31 -33.49 46.42
C TYR G 166 -52.92 -34.12 46.48
N GLN G 167 -52.56 -34.70 47.62
CA GLN G 167 -51.24 -35.30 47.80
C GLN G 167 -50.94 -36.47 46.87
N VAL G 168 -51.95 -37.30 46.59
CA VAL G 168 -51.71 -38.45 45.73
C VAL G 168 -51.49 -38.06 44.27
N TRP G 169 -52.19 -37.02 43.80
CA TRP G 169 -51.99 -36.58 42.42
C TRP G 169 -50.62 -35.91 42.29
N HIS G 170 -50.21 -35.20 43.34
CA HIS G 170 -48.91 -34.55 43.29
C HIS G 170 -47.81 -35.61 43.28
N HIS G 171 -48.00 -36.68 44.05
CA HIS G 171 -47.02 -37.76 44.11
C HIS G 171 -46.85 -38.40 42.73
N ARG G 172 -47.95 -38.69 42.05
CA ARG G 172 -47.86 -39.33 40.74
C ARG G 172 -47.14 -38.43 39.74
N ARG G 173 -47.42 -37.12 39.82
CA ARG G 173 -46.78 -36.20 38.91
C ARG G 173 -45.26 -36.18 39.10
N VAL G 174 -44.82 -36.21 40.36
CA VAL G 174 -43.39 -36.22 40.62
C VAL G 174 -42.74 -37.49 40.05
N LEU G 175 -43.42 -38.63 40.17
CA LEU G 175 -42.91 -39.89 39.65
C LEU G 175 -42.76 -39.83 38.14
N VAL G 176 -43.80 -39.37 37.45
CA VAL G 176 -43.75 -39.29 36.00
C VAL G 176 -42.61 -38.37 35.56
N GLU G 177 -42.35 -37.30 36.31
CA GLU G 177 -41.24 -36.39 35.99
C GLU G 177 -39.93 -37.16 36.11
N TRP G 178 -39.80 -37.92 37.20
CA TRP G 178 -38.60 -38.73 37.45
C TRP G 178 -38.34 -39.75 36.36
N LEU G 179 -39.38 -40.49 35.99
CA LEU G 179 -39.23 -41.51 34.95
C LEU G 179 -39.19 -40.95 33.54
N LYS G 180 -39.69 -39.73 33.36
CA LYS G 180 -39.76 -39.12 32.02
C LYS G 180 -40.53 -40.08 31.13
N ASP G 181 -41.47 -40.81 31.71
CA ASP G 181 -42.26 -41.80 31.00
C ASP G 181 -43.76 -41.53 31.13
N PRO G 182 -44.40 -41.02 30.08
CA PRO G 182 -45.83 -40.74 30.17
C PRO G 182 -46.71 -41.81 29.52
N SER G 183 -46.10 -42.90 29.07
CA SER G 183 -46.83 -43.97 28.37
C SER G 183 -48.10 -44.51 29.03
N GLN G 184 -48.20 -44.43 30.36
CA GLN G 184 -49.37 -44.95 31.05
C GLN G 184 -50.44 -43.89 31.35
N GLU G 185 -50.01 -42.64 31.44
CA GLU G 185 -50.90 -41.52 31.80
C GLU G 185 -52.25 -41.33 31.13
N LEU G 186 -52.29 -41.14 29.82
CA LEU G 186 -53.58 -40.92 29.15
C LEU G 186 -54.65 -41.99 29.40
N GLU G 187 -54.24 -43.25 29.46
CA GLU G 187 -55.19 -44.33 29.68
C GLU G 187 -55.64 -44.37 31.15
N PHE G 188 -54.70 -44.08 32.06
CA PHE G 188 -55.00 -44.08 33.48
C PHE G 188 -56.04 -43.00 33.80
N ILE G 189 -55.80 -41.81 33.27
CA ILE G 189 -56.70 -40.69 33.48
C ILE G 189 -58.07 -40.98 32.89
N ALA G 190 -58.10 -41.62 31.72
CA ALA G 190 -59.36 -41.95 31.09
C ALA G 190 -60.18 -42.86 31.99
N ASP G 191 -59.51 -43.73 32.75
CA ASP G 191 -60.20 -44.64 33.64
C ASP G 191 -60.79 -43.87 34.81
N ILE G 192 -60.00 -42.96 35.36
CA ILE G 192 -60.45 -42.14 36.48
C ILE G 192 -61.63 -41.28 36.03
N LEU G 193 -61.54 -40.71 34.82
CA LEU G 193 -62.60 -39.88 34.32
C LEU G 193 -63.87 -40.69 34.12
N ASN G 194 -63.75 -42.01 34.22
CA ASN G 194 -64.93 -42.84 34.06
C ASN G 194 -65.74 -42.92 35.34
N GLN G 195 -65.12 -42.63 36.48
CA GLN G 195 -65.88 -42.64 37.71
C GLN G 195 -66.43 -41.24 37.97
N ASP G 196 -65.82 -40.24 37.33
CA ASP G 196 -66.25 -38.85 37.46
C ASP G 196 -65.64 -38.08 36.29
N ALA G 197 -66.45 -37.82 35.27
CA ALA G 197 -65.97 -37.12 34.07
C ALA G 197 -65.60 -35.66 34.28
N LYS G 198 -65.81 -35.13 35.49
CA LYS G 198 -65.52 -33.73 35.75
C LYS G 198 -64.50 -33.50 36.85
N ASN G 199 -63.86 -34.58 37.29
CA ASN G 199 -62.83 -34.53 38.34
C ASN G 199 -61.74 -33.51 37.97
N TYR G 200 -61.71 -32.38 38.66
CA TYR G 200 -60.74 -31.34 38.35
C TYR G 200 -59.30 -31.84 38.41
N HIS G 201 -58.99 -32.68 39.41
CA HIS G 201 -57.62 -33.19 39.56
C HIS G 201 -57.19 -33.97 38.32
N ALA G 202 -58.08 -34.80 37.80
CA ALA G 202 -57.78 -35.61 36.63
C ALA G 202 -57.51 -34.77 35.38
N TRP G 203 -58.38 -33.79 35.11
CA TRP G 203 -58.18 -32.94 33.94
C TRP G 203 -56.89 -32.13 34.08
N GLN G 204 -56.59 -31.70 35.30
CA GLN G 204 -55.39 -30.91 35.54
C GLN G 204 -54.16 -31.75 35.22
N HIS G 205 -54.18 -33.00 35.68
CA HIS G 205 -53.05 -33.90 35.45
C HIS G 205 -52.94 -34.20 33.96
N ARG G 206 -54.09 -34.39 33.30
CA ARG G 206 -54.09 -34.70 31.89
C ARG G 206 -53.47 -33.57 31.07
N GLN G 207 -53.80 -32.32 31.40
CA GLN G 207 -53.22 -31.20 30.65
C GLN G 207 -51.72 -31.09 30.89
N TRP G 208 -51.29 -31.35 32.12
CA TRP G 208 -49.87 -31.26 32.43
C TRP G 208 -49.11 -32.27 31.58
N VAL G 209 -49.59 -33.51 31.55
CA VAL G 209 -48.93 -34.56 30.78
C VAL G 209 -48.82 -34.21 29.31
N ILE G 210 -49.96 -33.90 28.69
CA ILE G 210 -49.99 -33.56 27.27
C ILE G 210 -49.04 -32.43 26.92
N GLN G 211 -49.03 -31.40 27.75
CA GLN G 211 -48.17 -30.25 27.50
C GLN G 211 -46.69 -30.59 27.68
N GLU G 212 -46.36 -31.25 28.78
CA GLU G 212 -45.00 -31.62 29.12
C GLU G 212 -44.32 -32.61 28.18
N PHE G 213 -45.08 -33.54 27.62
CA PHE G 213 -44.50 -34.53 26.72
C PHE G 213 -45.01 -34.41 25.30
N ARG G 214 -45.67 -33.28 25.01
CA ARG G 214 -46.20 -33.00 23.69
C ARG G 214 -47.03 -34.15 23.08
N LEU G 215 -48.10 -34.54 23.77
CA LEU G 215 -48.96 -35.63 23.31
C LEU G 215 -50.30 -35.11 22.79
N TRP G 216 -50.25 -34.20 21.81
CA TRP G 216 -51.46 -33.62 21.24
C TRP G 216 -52.17 -34.48 20.19
N ASP G 217 -51.41 -35.33 19.51
CA ASP G 217 -51.93 -36.16 18.43
C ASP G 217 -53.33 -36.77 18.49
N ASN G 218 -53.74 -37.30 19.64
CA ASN G 218 -55.07 -37.93 19.70
C ASN G 218 -56.08 -37.27 20.61
N GLU G 219 -55.70 -36.18 21.25
CA GLU G 219 -56.61 -35.53 22.19
C GLU G 219 -57.89 -34.97 21.57
N LEU G 220 -57.80 -34.35 20.41
CA LEU G 220 -58.99 -33.78 19.79
C LEU G 220 -60.03 -34.88 19.49
N GLN G 221 -59.56 -36.09 19.25
CA GLN G 221 -60.43 -37.20 18.95
C GLN G 221 -61.08 -37.69 20.26
N TYR G 222 -60.29 -37.70 21.32
CA TYR G 222 -60.75 -38.11 22.64
C TYR G 222 -61.87 -37.17 23.08
N VAL G 223 -61.68 -35.89 22.80
CA VAL G 223 -62.65 -34.85 23.13
C VAL G 223 -63.95 -35.09 22.37
N ASP G 224 -63.83 -35.39 21.07
CA ASP G 224 -65.01 -35.67 20.23
C ASP G 224 -65.83 -36.84 20.76
N GLN G 225 -65.13 -37.85 21.27
CA GLN G 225 -65.77 -39.04 21.81
C GLN G 225 -66.53 -38.72 23.10
N LEU G 226 -65.90 -37.96 23.98
CA LEU G 226 -66.55 -37.61 25.24
C LEU G 226 -67.71 -36.66 25.06
N LEU G 227 -67.63 -35.76 24.08
CA LEU G 227 -68.73 -34.83 23.86
C LEU G 227 -69.97 -35.56 23.38
N LYS G 228 -69.78 -36.76 22.82
CA LYS G 228 -70.90 -37.55 22.35
C LYS G 228 -71.55 -38.25 23.54
N GLU G 229 -70.76 -38.56 24.55
CA GLU G 229 -71.27 -39.22 25.75
C GLU G 229 -72.09 -38.25 26.60
N ASP G 230 -71.67 -36.98 26.62
CA ASP G 230 -72.36 -35.94 27.38
C ASP G 230 -71.93 -34.56 26.88
N VAL G 231 -72.72 -34.01 25.97
CA VAL G 231 -72.44 -32.72 25.37
C VAL G 231 -72.50 -31.56 26.38
N ARG G 232 -72.94 -31.85 27.61
CA ARG G 232 -73.00 -30.81 28.63
C ARG G 232 -71.80 -30.77 29.58
N ASN G 233 -70.83 -31.67 29.39
CA ASN G 233 -69.64 -31.67 30.24
C ASN G 233 -68.73 -30.48 29.92
N ASN G 234 -68.79 -29.47 30.78
CA ASN G 234 -68.02 -28.24 30.61
C ASN G 234 -66.50 -28.49 30.56
N SER G 235 -66.05 -29.53 31.25
CA SER G 235 -64.62 -29.86 31.29
C SER G 235 -64.10 -30.27 29.91
N VAL G 236 -64.93 -30.97 29.16
CA VAL G 236 -64.57 -31.44 27.82
C VAL G 236 -64.50 -30.28 26.82
N TRP G 237 -65.42 -29.31 26.93
CA TRP G 237 -65.38 -28.16 26.03
C TRP G 237 -64.09 -27.39 26.30
N ASN G 238 -63.68 -27.33 27.55
CA ASN G 238 -62.47 -26.61 27.89
C ASN G 238 -61.27 -27.34 27.29
N GLN G 239 -61.31 -28.67 27.36
CA GLN G 239 -60.22 -29.46 26.81
C GLN G 239 -60.09 -29.22 25.30
N ARG G 240 -61.24 -29.12 24.63
CA ARG G 240 -61.25 -28.89 23.20
C ARG G 240 -60.51 -27.60 22.88
N HIS G 241 -60.81 -26.53 23.61
CA HIS G 241 -60.15 -25.25 23.39
C HIS G 241 -58.65 -25.33 23.70
N PHE G 242 -58.33 -26.15 24.69
CA PHE G 242 -56.95 -26.37 25.12
C PHE G 242 -56.14 -26.99 23.98
N VAL G 243 -56.67 -28.06 23.40
CA VAL G 243 -56.00 -28.75 22.29
C VAL G 243 -55.79 -27.84 21.09
N ILE G 244 -56.89 -27.29 20.57
CA ILE G 244 -56.81 -26.43 19.40
C ILE G 244 -55.91 -25.20 19.56
N SER G 245 -56.09 -24.42 20.61
CA SER G 245 -55.27 -23.24 20.75
C SER G 245 -53.79 -23.56 20.95
N ASN G 246 -53.48 -24.81 21.30
CA ASN G 246 -52.09 -25.20 21.51
C ASN G 246 -51.51 -25.93 20.30
N THR G 247 -52.31 -26.10 19.26
CA THR G 247 -51.82 -26.76 18.06
C THR G 247 -51.98 -25.81 16.87
N THR G 248 -53.10 -25.92 16.15
CA THR G 248 -53.34 -25.07 14.99
C THR G 248 -53.67 -23.61 15.32
N GLY G 249 -54.35 -23.38 16.44
CA GLY G 249 -54.74 -22.02 16.79
C GLY G 249 -56.07 -21.75 16.11
N TYR G 250 -56.65 -20.56 16.31
CA TYR G 250 -57.93 -20.25 15.69
C TYR G 250 -57.85 -19.20 14.60
N SER G 251 -56.66 -18.63 14.41
CA SER G 251 -56.45 -17.61 13.38
C SER G 251 -56.58 -18.18 11.96
N ASP G 252 -56.52 -19.51 11.83
CA ASP G 252 -56.68 -20.14 10.53
C ASP G 252 -58.17 -20.17 10.23
N ARG G 253 -58.61 -19.30 9.31
CA ARG G 253 -60.03 -19.23 8.96
C ARG G 253 -60.70 -20.56 8.67
N ALA G 254 -59.95 -21.53 8.19
CA ALA G 254 -60.51 -22.84 7.90
C ALA G 254 -60.87 -23.55 9.20
N VAL G 255 -60.00 -23.38 10.20
CA VAL G 255 -60.21 -23.99 11.51
C VAL G 255 -61.35 -23.29 12.26
N LEU G 256 -61.35 -21.95 12.22
CA LEU G 256 -62.39 -21.19 12.90
C LEU G 256 -63.75 -21.60 12.36
N GLU G 257 -63.85 -21.72 11.04
CA GLU G 257 -65.12 -22.11 10.45
C GLU G 257 -65.52 -23.51 10.87
N ARG G 258 -64.56 -24.43 10.87
CA ARG G 258 -64.84 -25.81 11.25
C ARG G 258 -65.41 -25.86 12.68
N GLU G 259 -64.76 -25.11 13.58
CA GLU G 259 -65.19 -25.04 14.97
C GLU G 259 -66.53 -24.36 15.19
N VAL G 260 -66.74 -23.21 14.54
CA VAL G 260 -68.01 -22.51 14.69
C VAL G 260 -69.14 -23.40 14.16
N GLN G 261 -68.87 -24.14 13.10
CA GLN G 261 -69.87 -25.01 12.50
C GLN G 261 -70.16 -26.20 13.42
N TYR G 262 -69.10 -26.75 14.00
CA TYR G 262 -69.19 -27.89 14.90
C TYR G 262 -70.06 -27.56 16.11
N THR G 263 -69.83 -26.37 16.65
CA THR G 263 -70.56 -25.91 17.82
C THR G 263 -72.03 -25.67 17.50
N LEU G 264 -72.32 -25.01 16.38
CA LEU G 264 -73.70 -24.77 16.00
C LEU G 264 -74.45 -26.10 15.86
N GLU G 265 -73.74 -27.15 15.47
CA GLU G 265 -74.36 -28.46 15.33
C GLU G 265 -74.72 -29.02 16.70
N MET G 266 -73.83 -28.82 17.67
CA MET G 266 -74.06 -29.32 19.03
C MET G 266 -75.19 -28.53 19.66
N ILE G 267 -75.24 -27.23 19.37
CA ILE G 267 -76.27 -26.37 19.90
C ILE G 267 -77.63 -26.80 19.36
N LYS G 268 -77.67 -27.22 18.09
CA LYS G 268 -78.92 -27.65 17.49
C LYS G 268 -79.42 -28.94 18.16
N LEU G 269 -78.50 -29.77 18.64
CA LEU G 269 -78.89 -31.02 19.30
C LEU G 269 -79.42 -30.80 20.72
N VAL G 270 -78.82 -29.84 21.43
CA VAL G 270 -79.21 -29.51 22.79
C VAL G 270 -79.03 -28.00 22.94
N PRO G 271 -80.03 -27.22 22.50
CA PRO G 271 -80.02 -25.75 22.56
C PRO G 271 -79.76 -25.11 23.91
N HIS G 272 -80.20 -25.76 24.99
CA HIS G 272 -79.99 -25.23 26.33
C HIS G 272 -78.72 -25.81 26.95
N ASN G 273 -77.58 -25.26 26.55
CA ASN G 273 -76.28 -25.73 27.02
C ASN G 273 -75.29 -24.57 27.09
N GLU G 274 -75.10 -24.03 28.29
CA GLU G 274 -74.20 -22.90 28.48
C GLU G 274 -72.78 -23.17 27.94
N SER G 275 -72.29 -24.38 28.16
CA SER G 275 -70.95 -24.76 27.71
C SER G 275 -70.72 -24.54 26.22
N ALA G 276 -71.65 -25.03 25.39
CA ALA G 276 -71.52 -24.87 23.95
C ALA G 276 -71.56 -23.39 23.57
N TRP G 277 -72.50 -22.65 24.13
CA TRP G 277 -72.60 -21.23 23.83
C TRP G 277 -71.37 -20.43 24.29
N ASN G 278 -70.81 -20.83 25.43
CA ASN G 278 -69.63 -20.14 25.95
C ASN G 278 -68.43 -20.36 25.05
N TYR G 279 -68.33 -21.57 24.47
CA TYR G 279 -67.23 -21.89 23.57
C TYR G 279 -67.37 -21.05 22.30
N LEU G 280 -68.58 -21.04 21.73
CA LEU G 280 -68.86 -20.27 20.52
C LEU G 280 -68.50 -18.80 20.72
N LYS G 281 -68.95 -18.20 21.82
CA LYS G 281 -68.66 -16.80 22.06
C LYS G 281 -67.17 -16.64 22.36
N GLY G 282 -66.61 -17.63 23.04
CA GLY G 282 -65.21 -17.57 23.40
C GLY G 282 -64.25 -17.44 22.23
N ILE G 283 -64.46 -18.25 21.19
CA ILE G 283 -63.57 -18.22 20.05
C ILE G 283 -63.81 -17.06 19.08
N LEU G 284 -64.85 -16.26 19.32
CA LEU G 284 -65.16 -15.14 18.44
C LEU G 284 -65.11 -13.75 19.09
N GLN G 285 -65.35 -13.67 20.40
CA GLN G 285 -65.39 -12.39 21.09
C GLN G 285 -64.18 -11.46 20.91
N ASP G 286 -63.00 -12.01 20.77
CA ASP G 286 -61.83 -11.15 20.62
C ASP G 286 -61.58 -10.68 19.18
N ARG G 287 -62.14 -11.39 18.21
CA ARG G 287 -61.99 -10.94 16.82
C ARG G 287 -63.08 -9.90 16.54
N GLY G 288 -64.13 -9.90 17.35
CA GLY G 288 -65.23 -8.96 17.18
C GLY G 288 -66.48 -9.64 16.66
N LEU G 289 -67.46 -9.85 17.53
CA LEU G 289 -68.71 -10.52 17.14
C LEU G 289 -69.45 -9.85 15.98
N SER G 290 -69.38 -8.53 15.88
CA SER G 290 -70.07 -7.83 14.81
C SER G 290 -69.41 -8.02 13.43
N ARG G 291 -68.20 -8.61 13.39
CA ARG G 291 -67.50 -8.85 12.13
C ARG G 291 -68.02 -10.08 11.37
N TYR G 292 -69.00 -10.79 11.92
CA TYR G 292 -69.54 -11.99 11.28
C TYR G 292 -71.03 -11.90 10.91
N PRO G 293 -71.35 -11.09 9.88
CA PRO G 293 -72.71 -10.87 9.39
C PRO G 293 -73.59 -12.10 9.18
N ASN G 294 -73.03 -13.19 8.63
CA ASN G 294 -73.86 -14.37 8.43
C ASN G 294 -74.21 -15.06 9.71
N LEU G 295 -73.42 -14.80 10.76
CA LEU G 295 -73.69 -15.41 12.04
C LEU G 295 -74.96 -14.80 12.63
N LEU G 296 -75.06 -13.47 12.57
CA LEU G 296 -76.21 -12.77 13.11
C LEU G 296 -77.52 -13.29 12.53
N ASN G 297 -77.55 -13.50 11.22
CA ASN G 297 -78.74 -13.98 10.54
C ASN G 297 -79.08 -15.41 10.93
N GLN G 298 -78.07 -16.27 10.94
CA GLN G 298 -78.30 -17.66 11.28
C GLN G 298 -78.85 -17.84 12.69
N LEU G 299 -78.51 -16.91 13.57
CA LEU G 299 -78.98 -16.97 14.95
C LEU G 299 -80.41 -16.46 15.00
N LEU G 300 -80.67 -15.34 14.33
CA LEU G 300 -82.02 -14.78 14.29
C LEU G 300 -82.98 -15.82 13.76
N ASP G 301 -82.49 -16.70 12.90
CA ASP G 301 -83.31 -17.75 12.30
C ASP G 301 -83.56 -18.92 13.24
N LEU G 302 -82.70 -19.11 14.23
CA LEU G 302 -82.86 -20.20 15.19
C LEU G 302 -83.85 -19.79 16.27
N GLN G 303 -83.90 -18.48 16.56
CA GLN G 303 -84.78 -17.94 17.58
C GLN G 303 -86.15 -18.59 17.66
N PRO G 304 -86.85 -18.69 16.51
CA PRO G 304 -88.18 -19.31 16.47
C PRO G 304 -88.29 -20.65 17.22
N SER G 305 -87.40 -21.59 16.89
CA SER G 305 -87.45 -22.91 17.52
C SER G 305 -86.41 -23.12 18.64
N HIS G 306 -85.13 -23.16 18.27
CA HIS G 306 -84.04 -23.39 19.23
C HIS G 306 -83.70 -22.20 20.14
N SER G 307 -84.71 -21.51 20.66
CA SER G 307 -84.45 -20.37 21.53
C SER G 307 -84.06 -20.81 22.95
N SER G 308 -83.38 -19.91 23.65
CA SER G 308 -82.93 -20.14 25.02
C SER G 308 -82.32 -18.81 25.42
N PRO G 309 -82.16 -18.60 26.73
CA PRO G 309 -81.58 -17.33 27.17
C PRO G 309 -80.15 -17.13 26.66
N TYR G 310 -79.45 -18.23 26.43
CA TYR G 310 -78.07 -18.16 25.93
C TYR G 310 -78.01 -17.52 24.55
N LEU G 311 -78.98 -17.87 23.70
CA LEU G 311 -79.05 -17.31 22.36
C LEU G 311 -79.38 -15.81 22.41
N ILE G 312 -80.39 -15.44 23.21
CA ILE G 312 -80.77 -14.03 23.33
C ILE G 312 -79.58 -13.22 23.81
N ALA G 313 -78.86 -13.79 24.79
CA ALA G 313 -77.68 -13.12 25.35
C ALA G 313 -76.60 -12.92 24.28
N PHE G 314 -76.43 -13.92 23.43
CA PHE G 314 -75.45 -13.84 22.36
C PHE G 314 -75.81 -12.65 21.47
N LEU G 315 -77.08 -12.57 21.07
CA LEU G 315 -77.57 -11.48 20.23
C LEU G 315 -77.27 -10.11 20.87
N VAL G 316 -77.59 -9.97 22.16
CA VAL G 316 -77.32 -8.72 22.85
C VAL G 316 -75.85 -8.35 22.70
N ASP G 317 -74.99 -9.34 22.93
CA ASP G 317 -73.55 -9.15 22.84
C ASP G 317 -73.09 -8.79 21.43
N ILE G 318 -73.79 -9.30 20.41
CA ILE G 318 -73.43 -8.96 19.03
C ILE G 318 -73.78 -7.49 18.82
N TYR G 319 -74.99 -7.11 19.22
CA TYR G 319 -75.44 -5.74 19.07
C TYR G 319 -74.48 -4.79 19.78
N GLU G 320 -74.07 -5.16 20.99
CA GLU G 320 -73.16 -4.30 21.73
C GLU G 320 -71.86 -4.07 20.99
N ASP G 321 -71.33 -5.13 20.36
CA ASP G 321 -70.07 -5.00 19.62
C ASP G 321 -70.28 -4.04 18.46
N MET G 322 -71.50 -4.02 17.91
CA MET G 322 -71.81 -3.11 16.81
C MET G 322 -71.77 -1.67 17.30
N LEU G 323 -72.50 -1.39 18.38
CA LEU G 323 -72.52 -0.04 18.94
C LEU G 323 -71.10 0.38 19.28
N GLU G 324 -70.29 -0.58 19.68
CA GLU G 324 -68.90 -0.36 20.06
C GLU G 324 -68.07 0.14 18.87
N ASN G 325 -68.42 -0.36 17.68
CA ASN G 325 -67.70 0.03 16.48
C ASN G 325 -68.52 0.98 15.60
N GLN G 326 -69.00 2.05 16.21
CA GLN G 326 -69.79 3.08 15.53
C GLN G 326 -70.44 2.60 14.22
N CYS G 327 -71.48 1.78 14.34
CA CYS G 327 -72.15 1.25 13.17
C CYS G 327 -73.20 2.21 12.59
N ASP G 328 -73.91 1.75 11.56
CA ASP G 328 -74.95 2.53 10.93
C ASP G 328 -76.27 2.21 11.66
N ASN G 329 -77.04 3.26 11.99
CA ASN G 329 -78.32 3.12 12.69
C ASN G 329 -78.08 2.92 14.18
N LYS G 330 -77.04 3.57 14.72
CA LYS G 330 -76.70 3.43 16.13
C LYS G 330 -77.94 3.41 17.01
N GLU G 331 -78.76 4.45 16.92
CA GLU G 331 -79.96 4.54 17.72
C GLU G 331 -80.91 3.36 17.52
N ASP G 332 -80.96 2.81 16.32
CA ASP G 332 -81.86 1.69 16.05
C ASP G 332 -81.34 0.36 16.62
N ILE G 333 -80.04 0.16 16.54
CA ILE G 333 -79.42 -1.04 17.06
C ILE G 333 -79.59 -1.10 18.57
N LEU G 334 -79.34 0.04 19.23
CA LEU G 334 -79.47 0.14 20.67
C LEU G 334 -80.85 -0.31 21.16
N ASN G 335 -81.88 -0.01 20.37
CA ASN G 335 -83.23 -0.41 20.76
C ASN G 335 -83.42 -1.90 20.61
N LYS G 336 -82.78 -2.49 19.59
CA LYS G 336 -82.88 -3.93 19.37
C LYS G 336 -82.31 -4.64 20.58
N ALA G 337 -81.22 -4.07 21.11
CA ALA G 337 -80.53 -4.61 22.27
C ALA G 337 -81.43 -4.52 23.51
N LEU G 338 -81.81 -3.28 23.85
CA LEU G 338 -82.67 -3.01 25.00
C LEU G 338 -83.91 -3.91 24.95
N GLU G 339 -84.49 -4.06 23.77
CA GLU G 339 -85.66 -4.91 23.64
C GLU G 339 -85.34 -6.31 24.15
N LEU G 340 -84.17 -6.82 23.78
CA LEU G 340 -83.75 -8.15 24.19
C LEU G 340 -83.43 -8.25 25.68
N CYS G 341 -82.76 -7.23 26.21
CA CYS G 341 -82.44 -7.21 27.64
C CYS G 341 -83.74 -7.38 28.43
N GLU G 342 -84.77 -6.63 28.05
CA GLU G 342 -86.05 -6.70 28.74
C GLU G 342 -86.73 -8.05 28.58
N ILE G 343 -86.53 -8.70 27.45
CA ILE G 343 -87.13 -10.02 27.24
C ILE G 343 -86.49 -11.00 28.20
N LEU G 344 -85.20 -10.82 28.42
CA LEU G 344 -84.45 -11.67 29.33
C LEU G 344 -84.93 -11.45 30.75
N ALA G 345 -85.03 -10.18 31.15
CA ALA G 345 -85.47 -9.80 32.49
C ALA G 345 -86.91 -10.24 32.80
N LYS G 346 -87.83 -9.94 31.89
CA LYS G 346 -89.25 -10.26 32.07
C LYS G 346 -89.69 -11.71 31.85
N GLU G 347 -89.01 -12.47 31.00
CA GLU G 347 -89.47 -13.85 30.79
C GLU G 347 -88.49 -14.97 30.45
N LYS G 348 -87.33 -14.65 29.89
CA LYS G 348 -86.38 -15.70 29.51
C LYS G 348 -85.36 -16.12 30.57
N ASP G 349 -84.80 -15.14 31.29
CA ASP G 349 -83.80 -15.39 32.33
C ASP G 349 -84.19 -14.54 33.55
N THR G 350 -85.40 -14.75 34.06
CA THR G 350 -85.92 -13.99 35.20
C THR G 350 -85.04 -13.92 36.45
N ILE G 351 -84.41 -15.02 36.83
CA ILE G 351 -83.57 -15.01 38.02
C ILE G 351 -82.50 -13.93 37.99
N ARG G 352 -82.12 -13.48 36.79
CA ARG G 352 -81.10 -12.43 36.65
C ARG G 352 -81.74 -11.13 36.20
N LYS G 353 -83.05 -11.03 36.46
CA LYS G 353 -83.85 -9.86 36.12
C LYS G 353 -83.17 -8.51 36.41
N GLU G 354 -82.69 -8.32 37.63
CA GLU G 354 -82.04 -7.06 37.98
C GLU G 354 -80.72 -6.85 37.25
N TYR G 355 -80.02 -7.96 36.95
CA TYR G 355 -78.74 -7.89 36.23
C TYR G 355 -78.97 -7.40 34.80
N TRP G 356 -79.96 -7.98 34.13
CA TRP G 356 -80.27 -7.59 32.76
C TRP G 356 -80.76 -6.15 32.64
N ARG G 357 -81.57 -5.71 33.61
CA ARG G 357 -82.07 -4.33 33.64
C ARG G 357 -80.87 -3.41 33.80
N TYR G 358 -79.90 -3.87 34.60
CA TYR G 358 -78.68 -3.13 34.86
C TYR G 358 -77.85 -3.03 33.57
N ILE G 359 -77.85 -4.11 32.79
CA ILE G 359 -77.11 -4.10 31.53
C ILE G 359 -77.77 -3.10 30.59
N GLY G 360 -79.10 -3.15 30.52
CA GLY G 360 -79.84 -2.23 29.69
C GLY G 360 -79.51 -0.78 30.02
N ARG G 361 -79.62 -0.44 31.30
CA ARG G 361 -79.31 0.92 31.73
C ARG G 361 -77.92 1.31 31.28
N SER G 362 -76.98 0.37 31.38
CA SER G 362 -75.59 0.62 30.99
C SER G 362 -75.48 0.97 29.52
N LEU G 363 -76.20 0.23 28.68
CA LEU G 363 -76.17 0.46 27.25
C LEU G 363 -76.72 1.86 26.90
N GLN G 364 -77.87 2.21 27.46
CA GLN G 364 -78.48 3.52 27.19
C GLN G 364 -77.54 4.67 27.52
N SER G 365 -76.99 4.66 28.72
CA SER G 365 -76.10 5.74 29.13
C SER G 365 -74.77 5.77 28.38
N LYS G 366 -74.50 4.75 27.58
CA LYS G 366 -73.24 4.74 26.86
C LYS G 366 -73.41 5.01 25.36
N HIS G 367 -74.62 4.79 24.85
CA HIS G 367 -74.88 5.00 23.43
C HIS G 367 -76.16 5.82 23.15
N SER G 368 -76.13 7.12 23.41
CA SER G 368 -77.30 7.98 23.18
C SER G 368 -76.92 9.45 22.98
N LEU H 18 -88.62 -22.25 56.67
CA LEU H 18 -87.34 -22.58 57.36
C LEU H 18 -86.55 -21.31 57.69
N ASP H 19 -86.09 -21.20 58.95
CA ASP H 19 -85.32 -20.04 59.40
C ASP H 19 -83.93 -20.38 59.94
N PHE H 20 -83.19 -19.34 60.34
CA PHE H 20 -81.82 -19.47 60.83
C PHE H 20 -81.66 -19.79 62.33
N LEU H 21 -81.29 -21.02 62.63
CA LEU H 21 -81.10 -21.49 64.00
C LEU H 21 -79.75 -21.07 64.59
N ARG H 22 -79.54 -19.76 64.68
CA ARG H 22 -78.29 -19.19 65.19
C ARG H 22 -77.64 -19.89 66.39
N ASP H 23 -78.41 -20.18 67.44
CA ASP H 23 -77.85 -20.81 68.62
C ASP H 23 -77.28 -22.19 68.35
N ARG H 24 -78.00 -22.97 67.55
CA ARG H 24 -77.56 -24.31 67.23
C ARG H 24 -76.21 -24.32 66.51
N HIS H 25 -75.96 -23.28 65.70
CA HIS H 25 -74.70 -23.19 64.98
C HIS H 25 -73.56 -22.78 65.90
N VAL H 26 -73.87 -22.03 66.94
CA VAL H 26 -72.85 -21.62 67.89
C VAL H 26 -72.36 -22.86 68.63
N ARG H 27 -73.30 -23.72 69.01
CA ARG H 27 -72.95 -24.95 69.71
C ARG H 27 -72.10 -25.80 68.79
N PHE H 28 -72.52 -25.88 67.52
CA PHE H 28 -71.80 -26.64 66.51
C PHE H 28 -70.32 -26.24 66.44
N PHE H 29 -70.05 -24.95 66.36
CA PHE H 29 -68.67 -24.49 66.28
C PHE H 29 -67.91 -24.79 67.55
N GLN H 30 -68.59 -24.70 68.70
CA GLN H 30 -67.93 -24.98 69.98
C GLN H 30 -67.43 -26.41 70.00
N ARG H 31 -68.30 -27.33 69.60
CA ARG H 31 -67.96 -28.73 69.57
C ARG H 31 -66.74 -28.97 68.68
N CYS H 32 -66.67 -28.26 67.56
CA CYS H 32 -65.52 -28.39 66.66
C CYS H 32 -64.23 -28.02 67.36
N LEU H 33 -64.24 -26.96 68.16
CA LEU H 33 -63.02 -26.56 68.86
C LEU H 33 -62.63 -27.56 69.95
N GLN H 34 -63.52 -28.47 70.30
CA GLN H 34 -63.23 -29.42 71.37
C GLN H 34 -62.58 -30.73 70.95
N VAL H 35 -63.40 -31.73 70.67
CA VAL H 35 -62.86 -33.03 70.28
C VAL H 35 -63.57 -33.59 69.05
N LEU H 36 -62.80 -34.23 68.17
CA LEU H 36 -63.34 -34.82 66.94
C LEU H 36 -63.12 -36.33 66.91
N PRO H 37 -64.02 -37.05 66.22
CA PRO H 37 -63.98 -38.51 66.06
C PRO H 37 -62.80 -38.93 65.16
N GLU H 38 -62.21 -40.09 65.43
CA GLU H 38 -61.08 -40.56 64.62
C GLU H 38 -61.42 -40.56 63.13
N ARG H 39 -62.70 -40.37 62.81
CA ARG H 39 -63.17 -40.36 61.43
C ARG H 39 -62.74 -39.07 60.73
N TYR H 40 -62.10 -38.16 61.46
CA TYR H 40 -61.65 -36.90 60.89
C TYR H 40 -60.13 -36.80 60.90
N SER H 41 -59.50 -37.96 60.99
CA SER H 41 -58.05 -38.07 61.03
C SER H 41 -57.36 -37.49 59.79
N SER H 42 -58.07 -37.49 58.66
CA SER H 42 -57.49 -36.97 57.44
C SER H 42 -57.36 -35.45 57.40
N LEU H 43 -57.80 -34.80 58.48
CA LEU H 43 -57.71 -33.35 58.58
C LEU H 43 -56.61 -32.94 59.55
N GLU H 44 -55.92 -33.94 60.09
CA GLU H 44 -54.85 -33.73 61.06
C GLU H 44 -53.89 -32.62 60.67
N THR H 45 -53.30 -32.71 59.48
CA THR H 45 -52.32 -31.71 59.05
C THR H 45 -52.89 -30.32 58.73
N SER H 46 -54.20 -30.16 58.84
CA SER H 46 -54.81 -28.86 58.60
C SER H 46 -55.85 -28.52 59.67
N ARG H 47 -55.57 -28.93 60.91
CA ARG H 47 -56.45 -28.68 62.04
C ARG H 47 -56.60 -27.19 62.31
N LEU H 48 -55.55 -26.43 61.99
CA LEU H 48 -55.57 -24.99 62.19
C LEU H 48 -56.66 -24.32 61.33
N THR H 49 -56.91 -24.84 60.13
CA THR H 49 -57.94 -24.24 59.29
C THR H 49 -59.32 -24.65 59.78
N ILE H 50 -59.42 -25.77 60.50
CA ILE H 50 -60.70 -26.20 61.06
C ILE H 50 -60.99 -25.23 62.20
N ALA H 51 -59.94 -24.88 62.93
CA ALA H 51 -60.05 -23.94 64.04
C ALA H 51 -60.53 -22.59 63.51
N PHE H 52 -59.94 -22.16 62.39
CA PHE H 52 -60.31 -20.91 61.72
C PHE H 52 -61.79 -20.90 61.34
N PHE H 53 -62.29 -21.99 60.78
CA PHE H 53 -63.69 -22.06 60.39
C PHE H 53 -64.58 -21.87 61.61
N ALA H 54 -64.18 -22.46 62.72
CA ALA H 54 -64.93 -22.40 63.97
C ALA H 54 -64.85 -21.04 64.66
N LEU H 55 -63.64 -20.52 64.81
CA LEU H 55 -63.44 -19.23 65.44
C LEU H 55 -64.05 -18.09 64.63
N SER H 56 -63.68 -18.01 63.35
CA SER H 56 -64.21 -16.98 62.46
C SER H 56 -65.72 -17.13 62.33
N GLY H 57 -66.18 -18.37 62.44
CA GLY H 57 -67.60 -18.63 62.37
C GLY H 57 -68.29 -18.07 63.59
N LEU H 58 -67.66 -18.25 64.75
CA LEU H 58 -68.20 -17.74 66.01
C LEU H 58 -68.14 -16.22 66.02
N ASP H 59 -67.07 -15.68 65.46
CA ASP H 59 -66.89 -14.23 65.38
C ASP H 59 -68.00 -13.64 64.52
N MET H 60 -68.31 -14.32 63.44
CA MET H 60 -69.35 -13.90 62.51
C MET H 60 -70.72 -13.89 63.20
N LEU H 61 -70.90 -14.78 64.18
CA LEU H 61 -72.15 -14.86 64.91
C LEU H 61 -72.04 -14.04 66.20
N ASP H 62 -70.90 -13.40 66.38
CA ASP H 62 -70.64 -12.59 67.57
C ASP H 62 -70.85 -13.42 68.85
N SER H 63 -70.03 -14.47 68.99
CA SER H 63 -70.11 -15.35 70.14
C SER H 63 -68.73 -15.87 70.55
N LEU H 64 -67.70 -15.08 70.29
CA LEU H 64 -66.34 -15.49 70.64
C LEU H 64 -66.15 -15.64 72.16
N ASP H 65 -67.05 -15.05 72.93
CA ASP H 65 -66.96 -15.12 74.38
C ASP H 65 -67.11 -16.55 74.92
N VAL H 66 -67.73 -17.44 74.15
CA VAL H 66 -67.92 -18.82 74.61
C VAL H 66 -66.65 -19.66 74.55
N VAL H 67 -65.50 -19.03 74.33
CA VAL H 67 -64.22 -19.73 74.26
C VAL H 67 -63.15 -18.96 75.02
N ASN H 68 -62.11 -19.68 75.46
CA ASN H 68 -61.04 -19.05 76.19
C ASN H 68 -60.01 -18.53 75.19
N LYS H 69 -60.17 -17.27 74.82
CA LYS H 69 -59.26 -16.67 73.86
C LYS H 69 -57.79 -16.83 74.22
N ASP H 70 -57.47 -16.78 75.50
CA ASP H 70 -56.07 -16.91 75.94
C ASP H 70 -55.48 -18.30 75.71
N ASP H 71 -56.26 -19.34 76.01
CA ASP H 71 -55.79 -20.72 75.81
C ASP H 71 -55.53 -20.98 74.33
N ILE H 72 -56.51 -20.65 73.50
CA ILE H 72 -56.40 -20.86 72.06
C ILE H 72 -55.25 -20.07 71.42
N ILE H 73 -54.99 -18.86 71.91
CA ILE H 73 -53.90 -18.07 71.35
C ILE H 73 -52.54 -18.73 71.61
N GLU H 74 -52.42 -19.40 72.76
CA GLU H 74 -51.17 -20.07 73.11
C GLU H 74 -50.99 -21.30 72.23
N TRP H 75 -52.09 -21.98 71.95
CA TRP H 75 -52.06 -23.16 71.11
C TRP H 75 -51.61 -22.76 69.72
N ILE H 76 -52.18 -21.68 69.20
CA ILE H 76 -51.82 -21.19 67.87
C ILE H 76 -50.33 -20.85 67.81
N TYR H 77 -49.84 -20.11 68.80
CA TYR H 77 -48.44 -19.74 68.81
C TYR H 77 -47.51 -20.94 68.92
N SER H 78 -48.01 -22.06 69.41
CA SER H 78 -47.19 -23.26 69.54
C SER H 78 -47.03 -23.90 68.16
N LEU H 79 -47.76 -23.38 67.18
CA LEU H 79 -47.70 -23.90 65.82
C LEU H 79 -46.77 -23.09 64.93
N GLN H 80 -46.17 -22.03 65.46
CA GLN H 80 -45.26 -21.21 64.67
C GLN H 80 -43.88 -21.82 64.53
N VAL H 81 -43.40 -21.90 63.30
CA VAL H 81 -42.07 -22.42 63.05
C VAL H 81 -41.15 -21.21 63.11
N LEU H 82 -40.45 -21.05 64.23
CA LEU H 82 -39.55 -19.93 64.44
C LEU H 82 -38.14 -20.21 63.96
N PRO H 83 -37.39 -19.15 63.62
CA PRO H 83 -36.02 -19.35 63.15
C PRO H 83 -35.12 -19.85 64.28
N THR H 84 -34.22 -20.76 63.95
CA THR H 84 -33.30 -21.32 64.94
C THR H 84 -32.22 -20.31 65.32
N GLU H 85 -31.37 -20.70 66.27
CA GLU H 85 -30.29 -19.85 66.74
C GLU H 85 -29.46 -19.32 65.57
N ASP H 86 -28.99 -20.22 64.72
CA ASP H 86 -28.17 -19.84 63.57
C ASP H 86 -28.97 -19.23 62.41
N ARG H 87 -30.29 -19.18 62.55
CA ARG H 87 -31.17 -18.62 61.53
C ARG H 87 -30.92 -19.22 60.14
N SER H 88 -30.67 -20.52 60.11
CA SER H 88 -30.41 -21.22 58.86
C SER H 88 -31.67 -21.87 58.28
N ASN H 89 -32.82 -21.58 58.90
CA ASN H 89 -34.08 -22.15 58.45
C ASN H 89 -35.12 -21.08 58.14
N LEU H 90 -34.67 -19.88 57.78
CA LEU H 90 -35.60 -18.79 57.47
C LEU H 90 -36.57 -19.13 56.35
N ASP H 91 -36.06 -19.81 55.32
CA ASP H 91 -36.87 -20.20 54.18
C ASP H 91 -37.97 -21.20 54.52
N ARG H 92 -38.06 -21.60 55.78
CA ARG H 92 -39.06 -22.58 56.19
C ARG H 92 -39.98 -22.10 57.30
N CYS H 93 -39.92 -20.83 57.64
CA CYS H 93 -40.75 -20.32 58.71
C CYS H 93 -42.18 -20.01 58.30
N GLY H 94 -43.06 -19.99 59.29
CA GLY H 94 -44.47 -19.74 59.06
C GLY H 94 -45.20 -20.54 60.13
N PHE H 95 -46.32 -21.18 59.78
CA PHE H 95 -47.06 -21.97 60.78
C PHE H 95 -47.33 -23.40 60.31
N ARG H 96 -47.53 -24.30 61.28
CA ARG H 96 -47.82 -25.71 61.01
C ARG H 96 -49.32 -25.86 61.14
N GLY H 97 -49.87 -26.92 60.53
CA GLY H 97 -51.30 -27.16 60.60
C GLY H 97 -51.70 -27.77 61.94
N SER H 98 -50.74 -28.44 62.58
CA SER H 98 -50.94 -29.07 63.87
C SER H 98 -49.59 -29.49 64.44
N SER H 99 -49.64 -30.30 65.49
CA SER H 99 -48.43 -30.76 66.16
C SER H 99 -48.05 -32.19 65.79
N TYR H 100 -48.56 -32.69 64.67
CA TYR H 100 -48.27 -34.06 64.26
C TYR H 100 -46.79 -34.48 64.16
N LEU H 101 -45.85 -33.52 64.10
CA LEU H 101 -44.45 -33.91 63.99
C LEU H 101 -43.81 -34.32 65.30
N GLY H 102 -44.45 -33.99 66.41
CA GLY H 102 -43.93 -34.36 67.70
C GLY H 102 -42.97 -33.38 68.35
N ILE H 103 -42.97 -32.14 67.89
CA ILE H 103 -42.10 -31.14 68.47
C ILE H 103 -42.69 -30.70 69.81
N PRO H 104 -41.86 -30.61 70.85
CA PRO H 104 -42.30 -30.19 72.18
C PRO H 104 -43.01 -28.84 72.25
N PHE H 105 -44.17 -28.83 72.90
CA PHE H 105 -44.98 -27.62 73.04
C PHE H 105 -44.17 -26.39 73.39
N ASN H 106 -44.33 -25.33 72.60
CA ASN H 106 -43.60 -24.09 72.83
C ASN H 106 -44.35 -22.93 72.19
N PRO H 107 -45.15 -22.21 72.99
CA PRO H 107 -45.95 -21.07 72.52
C PRO H 107 -45.12 -19.86 72.11
N SER H 108 -44.23 -20.06 71.15
CA SER H 108 -43.36 -19.00 70.65
C SER H 108 -42.64 -18.27 71.78
N LYS H 109 -42.07 -19.05 72.69
CA LYS H 109 -41.34 -18.49 73.83
C LYS H 109 -39.84 -18.65 73.58
N ASN H 110 -39.36 -19.89 73.55
CA ASN H 110 -37.95 -20.16 73.31
C ASN H 110 -37.69 -20.15 71.80
N PRO H 111 -36.42 -20.15 71.38
CA PRO H 111 -36.10 -20.15 69.95
C PRO H 111 -36.46 -21.47 69.27
N GLY H 112 -36.42 -21.49 67.94
CA GLY H 112 -36.76 -22.70 67.21
C GLY H 112 -35.86 -23.91 67.40
N THR H 113 -36.48 -25.07 67.59
CA THR H 113 -35.75 -26.33 67.76
C THR H 113 -35.60 -27.01 66.40
N ALA H 114 -34.37 -27.14 65.94
CA ALA H 114 -34.07 -27.75 64.63
C ALA H 114 -34.73 -29.10 64.44
N HIS H 115 -35.17 -29.37 63.21
CA HIS H 115 -35.81 -30.63 62.87
C HIS H 115 -35.72 -30.72 61.34
N PRO H 116 -35.26 -31.85 60.82
CA PRO H 116 -35.11 -32.07 59.37
C PRO H 116 -36.32 -31.83 58.49
N TYR H 117 -37.52 -32.03 59.03
CA TYR H 117 -38.74 -31.89 58.24
C TYR H 117 -39.79 -30.92 58.76
N ASP H 118 -39.42 -30.06 59.70
CA ASP H 118 -40.39 -29.11 60.23
C ASP H 118 -40.33 -27.76 59.51
N SER H 119 -41.46 -27.38 58.92
CA SER H 119 -41.56 -26.11 58.21
C SER H 119 -43.02 -25.70 58.11
N GLY H 120 -43.27 -24.46 57.70
CA GLY H 120 -44.63 -23.97 57.60
C GLY H 120 -45.39 -24.37 56.36
N HIS H 121 -46.69 -24.12 56.38
CA HIS H 121 -47.58 -24.42 55.25
C HIS H 121 -48.33 -23.13 54.99
N ILE H 122 -48.22 -22.62 53.76
CA ILE H 122 -48.85 -21.36 53.39
C ILE H 122 -50.31 -21.16 53.81
N ALA H 123 -51.14 -22.20 53.73
CA ALA H 123 -52.53 -22.07 54.11
C ALA H 123 -52.67 -22.02 55.64
N MET H 124 -51.67 -22.52 56.34
CA MET H 124 -51.70 -22.51 57.80
C MET H 124 -51.18 -21.19 58.34
N THR H 125 -50.21 -20.60 57.63
CA THR H 125 -49.68 -19.30 58.03
C THR H 125 -50.83 -18.30 57.88
N TYR H 126 -51.57 -18.43 56.79
CA TYR H 126 -52.70 -17.57 56.53
C TYR H 126 -53.79 -17.72 57.60
N THR H 127 -54.34 -18.92 57.77
CA THR H 127 -55.38 -19.12 58.77
C THR H 127 -54.90 -18.87 60.20
N GLY H 128 -53.61 -19.10 60.44
CA GLY H 128 -53.03 -18.88 61.75
C GLY H 128 -53.07 -17.41 62.12
N LEU H 129 -52.45 -16.56 61.29
CA LEU H 129 -52.45 -15.12 61.52
C LEU H 129 -53.89 -14.62 61.61
N SER H 130 -54.72 -15.13 60.72
CA SER H 130 -56.12 -14.76 60.69
C SER H 130 -56.79 -15.06 62.04
N CYS H 131 -56.52 -16.23 62.61
CA CYS H 131 -57.10 -16.61 63.90
C CYS H 131 -56.63 -15.70 65.04
N LEU H 132 -55.33 -15.40 65.04
CA LEU H 132 -54.77 -14.54 66.07
C LEU H 132 -55.47 -13.19 66.10
N ILE H 133 -55.71 -12.62 64.92
CA ILE H 133 -56.39 -11.33 64.84
C ILE H 133 -57.83 -11.42 65.32
N ILE H 134 -58.50 -12.50 64.96
CA ILE H 134 -59.89 -12.70 65.38
C ILE H 134 -59.98 -12.80 66.90
N LEU H 135 -58.97 -13.42 67.51
CA LEU H 135 -58.94 -13.61 68.97
C LEU H 135 -58.46 -12.37 69.74
N GLY H 136 -58.05 -11.33 69.02
CA GLY H 136 -57.62 -10.11 69.68
C GLY H 136 -56.14 -9.93 69.87
N ASP H 137 -55.34 -10.96 69.56
CA ASP H 137 -53.90 -10.84 69.72
C ASP H 137 -53.37 -9.71 68.84
N ASP H 138 -52.19 -9.19 69.17
CA ASP H 138 -51.61 -8.10 68.41
C ASP H 138 -50.45 -8.51 67.51
N LEU H 139 -50.23 -9.81 67.36
CA LEU H 139 -49.17 -10.36 66.51
C LEU H 139 -47.75 -9.99 66.92
N SER H 140 -47.56 -9.57 68.17
CA SER H 140 -46.23 -9.19 68.63
C SER H 140 -45.28 -10.38 68.72
N ARG H 141 -45.82 -11.57 68.93
CA ARG H 141 -45.00 -12.77 69.03
C ARG H 141 -44.78 -13.46 67.68
N VAL H 142 -45.27 -12.82 66.63
CA VAL H 142 -45.10 -13.33 65.27
C VAL H 142 -43.81 -12.77 64.69
N ASP H 143 -42.94 -13.63 64.18
CA ASP H 143 -41.69 -13.16 63.61
C ASP H 143 -41.99 -12.77 62.17
N LYS H 144 -42.55 -11.57 62.00
CA LYS H 144 -42.93 -11.06 60.69
C LYS H 144 -41.89 -11.28 59.59
N GLU H 145 -40.65 -10.90 59.85
CA GLU H 145 -39.61 -11.06 58.84
C GLU H 145 -39.38 -12.51 58.42
N ALA H 146 -39.46 -13.41 59.38
CA ALA H 146 -39.25 -14.82 59.09
C ALA H 146 -40.38 -15.35 58.21
N CYS H 147 -41.61 -14.98 58.55
CA CYS H 147 -42.76 -15.42 57.77
C CYS H 147 -42.66 -14.95 56.34
N LEU H 148 -42.31 -13.67 56.16
CA LEU H 148 -42.19 -13.10 54.83
C LEU H 148 -41.06 -13.75 54.04
N ALA H 149 -40.02 -14.16 54.75
CA ALA H 149 -38.89 -14.83 54.09
C ALA H 149 -39.35 -16.20 53.60
N GLY H 150 -40.16 -16.87 54.43
CA GLY H 150 -40.68 -18.17 54.06
C GLY H 150 -41.64 -18.04 52.91
N LEU H 151 -42.46 -16.99 52.92
CA LEU H 151 -43.41 -16.75 51.85
C LEU H 151 -42.69 -16.59 50.52
N ARG H 152 -41.68 -15.71 50.47
CA ARG H 152 -40.92 -15.47 49.25
C ARG H 152 -40.37 -16.76 48.65
N ALA H 153 -39.91 -17.65 49.51
CA ALA H 153 -39.33 -18.90 49.05
C ALA H 153 -40.32 -19.83 48.35
N LEU H 154 -41.62 -19.62 48.58
CA LEU H 154 -42.64 -20.45 47.98
C LEU H 154 -43.07 -20.06 46.56
N GLN H 155 -42.77 -18.83 46.14
CA GLN H 155 -43.18 -18.38 44.82
C GLN H 155 -42.35 -18.95 43.68
N LEU H 156 -43.03 -19.38 42.63
CA LEU H 156 -42.37 -19.97 41.47
C LEU H 156 -42.12 -18.93 40.38
N GLU H 157 -41.39 -19.35 39.34
CA GLU H 157 -41.09 -18.44 38.24
C GLU H 157 -42.33 -17.86 37.56
N ASP H 158 -43.39 -18.65 37.43
CA ASP H 158 -44.60 -18.19 36.77
C ASP H 158 -45.47 -17.26 37.63
N GLY H 159 -45.03 -16.99 38.84
CA GLY H 159 -45.80 -16.10 39.70
C GLY H 159 -46.67 -16.77 40.75
N SER H 160 -47.01 -18.05 40.56
CA SER H 160 -47.84 -18.75 41.54
C SER H 160 -47.03 -19.23 42.75
N PHE H 161 -47.69 -19.90 43.69
CA PHE H 161 -47.04 -20.37 44.91
C PHE H 161 -47.27 -21.87 45.22
N CYS H 162 -46.36 -22.41 46.03
CA CYS H 162 -46.44 -23.77 46.53
C CYS H 162 -46.88 -23.61 47.98
N ALA H 163 -47.31 -24.70 48.62
CA ALA H 163 -47.74 -24.60 50.01
C ALA H 163 -46.60 -24.81 51.01
N VAL H 164 -45.61 -25.62 50.63
CA VAL H 164 -44.48 -25.93 51.52
C VAL H 164 -43.16 -25.93 50.78
N PRO H 165 -42.08 -25.53 51.46
CA PRO H 165 -40.75 -25.48 50.86
C PRO H 165 -40.23 -26.81 50.30
N GLU H 166 -40.71 -27.93 50.83
CA GLU H 166 -40.27 -29.24 50.34
C GLU H 166 -40.89 -29.52 48.97
N GLY H 167 -41.90 -28.74 48.61
CA GLY H 167 -42.55 -28.93 47.32
C GLY H 167 -43.98 -29.42 47.40
N SER H 168 -44.81 -28.99 46.46
CA SER H 168 -46.20 -29.40 46.42
C SER H 168 -46.75 -28.91 45.10
N GLU H 169 -48.05 -29.09 44.90
CA GLU H 169 -48.68 -28.61 43.67
C GLU H 169 -48.74 -27.08 43.83
N ASN H 170 -48.91 -26.37 42.71
CA ASN H 170 -48.98 -24.91 42.77
C ASN H 170 -50.18 -24.42 41.97
N ASP H 171 -50.92 -23.48 42.53
CA ASP H 171 -52.08 -22.92 41.85
C ASP H 171 -52.65 -21.68 42.51
N MET H 172 -53.79 -21.22 42.01
CA MET H 172 -54.44 -20.02 42.51
C MET H 172 -54.77 -20.03 44.00
N ARG H 173 -55.08 -21.19 44.56
CA ARG H 173 -55.41 -21.28 45.98
C ARG H 173 -54.32 -20.63 46.82
N PHE H 174 -53.07 -20.97 46.52
CA PHE H 174 -51.95 -20.45 47.28
C PHE H 174 -51.57 -19.01 46.95
N VAL H 175 -51.98 -18.53 45.79
CA VAL H 175 -51.73 -17.13 45.42
C VAL H 175 -52.59 -16.28 46.37
N TYR H 176 -53.81 -16.75 46.63
CA TYR H 176 -54.71 -16.05 47.53
C TYR H 176 -54.15 -16.05 48.96
N CYS H 177 -53.58 -17.16 49.39
CA CYS H 177 -53.00 -17.28 50.72
C CYS H 177 -51.85 -16.28 50.88
N ALA H 178 -50.99 -16.23 49.87
CA ALA H 178 -49.85 -15.31 49.89
C ALA H 178 -50.37 -13.88 50.02
N SER H 179 -51.40 -13.56 49.24
CA SER H 179 -51.96 -12.22 49.26
C SER H 179 -52.50 -11.85 50.63
N CYS H 180 -53.23 -12.77 51.26
CA CYS H 180 -53.79 -12.52 52.59
C CYS H 180 -52.69 -12.31 53.65
N ILE H 181 -51.61 -13.08 53.53
CA ILE H 181 -50.51 -12.97 54.47
C ILE H 181 -49.86 -11.59 54.35
N CYS H 182 -49.52 -11.20 53.12
CA CYS H 182 -48.91 -9.89 52.89
C CYS H 182 -49.79 -8.78 53.38
N TYR H 183 -51.10 -8.90 53.14
CA TYR H 183 -52.04 -7.89 53.56
C TYR H 183 -52.13 -7.75 55.08
N MET H 184 -52.23 -8.87 55.78
CA MET H 184 -52.33 -8.85 57.25
C MET H 184 -51.06 -8.35 57.91
N LEU H 185 -49.91 -8.71 57.37
CA LEU H 185 -48.65 -8.25 57.93
C LEU H 185 -48.35 -6.88 57.36
N ASN H 186 -49.30 -6.36 56.58
CA ASN H 186 -49.17 -5.05 55.96
C ASN H 186 -47.76 -4.83 55.36
N ASN H 187 -47.29 -5.81 54.60
CA ASN H 187 -45.97 -5.73 53.98
C ASN H 187 -45.95 -6.66 52.76
N TRP H 188 -45.83 -6.08 51.57
CA TRP H 188 -45.84 -6.90 50.37
C TRP H 188 -44.49 -7.37 49.88
N SER H 189 -43.49 -7.36 50.76
CA SER H 189 -42.16 -7.82 50.38
C SER H 189 -42.17 -9.35 50.35
N GLY H 190 -43.29 -9.92 50.79
CA GLY H 190 -43.43 -11.37 50.82
C GLY H 190 -43.62 -11.97 49.44
N MET H 191 -43.84 -11.14 48.42
CA MET H 191 -44.04 -11.66 47.07
C MET H 191 -43.61 -10.68 45.99
N ASP H 192 -43.47 -11.22 44.78
CA ASP H 192 -43.14 -10.42 43.60
C ASP H 192 -44.50 -10.18 42.97
N MET H 193 -45.16 -9.11 43.40
CA MET H 193 -46.50 -8.77 42.93
C MET H 193 -46.68 -8.74 41.42
N LYS H 194 -45.66 -8.30 40.71
CA LYS H 194 -45.73 -8.22 39.26
C LYS H 194 -45.95 -9.60 38.65
N LYS H 195 -45.19 -10.58 39.12
CA LYS H 195 -45.31 -11.95 38.61
C LYS H 195 -46.63 -12.61 39.03
N ALA H 196 -47.10 -12.30 40.22
CA ALA H 196 -48.34 -12.88 40.71
C ALA H 196 -49.49 -12.39 39.83
N ILE H 197 -49.50 -11.08 39.55
CA ILE H 197 -50.53 -10.48 38.72
C ILE H 197 -50.51 -11.14 37.34
N SER H 198 -49.31 -11.40 36.85
CA SER H 198 -49.18 -12.05 35.55
C SER H 198 -49.85 -13.42 35.56
N TYR H 199 -49.65 -14.17 36.65
CA TYR H 199 -50.23 -15.49 36.80
C TYR H 199 -51.76 -15.40 36.81
N ILE H 200 -52.29 -14.44 37.55
CA ILE H 200 -53.72 -14.25 37.64
C ILE H 200 -54.32 -13.91 36.27
N ARG H 201 -53.68 -13.03 35.51
CA ARG H 201 -54.21 -12.68 34.19
C ARG H 201 -54.25 -13.92 33.29
N ARG H 202 -53.13 -14.65 33.23
CA ARG H 202 -53.03 -15.82 32.39
C ARG H 202 -54.01 -16.94 32.68
N SER H 203 -54.61 -16.89 33.86
CA SER H 203 -55.56 -17.93 34.24
C SER H 203 -56.96 -17.67 33.69
N MET H 204 -57.18 -16.51 33.08
CA MET H 204 -58.50 -16.22 32.54
C MET H 204 -58.78 -17.12 31.34
N SER H 205 -59.94 -17.78 31.36
CA SER H 205 -60.35 -18.70 30.31
C SER H 205 -61.08 -18.00 29.16
N TYR H 206 -61.31 -18.75 28.07
CA TYR H 206 -62.02 -18.22 26.90
C TYR H 206 -63.46 -17.87 27.28
N ASP H 207 -64.00 -18.50 28.32
CA ASP H 207 -65.36 -18.20 28.74
C ASP H 207 -65.37 -17.08 29.77
N ASN H 208 -64.20 -16.49 30.01
CA ASN H 208 -64.03 -15.35 30.91
C ASN H 208 -63.95 -15.55 32.42
N GLY H 209 -64.04 -16.78 32.90
CA GLY H 209 -63.89 -17.01 34.33
C GLY H 209 -62.39 -17.20 34.59
N LEU H 210 -62.01 -17.42 35.84
CA LEU H 210 -60.60 -17.64 36.16
C LEU H 210 -60.39 -19.11 36.54
N ALA H 211 -59.34 -19.74 36.02
CA ALA H 211 -59.07 -21.14 36.34
C ALA H 211 -57.95 -21.22 37.37
N GLN H 212 -57.61 -22.44 37.79
CA GLN H 212 -56.54 -22.64 38.77
C GLN H 212 -55.18 -22.25 38.16
N GLY H 213 -55.11 -22.32 36.84
CA GLY H 213 -53.91 -21.98 36.12
C GLY H 213 -54.25 -21.89 34.64
N ALA H 214 -53.32 -21.35 33.85
CA ALA H 214 -53.53 -21.18 32.41
C ALA H 214 -53.99 -22.43 31.68
N GLY H 215 -55.03 -22.30 30.86
CA GLY H 215 -55.52 -23.41 30.08
C GLY H 215 -56.55 -24.30 30.75
N LEU H 216 -56.58 -24.27 32.09
CA LEU H 216 -57.50 -25.09 32.85
C LEU H 216 -58.92 -24.52 32.81
N GLU H 217 -59.89 -25.34 33.19
CA GLU H 217 -61.30 -24.94 33.20
C GLU H 217 -61.54 -23.86 34.28
N SER H 218 -62.20 -22.77 33.91
CA SER H 218 -62.49 -21.69 34.86
C SER H 218 -63.35 -22.29 35.98
N HIS H 219 -63.19 -21.76 37.18
CA HIS H 219 -63.88 -22.30 38.35
C HIS H 219 -64.20 -21.23 39.39
N GLY H 220 -65.35 -21.39 40.06
CA GLY H 220 -65.77 -20.41 41.06
C GLY H 220 -64.74 -20.17 42.17
N GLY H 221 -64.07 -21.24 42.59
CA GLY H 221 -63.08 -21.13 43.65
C GLY H 221 -61.85 -20.33 43.23
N SER H 222 -61.32 -20.63 42.06
CA SER H 222 -60.14 -19.91 41.58
C SER H 222 -60.47 -18.48 41.15
N THR H 223 -61.69 -18.26 40.69
CA THR H 223 -62.11 -16.91 40.29
C THR H 223 -62.12 -16.04 41.55
N PHE H 224 -62.63 -16.58 42.65
CA PHE H 224 -62.64 -15.84 43.90
C PHE H 224 -61.20 -15.54 44.33
N CYS H 225 -60.36 -16.57 44.30
CA CYS H 225 -58.98 -16.40 44.70
C CYS H 225 -58.27 -15.33 43.91
N GLY H 226 -58.47 -15.33 42.59
CA GLY H 226 -57.84 -14.33 41.76
C GLY H 226 -58.35 -12.92 41.99
N ILE H 227 -59.67 -12.75 41.93
CA ILE H 227 -60.26 -11.43 42.11
C ILE H 227 -59.97 -10.86 43.51
N ALA H 228 -60.11 -11.70 44.53
CA ALA H 228 -59.86 -11.27 45.91
C ALA H 228 -58.40 -10.87 46.10
N SER H 229 -57.49 -11.60 45.46
CA SER H 229 -56.07 -11.27 45.57
C SER H 229 -55.81 -9.89 45.00
N LEU H 230 -56.37 -9.61 43.82
CA LEU H 230 -56.19 -8.32 43.19
C LEU H 230 -56.78 -7.20 44.04
N CYS H 231 -57.96 -7.44 44.63
CA CYS H 231 -58.58 -6.43 45.47
C CYS H 231 -57.71 -6.14 46.70
N LEU H 232 -57.11 -7.19 47.26
CA LEU H 232 -56.25 -7.05 48.43
C LEU H 232 -55.00 -6.24 48.05
N MET H 233 -54.54 -6.36 46.81
CA MET H 233 -53.37 -5.61 46.35
C MET H 233 -53.82 -4.23 45.89
N GLY H 234 -55.14 -4.03 45.81
CA GLY H 234 -55.71 -2.78 45.35
C GLY H 234 -55.36 -2.50 43.90
N LYS H 235 -55.45 -3.52 43.04
CA LYS H 235 -55.12 -3.37 41.63
C LYS H 235 -56.12 -4.00 40.65
N LEU H 236 -57.35 -4.22 41.10
CA LEU H 236 -58.36 -4.82 40.23
C LEU H 236 -58.53 -4.01 38.95
N GLU H 237 -58.83 -2.72 39.11
CA GLU H 237 -59.05 -1.77 38.01
C GLU H 237 -57.85 -1.65 37.09
N GLU H 238 -56.67 -1.74 37.67
CA GLU H 238 -55.42 -1.62 36.93
C GLU H 238 -55.06 -2.85 36.10
N VAL H 239 -55.50 -4.03 36.55
CA VAL H 239 -55.18 -5.28 35.86
C VAL H 239 -56.17 -5.67 34.76
N PHE H 240 -57.45 -5.47 35.02
CA PHE H 240 -58.48 -5.82 34.04
C PHE H 240 -59.19 -4.56 33.49
N SER H 241 -59.41 -4.55 32.18
CA SER H 241 -60.08 -3.44 31.53
C SER H 241 -61.55 -3.49 31.88
N GLU H 242 -62.28 -2.42 31.56
CA GLU H 242 -63.70 -2.40 31.85
C GLU H 242 -64.40 -3.50 31.07
N LYS H 243 -63.98 -3.71 29.83
CA LYS H 243 -64.57 -4.74 28.99
C LYS H 243 -64.34 -6.11 29.63
N GLU H 244 -63.12 -6.32 30.14
CA GLU H 244 -62.76 -7.57 30.77
C GLU H 244 -63.56 -7.80 32.04
N LEU H 245 -63.65 -6.77 32.89
CA LEU H 245 -64.42 -6.89 34.12
C LEU H 245 -65.89 -7.20 33.83
N ASN H 246 -66.41 -6.68 32.72
CA ASN H 246 -67.81 -6.94 32.37
C ASN H 246 -68.00 -8.40 32.04
N ARG H 247 -67.03 -8.98 31.35
CA ARG H 247 -67.09 -10.39 30.99
C ARG H 247 -66.99 -11.29 32.22
N ILE H 248 -66.08 -10.94 33.14
CA ILE H 248 -65.90 -11.70 34.35
C ILE H 248 -67.20 -11.65 35.17
N LYS H 249 -67.81 -10.47 35.24
CA LYS H 249 -69.06 -10.31 35.96
C LYS H 249 -70.15 -11.20 35.36
N ARG H 250 -70.22 -11.24 34.04
CA ARG H 250 -71.22 -12.06 33.36
C ARG H 250 -71.04 -13.53 33.72
N TRP H 251 -69.79 -13.99 33.72
CA TRP H 251 -69.50 -15.37 34.03
C TRP H 251 -69.93 -15.71 35.46
N CYS H 252 -69.61 -14.82 36.39
CA CYS H 252 -69.94 -15.03 37.79
C CYS H 252 -71.44 -15.06 38.04
N ILE H 253 -72.15 -14.04 37.58
CA ILE H 253 -73.58 -13.99 37.82
C ILE H 253 -74.35 -15.14 37.16
N MET H 254 -73.74 -15.77 36.16
CA MET H 254 -74.40 -16.88 35.50
C MET H 254 -74.31 -18.15 36.36
N ARG H 255 -73.56 -18.07 37.46
CA ARG H 255 -73.40 -19.22 38.35
C ARG H 255 -74.61 -19.47 39.24
N GLN H 256 -75.51 -18.50 39.39
CA GLN H 256 -76.66 -18.72 40.25
C GLN H 256 -77.78 -19.50 39.56
N GLN H 257 -78.17 -20.61 40.18
CA GLN H 257 -79.24 -21.47 39.67
C GLN H 257 -80.43 -21.25 40.59
N ASN H 258 -80.11 -21.18 41.88
CA ASN H 258 -81.02 -20.93 42.99
C ASN H 258 -79.95 -20.62 44.03
N GLY H 259 -79.13 -21.62 44.29
CA GLY H 259 -77.97 -21.45 45.15
C GLY H 259 -76.92 -21.25 44.06
N TYR H 260 -75.64 -21.48 44.37
CA TYR H 260 -74.61 -21.31 43.35
C TYR H 260 -73.79 -22.58 43.08
N HIS H 261 -73.36 -22.76 41.84
CA HIS H 261 -72.50 -23.90 41.50
C HIS H 261 -71.12 -23.32 41.17
N GLY H 262 -70.10 -24.17 41.14
CA GLY H 262 -68.74 -23.69 40.86
C GLY H 262 -68.32 -23.67 39.41
N ARG H 263 -69.07 -24.37 38.56
CA ARG H 263 -68.77 -24.46 37.13
C ARG H 263 -70.06 -24.69 36.34
N PRO H 264 -70.11 -24.23 35.09
CA PRO H 264 -71.31 -24.42 34.26
C PRO H 264 -71.68 -25.90 34.25
N ASN H 265 -72.98 -26.17 34.29
CA ASN H 265 -73.51 -27.53 34.28
C ASN H 265 -73.16 -28.45 35.45
N LYS H 266 -72.81 -27.85 36.59
CA LYS H 266 -72.49 -28.61 37.79
C LYS H 266 -73.59 -28.31 38.82
N PRO H 267 -73.89 -29.27 39.71
CA PRO H 267 -74.92 -29.02 40.72
C PRO H 267 -74.50 -27.96 41.75
N VAL H 268 -75.47 -27.21 42.29
CA VAL H 268 -75.16 -26.17 43.26
C VAL H 268 -74.58 -26.76 44.55
N ASP H 269 -73.81 -25.94 45.25
CA ASP H 269 -73.14 -26.34 46.47
C ASP H 269 -73.09 -25.12 47.40
N THR H 270 -73.59 -25.28 48.61
CA THR H 270 -73.62 -24.19 49.58
C THR H 270 -72.38 -23.29 49.66
N CYS H 271 -71.18 -23.86 49.71
CA CYS H 271 -70.00 -23.02 49.85
C CYS H 271 -69.81 -22.00 48.72
N TYR H 272 -70.42 -22.24 47.56
CA TYR H 272 -70.27 -21.31 46.45
C TYR H 272 -71.09 -20.04 46.66
N SER H 273 -71.99 -20.07 47.63
CA SER H 273 -72.78 -18.88 47.94
C SER H 273 -71.79 -17.85 48.45
N PHE H 274 -70.63 -18.32 48.95
CA PHE H 274 -69.60 -17.39 49.39
C PHE H 274 -68.57 -17.19 48.30
N TRP H 275 -67.97 -18.28 47.80
CA TRP H 275 -66.94 -18.18 46.76
C TRP H 275 -67.35 -17.24 45.61
N VAL H 276 -68.52 -17.49 45.03
CA VAL H 276 -69.02 -16.68 43.93
C VAL H 276 -69.68 -15.40 44.45
N GLY H 277 -70.51 -15.55 45.48
CA GLY H 277 -71.20 -14.41 46.06
C GLY H 277 -70.24 -13.31 46.46
N ALA H 278 -69.14 -13.68 47.10
CA ALA H 278 -68.13 -12.72 47.52
C ALA H 278 -67.45 -12.07 46.32
N THR H 279 -67.30 -12.81 45.23
CA THR H 279 -66.66 -12.27 44.04
C THR H 279 -67.59 -11.19 43.46
N LEU H 280 -68.88 -11.52 43.41
CA LEU H 280 -69.87 -10.59 42.89
C LEU H 280 -69.91 -9.34 43.76
N LYS H 281 -69.75 -9.51 45.07
CA LYS H 281 -69.76 -8.37 45.97
C LYS H 281 -68.53 -7.51 45.69
N LEU H 282 -67.38 -8.13 45.43
CA LEU H 282 -66.18 -7.37 45.14
C LEU H 282 -66.33 -6.64 43.81
N LEU H 283 -67.11 -7.21 42.90
CA LEU H 283 -67.33 -6.61 41.59
C LEU H 283 -68.53 -5.67 41.60
N LYS H 284 -69.06 -5.44 42.80
CA LYS H 284 -70.17 -4.53 43.03
C LYS H 284 -71.48 -4.82 42.28
N ILE H 285 -71.80 -6.08 42.06
CA ILE H 285 -73.05 -6.42 41.38
C ILE H 285 -73.80 -7.54 42.10
N PHE H 286 -73.37 -7.86 43.32
CA PHE H 286 -74.05 -8.91 44.07
C PHE H 286 -75.48 -8.47 44.33
N GLN H 287 -75.64 -7.15 44.45
CA GLN H 287 -76.92 -6.50 44.66
C GLN H 287 -77.95 -6.83 43.59
N TYR H 288 -77.49 -7.26 42.42
CA TYR H 288 -78.39 -7.58 41.32
C TYR H 288 -78.78 -9.05 41.22
N THR H 289 -78.32 -9.86 42.19
CA THR H 289 -78.66 -11.28 42.18
C THR H 289 -80.00 -11.46 42.88
N ASN H 290 -80.52 -12.69 42.86
CA ASN H 290 -81.79 -12.98 43.51
C ASN H 290 -81.50 -13.50 44.93
N PHE H 291 -81.77 -12.65 45.93
CA PHE H 291 -81.51 -13.01 47.33
C PHE H 291 -82.34 -14.15 47.90
N GLU H 292 -83.65 -14.11 47.66
CA GLU H 292 -84.53 -15.13 48.21
C GLU H 292 -84.20 -16.59 47.85
N LYS H 293 -83.99 -16.86 46.57
CA LYS H 293 -83.67 -18.22 46.15
C LYS H 293 -82.34 -18.71 46.73
N ASN H 294 -81.38 -17.78 46.86
CA ASN H 294 -80.08 -18.13 47.40
C ASN H 294 -80.26 -18.46 48.88
N ARG H 295 -80.91 -17.57 49.62
CA ARG H 295 -81.15 -17.79 51.04
C ARG H 295 -81.93 -19.08 51.26
N ASN H 296 -82.94 -19.30 50.43
CA ASN H 296 -83.75 -20.50 50.53
C ASN H 296 -82.90 -21.76 50.36
N TYR H 297 -82.00 -21.75 49.39
CA TYR H 297 -81.15 -22.92 49.16
C TYR H 297 -80.22 -23.16 50.34
N ILE H 298 -79.52 -22.12 50.78
CA ILE H 298 -78.60 -22.26 51.90
C ILE H 298 -79.29 -22.88 53.11
N LEU H 299 -80.45 -22.33 53.47
CA LEU H 299 -81.17 -22.85 54.62
C LEU H 299 -81.62 -24.29 54.45
N SER H 300 -81.84 -24.72 53.21
CA SER H 300 -82.29 -26.08 52.97
C SER H 300 -81.17 -27.10 53.26
N THR H 301 -79.95 -26.61 53.49
CA THR H 301 -78.84 -27.50 53.77
C THR H 301 -78.47 -27.42 55.25
N GLN H 302 -79.29 -26.71 56.00
CA GLN H 302 -79.08 -26.52 57.44
C GLN H 302 -79.47 -27.79 58.19
N ASP H 303 -78.62 -28.24 59.10
CA ASP H 303 -78.95 -29.42 59.89
C ASP H 303 -79.61 -28.91 61.16
N ARG H 304 -80.93 -29.03 61.21
CA ARG H 304 -81.71 -28.56 62.36
C ARG H 304 -81.49 -29.32 63.66
N LEU H 305 -80.89 -30.49 63.57
CA LEU H 305 -80.65 -31.31 64.75
C LEU H 305 -79.28 -31.04 65.38
N VAL H 306 -78.20 -31.21 64.61
CA VAL H 306 -76.85 -31.00 65.13
C VAL H 306 -76.27 -29.61 64.86
N GLY H 307 -76.86 -28.87 63.93
CA GLY H 307 -76.36 -27.54 63.60
C GLY H 307 -75.41 -27.59 62.41
N GLY H 308 -74.95 -26.42 61.96
CA GLY H 308 -74.06 -26.37 60.82
C GLY H 308 -74.79 -26.55 59.50
N PHE H 309 -74.06 -26.46 58.39
CA PHE H 309 -74.64 -26.63 57.06
C PHE H 309 -73.87 -27.69 56.27
N ALA H 310 -74.52 -28.24 55.24
CA ALA H 310 -73.91 -29.26 54.39
C ALA H 310 -73.80 -28.67 52.98
N LYS H 311 -73.17 -29.39 52.05
CA LYS H 311 -73.06 -28.88 50.70
C LYS H 311 -74.40 -29.01 49.98
N TRP H 312 -75.12 -30.09 50.28
CA TRP H 312 -76.43 -30.34 49.68
C TRP H 312 -77.47 -30.62 50.75
N PRO H 313 -78.76 -30.46 50.40
CA PRO H 313 -79.81 -30.72 51.40
C PRO H 313 -79.79 -32.20 51.75
N ASP H 314 -80.20 -32.55 52.98
CA ASP H 314 -80.21 -33.94 53.41
C ASP H 314 -78.83 -34.55 53.18
N SER H 315 -77.83 -33.92 53.79
CA SER H 315 -76.45 -34.35 53.67
C SER H 315 -75.81 -33.98 55.01
N HIS H 316 -74.76 -34.69 55.42
CA HIS H 316 -74.13 -34.38 56.71
C HIS H 316 -73.33 -33.08 56.71
N PRO H 317 -73.50 -32.28 57.76
CA PRO H 317 -72.81 -30.99 57.88
C PRO H 317 -71.34 -31.12 58.25
N ASP H 318 -70.57 -30.07 57.99
CA ASP H 318 -69.16 -30.03 58.31
C ASP H 318 -68.76 -28.59 58.58
N ALA H 319 -67.59 -28.39 59.17
CA ALA H 319 -67.12 -27.06 59.52
C ALA H 319 -66.97 -26.11 58.33
N LEU H 320 -66.53 -26.63 57.20
CA LEU H 320 -66.34 -25.78 56.01
C LEU H 320 -67.65 -25.22 55.49
N HIS H 321 -68.66 -26.07 55.31
CA HIS H 321 -69.93 -25.58 54.80
C HIS H 321 -70.72 -24.80 55.84
N ALA H 322 -70.49 -25.09 57.11
CA ALA H 322 -71.16 -24.37 58.16
C ALA H 322 -70.66 -22.93 58.11
N TYR H 323 -69.33 -22.78 58.01
CA TYR H 323 -68.74 -21.46 57.95
C TYR H 323 -69.10 -20.69 56.69
N PHE H 324 -68.94 -21.31 55.52
CA PHE H 324 -69.24 -20.62 54.28
C PHE H 324 -70.74 -20.40 54.05
N GLY H 325 -71.58 -21.26 54.62
CA GLY H 325 -73.00 -21.06 54.48
C GLY H 325 -73.38 -19.80 55.26
N ILE H 326 -72.75 -19.64 56.42
CA ILE H 326 -73.01 -18.47 57.25
C ILE H 326 -72.49 -17.22 56.57
N CYS H 327 -71.30 -17.30 55.96
CA CYS H 327 -70.76 -16.14 55.27
C CYS H 327 -71.63 -15.81 54.06
N GLY H 328 -72.23 -16.83 53.46
CA GLY H 328 -73.11 -16.62 52.32
C GLY H 328 -74.32 -15.83 52.76
N LEU H 329 -74.89 -16.22 53.91
CA LEU H 329 -76.05 -15.54 54.46
C LEU H 329 -75.65 -14.09 54.79
N SER H 330 -74.42 -13.92 55.28
CA SER H 330 -73.89 -12.60 55.64
C SER H 330 -73.88 -11.60 54.48
N LEU H 331 -73.50 -12.02 53.28
CA LEU H 331 -73.47 -11.12 52.11
C LEU H 331 -74.83 -10.46 51.83
N MET H 332 -75.91 -11.17 52.14
CA MET H 332 -77.28 -10.67 51.92
C MET H 332 -77.80 -9.99 53.18
N GLU H 333 -76.94 -9.93 54.19
CA GLU H 333 -77.28 -9.32 55.47
C GLU H 333 -78.43 -10.04 56.18
N GLU H 334 -78.12 -11.21 56.72
CA GLU H 334 -79.09 -12.02 57.43
C GLU H 334 -79.12 -11.54 58.87
N SER H 335 -80.32 -11.50 59.43
CA SER H 335 -80.50 -11.05 60.80
C SER H 335 -79.62 -11.83 61.79
N GLY H 336 -78.77 -11.11 62.50
CA GLY H 336 -77.92 -11.75 63.49
C GLY H 336 -76.56 -12.25 63.03
N ILE H 337 -76.11 -11.79 61.87
CA ILE H 337 -74.82 -12.21 61.35
C ILE H 337 -74.00 -11.00 60.90
N CYS H 338 -72.81 -10.84 61.48
CA CYS H 338 -71.95 -9.72 61.15
C CYS H 338 -71.60 -9.69 59.68
N LYS H 339 -71.31 -8.49 59.18
CA LYS H 339 -70.92 -8.31 57.78
C LYS H 339 -69.55 -8.93 57.58
N VAL H 340 -69.41 -9.73 56.54
CA VAL H 340 -68.12 -10.35 56.26
C VAL H 340 -67.37 -9.44 55.29
N HIS H 341 -66.05 -9.38 55.46
CA HIS H 341 -65.22 -8.59 54.57
C HIS H 341 -64.93 -9.57 53.42
N PRO H 342 -65.59 -9.39 52.27
CA PRO H 342 -65.45 -10.23 51.08
C PRO H 342 -64.07 -10.62 50.57
N ALA H 343 -63.05 -9.80 50.82
CA ALA H 343 -61.73 -10.15 50.32
C ALA H 343 -60.78 -10.81 51.32
N LEU H 344 -60.87 -10.44 52.60
CA LEU H 344 -60.01 -11.02 53.62
C LEU H 344 -60.61 -12.28 54.23
N ASN H 345 -61.91 -12.45 54.06
CA ASN H 345 -62.59 -13.61 54.58
C ASN H 345 -62.58 -13.64 56.11
N VAL H 346 -62.91 -12.48 56.70
CA VAL H 346 -63.00 -12.31 58.15
C VAL H 346 -64.14 -11.32 58.37
N SER H 347 -64.65 -11.25 59.60
CA SER H 347 -65.73 -10.31 59.87
C SER H 347 -65.19 -8.89 59.71
N THR H 348 -66.06 -7.94 59.37
CA THR H 348 -65.63 -6.56 59.19
C THR H 348 -65.05 -5.99 60.50
N ARG H 349 -65.54 -6.50 61.62
CA ARG H 349 -65.06 -6.07 62.93
C ARG H 349 -63.57 -6.39 63.00
N THR H 350 -63.23 -7.64 62.73
CA THR H 350 -61.84 -8.08 62.74
C THR H 350 -61.08 -7.23 61.72
N SER H 351 -61.75 -6.96 60.61
CA SER H 351 -61.19 -6.14 59.55
C SER H 351 -60.74 -4.82 60.15
N GLU H 352 -61.61 -4.24 60.98
CA GLU H 352 -61.37 -2.97 61.67
C GLU H 352 -60.10 -3.01 62.52
N ARG H 353 -60.06 -3.99 63.42
CA ARG H 353 -58.92 -4.17 64.32
C ARG H 353 -57.62 -4.18 63.53
N LEU H 354 -57.58 -4.95 62.46
CA LEU H 354 -56.37 -5.03 61.66
C LEU H 354 -55.98 -3.63 61.19
N ARG H 355 -56.98 -2.79 60.91
CA ARG H 355 -56.73 -1.41 60.46
C ARG H 355 -56.03 -0.63 61.57
N ASP H 356 -56.63 -0.66 62.76
CA ASP H 356 -56.06 0.03 63.92
C ASP H 356 -54.65 -0.51 64.13
N LEU H 357 -54.57 -1.83 64.20
CA LEU H 357 -53.31 -2.54 64.40
C LEU H 357 -52.22 -2.01 63.46
N HIS H 358 -52.55 -1.90 62.17
CA HIS H 358 -51.60 -1.41 61.18
C HIS H 358 -51.17 0.03 61.46
N GLN H 359 -52.13 0.93 61.63
CA GLN H 359 -51.83 2.33 61.91
C GLN H 359 -50.96 2.40 63.17
N SER H 360 -51.18 1.46 64.07
CA SER H 360 -50.42 1.40 65.31
C SER H 360 -48.94 1.13 65.06
N TRP H 361 -48.63 0.23 64.15
CA TRP H 361 -47.25 -0.10 63.84
C TRP H 361 -46.51 1.08 63.23
N LYS H 362 -47.24 2.12 62.82
CA LYS H 362 -46.62 3.30 62.24
C LYS H 362 -46.35 4.33 63.34
N THR H 363 -45.16 4.26 63.93
CA THR H 363 -44.76 5.18 64.99
C THR H 363 -43.30 5.58 64.86
N PHE I 55 34.05 17.68 7.86
CA PHE I 55 33.47 17.84 6.49
C PHE I 55 31.99 17.43 6.37
N LEU I 56 31.75 16.18 5.97
CA LEU I 56 30.40 15.67 5.78
C LEU I 56 29.67 15.33 7.08
N SER I 57 28.76 16.21 7.50
CA SER I 57 28.01 16.01 8.73
C SER I 57 27.19 14.71 8.76
N LEU I 58 27.01 14.15 9.95
CA LEU I 58 26.26 12.91 10.12
C LEU I 58 24.78 13.02 9.83
N ASP I 59 24.25 14.23 9.89
CA ASP I 59 22.83 14.43 9.60
C ASP I 59 22.63 15.20 8.30
N SER I 60 23.70 15.29 7.50
CA SER I 60 23.64 15.99 6.21
C SER I 60 22.76 15.16 5.27
N PRO I 61 22.03 15.83 4.36
CA PRO I 61 21.16 15.10 3.43
C PRO I 61 21.98 14.22 2.48
N THR I 62 23.24 14.57 2.28
CA THR I 62 24.11 13.81 1.38
C THR I 62 25.12 12.92 2.11
N TYR I 63 24.88 12.64 3.38
CA TYR I 63 25.79 11.78 4.14
C TYR I 63 25.81 10.38 3.52
N VAL I 64 26.98 9.75 3.52
CA VAL I 64 27.11 8.42 2.95
C VAL I 64 27.81 7.47 3.91
N LEU I 65 27.23 6.31 4.15
CA LEU I 65 27.86 5.34 5.05
C LEU I 65 29.31 5.13 4.65
N TYR I 66 30.17 4.84 5.61
CA TYR I 66 31.57 4.61 5.32
C TYR I 66 31.72 3.37 4.43
N ARG I 67 30.79 2.43 4.54
CA ARG I 67 30.86 1.22 3.74
C ARG I 67 30.64 1.48 2.24
N ASP I 68 30.11 2.66 1.90
CA ASP I 68 29.86 3.01 0.50
C ASP I 68 30.76 4.14 0.00
N ARG I 69 31.80 4.47 0.75
CA ARG I 69 32.71 5.53 0.34
C ARG I 69 33.91 4.91 -0.35
N ALA I 70 34.27 5.50 -1.48
CA ALA I 70 35.39 5.01 -2.26
C ALA I 70 36.71 5.08 -1.50
N GLU I 71 36.95 6.19 -0.79
CA GLU I 71 38.19 6.37 -0.03
C GLU I 71 38.41 5.30 1.03
N TRP I 72 37.36 4.54 1.36
CA TRP I 72 37.47 3.51 2.37
C TRP I 72 37.29 2.11 1.81
N ALA I 73 37.29 2.01 0.50
CA ALA I 73 37.11 0.73 -0.19
C ALA I 73 38.15 -0.33 0.17
N ASP I 74 39.37 0.10 0.46
CA ASP I 74 40.46 -0.83 0.80
C ASP I 74 40.45 -1.40 2.21
N ILE I 75 39.63 -0.84 3.10
CA ILE I 75 39.56 -1.30 4.48
C ILE I 75 38.39 -2.23 4.75
N ASP I 76 38.66 -3.29 5.51
CA ASP I 76 37.64 -4.26 5.90
C ASP I 76 37.14 -3.87 7.28
N PRO I 77 35.85 -3.49 7.41
CA PRO I 77 35.34 -3.11 8.73
C PRO I 77 35.45 -4.25 9.73
N VAL I 78 35.65 -3.90 11.00
CA VAL I 78 35.77 -4.88 12.08
C VAL I 78 34.56 -4.74 13.00
N PRO I 79 33.76 -5.81 13.11
CA PRO I 79 32.57 -5.80 13.96
C PRO I 79 32.87 -6.13 15.41
N GLN I 80 31.96 -5.71 16.27
CA GLN I 80 32.06 -5.96 17.71
C GLN I 80 31.31 -7.26 17.97
N ASN I 81 31.79 -8.07 18.91
CA ASN I 81 31.11 -9.33 19.20
C ASN I 81 31.12 -9.70 20.68
N ASP I 82 29.94 -9.64 21.29
CA ASP I 82 29.80 -9.96 22.72
C ASP I 82 29.59 -11.45 22.94
N GLY I 83 29.87 -12.27 21.94
CA GLY I 83 29.71 -13.70 22.09
C GLY I 83 28.29 -14.22 22.01
N PRO I 84 28.06 -15.45 22.49
CA PRO I 84 26.75 -16.12 22.49
C PRO I 84 25.65 -15.47 23.34
N SER I 85 25.99 -15.04 24.54
CA SER I 85 24.99 -14.43 25.43
C SER I 85 25.41 -13.05 25.93
N PRO I 86 25.10 -11.99 25.17
CA PRO I 86 25.44 -10.62 25.53
C PRO I 86 24.75 -10.08 26.79
N VAL I 87 25.51 -9.33 27.59
CA VAL I 87 25.01 -8.72 28.82
C VAL I 87 25.04 -7.19 28.64
N VAL I 88 24.02 -6.51 29.15
CA VAL I 88 23.91 -5.05 29.05
C VAL I 88 24.27 -4.60 27.64
N GLN I 89 23.67 -5.27 26.67
CA GLN I 89 23.88 -4.99 25.26
C GLN I 89 23.09 -3.76 24.80
N ILE I 90 23.79 -2.82 24.17
CA ILE I 90 23.18 -1.60 23.66
C ILE I 90 22.92 -1.78 22.17
N ILE I 91 21.70 -1.46 21.72
CA ILE I 91 21.37 -1.60 20.31
C ILE I 91 21.81 -0.37 19.53
N TYR I 92 22.45 -0.59 18.39
CA TYR I 92 22.97 0.50 17.59
C TYR I 92 22.33 0.66 16.21
N SER I 93 22.19 1.91 15.79
CA SER I 93 21.61 2.22 14.48
C SER I 93 22.62 1.86 13.40
N GLU I 94 22.16 1.89 12.16
CA GLU I 94 23.01 1.57 11.02
C GLU I 94 24.21 2.50 10.98
N LYS I 95 23.94 3.80 11.06
CA LYS I 95 25.01 4.80 11.03
C LYS I 95 26.04 4.61 12.14
N PHE I 96 25.55 4.44 13.36
CA PHE I 96 26.42 4.26 14.53
C PHE I 96 27.35 3.08 14.34
N ARG I 97 26.78 1.92 14.08
CA ARG I 97 27.54 0.70 13.90
C ARG I 97 28.51 0.82 12.72
N ASP I 98 28.12 1.60 11.73
CA ASP I 98 28.97 1.78 10.56
C ASP I 98 30.23 2.56 10.90
N VAL I 99 30.07 3.70 11.58
CA VAL I 99 31.22 4.51 11.97
C VAL I 99 32.21 3.73 12.85
N TYR I 100 31.67 3.03 13.86
CA TYR I 100 32.52 2.30 14.77
C TYR I 100 33.12 1.03 14.22
N ASP I 101 32.50 0.46 13.20
CA ASP I 101 33.05 -0.75 12.58
C ASP I 101 34.33 -0.36 11.86
N TYR I 102 34.37 0.85 11.31
CA TYR I 102 35.55 1.32 10.63
C TYR I 102 36.56 1.87 11.63
N PHE I 103 36.07 2.43 12.74
CA PHE I 103 36.97 2.93 13.76
C PHE I 103 37.78 1.73 14.25
N ARG I 104 37.09 0.64 14.57
CA ARG I 104 37.75 -0.57 15.04
C ARG I 104 38.84 -1.02 14.07
N ALA I 105 38.54 -0.91 12.78
CA ALA I 105 39.48 -1.32 11.73
C ALA I 105 40.73 -0.46 11.75
N VAL I 106 40.55 0.85 11.68
CA VAL I 106 41.67 1.79 11.68
C VAL I 106 42.51 1.67 12.96
N LEU I 107 41.81 1.51 14.09
CA LEU I 107 42.43 1.39 15.39
C LEU I 107 43.29 0.13 15.45
N GLN I 108 42.73 -0.98 15.00
CA GLN I 108 43.42 -2.26 15.02
C GLN I 108 44.72 -2.27 14.21
N ARG I 109 44.80 -1.42 13.19
CA ARG I 109 45.96 -1.34 12.33
C ARG I 109 46.82 -0.13 12.64
N ASP I 110 46.46 0.59 13.70
CA ASP I 110 47.20 1.77 14.11
C ASP I 110 47.54 2.65 12.89
N GLU I 111 46.55 2.87 12.03
CA GLU I 111 46.74 3.69 10.84
C GLU I 111 46.76 5.18 11.19
N ARG I 112 47.92 5.82 11.03
CA ARG I 112 48.04 7.24 11.33
C ARG I 112 47.72 8.08 10.10
N SER I 113 46.51 7.95 9.56
CA SER I 113 46.14 8.70 8.36
C SER I 113 45.26 9.91 8.59
N GLU I 114 45.10 10.71 7.54
CA GLU I 114 44.27 11.89 7.62
C GLU I 114 42.81 11.47 7.59
N ARG I 115 42.52 10.33 6.98
CA ARG I 115 41.14 9.87 6.91
C ARG I 115 40.72 9.32 8.29
N ALA I 116 41.69 8.78 9.02
CA ALA I 116 41.41 8.24 10.35
C ALA I 116 41.09 9.41 11.29
N PHE I 117 41.86 10.49 11.14
CA PHE I 117 41.66 11.68 11.95
C PHE I 117 40.24 12.21 11.78
N LYS I 118 39.76 12.23 10.54
CA LYS I 118 38.43 12.72 10.27
C LYS I 118 37.38 11.75 10.80
N LEU I 119 37.71 10.47 10.80
CA LEU I 119 36.78 9.48 11.31
C LEU I 119 36.55 9.66 12.82
N THR I 120 37.59 10.06 13.55
CA THR I 120 37.46 10.24 14.99
C THR I 120 36.45 11.35 15.30
N ARG I 121 36.38 12.36 14.46
CA ARG I 121 35.44 13.45 14.67
C ARG I 121 34.00 12.90 14.71
N ASP I 122 33.70 11.95 13.84
CA ASP I 122 32.38 11.35 13.78
C ASP I 122 32.15 10.42 14.97
N ALA I 123 33.18 9.66 15.33
CA ALA I 123 33.09 8.75 16.47
C ALA I 123 32.79 9.53 17.74
N ILE I 124 33.41 10.70 17.87
CA ILE I 124 33.23 11.56 19.03
C ILE I 124 31.84 12.15 19.04
N GLU I 125 31.30 12.47 17.86
CA GLU I 125 29.97 13.04 17.82
C GLU I 125 28.97 11.98 18.25
N LEU I 126 29.27 10.72 17.97
CA LEU I 126 28.39 9.65 18.36
C LEU I 126 28.52 9.29 19.84
N ASN I 127 29.71 9.47 20.41
CA ASN I 127 29.95 9.13 21.81
C ASN I 127 31.23 9.75 22.33
N ALA I 128 31.10 10.93 22.95
CA ALA I 128 32.25 11.66 23.48
C ALA I 128 32.84 11.06 24.75
N ALA I 129 32.20 10.01 25.28
CA ALA I 129 32.68 9.38 26.49
C ALA I 129 33.61 8.20 26.23
N ASN I 130 33.93 7.95 24.97
CA ASN I 130 34.83 6.86 24.62
C ASN I 130 36.28 7.36 24.76
N TYR I 131 36.91 7.02 25.88
CA TYR I 131 38.29 7.45 26.13
C TYR I 131 39.32 6.95 25.11
N THR I 132 39.10 5.78 24.54
CA THR I 132 40.03 5.25 23.56
C THR I 132 40.04 6.13 22.31
N VAL I 133 38.86 6.58 21.90
CA VAL I 133 38.76 7.44 20.74
C VAL I 133 39.58 8.73 20.94
N TRP I 134 39.45 9.34 22.11
CA TRP I 134 40.20 10.56 22.40
C TRP I 134 41.70 10.33 22.42
N HIS I 135 42.12 9.18 22.93
CA HIS I 135 43.55 8.87 22.98
C HIS I 135 44.12 8.77 21.56
N PHE I 136 43.43 7.99 20.73
CA PHE I 136 43.84 7.80 19.35
C PHE I 136 43.87 9.13 18.62
N ARG I 137 42.90 9.99 18.90
CA ARG I 137 42.87 11.29 18.26
C ARG I 137 44.11 12.11 18.64
N ARG I 138 44.58 11.94 19.87
CA ARG I 138 45.77 12.64 20.34
C ARG I 138 47.01 12.08 19.64
N VAL I 139 47.02 10.76 19.43
CA VAL I 139 48.13 10.11 18.74
C VAL I 139 48.21 10.71 17.33
N LEU I 140 47.05 10.83 16.68
CA LEU I 140 47.00 11.40 15.34
C LEU I 140 47.37 12.87 15.32
N LEU I 141 46.95 13.63 16.32
CA LEU I 141 47.28 15.06 16.36
C LEU I 141 48.80 15.22 16.28
N ARG I 142 49.51 14.33 16.96
CA ARG I 142 50.96 14.35 16.98
C ARG I 142 51.52 13.86 15.63
N SER I 143 51.18 12.64 15.25
CA SER I 143 51.64 12.04 13.99
C SER I 143 51.45 12.93 12.77
N LEU I 144 50.31 13.58 12.66
CA LEU I 144 50.04 14.42 11.51
C LEU I 144 50.39 15.88 11.77
N GLN I 145 51.00 16.15 12.93
CA GLN I 145 51.37 17.51 13.29
C GLN I 145 50.28 18.53 12.96
N LYS I 146 49.09 18.32 13.52
CA LYS I 146 47.95 19.19 13.30
C LYS I 146 48.07 20.49 14.07
N ASP I 147 47.34 21.51 13.63
CA ASP I 147 47.35 22.81 14.30
C ASP I 147 46.62 22.68 15.63
N LEU I 148 47.36 22.74 16.73
CA LEU I 148 46.77 22.63 18.05
C LEU I 148 45.87 23.81 18.43
N GLN I 149 46.12 24.97 17.84
CA GLN I 149 45.28 26.12 18.14
C GLN I 149 43.89 25.88 17.59
N GLU I 150 43.81 25.05 16.55
CA GLU I 150 42.55 24.72 15.94
C GLU I 150 41.81 23.70 16.81
N GLU I 151 42.57 22.75 17.35
CA GLU I 151 42.02 21.72 18.23
C GLU I 151 41.44 22.38 19.48
N MET I 152 42.03 23.48 19.92
CA MET I 152 41.54 24.19 21.08
C MET I 152 40.14 24.72 20.82
N ASN I 153 39.88 25.17 19.59
CA ASN I 153 38.56 25.69 19.28
C ASN I 153 37.57 24.54 19.31
N TYR I 154 38.01 23.40 18.77
CA TYR I 154 37.19 22.21 18.73
C TYR I 154 36.76 21.77 20.14
N ILE I 155 37.75 21.50 20.99
CA ILE I 155 37.46 21.07 22.36
C ILE I 155 36.68 22.13 23.13
N ILE I 156 36.89 23.41 22.82
CA ILE I 156 36.17 24.44 23.54
C ILE I 156 34.66 24.31 23.26
N ALA I 157 34.32 23.95 22.03
CA ALA I 157 32.92 23.80 21.65
C ALA I 157 32.33 22.54 22.26
N ILE I 158 33.09 21.44 22.20
CA ILE I 158 32.66 20.16 22.74
C ILE I 158 32.35 20.26 24.24
N ILE I 159 33.23 20.88 25.01
CA ILE I 159 33.03 21.00 26.44
C ILE I 159 31.79 21.82 26.78
N GLU I 160 31.49 22.83 25.98
CA GLU I 160 30.31 23.65 26.25
C GLU I 160 29.03 22.82 26.11
N GLU I 161 29.07 21.83 25.22
CA GLU I 161 27.91 20.95 25.00
C GLU I 161 27.84 19.83 26.04
N GLN I 162 29.00 19.45 26.59
CA GLN I 162 29.08 18.37 27.57
C GLN I 162 30.05 18.73 28.68
N PRO I 163 29.69 19.70 29.52
CA PRO I 163 30.54 20.14 30.61
C PRO I 163 30.76 19.19 31.78
N LYS I 164 30.10 18.05 31.79
CA LYS I 164 30.25 17.10 32.89
C LYS I 164 30.90 15.79 32.45
N ASN I 165 31.55 15.82 31.28
CA ASN I 165 32.23 14.67 30.71
C ASN I 165 33.71 14.66 31.15
N TYR I 166 34.19 13.55 31.72
CA TYR I 166 35.58 13.46 32.17
C TYR I 166 36.62 13.49 31.05
N GLN I 167 36.35 12.77 29.96
CA GLN I 167 37.27 12.69 28.84
C GLN I 167 37.58 14.03 28.16
N VAL I 168 36.59 14.89 28.03
CA VAL I 168 36.79 16.16 27.36
C VAL I 168 37.65 17.11 28.17
N TRP I 169 37.50 17.10 29.49
CA TRP I 169 38.31 17.97 30.35
C TRP I 169 39.75 17.47 30.36
N HIS I 170 39.93 16.16 30.29
CA HIS I 170 41.27 15.61 30.28
C HIS I 170 41.97 16.00 28.97
N HIS I 171 41.24 15.93 27.86
CA HIS I 171 41.79 16.28 26.57
C HIS I 171 42.27 17.72 26.56
N ARG I 172 41.45 18.65 27.06
CA ARG I 172 41.84 20.06 27.08
C ARG I 172 43.09 20.29 27.92
N ARG I 173 43.19 19.58 29.03
CA ARG I 173 44.35 19.75 29.87
C ARG I 173 45.64 19.30 29.17
N VAL I 174 45.55 18.21 28.42
CA VAL I 174 46.71 17.73 27.70
C VAL I 174 47.14 18.77 26.64
N LEU I 175 46.16 19.36 25.96
CA LEU I 175 46.45 20.37 24.94
C LEU I 175 47.16 21.56 25.53
N VAL I 176 46.64 22.10 26.63
CA VAL I 176 47.26 23.24 27.26
C VAL I 176 48.69 22.92 27.69
N GLU I 177 48.93 21.70 28.15
CA GLU I 177 50.28 21.30 28.55
C GLU I 177 51.17 21.32 27.32
N TRP I 178 50.67 20.81 26.19
CA TRP I 178 51.43 20.79 24.95
C TRP I 178 51.77 22.19 24.46
N LEU I 179 50.79 23.08 24.43
CA LEU I 179 51.02 24.44 23.97
C LEU I 179 51.74 25.31 24.98
N LYS I 180 51.72 24.93 26.25
CA LYS I 180 52.35 25.74 27.30
C LYS I 180 51.71 27.13 27.21
N ASP I 181 50.44 27.17 26.82
CA ASP I 181 49.72 28.44 26.66
C ASP I 181 48.43 28.46 27.47
N PRO I 182 48.41 29.19 28.60
CA PRO I 182 47.19 29.25 29.41
C PRO I 182 46.35 30.52 29.22
N SER I 183 46.75 31.36 28.26
CA SER I 183 46.05 32.63 28.01
C SER I 183 44.53 32.58 27.82
N GLN I 184 43.98 31.45 27.38
CA GLN I 184 42.53 31.34 27.17
C GLN I 184 41.77 30.75 28.36
N GLU I 185 42.44 29.91 29.14
CA GLU I 185 41.85 29.21 30.28
C GLU I 185 40.95 29.92 31.27
N LEU I 186 41.46 30.93 31.99
CA LEU I 186 40.63 31.60 32.98
C LEU I 186 39.29 32.17 32.48
N GLU I 187 39.27 32.66 31.25
CA GLU I 187 38.06 33.23 30.69
C GLU I 187 37.11 32.11 30.27
N PHE I 188 37.67 31.05 29.69
CA PHE I 188 36.86 29.92 29.25
C PHE I 188 36.14 29.29 30.44
N ILE I 189 36.88 29.05 31.51
CA ILE I 189 36.32 28.46 32.71
C ILE I 189 35.24 29.37 33.31
N ALA I 190 35.47 30.67 33.28
CA ALA I 190 34.50 31.60 33.82
C ALA I 190 33.17 31.49 33.06
N ASP I 191 33.25 31.18 31.77
CA ASP I 191 32.04 31.02 30.96
C ASP I 191 31.30 29.76 31.35
N ILE I 192 32.06 28.67 31.49
CA ILE I 192 31.47 27.39 31.88
C ILE I 192 30.82 27.53 33.26
N LEU I 193 31.51 28.22 34.18
CA LEU I 193 30.98 28.42 35.53
C LEU I 193 29.71 29.26 35.50
N ASN I 194 29.40 29.85 34.35
CA ASN I 194 28.19 30.64 34.21
C ASN I 194 26.97 29.76 33.99
N GLN I 195 27.19 28.55 33.48
CA GLN I 195 26.09 27.62 33.27
C GLN I 195 25.88 26.82 34.57
N ASP I 196 26.94 26.70 35.37
CA ASP I 196 26.89 25.97 36.63
C ASP I 196 28.08 26.41 37.47
N ALA I 197 27.85 27.29 38.42
CA ALA I 197 28.90 27.81 39.27
C ALA I 197 29.54 26.79 40.22
N LYS I 198 29.04 25.56 40.23
CA LYS I 198 29.58 24.54 41.12
C LYS I 198 30.17 23.33 40.42
N ASN I 199 30.24 23.40 39.09
CA ASN I 199 30.80 22.33 38.26
C ASN I 199 32.18 21.91 38.79
N TYR I 200 32.26 20.72 39.39
CA TYR I 200 33.52 20.25 39.95
C TYR I 200 34.66 20.15 38.94
N HIS I 201 34.34 19.75 37.71
CA HIS I 201 35.34 19.63 36.65
C HIS I 201 35.98 20.99 36.35
N ALA I 202 35.14 22.02 36.28
CA ALA I 202 35.59 23.36 35.97
C ALA I 202 36.51 23.94 37.05
N TRP I 203 36.14 23.76 38.32
CA TRP I 203 36.99 24.26 39.39
C TRP I 203 38.31 23.51 39.45
N GLN I 204 38.25 22.22 39.18
CA GLN I 204 39.45 21.39 39.20
C GLN I 204 40.44 21.86 38.12
N HIS I 205 39.90 22.15 36.95
CA HIS I 205 40.73 22.61 35.84
C HIS I 205 41.30 23.99 36.16
N ARG I 206 40.47 24.85 36.75
CA ARG I 206 40.90 26.20 37.08
C ARG I 206 42.06 26.18 38.08
N GLN I 207 42.00 25.29 39.07
CA GLN I 207 43.08 25.22 40.04
C GLN I 207 44.35 24.66 39.40
N TRP I 208 44.19 23.69 38.50
CA TRP I 208 45.36 23.14 37.83
C TRP I 208 46.06 24.23 37.05
N VAL I 209 45.30 24.99 36.26
CA VAL I 209 45.88 26.05 35.47
C VAL I 209 46.63 27.07 36.32
N ILE I 210 45.95 27.64 37.30
CA ILE I 210 46.54 28.65 38.16
C ILE I 210 47.83 28.18 38.84
N GLN I 211 47.84 26.96 39.32
CA GLN I 211 49.00 26.40 39.98
C GLN I 211 50.15 26.17 39.01
N GLU I 212 49.86 25.52 37.88
CA GLU I 212 50.84 25.18 36.87
C GLU I 212 51.51 26.36 36.19
N PHE I 213 50.77 27.44 35.95
CA PHE I 213 51.33 28.61 35.27
C PHE I 213 51.41 29.84 36.18
N ARG I 214 51.31 29.60 37.48
CA ARG I 214 51.37 30.66 38.48
C ARG I 214 50.55 31.90 38.14
N LEU I 215 49.23 31.74 37.98
CA LEU I 215 48.36 32.87 37.66
C LEU I 215 47.54 33.30 38.86
N TRP I 216 48.20 33.61 39.97
CA TRP I 216 47.49 33.99 41.19
C TRP I 216 47.01 35.43 41.25
N ASP I 217 47.69 36.30 40.51
CA ASP I 217 47.40 37.73 40.50
C ASP I 217 45.99 38.26 40.60
N ASN I 218 45.03 37.65 39.91
CA ASN I 218 43.67 38.17 39.96
C ASN I 218 42.61 37.24 40.52
N GLU I 219 43.01 36.07 40.98
CA GLU I 219 42.02 35.13 41.48
C GLU I 219 41.29 35.59 42.73
N LEU I 220 41.99 36.22 43.67
CA LEU I 220 41.33 36.68 44.89
C LEU I 220 40.21 37.69 44.59
N GLN I 221 40.37 38.42 43.49
CA GLN I 221 39.39 39.40 43.09
C GLN I 221 38.20 38.69 42.45
N TYR I 222 38.50 37.67 41.65
CA TYR I 222 37.47 36.88 40.98
C TYR I 222 36.57 36.24 42.06
N VAL I 223 37.23 35.76 43.11
CA VAL I 223 36.54 35.12 44.23
C VAL I 223 35.60 36.12 44.89
N ASP I 224 36.09 37.33 45.15
CA ASP I 224 35.28 38.36 45.76
C ASP I 224 34.05 38.69 44.94
N GLN I 225 34.20 38.69 43.62
CA GLN I 225 33.09 38.98 42.72
C GLN I 225 32.02 37.89 42.78
N LEU I 226 32.45 36.63 42.74
CA LEU I 226 31.52 35.51 42.80
C LEU I 226 30.80 35.39 44.14
N LEU I 227 31.50 35.70 45.22
CA LEU I 227 30.86 35.61 46.53
C LEU I 227 29.75 36.64 46.67
N LYS I 228 29.79 37.68 45.85
CA LYS I 228 28.76 38.70 45.88
C LYS I 228 27.55 38.19 45.10
N GLU I 229 27.79 37.36 44.09
CA GLU I 229 26.70 36.81 43.29
C GLU I 229 25.93 35.72 44.06
N ASP I 230 26.64 34.99 44.91
CA ASP I 230 26.04 33.92 45.71
C ASP I 230 26.99 33.55 46.85
N VAL I 231 26.79 34.16 48.00
CA VAL I 231 27.62 33.92 49.18
C VAL I 231 27.51 32.48 49.72
N ARG I 232 26.58 31.71 49.17
CA ARG I 232 26.42 30.32 49.62
C ARG I 232 27.16 29.29 48.75
N ASN I 233 27.85 29.74 47.70
CA ASN I 233 28.57 28.81 46.84
C ASN I 233 29.83 28.28 47.52
N ASN I 234 29.75 27.07 48.05
CA ASN I 234 30.84 26.42 48.76
C ASN I 234 32.13 26.32 47.94
N SER I 235 32.00 26.19 46.62
CA SER I 235 33.15 26.07 45.74
C SER I 235 34.00 27.35 45.75
N VAL I 236 33.33 28.49 45.86
CA VAL I 236 34.03 29.77 45.87
C VAL I 236 34.77 29.98 47.19
N TRP I 237 34.18 29.54 48.31
CA TRP I 237 34.88 29.70 49.58
C TRP I 237 36.12 28.83 49.55
N ASN I 238 36.04 27.66 48.93
CA ASN I 238 37.20 26.79 48.84
C ASN I 238 38.28 27.47 48.00
N GLN I 239 37.86 28.11 46.91
CA GLN I 239 38.79 28.80 46.02
C GLN I 239 39.52 29.90 46.78
N ARG I 240 38.78 30.61 47.63
CA ARG I 240 39.37 31.68 48.41
C ARG I 240 40.52 31.14 49.28
N HIS I 241 40.28 30.03 49.95
CA HIS I 241 41.32 29.43 50.79
C HIS I 241 42.50 28.94 49.95
N PHE I 242 42.20 28.48 48.74
CA PHE I 242 43.19 27.99 47.81
C PHE I 242 44.17 29.11 47.45
N VAL I 243 43.62 30.25 47.04
CA VAL I 243 44.43 31.40 46.66
C VAL I 243 45.31 31.91 47.80
N ILE I 244 44.69 32.24 48.92
CA ILE I 244 45.43 32.76 50.05
C ILE I 244 46.50 31.83 50.59
N SER I 245 46.17 30.57 50.86
CA SER I 245 47.18 29.67 51.40
C SER I 245 48.34 29.43 50.43
N ASN I 246 48.13 29.71 49.16
CA ASN I 246 49.17 29.52 48.16
C ASN I 246 49.91 30.79 47.82
N THR I 247 49.54 31.89 48.46
CA THR I 247 50.23 33.15 48.21
C THR I 247 50.81 33.70 49.51
N THR I 248 50.03 34.50 50.24
CA THR I 248 50.50 35.08 51.49
C THR I 248 50.49 34.12 52.67
N GLY I 249 49.54 33.18 52.69
CA GLY I 249 49.46 32.27 53.81
C GLY I 249 48.62 32.93 54.88
N TYR I 250 48.34 32.23 55.98
CA TYR I 250 47.53 32.80 57.04
C TYR I 250 48.32 33.15 58.30
N SER I 251 49.61 32.80 58.31
CA SER I 251 50.46 33.07 59.45
C SER I 251 50.70 34.57 59.65
N ASP I 252 50.44 35.35 58.62
CA ASP I 252 50.60 36.79 58.73
C ASP I 252 49.38 37.35 59.46
N ARG I 253 49.55 37.70 60.73
CA ARG I 253 48.46 38.23 61.56
C ARG I 253 47.59 39.29 60.91
N ALA I 254 48.17 40.07 60.00
CA ALA I 254 47.40 41.10 59.31
C ALA I 254 46.40 40.44 58.35
N VAL I 255 46.85 39.38 57.68
CA VAL I 255 45.98 38.66 56.74
C VAL I 255 44.90 37.87 57.49
N LEU I 256 45.29 37.18 58.56
CA LEU I 256 44.35 36.40 59.34
C LEU I 256 43.23 37.30 59.83
N GLU I 257 43.60 38.48 60.32
CA GLU I 257 42.60 39.42 60.80
C GLU I 257 41.69 39.90 59.68
N ARG I 258 42.28 40.20 58.52
CA ARG I 258 41.48 40.67 57.39
C ARG I 258 40.44 39.62 57.01
N GLU I 259 40.89 38.35 56.97
CA GLU I 259 40.03 37.24 56.61
C GLU I 259 38.94 36.96 57.63
N VAL I 260 39.32 36.91 58.90
CA VAL I 260 38.33 36.67 59.95
C VAL I 260 37.30 37.78 59.95
N GLN I 261 37.72 38.99 59.65
CA GLN I 261 36.81 40.12 59.63
C GLN I 261 35.89 40.03 58.42
N TYR I 262 36.46 39.65 57.28
CA TYR I 262 35.70 39.52 56.02
C TYR I 262 34.58 38.49 56.16
N THR I 263 34.91 37.38 56.80
CA THR I 263 33.98 36.28 57.01
C THR I 263 32.85 36.69 57.96
N LEU I 264 33.19 37.34 59.06
CA LEU I 264 32.18 37.78 60.01
C LEU I 264 31.20 38.74 59.32
N GLU I 265 31.68 39.49 58.34
CA GLU I 265 30.81 40.41 57.61
C GLU I 265 29.83 39.62 56.74
N MET I 266 30.31 38.55 56.11
CA MET I 266 29.46 37.73 55.25
C MET I 266 28.45 36.97 56.10
N ILE I 267 28.87 36.54 57.28
CA ILE I 267 27.99 35.83 58.18
C ILE I 267 26.86 36.77 58.64
N LYS I 268 27.18 38.04 58.84
CA LYS I 268 26.18 39.02 59.27
C LYS I 268 25.15 39.24 58.17
N LEU I 269 25.55 39.08 56.91
CA LEU I 269 24.62 39.27 55.79
C LEU I 269 23.70 38.06 55.61
N VAL I 270 24.22 36.87 55.87
CA VAL I 270 23.46 35.64 55.73
C VAL I 270 23.98 34.69 56.80
N PRO I 271 23.47 34.81 58.02
CA PRO I 271 23.87 33.99 59.18
C PRO I 271 23.77 32.49 59.01
N HIS I 272 22.81 32.02 58.23
CA HIS I 272 22.65 30.58 58.02
C HIS I 272 23.38 30.15 56.76
N ASN I 273 24.69 29.97 56.87
CA ASN I 273 25.53 29.60 55.74
C ASN I 273 26.70 28.74 56.22
N GLU I 274 26.58 27.42 56.08
CA GLU I 274 27.62 26.52 56.53
C GLU I 274 28.99 26.85 55.95
N SER I 275 29.04 27.22 54.67
CA SER I 275 30.29 27.53 54.00
C SER I 275 31.10 28.61 54.71
N ALA I 276 30.46 29.74 55.03
CA ALA I 276 31.14 30.83 55.71
C ALA I 276 31.65 30.36 57.08
N TRP I 277 30.81 29.67 57.83
CA TRP I 277 31.22 29.18 59.14
C TRP I 277 32.36 28.17 59.06
N ASN I 278 32.34 27.34 58.03
CA ASN I 278 33.39 26.33 57.87
C ASN I 278 34.73 26.98 57.56
N TYR I 279 34.70 28.08 56.80
CA TYR I 279 35.90 28.81 56.44
C TYR I 279 36.48 29.44 57.71
N LEU I 280 35.62 30.12 58.45
CA LEU I 280 36.04 30.76 59.70
C LEU I 280 36.72 29.76 60.63
N LYS I 281 36.05 28.64 60.89
CA LYS I 281 36.63 27.63 61.76
C LYS I 281 37.88 27.02 61.14
N GLY I 282 37.85 26.89 59.82
CA GLY I 282 38.96 26.29 59.11
C GLY I 282 40.29 27.02 59.28
N ILE I 283 40.26 28.35 59.17
CA ILE I 283 41.49 29.12 59.30
C ILE I 283 41.95 29.37 60.73
N LEU I 284 41.17 28.93 61.72
CA LEU I 284 41.53 29.13 63.11
C LEU I 284 41.71 27.86 63.93
N GLN I 285 41.04 26.78 63.54
CA GLN I 285 41.10 25.54 64.30
C GLN I 285 42.48 24.99 64.63
N ASP I 286 43.44 25.17 63.73
CA ASP I 286 44.76 24.63 64.00
C ASP I 286 45.63 25.51 64.90
N ARG I 287 45.32 26.80 64.95
CA ARG I 287 46.09 27.69 65.80
C ARG I 287 45.53 27.58 67.21
N GLY I 288 44.28 27.12 67.32
CA GLY I 288 43.63 26.98 68.61
C GLY I 288 42.50 27.98 68.79
N LEU I 289 41.26 27.51 68.74
CA LEU I 289 40.11 28.40 68.90
C LEU I 289 40.04 29.16 70.21
N SER I 290 40.52 28.54 71.29
CA SER I 290 40.50 29.19 72.60
C SER I 290 41.55 30.30 72.73
N ARG I 291 42.47 30.39 71.78
CA ARG I 291 43.50 31.43 71.84
C ARG I 291 42.99 32.78 71.37
N TYR I 292 41.70 32.85 71.01
CA TYR I 292 41.10 34.09 70.52
C TYR I 292 39.90 34.55 71.35
N PRO I 293 40.17 35.07 72.57
CA PRO I 293 39.17 35.55 73.53
C PRO I 293 38.12 36.52 72.97
N ASN I 294 38.52 37.48 72.14
CA ASN I 294 37.56 38.42 71.58
C ASN I 294 36.57 37.77 70.62
N LEU I 295 36.93 36.61 70.06
CA LEU I 295 36.03 35.92 69.15
C LEU I 295 34.87 35.32 69.95
N LEU I 296 35.20 34.64 71.03
CA LEU I 296 34.18 34.03 71.89
C LEU I 296 33.12 35.03 72.30
N ASN I 297 33.55 36.24 72.69
CA ASN I 297 32.61 37.27 73.10
C ASN I 297 31.84 37.80 71.91
N GLN I 298 32.54 38.15 70.84
CA GLN I 298 31.87 38.68 69.66
C GLN I 298 30.80 37.71 69.12
N LEU I 299 30.96 36.42 69.40
CA LEU I 299 29.99 35.42 68.93
C LEU I 299 28.83 35.32 69.91
N LEU I 300 29.14 35.31 71.21
CA LEU I 300 28.11 35.24 72.24
C LEU I 300 27.16 36.43 72.10
N ASP I 301 27.68 37.53 71.53
CA ASP I 301 26.88 38.73 71.34
C ASP I 301 26.02 38.66 70.08
N LEU I 302 26.36 37.76 69.16
CA LEU I 302 25.57 37.59 67.94
C LEU I 302 24.41 36.64 68.20
N GLN I 303 24.60 35.74 69.16
CA GLN I 303 23.61 34.74 69.53
C GLN I 303 22.16 35.25 69.57
N PRO I 304 21.92 36.39 70.23
CA PRO I 304 20.55 36.91 70.29
C PRO I 304 19.86 37.00 68.93
N SER I 305 20.48 37.68 67.97
CA SER I 305 19.88 37.85 66.64
C SER I 305 20.33 36.83 65.58
N HIS I 306 21.57 36.97 65.10
CA HIS I 306 22.10 36.08 64.07
C HIS I 306 22.40 34.65 64.51
N SER I 307 21.52 34.05 65.31
CA SER I 307 21.77 32.67 65.74
C SER I 307 21.49 31.65 64.62
N SER I 308 22.10 30.48 64.74
CA SER I 308 21.97 29.38 63.78
C SER I 308 22.68 28.19 64.41
N PRO I 309 22.34 26.97 63.97
CA PRO I 309 23.01 25.81 64.55
C PRO I 309 24.53 25.83 64.33
N TYR I 310 24.97 26.58 63.32
CA TYR I 310 26.39 26.67 62.99
C TYR I 310 27.11 27.46 64.08
N LEU I 311 26.49 28.55 64.53
CA LEU I 311 27.05 29.39 65.57
C LEU I 311 27.17 28.63 66.89
N ILE I 312 26.08 27.96 67.28
CA ILE I 312 26.07 27.21 68.53
C ILE I 312 27.17 26.14 68.50
N ALA I 313 27.30 25.47 67.36
CA ALA I 313 28.31 24.43 67.18
C ALA I 313 29.72 25.02 67.29
N PHE I 314 29.89 26.25 66.80
CA PHE I 314 31.20 26.90 66.88
C PHE I 314 31.56 27.09 68.35
N LEU I 315 30.59 27.58 69.13
CA LEU I 315 30.78 27.80 70.56
C LEU I 315 31.17 26.50 71.25
N VAL I 316 30.45 25.42 70.95
CA VAL I 316 30.78 24.13 71.57
C VAL I 316 32.24 23.77 71.30
N ASP I 317 32.67 24.00 70.07
CA ASP I 317 34.05 23.68 69.69
C ASP I 317 35.07 24.57 70.37
N ILE I 318 34.72 25.83 70.60
CA ILE I 318 35.61 26.76 71.30
C ILE I 318 35.81 26.20 72.71
N TYR I 319 34.70 25.90 73.38
CA TYR I 319 34.74 25.37 74.75
C TYR I 319 35.55 24.10 74.82
N GLU I 320 35.36 23.20 73.86
CA GLU I 320 36.11 21.95 73.89
C GLU I 320 37.61 22.21 73.78
N ASP I 321 37.99 23.26 73.07
CA ASP I 321 39.40 23.58 72.92
C ASP I 321 39.96 24.02 74.27
N MET I 322 39.14 24.75 75.03
CA MET I 322 39.56 25.21 76.34
C MET I 322 39.81 24.00 77.22
N LEU I 323 38.82 23.12 77.35
CA LEU I 323 38.97 21.92 78.16
C LEU I 323 40.23 21.16 77.73
N GLU I 324 40.53 21.24 76.44
CA GLU I 324 41.68 20.58 75.86
C GLU I 324 42.99 21.15 76.42
N ASN I 325 42.98 22.44 76.71
CA ASN I 325 44.16 23.13 77.23
C ASN I 325 44.06 23.47 78.71
N GLN I 326 43.61 22.49 79.51
CA GLN I 326 43.46 22.65 80.95
C GLN I 326 43.25 24.12 81.35
N CYS I 327 42.07 24.65 81.08
CA CYS I 327 41.76 26.03 81.41
C CYS I 327 41.27 26.14 82.86
N ASP I 328 40.93 27.36 83.27
CA ASP I 328 40.43 27.61 84.62
C ASP I 328 38.90 27.47 84.61
N ASN I 329 38.36 26.78 85.62
CA ASN I 329 36.92 26.54 85.73
C ASN I 329 36.55 25.34 84.87
N LYS I 330 37.45 24.37 84.82
CA LYS I 330 37.25 23.15 84.04
C LYS I 330 35.81 22.68 84.09
N GLU I 331 35.30 22.48 85.30
CA GLU I 331 33.93 22.01 85.50
C GLU I 331 32.87 23.01 85.04
N ASP I 332 33.14 24.30 85.15
CA ASP I 332 32.18 25.31 84.74
C ASP I 332 32.06 25.38 83.22
N ILE I 333 33.20 25.22 82.53
CA ILE I 333 33.24 25.26 81.06
C ILE I 333 32.51 24.03 80.48
N LEU I 334 32.84 22.85 81.01
CA LEU I 334 32.22 21.61 80.57
C LEU I 334 30.71 21.71 80.59
N ASN I 335 30.16 22.38 81.59
CA ASN I 335 28.71 22.53 81.69
C ASN I 335 28.20 23.54 80.67
N LYS I 336 29.03 24.51 80.31
CA LYS I 336 28.65 25.51 79.33
C LYS I 336 28.45 24.81 77.98
N ALA I 337 29.33 23.84 77.72
CA ALA I 337 29.30 23.07 76.50
C ALA I 337 28.09 22.15 76.48
N LEU I 338 27.99 21.29 77.49
CA LEU I 338 26.89 20.34 77.59
C LEU I 338 25.54 21.03 77.47
N GLU I 339 25.45 22.26 77.95
CA GLU I 339 24.20 23.01 77.88
C GLU I 339 23.86 23.34 76.42
N LEU I 340 24.87 23.71 75.64
CA LEU I 340 24.66 24.02 74.24
C LEU I 340 24.34 22.75 73.44
N CYS I 341 25.06 21.66 73.74
CA CYS I 341 24.81 20.38 73.07
C CYS I 341 23.33 20.05 73.16
N GLU I 342 22.77 20.15 74.36
CA GLU I 342 21.37 19.84 74.54
C GLU I 342 20.50 20.85 73.80
N ILE I 343 20.94 22.09 73.70
CA ILE I 343 20.14 23.07 72.98
C ILE I 343 20.06 22.67 71.50
N LEU I 344 21.14 22.09 71.00
CA LEU I 344 21.19 21.64 69.61
C LEU I 344 20.27 20.44 69.43
N ALA I 345 20.48 19.41 70.26
CA ALA I 345 19.69 18.18 70.19
C ALA I 345 18.20 18.40 70.40
N LYS I 346 17.84 19.34 71.27
CA LYS I 346 16.43 19.58 71.56
C LYS I 346 15.73 20.62 70.70
N GLU I 347 16.44 21.60 70.13
CA GLU I 347 15.71 22.57 69.35
C GLU I 347 16.41 23.28 68.18
N LYS I 348 17.74 23.28 68.17
CA LYS I 348 18.46 23.98 67.11
C LYS I 348 18.91 23.15 65.90
N ASP I 349 19.27 21.90 66.14
CA ASP I 349 19.74 21.01 65.10
C ASP I 349 19.16 19.62 65.40
N THR I 350 17.84 19.56 65.52
CA THR I 350 17.13 18.33 65.86
C THR I 350 17.45 17.10 65.01
N ILE I 351 17.66 17.30 63.71
CA ILE I 351 17.95 16.16 62.85
C ILE I 351 19.20 15.39 63.29
N ARG I 352 20.07 16.07 64.04
CA ARG I 352 21.29 15.45 64.54
C ARG I 352 21.25 15.24 66.06
N LYS I 353 20.03 15.25 66.61
CA LYS I 353 19.83 15.08 68.05
C LYS I 353 20.65 13.95 68.67
N GLU I 354 20.63 12.76 68.07
CA GLU I 354 21.38 11.63 68.61
C GLU I 354 22.88 11.90 68.55
N TYR I 355 23.33 12.60 67.50
CA TYR I 355 24.76 12.89 67.35
C TYR I 355 25.25 13.83 68.46
N TRP I 356 24.52 14.94 68.64
CA TRP I 356 24.86 15.92 69.65
C TRP I 356 24.83 15.33 71.07
N ARG I 357 23.87 14.47 71.36
CA ARG I 357 23.82 13.84 72.68
C ARG I 357 25.03 12.93 72.81
N TYR I 358 25.46 12.36 71.70
CA TYR I 358 26.63 11.50 71.68
C TYR I 358 27.87 12.34 71.97
N ILE I 359 27.88 13.58 71.48
CA ILE I 359 29.02 14.48 71.70
C ILE I 359 29.05 14.86 73.18
N GLY I 360 27.89 15.23 73.71
CA GLY I 360 27.78 15.59 75.11
C GLY I 360 28.36 14.50 75.98
N ARG I 361 27.89 13.27 75.77
CA ARG I 361 28.38 12.14 76.56
C ARG I 361 29.90 11.99 76.45
N SER I 362 30.44 12.34 75.29
CA SER I 362 31.89 12.23 75.09
C SER I 362 32.67 13.25 75.89
N LEU I 363 32.18 14.49 75.91
CA LEU I 363 32.84 15.55 76.68
C LEU I 363 32.81 15.20 78.17
N GLN I 364 31.69 14.65 78.62
CA GLN I 364 31.51 14.25 80.02
C GLN I 364 32.56 13.25 80.48
N SER I 365 32.62 12.11 79.80
CA SER I 365 33.56 11.07 80.18
C SER I 365 35.02 11.42 79.89
N LYS I 366 35.25 12.61 79.34
CA LYS I 366 36.61 13.03 79.04
C LYS I 366 37.10 14.15 79.95
N HIS I 367 36.18 14.91 80.53
CA HIS I 367 36.56 16.01 81.42
C HIS I 367 35.75 16.07 82.72
N SER I 368 35.93 15.08 83.59
CA SER I 368 35.22 15.05 84.87
C SER I 368 36.03 14.40 85.99
N LEU J 18 6.53 5.94 52.29
CA LEU J 18 5.81 4.82 51.65
C LEU J 18 6.47 3.46 51.86
N ASP J 19 6.26 2.55 50.92
CA ASP J 19 6.82 1.21 51.01
C ASP J 19 7.80 0.86 49.89
N PHE J 20 8.61 -0.15 50.14
CA PHE J 20 9.63 -0.61 49.22
C PHE J 20 9.14 -1.68 48.24
N LEU J 21 8.94 -1.29 46.98
CA LEU J 21 8.46 -2.20 45.93
C LEU J 21 9.53 -3.16 45.43
N ARG J 22 9.94 -4.08 46.28
CA ARG J 22 10.99 -5.05 45.96
C ARG J 22 10.92 -5.83 44.64
N ASP J 23 9.77 -6.38 44.30
CA ASP J 23 9.67 -7.16 43.06
C ASP J 23 9.88 -6.29 41.83
N ARG J 24 9.37 -5.06 41.92
CA ARG J 24 9.49 -4.08 40.85
C ARG J 24 10.97 -3.80 40.58
N HIS J 25 11.76 -3.62 41.65
CA HIS J 25 13.19 -3.36 41.49
C HIS J 25 13.93 -4.56 40.92
N VAL J 26 13.43 -5.76 41.20
CA VAL J 26 14.06 -6.95 40.67
C VAL J 26 13.86 -6.95 39.15
N ARG J 27 12.65 -6.60 38.73
CA ARG J 27 12.33 -6.52 37.32
C ARG J 27 13.19 -5.46 36.62
N PHE J 28 13.42 -4.34 37.32
CA PHE J 28 14.22 -3.25 36.81
C PHE J 28 15.65 -3.69 36.53
N PHE J 29 16.29 -4.32 37.51
CA PHE J 29 17.65 -4.79 37.33
C PHE J 29 17.77 -5.81 36.21
N GLN J 30 16.77 -6.68 36.11
CA GLN J 30 16.76 -7.72 35.07
C GLN J 30 16.73 -7.04 33.71
N ARG J 31 15.96 -5.96 33.61
CA ARG J 31 15.85 -5.20 32.38
C ARG J 31 17.22 -4.64 31.98
N CYS J 32 17.96 -4.13 32.98
CA CYS J 32 19.29 -3.58 32.76
C CYS J 32 20.28 -4.58 32.18
N LEU J 33 20.17 -5.84 32.60
CA LEU J 33 21.08 -6.87 32.10
C LEU J 33 20.79 -7.29 30.66
N GLN J 34 19.58 -7.00 30.19
CA GLN J 34 19.17 -7.39 28.84
C GLN J 34 19.59 -6.48 27.70
N VAL J 35 18.67 -5.66 27.23
CA VAL J 35 18.98 -4.77 26.12
C VAL J 35 18.65 -3.33 26.42
N LEU J 36 19.49 -2.42 25.93
CA LEU J 36 19.31 -0.99 26.14
C LEU J 36 19.19 -0.24 24.81
N PRO J 37 18.37 0.84 24.79
CA PRO J 37 18.13 1.69 23.62
C PRO J 37 19.42 2.45 23.23
N GLU J 38 19.51 2.85 21.97
CA GLU J 38 20.72 3.55 21.51
C GLU J 38 21.05 4.81 22.27
N ARG J 39 20.09 5.34 23.02
CA ARG J 39 20.37 6.56 23.77
C ARG J 39 21.28 6.35 24.98
N TYR J 40 21.70 5.11 25.21
CA TYR J 40 22.59 4.83 26.33
C TYR J 40 23.97 4.48 25.80
N SER J 41 24.20 4.85 24.55
CA SER J 41 25.44 4.59 23.86
C SER J 41 26.68 5.08 24.60
N SER J 42 26.53 6.14 25.38
CA SER J 42 27.66 6.71 26.11
C SER J 42 28.12 5.83 27.28
N LEU J 43 27.43 4.72 27.50
CA LEU J 43 27.77 3.80 28.58
C LEU J 43 28.51 2.57 28.03
N GLU J 44 28.71 2.54 26.72
CA GLU J 44 29.39 1.41 26.09
C GLU J 44 30.71 1.03 26.75
N THR J 45 31.65 1.96 26.86
CA THR J 45 32.94 1.63 27.44
C THR J 45 32.90 1.32 28.93
N SER J 46 31.73 1.42 29.54
CA SER J 46 31.62 1.09 30.96
C SER J 46 30.40 0.21 31.26
N ARG J 47 30.10 -0.69 30.33
CA ARG J 47 28.97 -1.61 30.49
C ARG J 47 29.18 -2.57 31.65
N LEU J 48 30.43 -2.91 31.94
CA LEU J 48 30.73 -3.81 33.04
C LEU J 48 30.30 -3.24 34.39
N THR J 49 30.38 -1.92 34.56
CA THR J 49 29.96 -1.35 35.84
C THR J 49 28.43 -1.28 35.89
N ILE J 50 27.78 -1.27 34.72
CA ILE J 50 26.31 -1.25 34.71
C ILE J 50 25.88 -2.66 35.14
N ALA J 51 26.62 -3.66 34.66
CA ALA J 51 26.36 -5.05 35.00
C ALA J 51 26.50 -5.21 36.51
N PHE J 52 27.55 -4.60 37.05
CA PHE J 52 27.82 -4.65 38.49
C PHE J 52 26.64 -4.09 39.29
N PHE J 53 26.12 -2.95 38.89
CA PHE J 53 24.99 -2.34 39.59
C PHE J 53 23.77 -3.28 39.58
N ALA J 54 23.53 -3.93 38.44
CA ALA J 54 22.39 -4.84 38.31
C ALA J 54 22.57 -6.15 39.08
N LEU J 55 23.72 -6.79 38.90
CA LEU J 55 24.03 -8.05 39.58
C LEU J 55 24.14 -7.86 41.08
N SER J 56 24.96 -6.90 41.52
CA SER J 56 25.10 -6.65 42.95
C SER J 56 23.77 -6.20 43.51
N GLY J 57 23.00 -5.48 42.69
CA GLY J 57 21.69 -5.02 43.11
C GLY J 57 20.77 -6.20 43.33
N LEU J 58 20.81 -7.15 42.39
CA LEU J 58 20.00 -8.36 42.50
C LEU J 58 20.45 -9.14 43.74
N ASP J 59 21.76 -9.29 43.89
CA ASP J 59 22.33 -9.99 45.03
C ASP J 59 21.81 -9.37 46.33
N MET J 60 21.78 -8.05 46.38
CA MET J 60 21.31 -7.33 47.55
C MET J 60 19.84 -7.61 47.86
N LEU J 61 19.08 -7.97 46.82
CA LEU J 61 17.66 -8.27 46.98
C LEU J 61 17.44 -9.78 47.02
N ASP J 62 18.56 -10.51 46.98
CA ASP J 62 18.53 -11.96 46.99
C ASP J 62 17.64 -12.50 45.87
N SER J 63 18.04 -12.22 44.63
CA SER J 63 17.30 -12.64 43.45
C SER J 63 18.24 -12.97 42.31
N LEU J 64 19.46 -13.38 42.64
CA LEU J 64 20.43 -13.71 41.60
C LEU J 64 19.96 -14.87 40.73
N ASP J 65 19.10 -15.70 41.29
CA ASP J 65 18.58 -16.86 40.58
C ASP J 65 17.83 -16.54 39.28
N VAL J 66 17.38 -15.29 39.12
CA VAL J 66 16.64 -14.92 37.92
C VAL J 66 17.54 -14.69 36.71
N VAL J 67 18.83 -15.01 36.85
CA VAL J 67 19.79 -14.84 35.75
C VAL J 67 20.65 -16.08 35.59
N ASN J 68 21.19 -16.26 34.39
CA ASN J 68 22.06 -17.39 34.09
C ASN J 68 23.50 -17.11 34.53
N LYS J 69 23.82 -17.41 35.79
CA LYS J 69 25.15 -17.16 36.33
C LYS J 69 26.30 -17.60 35.43
N ASP J 70 26.22 -18.82 34.92
CA ASP J 70 27.27 -19.36 34.07
C ASP J 70 27.51 -18.55 32.80
N ASP J 71 26.43 -18.10 32.15
CA ASP J 71 26.56 -17.31 30.94
C ASP J 71 27.25 -15.99 31.21
N ILE J 72 26.82 -15.29 32.27
CA ILE J 72 27.40 -14.02 32.64
C ILE J 72 28.87 -14.11 33.02
N ILE J 73 29.24 -15.19 33.72
CA ILE J 73 30.63 -15.38 34.11
C ILE J 73 31.53 -15.51 32.89
N GLU J 74 31.04 -16.14 31.84
CA GLU J 74 31.83 -16.29 30.62
C GLU J 74 31.99 -14.95 29.92
N TRP J 75 30.93 -14.15 29.96
CA TRP J 75 30.96 -12.85 29.34
C TRP J 75 32.03 -11.99 30.04
N ILE J 76 32.00 -12.01 31.36
CA ILE J 76 32.96 -11.25 32.14
C ILE J 76 34.38 -11.66 31.80
N TYR J 77 34.63 -12.96 31.79
CA TYR J 77 35.98 -13.44 31.48
C TYR J 77 36.42 -13.08 30.07
N SER J 78 35.47 -12.79 29.19
CA SER J 78 35.82 -12.42 27.82
C SER J 78 36.33 -10.98 27.80
N LEU J 79 36.19 -10.31 28.94
CA LEU J 79 36.62 -8.92 29.06
C LEU J 79 38.01 -8.77 29.67
N GLN J 80 38.62 -9.89 30.07
CA GLN J 80 39.96 -9.84 30.67
C GLN J 80 41.05 -9.67 29.62
N VAL J 81 41.93 -8.71 29.85
CA VAL J 81 43.06 -8.47 28.96
C VAL J 81 44.17 -9.36 29.52
N LEU J 82 44.40 -10.49 28.87
CA LEU J 82 45.43 -11.44 29.31
C LEU J 82 46.79 -11.16 28.70
N PRO J 83 47.87 -11.59 29.37
CA PRO J 83 49.21 -11.37 28.83
C PRO J 83 49.45 -12.21 27.59
N THR J 84 50.11 -11.62 26.59
CA THR J 84 50.39 -12.31 25.35
C THR J 84 51.47 -13.37 25.54
N GLU J 85 51.76 -14.12 24.47
CA GLU J 85 52.76 -15.16 24.50
C GLU J 85 54.09 -14.64 25.05
N ASP J 86 54.58 -13.55 24.48
CA ASP J 86 55.84 -12.96 24.91
C ASP J 86 55.74 -12.16 26.21
N ARG J 87 54.54 -12.08 26.78
CA ARG J 87 54.32 -11.35 28.02
C ARG J 87 54.87 -9.92 28.01
N SER J 88 54.77 -9.26 26.86
CA SER J 88 55.28 -7.90 26.71
C SER J 88 54.21 -6.84 26.98
N ASN J 89 53.03 -7.28 27.43
CA ASN J 89 51.94 -6.36 27.69
C ASN J 89 51.45 -6.46 29.12
N LEU J 90 52.32 -6.89 30.04
CA LEU J 90 51.92 -7.03 31.44
C LEU J 90 51.39 -5.74 32.06
N ASP J 91 52.03 -4.62 31.72
CA ASP J 91 51.62 -3.33 32.24
C ASP J 91 50.25 -2.86 31.75
N ARG J 92 49.58 -3.67 30.96
CA ARG J 92 48.28 -3.30 30.43
C ARG J 92 47.19 -4.31 30.72
N CYS J 93 47.45 -5.25 31.61
CA CYS J 93 46.46 -6.26 31.92
C CYS J 93 45.44 -5.81 32.96
N GLY J 94 44.28 -6.47 32.93
CA GLY J 94 43.19 -6.14 33.83
C GLY J 94 41.91 -6.47 33.06
N PHE J 95 40.87 -5.64 33.17
CA PHE J 95 39.63 -5.88 32.45
C PHE J 95 39.16 -4.70 31.61
N ARG J 96 38.40 -5.00 30.55
CA ARG J 96 37.85 -3.97 29.67
C ARG J 96 36.42 -3.70 30.11
N GLY J 97 35.89 -2.54 29.76
CA GLY J 97 34.52 -2.20 30.14
C GLY J 97 33.50 -2.90 29.26
N SER J 98 33.93 -3.28 28.06
CA SER J 98 33.09 -3.97 27.09
C SER J 98 33.94 -4.46 25.93
N SER J 99 33.29 -4.92 24.88
CA SER J 99 33.97 -5.45 23.71
C SER J 99 34.06 -4.46 22.54
N TYR J 100 33.92 -3.18 22.83
CA TYR J 100 33.94 -2.17 21.79
C TYR J 100 35.17 -2.15 20.87
N LEU J 101 36.28 -2.77 21.25
CA LEU J 101 37.46 -2.75 20.38
C LEU J 101 37.40 -3.73 19.23
N GLY J 102 36.53 -4.72 19.32
CA GLY J 102 36.41 -5.67 18.24
C GLY J 102 37.28 -6.91 18.36
N ILE J 103 37.76 -7.20 19.56
CA ILE J 103 38.59 -8.38 19.76
C ILE J 103 37.68 -9.61 19.83
N PRO J 104 38.04 -10.67 19.10
CA PRO J 104 37.24 -11.92 19.07
C PRO J 104 36.97 -12.53 20.44
N PHE J 105 35.71 -12.87 20.67
CA PHE J 105 35.25 -13.46 21.92
C PHE J 105 36.18 -14.56 22.42
N ASN J 106 36.63 -14.42 23.66
CA ASN J 106 37.53 -15.40 24.27
C ASN J 106 37.42 -15.34 25.78
N PRO J 107 36.60 -16.23 26.38
CA PRO J 107 36.39 -16.29 27.82
C PRO J 107 37.62 -16.75 28.61
N SER J 108 38.72 -16.02 28.46
CA SER J 108 39.97 -16.34 29.15
C SER J 108 40.37 -17.80 28.97
N LYS J 109 40.32 -18.26 27.71
CA LYS J 109 40.69 -19.63 27.38
C LYS J 109 42.06 -19.63 26.72
N ASN J 110 42.15 -19.05 25.53
CA ASN J 110 43.42 -18.97 24.80
C ASN J 110 44.22 -17.78 25.33
N PRO J 111 45.50 -17.67 24.96
CA PRO J 111 46.33 -16.54 25.42
C PRO J 111 45.90 -15.23 24.78
N GLY J 112 46.43 -14.12 25.30
CA GLY J 112 46.07 -12.81 24.78
C GLY J 112 46.48 -12.51 23.35
N THR J 113 45.54 -11.93 22.60
CA THR J 113 45.79 -11.55 21.20
C THR J 113 46.26 -10.10 21.16
N ALA J 114 47.49 -9.88 20.72
CA ALA J 114 48.07 -8.54 20.66
C ALA J 114 47.20 -7.54 19.92
N HIS J 115 47.19 -6.30 20.41
CA HIS J 115 46.41 -5.21 19.83
C HIS J 115 47.04 -3.92 20.33
N PRO J 116 47.37 -3.00 19.42
CA PRO J 116 47.99 -1.72 19.79
C PRO J 116 47.30 -0.85 20.86
N TYR J 117 45.98 -0.98 21.01
CA TYR J 117 45.28 -0.14 21.97
C TYR J 117 44.42 -0.88 22.99
N ASP J 118 44.60 -2.18 23.12
CA ASP J 118 43.81 -2.94 24.06
C ASP J 118 44.49 -3.05 25.42
N SER J 119 43.81 -2.57 26.45
CA SER J 119 44.35 -2.65 27.80
C SER J 119 43.21 -2.51 28.80
N GLY J 120 43.50 -2.73 30.08
CA GLY J 120 42.46 -2.64 31.09
C GLY J 120 42.12 -1.25 31.58
N HIS J 121 41.05 -1.17 32.36
CA HIS J 121 40.61 0.09 32.95
C HIS J 121 40.39 -0.24 34.42
N ILE J 122 41.09 0.50 35.29
CA ILE J 122 41.03 0.24 36.72
C ILE J 122 39.64 0.07 37.34
N ALA J 123 38.65 0.83 36.87
CA ALA J 123 37.30 0.73 37.42
C ALA J 123 36.62 -0.54 36.91
N MET J 124 37.09 -1.04 35.77
CA MET J 124 36.52 -2.25 35.18
C MET J 124 37.13 -3.49 35.82
N THR J 125 38.42 -3.40 36.17
CA THR J 125 39.09 -4.51 36.82
C THR J 125 38.41 -4.70 38.17
N TYR J 126 38.13 -3.57 38.84
CA TYR J 126 37.47 -3.60 40.13
C TYR J 126 36.06 -4.20 40.04
N THR J 127 35.19 -3.61 39.22
CA THR J 127 33.82 -4.12 39.09
C THR J 127 33.78 -5.52 38.50
N GLY J 128 34.76 -5.86 37.65
CA GLY J 128 34.82 -7.18 37.06
C GLY J 128 35.04 -8.27 38.11
N LEU J 129 36.13 -8.14 38.87
CA LEU J 129 36.47 -9.09 39.93
C LEU J 129 35.29 -9.15 40.90
N SER J 130 34.76 -7.98 41.20
CA SER J 130 33.64 -7.87 42.12
C SER J 130 32.45 -8.71 41.61
N CYS J 131 32.15 -8.62 40.32
CA CYS J 131 31.04 -9.36 39.73
C CYS J 131 31.27 -10.86 39.80
N LEU J 132 32.49 -11.28 39.47
CA LEU J 132 32.85 -12.70 39.50
C LEU J 132 32.59 -13.30 40.89
N ILE J 133 32.99 -12.60 41.93
CA ILE J 133 32.78 -13.08 43.29
C ILE J 133 31.29 -13.16 43.63
N ILE J 134 30.53 -12.16 43.19
CA ILE J 134 29.09 -12.13 43.44
C ILE J 134 28.41 -13.31 42.76
N LEU J 135 28.90 -13.68 41.58
CA LEU J 135 28.33 -14.78 40.83
C LEU J 135 28.79 -16.16 41.29
N GLY J 136 29.69 -16.20 42.27
CA GLY J 136 30.17 -17.47 42.79
C GLY J 136 31.45 -18.02 42.22
N ASP J 137 32.00 -17.38 41.19
CA ASP J 137 33.23 -17.86 40.59
C ASP J 137 34.35 -17.81 41.65
N ASP J 138 35.41 -18.58 41.43
CA ASP J 138 36.53 -18.65 42.37
C ASP J 138 37.78 -17.89 41.92
N LEU J 139 37.66 -17.15 40.82
CA LEU J 139 38.76 -16.35 40.28
C LEU J 139 39.96 -17.15 39.79
N SER J 140 39.78 -18.44 39.57
CA SER J 140 40.87 -19.29 39.10
C SER J 140 41.35 -18.92 37.70
N ARG J 141 40.47 -18.34 36.91
CA ARG J 141 40.82 -17.96 35.54
C ARG J 141 41.36 -16.54 35.45
N VAL J 142 41.48 -15.90 36.61
CA VAL J 142 42.01 -14.53 36.68
C VAL J 142 43.54 -14.61 36.82
N ASP J 143 44.26 -13.92 35.94
CA ASP J 143 45.71 -13.91 36.02
C ASP J 143 46.11 -12.87 37.08
N LYS J 144 45.99 -13.26 38.35
CA LYS J 144 46.30 -12.36 39.44
C LYS J 144 47.57 -11.55 39.31
N GLU J 145 48.67 -12.19 38.95
CA GLU J 145 49.93 -11.47 38.83
C GLU J 145 49.90 -10.41 37.74
N ALA J 146 49.22 -10.71 36.63
CA ALA J 146 49.13 -9.78 35.53
C ALA J 146 48.31 -8.55 35.94
N CYS J 147 47.21 -8.78 36.65
CA CYS J 147 46.36 -7.70 37.10
C CYS J 147 47.12 -6.78 38.05
N LEU J 148 47.84 -7.37 39.00
CA LEU J 148 48.63 -6.59 39.95
C LEU J 148 49.74 -5.80 39.27
N ALA J 149 50.30 -6.37 38.20
CA ALA J 149 51.36 -5.70 37.45
C ALA J 149 50.76 -4.48 36.76
N GLY J 150 49.55 -4.66 36.20
CA GLY J 150 48.87 -3.58 35.53
C GLY J 150 48.51 -2.49 36.52
N LEU J 151 48.06 -2.90 37.70
CA LEU J 151 47.68 -1.95 38.75
C LEU J 151 48.87 -1.06 39.12
N ARG J 152 50.00 -1.69 39.44
CA ARG J 152 51.20 -0.95 39.81
C ARG J 152 51.58 0.12 38.79
N ALA J 153 51.43 -0.22 37.52
CA ALA J 153 51.77 0.70 36.44
C ALA J 153 50.89 1.96 36.40
N LEU J 154 49.74 1.91 37.05
CA LEU J 154 48.83 3.06 37.05
C LEU J 154 49.09 4.09 38.14
N GLN J 155 49.84 3.73 39.17
CA GLN J 155 50.10 4.67 40.26
C GLN J 155 51.13 5.75 39.91
N LEU J 156 50.81 6.99 40.29
CA LEU J 156 51.66 8.14 40.02
C LEU J 156 52.57 8.47 41.20
N GLU J 157 53.50 9.39 40.97
CA GLU J 157 54.46 9.78 42.01
C GLU J 157 53.78 10.25 43.28
N ASP J 158 52.67 10.98 43.14
CA ASP J 158 51.97 11.51 44.31
C ASP J 158 51.12 10.49 45.08
N GLY J 159 51.11 9.24 44.62
CA GLY J 159 50.34 8.22 45.31
C GLY J 159 48.99 7.88 44.72
N SER J 160 48.41 8.77 43.92
CA SER J 160 47.11 8.50 43.30
C SER J 160 47.25 7.58 42.08
N PHE J 161 46.13 7.30 41.43
CA PHE J 161 46.10 6.41 40.27
C PHE J 161 45.40 6.98 39.03
N CYS J 162 45.73 6.41 37.88
CA CYS J 162 45.11 6.73 36.60
C CYS J 162 44.22 5.52 36.33
N ALA J 163 43.31 5.65 35.36
CA ALA J 163 42.41 4.54 35.04
C ALA J 163 42.98 3.59 33.98
N VAL J 164 43.77 4.14 33.06
CA VAL J 164 44.35 3.35 31.97
C VAL J 164 45.81 3.72 31.71
N PRO J 165 46.61 2.73 31.27
CA PRO J 165 48.03 2.95 30.99
C PRO J 165 48.32 4.02 29.95
N GLU J 166 47.40 4.25 29.02
CA GLU J 166 47.62 5.27 27.99
C GLU J 166 47.52 6.67 28.58
N GLY J 167 46.99 6.76 29.80
CA GLY J 167 46.85 8.05 30.46
C GLY J 167 45.41 8.51 30.63
N SER J 168 45.16 9.23 31.71
CA SER J 168 43.82 9.75 32.00
C SER J 168 43.98 10.70 33.18
N GLU J 169 42.86 11.21 33.68
CA GLU J 169 42.90 12.09 34.83
C GLU J 169 43.21 11.18 36.01
N ASN J 170 43.67 11.74 37.12
CA ASN J 170 43.98 10.94 38.30
C ASN J 170 43.37 11.56 39.54
N ASP J 171 42.76 10.75 40.39
CA ASP J 171 42.15 11.24 41.62
C ASP J 171 41.74 10.14 42.59
N MET J 172 41.04 10.55 43.65
CA MET J 172 40.61 9.64 44.69
C MET J 172 39.76 8.47 44.21
N ARG J 173 38.96 8.68 43.15
CA ARG J 173 38.10 7.61 42.65
C ARG J 173 38.91 6.36 42.34
N PHE J 174 40.04 6.55 41.68
CA PHE J 174 40.89 5.43 41.29
C PHE J 174 41.74 4.86 42.43
N VAL J 175 41.94 5.64 43.49
CA VAL J 175 42.69 5.15 44.64
C VAL J 175 41.79 4.10 45.30
N TYR J 176 40.49 4.35 45.32
CA TYR J 176 39.54 3.42 45.90
C TYR J 176 39.49 2.14 45.09
N CYS J 177 39.52 2.27 43.77
CA CYS J 177 39.48 1.11 42.89
C CYS J 177 40.71 0.23 43.13
N ALA J 178 41.87 0.86 43.23
CA ALA J 178 43.12 0.14 43.47
C ALA J 178 43.03 -0.62 44.80
N SER J 179 42.52 0.04 45.83
CA SER J 179 42.37 -0.57 47.12
C SER J 179 41.47 -1.79 47.08
N CYS J 180 40.33 -1.69 46.39
CA CYS J 180 39.39 -2.81 46.28
C CYS J 180 40.02 -4.00 45.54
N ILE J 181 40.80 -3.71 44.50
CA ILE J 181 41.44 -4.77 43.74
C ILE J 181 42.44 -5.51 44.62
N CYS J 182 43.31 -4.77 45.30
CA CYS J 182 44.31 -5.38 46.17
C CYS J 182 43.63 -6.21 47.24
N TYR J 183 42.55 -5.68 47.81
CA TYR J 183 41.84 -6.38 48.85
C TYR J 183 41.23 -7.69 48.38
N MET J 184 40.56 -7.67 47.24
CA MET J 184 39.92 -8.86 46.69
C MET J 184 40.93 -9.93 46.28
N LEU J 185 42.06 -9.52 45.71
CA LEU J 185 43.07 -10.47 45.30
C LEU J 185 43.93 -10.78 46.52
N ASN J 186 43.54 -10.21 47.67
CA ASN J 186 44.25 -10.41 48.93
C ASN J 186 45.77 -10.31 48.76
N ASN J 187 46.22 -9.27 48.08
CA ASN J 187 47.63 -9.05 47.83
C ASN J 187 47.86 -7.54 47.58
N TRP J 188 48.57 -6.88 48.48
CA TRP J 188 48.80 -5.46 48.32
C TRP J 188 50.05 -5.07 47.55
N SER J 189 50.60 -6.00 46.79
CA SER J 189 51.80 -5.70 46.01
C SER J 189 51.38 -4.86 44.81
N GLY J 190 50.07 -4.69 44.66
CA GLY J 190 49.54 -3.92 43.55
C GLY J 190 49.72 -2.43 43.70
N MET J 191 50.12 -1.98 44.88
CA MET J 191 50.31 -0.55 45.09
C MET J 191 51.37 -0.26 46.14
N ASP J 192 51.83 0.99 46.16
CA ASP J 192 52.80 1.47 47.14
C ASP J 192 51.90 2.14 48.16
N MET J 193 51.46 1.36 49.13
CA MET J 193 50.54 1.81 50.16
C MET J 193 50.96 3.08 50.88
N LYS J 194 52.26 3.24 51.09
CA LYS J 194 52.78 4.42 51.79
C LYS J 194 52.44 5.69 51.02
N LYS J 195 52.67 5.67 49.71
CA LYS J 195 52.37 6.83 48.86
C LYS J 195 50.87 7.10 48.74
N ALA J 196 50.07 6.02 48.69
CA ALA J 196 48.63 6.16 48.57
C ALA J 196 48.06 6.84 49.81
N ILE J 197 48.54 6.41 50.99
CA ILE J 197 48.10 6.98 52.24
C ILE J 197 48.46 8.47 52.28
N SER J 198 49.62 8.80 51.74
CA SER J 198 50.07 10.17 51.72
C SER J 198 49.09 11.02 50.90
N TYR J 199 48.67 10.47 49.77
CA TYR J 199 47.74 11.16 48.89
C TYR J 199 46.41 11.39 49.62
N ILE J 200 45.92 10.35 50.30
CA ILE J 200 44.68 10.47 51.02
C ILE J 200 44.75 11.54 52.11
N ARG J 201 45.85 11.59 52.87
CA ARG J 201 45.99 12.59 53.91
C ARG J 201 45.97 13.99 53.32
N ARG J 202 46.77 14.21 52.28
CA ARG J 202 46.86 15.51 51.66
C ARG J 202 45.57 16.05 51.05
N SER J 203 44.60 15.17 50.84
CA SER J 203 43.33 15.60 50.24
C SER J 203 42.39 16.21 51.28
N MET J 204 42.74 16.12 52.56
CA MET J 204 41.88 16.68 53.59
C MET J 204 41.83 18.19 53.49
N SER J 205 40.62 18.72 53.43
CA SER J 205 40.39 20.16 53.32
C SER J 205 40.39 20.90 54.66
N TYR J 206 40.38 22.23 54.60
CA TYR J 206 40.36 23.05 55.80
C TYR J 206 39.02 22.82 56.53
N ASP J 207 37.98 22.41 55.80
CA ASP J 207 36.69 22.15 56.44
C ASP J 207 36.60 20.70 56.95
N ASN J 208 37.69 19.97 56.82
CA ASN J 208 37.82 18.60 57.32
C ASN J 208 37.27 17.44 56.51
N GLY J 209 36.68 17.72 55.36
CA GLY J 209 36.20 16.65 54.50
C GLY J 209 37.38 16.23 53.63
N LEU J 210 37.18 15.26 52.76
CA LEU J 210 38.25 14.82 51.85
C LEU J 210 37.87 15.22 50.43
N ALA J 211 38.82 15.79 49.69
CA ALA J 211 38.56 16.22 48.31
C ALA J 211 39.13 15.20 47.32
N GLN J 212 38.94 15.44 46.03
CA GLN J 212 39.45 14.52 45.02
C GLN J 212 40.97 14.58 44.98
N GLY J 213 41.51 15.69 45.48
CA GLY J 213 42.94 15.90 45.52
C GLY J 213 43.24 17.12 46.37
N ALA J 214 44.51 17.30 46.74
CA ALA J 214 44.92 18.42 47.56
C ALA J 214 44.46 19.77 47.02
N GLY J 215 43.92 20.60 47.93
CA GLY J 215 43.46 21.92 47.55
C GLY J 215 42.06 22.03 46.98
N LEU J 216 41.53 20.92 46.46
CA LEU J 216 40.19 20.91 45.90
C LEU J 216 39.10 20.93 46.99
N GLU J 217 37.86 21.17 46.58
CA GLU J 217 36.74 21.22 47.49
C GLU J 217 36.41 19.83 48.02
N SER J 218 36.28 19.69 49.34
CA SER J 218 35.96 18.39 49.93
C SER J 218 34.61 17.93 49.36
N HIS J 219 34.43 16.62 49.22
CA HIS J 219 33.23 16.08 48.60
C HIS J 219 32.84 14.72 49.19
N GLY J 220 31.54 14.46 49.25
CA GLY J 220 31.06 13.21 49.80
C GLY J 220 31.60 11.97 49.11
N GLY J 221 31.75 12.05 47.79
CA GLY J 221 32.24 10.92 47.02
C GLY J 221 33.70 10.61 47.33
N SER J 222 34.55 11.64 47.32
CA SER J 222 35.96 11.43 47.59
C SER J 222 36.23 11.10 49.06
N THR J 223 35.38 11.60 49.95
CA THR J 223 35.54 11.29 51.37
C THR J 223 35.28 9.80 51.57
N PHE J 224 34.26 9.27 50.89
CA PHE J 224 33.97 7.85 50.99
C PHE J 224 35.16 7.07 50.43
N CYS J 225 35.61 7.45 49.24
CA CYS J 225 36.73 6.75 48.63
C CYS J 225 37.96 6.72 49.53
N GLY J 226 38.27 7.85 50.16
CA GLY J 226 39.43 7.92 51.04
C GLY J 226 39.30 7.07 52.29
N ILE J 227 38.23 7.29 53.04
CA ILE J 227 37.99 6.54 54.26
C ILE J 227 37.87 5.04 54.00
N ALA J 228 37.09 4.66 52.98
CA ALA J 228 36.92 3.25 52.66
C ALA J 228 38.25 2.61 52.28
N SER J 229 39.10 3.34 51.56
CA SER J 229 40.40 2.81 51.17
C SER J 229 41.23 2.49 52.40
N LEU J 230 41.25 3.43 53.35
CA LEU J 230 42.01 3.23 54.57
C LEU J 230 41.46 2.05 55.37
N CYS J 231 40.14 1.92 55.44
CA CYS J 231 39.53 0.80 56.16
C CYS J 231 39.91 -0.52 55.50
N LEU J 232 39.95 -0.54 54.17
CA LEU J 232 40.31 -1.75 53.45
C LEU J 232 41.78 -2.14 53.73
N MET J 233 42.63 -1.13 53.93
CA MET J 233 44.04 -1.37 54.22
C MET J 233 44.20 -1.63 55.71
N GLY J 234 43.13 -1.37 56.46
CA GLY J 234 43.15 -1.56 57.90
C GLY J 234 44.08 -0.56 58.57
N LYS J 235 44.03 0.70 58.15
CA LYS J 235 44.91 1.71 58.75
C LYS J 235 44.24 3.04 59.06
N LEU J 236 42.92 3.02 59.22
CA LEU J 236 42.18 4.26 59.52
C LEU J 236 42.75 4.91 60.78
N GLU J 237 42.75 4.15 61.88
CA GLU J 237 43.24 4.58 63.19
C GLU J 237 44.69 5.08 63.14
N GLU J 238 45.49 4.40 62.34
CA GLU J 238 46.91 4.73 62.22
C GLU J 238 47.20 5.99 61.40
N VAL J 239 46.32 6.33 60.46
CA VAL J 239 46.55 7.50 59.62
C VAL J 239 45.98 8.80 60.16
N PHE J 240 44.81 8.73 60.78
CA PHE J 240 44.19 9.93 61.33
C PHE J 240 44.11 9.86 62.86
N SER J 241 44.40 10.99 63.51
CA SER J 241 44.36 11.06 64.97
C SER J 241 42.91 11.07 65.41
N GLU J 242 42.67 10.90 66.70
CA GLU J 242 41.31 10.92 67.21
C GLU J 242 40.69 12.29 66.94
N LYS J 243 41.48 13.35 67.11
CA LYS J 243 40.97 14.70 66.88
C LYS J 243 40.58 14.85 65.42
N GLU J 244 41.41 14.31 64.53
CA GLU J 244 41.16 14.38 63.10
C GLU J 244 39.89 13.62 62.74
N LEU J 245 39.77 12.39 63.23
CA LEU J 245 38.60 11.58 62.97
C LEU J 245 37.32 12.24 63.48
N ASN J 246 37.42 12.99 64.57
CA ASN J 246 36.24 13.67 65.10
C ASN J 246 35.80 14.77 64.14
N ARG J 247 36.78 15.44 63.55
CA ARG J 247 36.49 16.51 62.60
C ARG J 247 35.85 15.96 61.32
N ILE J 248 36.40 14.83 60.84
CA ILE J 248 35.88 14.19 59.65
C ILE J 248 34.43 13.75 59.91
N LYS J 249 34.19 13.16 61.09
CA LYS J 249 32.85 12.73 61.46
C LYS J 249 31.89 13.90 61.46
N ARG J 250 32.32 15.03 62.00
CA ARG J 250 31.49 16.21 62.05
C ARG J 250 31.11 16.65 60.63
N TRP J 251 32.10 16.65 59.73
CA TRP J 251 31.84 17.06 58.35
C TRP J 251 30.82 16.14 57.67
N CYS J 252 30.99 14.84 57.87
CA CYS J 252 30.08 13.87 57.27
C CYS J 252 28.66 13.96 57.79
N ILE J 253 28.48 13.94 59.11
CA ILE J 253 27.13 14.01 59.65
C ILE J 253 26.41 15.32 59.33
N MET J 254 27.15 16.36 58.99
CA MET J 254 26.52 17.63 58.64
C MET J 254 25.93 17.57 57.23
N ARG J 255 26.19 16.47 56.51
CA ARG J 255 25.68 16.31 55.16
C ARG J 255 24.19 15.94 55.09
N GLN J 256 23.62 15.46 56.20
CA GLN J 256 22.20 15.09 56.17
C GLN J 256 21.26 16.29 56.30
N GLN J 257 20.38 16.44 55.32
CA GLN J 257 19.39 17.53 55.32
C GLN J 257 18.04 16.86 55.61
N ASN J 258 17.86 15.69 55.00
CA ASN J 258 16.70 14.81 55.14
C ASN J 258 17.34 13.59 54.49
N GLY J 259 17.69 13.75 53.22
CA GLY J 259 18.42 12.73 52.51
C GLY J 259 19.83 13.31 52.66
N TYR J 260 20.78 12.93 51.81
CA TYR J 260 22.12 13.50 51.92
C TYR J 260 22.60 14.22 50.67
N HIS J 261 23.39 15.28 50.85
CA HIS J 261 23.96 16.00 49.71
C HIS J 261 25.47 15.69 49.72
N GLY J 262 26.17 15.97 48.63
CA GLY J 262 27.59 15.67 48.57
C GLY J 262 28.53 16.79 48.99
N ARG J 263 28.00 18.01 49.09
CA ARG J 263 28.78 19.18 49.47
C ARG J 263 27.90 20.21 50.15
N PRO J 264 28.47 21.01 51.05
CA PRO J 264 27.66 22.03 51.73
C PRO J 264 26.94 22.90 50.72
N ASN J 265 25.69 23.24 51.03
CA ASN J 265 24.84 24.08 50.18
C ASN J 265 24.45 23.52 48.82
N LYS J 266 24.49 22.20 48.67
CA LYS J 266 24.10 21.56 47.43
C LYS J 266 22.84 20.75 47.72
N PRO J 267 21.97 20.56 46.72
CA PRO J 267 20.74 19.78 46.93
C PRO J 267 21.02 18.31 47.18
N VAL J 268 20.16 17.65 47.98
CA VAL J 268 20.34 16.24 48.28
C VAL J 268 20.19 15.37 47.03
N ASP J 269 20.83 14.21 47.07
CA ASP J 269 20.85 13.28 45.95
C ASP J 269 20.88 11.86 46.53
N THR J 270 19.92 11.03 46.12
CA THR J 270 19.84 9.67 46.62
C THR J 270 21.13 8.88 46.78
N CYS J 271 22.02 8.90 45.78
CA CYS J 271 23.24 8.12 45.90
C CYS J 271 24.13 8.50 47.09
N TYR J 272 23.96 9.70 47.64
CA TYR J 272 24.77 10.09 48.78
C TYR J 272 24.32 9.42 50.07
N SER J 273 23.14 8.81 50.04
CA SER J 273 22.66 8.07 51.20
C SER J 273 23.63 6.90 51.38
N PHE J 274 24.33 6.52 50.31
CA PHE J 274 25.31 5.47 50.45
C PHE J 274 26.72 6.07 50.60
N TRP J 275 27.12 6.95 49.69
CA TRP J 275 28.46 7.54 49.76
C TRP J 275 28.79 8.07 51.16
N VAL J 276 27.92 8.93 51.69
CA VAL J 276 28.11 9.50 53.01
C VAL J 276 27.69 8.52 54.12
N GLY J 277 26.53 7.89 53.94
CA GLY J 277 26.02 6.95 54.90
C GLY J 277 27.01 5.85 55.21
N ALA J 278 27.63 5.32 54.17
CA ALA J 278 28.61 4.25 54.33
C ALA J 278 29.84 4.77 55.06
N THR J 279 30.17 6.04 54.85
CA THR J 279 31.34 6.62 55.50
C THR J 279 31.05 6.71 56.99
N LEU J 280 29.85 7.19 57.33
CA LEU J 280 29.43 7.32 58.72
C LEU J 280 29.42 5.93 59.38
N LYS J 281 29.01 4.92 58.62
CA LYS J 281 28.98 3.56 59.15
C LYS J 281 30.40 3.11 59.47
N LEU J 282 31.34 3.41 58.57
CA LEU J 282 32.72 3.02 58.80
C LEU J 282 33.31 3.78 59.99
N LEU J 283 32.81 4.98 60.25
CA LEU J 283 33.29 5.79 61.36
C LEU J 283 32.47 5.51 62.63
N LYS J 284 31.62 4.48 62.55
CA LYS J 284 30.78 4.04 63.66
C LYS J 284 29.85 5.07 64.28
N ILE J 285 29.29 5.97 63.49
CA ILE J 285 28.36 6.94 64.05
C ILE J 285 27.12 7.09 63.17
N PHE J 286 26.93 6.17 62.23
CA PHE J 286 25.76 6.24 61.35
C PHE J 286 24.53 6.08 62.22
N GLN J 287 24.70 5.32 63.30
CA GLN J 287 23.65 5.04 64.27
C GLN J 287 23.05 6.31 64.88
N TYR J 288 23.80 7.42 64.84
CA TYR J 288 23.32 8.67 65.42
C TYR J 288 22.63 9.60 64.45
N THR J 289 22.42 9.13 63.22
CA THR J 289 21.74 9.93 62.21
C THR J 289 20.23 9.69 62.33
N ASN J 290 19.45 10.48 61.60
CA ASN J 290 18.00 10.34 61.62
C ASN J 290 17.57 9.39 60.50
N PHE J 291 17.22 8.15 60.86
CA PHE J 291 16.80 7.14 59.88
C PHE J 291 15.53 7.43 59.09
N GLU J 292 14.49 7.87 59.79
CA GLU J 292 13.21 8.13 59.14
C GLU J 292 13.25 9.12 57.98
N LYS J 293 13.85 10.28 58.20
CA LYS J 293 13.93 11.29 57.14
C LYS J 293 14.75 10.79 55.94
N ASN J 294 15.80 10.01 56.22
CA ASN J 294 16.64 9.49 55.16
C ASN J 294 15.81 8.50 54.34
N ARG J 295 15.20 7.54 55.03
CA ARG J 295 14.37 6.53 54.37
C ARG J 295 13.23 7.19 53.58
N ASN J 296 12.59 8.19 54.17
CA ASN J 296 11.51 8.87 53.48
C ASN J 296 12.02 9.53 52.20
N TYR J 297 13.19 10.16 52.25
CA TYR J 297 13.70 10.79 51.04
C TYR J 297 14.00 9.76 49.95
N ILE J 298 14.75 8.73 50.30
CA ILE J 298 15.09 7.70 49.33
C ILE J 298 13.85 7.15 48.63
N LEU J 299 12.83 6.79 49.41
CA LEU J 299 11.63 6.25 48.82
C LEU J 299 10.89 7.25 47.94
N SER J 300 11.04 8.54 48.22
CA SER J 300 10.37 9.55 47.40
C SER J 300 10.96 9.62 46.00
N THR J 301 12.09 8.94 45.79
CA THR J 301 12.72 8.95 44.47
C THR J 301 12.52 7.60 43.78
N GLN J 302 11.69 6.77 44.38
CA GLN J 302 11.39 5.44 43.85
C GLN J 302 10.40 5.56 42.68
N ASP J 303 10.69 4.88 41.57
CA ASP J 303 9.77 4.92 40.43
C ASP J 303 8.83 3.74 40.58
N ARG J 304 7.62 4.02 41.03
CA ARG J 304 6.62 2.99 41.28
C ARG J 304 6.11 2.26 40.05
N LEU J 305 6.35 2.84 38.87
CA LEU J 305 5.91 2.24 37.62
C LEU J 305 6.97 1.34 36.97
N VAL J 306 8.16 1.88 36.73
CA VAL J 306 9.21 1.08 36.09
C VAL J 306 10.20 0.44 37.06
N GLY J 307 10.23 0.91 38.31
CA GLY J 307 11.16 0.36 39.29
C GLY J 307 12.42 1.20 39.34
N GLY J 308 13.34 0.85 40.25
CA GLY J 308 14.57 1.61 40.40
C GLY J 308 14.36 2.93 41.13
N PHE J 309 15.46 3.67 41.34
CA PHE J 309 15.40 4.97 42.00
C PHE J 309 16.10 6.04 41.16
N ALA J 310 15.76 7.30 41.40
CA ALA J 310 16.34 8.43 40.68
C ALA J 310 17.14 9.27 41.68
N LYS J 311 17.84 10.29 41.21
CA LYS J 311 18.61 11.11 42.14
C LYS J 311 17.66 12.03 42.90
N TRP J 312 16.61 12.47 42.23
CA TRP J 312 15.62 13.36 42.83
C TRP J 312 14.22 12.83 42.61
N PRO J 313 13.26 13.29 43.44
CA PRO J 313 11.89 12.82 43.25
C PRO J 313 11.36 13.29 41.90
N ASP J 314 10.46 12.52 41.31
CA ASP J 314 9.89 12.90 40.01
C ASP J 314 11.03 13.15 39.02
N SER J 315 11.86 12.13 38.86
CA SER J 315 13.01 12.21 37.96
C SER J 315 13.17 10.77 37.44
N HIS J 316 13.74 10.60 36.25
CA HIS J 316 13.89 9.25 35.70
C HIS J 316 14.93 8.41 36.42
N PRO J 317 14.62 7.13 36.67
CA PRO J 317 15.53 6.22 37.36
C PRO J 317 16.63 5.71 36.48
N ASP J 318 17.71 5.24 37.10
CA ASP J 318 18.85 4.67 36.39
C ASP J 318 19.48 3.61 37.27
N ALA J 319 20.34 2.78 36.68
CA ALA J 319 20.99 1.71 37.43
C ALA J 319 21.82 2.18 38.61
N LEU J 320 22.54 3.30 38.46
CA LEU J 320 23.37 3.79 39.55
C LEU J 320 22.56 4.18 40.79
N HIS J 321 21.51 4.98 40.62
CA HIS J 321 20.72 5.38 41.76
C HIS J 321 19.83 4.26 42.30
N ALA J 322 19.47 3.32 41.44
CA ALA J 322 18.67 2.19 41.89
C ALA J 322 19.55 1.39 42.84
N TYR J 323 20.78 1.13 42.43
CA TYR J 323 21.70 0.36 43.27
C TYR J 323 22.07 1.07 44.56
N PHE J 324 22.51 2.33 44.47
CA PHE J 324 22.90 3.06 45.68
C PHE J 324 21.73 3.42 46.58
N GLY J 325 20.53 3.56 46.01
CA GLY J 325 19.37 3.84 46.84
C GLY J 325 19.08 2.61 47.70
N ILE J 326 19.23 1.44 47.10
CA ILE J 326 19.00 0.19 47.79
C ILE J 326 20.08 -0.03 48.86
N CYS J 327 21.33 0.28 48.54
CA CYS J 327 22.40 0.12 49.52
C CYS J 327 22.20 1.13 50.66
N GLY J 328 21.62 2.29 50.34
CA GLY J 328 21.36 3.29 51.35
C GLY J 328 20.32 2.74 52.33
N LEU J 329 19.29 2.10 51.78
CA LEU J 329 18.23 1.52 52.59
C LEU J 329 18.82 0.39 53.44
N SER J 330 19.74 -0.36 52.85
CA SER J 330 20.40 -1.46 53.54
C SER J 330 21.13 -1.02 54.80
N LEU J 331 21.77 0.15 54.76
CA LEU J 331 22.50 0.65 55.91
C LEU J 331 21.61 0.84 57.15
N MET J 332 20.32 1.04 56.93
CA MET J 332 19.39 1.22 58.03
C MET J 332 18.61 -0.07 58.26
N GLU J 333 19.08 -1.15 57.63
CA GLU J 333 18.41 -2.45 57.74
C GLU J 333 16.92 -2.35 57.38
N GLU J 334 16.63 -2.62 56.12
CA GLU J 334 15.28 -2.58 55.58
C GLU J 334 14.90 -4.01 55.30
N SER J 335 13.65 -4.37 55.60
CA SER J 335 13.19 -5.73 55.36
C SER J 335 13.35 -6.13 53.90
N GLY J 336 13.90 -7.32 53.67
CA GLY J 336 14.06 -7.80 52.32
C GLY J 336 15.34 -7.42 51.61
N ILE J 337 16.21 -6.68 52.29
CA ILE J 337 17.49 -6.26 51.70
C ILE J 337 18.64 -6.72 52.57
N CYS J 338 19.60 -7.42 51.97
CA CYS J 338 20.77 -7.91 52.71
C CYS J 338 21.57 -6.76 53.31
N LYS J 339 22.45 -7.12 54.23
CA LYS J 339 23.32 -6.14 54.88
C LYS J 339 24.48 -5.93 53.92
N VAL J 340 24.83 -4.67 53.68
CA VAL J 340 25.93 -4.38 52.78
C VAL J 340 27.22 -4.11 53.50
N HIS J 341 28.33 -4.55 52.88
CA HIS J 341 29.66 -4.33 53.41
C HIS J 341 30.03 -2.89 53.00
N PRO J 342 29.91 -1.92 53.92
CA PRO J 342 30.20 -0.51 53.69
C PRO J 342 31.51 -0.10 53.04
N ALA J 343 32.54 -0.94 53.12
CA ALA J 343 33.82 -0.56 52.51
C ALA J 343 34.11 -1.22 51.18
N LEU J 344 33.60 -2.44 50.99
CA LEU J 344 33.84 -3.17 49.75
C LEU J 344 32.70 -2.99 48.74
N ASN J 345 31.58 -2.48 49.22
CA ASN J 345 30.42 -2.22 48.37
C ASN J 345 29.82 -3.47 47.73
N VAL J 346 29.67 -4.51 48.53
CA VAL J 346 29.08 -5.78 48.11
C VAL J 346 28.27 -6.26 49.32
N SER J 347 27.40 -7.24 49.13
CA SER J 347 26.60 -7.75 50.26
C SER J 347 27.50 -8.56 51.18
N THR J 348 27.21 -8.56 52.48
CA THR J 348 28.02 -9.30 53.45
C THR J 348 28.11 -10.76 53.02
N ARG J 349 27.02 -11.26 52.46
CA ARG J 349 26.99 -12.62 51.95
C ARG J 349 28.15 -12.85 51.00
N THR J 350 28.36 -11.88 50.11
CA THR J 350 29.43 -11.94 49.12
C THR J 350 30.82 -11.70 49.74
N SER J 351 30.89 -10.83 50.74
CA SER J 351 32.17 -10.53 51.37
C SER J 351 32.66 -11.77 52.11
N GLU J 352 31.74 -12.47 52.77
CA GLU J 352 32.09 -13.69 53.49
C GLU J 352 32.51 -14.78 52.54
N ARG J 353 31.80 -14.88 51.42
CA ARG J 353 32.13 -15.87 50.41
C ARG J 353 33.57 -15.58 49.96
N LEU J 354 33.96 -14.30 50.00
CA LEU J 354 35.30 -13.88 49.62
C LEU J 354 36.32 -14.36 50.65
N ARG J 355 35.98 -14.22 51.93
CA ARG J 355 36.85 -14.66 53.02
C ARG J 355 37.22 -16.13 52.81
N ASP J 356 36.23 -16.96 52.47
CA ASP J 356 36.46 -18.37 52.22
C ASP J 356 37.43 -18.54 51.06
N LEU J 357 37.12 -17.87 49.97
CA LEU J 357 37.97 -17.95 48.78
C LEU J 357 39.42 -17.60 49.13
N HIS J 358 39.60 -16.79 50.19
CA HIS J 358 40.93 -16.39 50.63
C HIS J 358 41.58 -17.52 51.42
N GLN J 359 40.76 -18.31 52.10
CA GLN J 359 41.24 -19.44 52.89
C GLN J 359 41.84 -20.47 51.94
N SER J 360 41.02 -20.92 50.99
CA SER J 360 41.44 -21.90 50.00
C SER J 360 42.75 -21.51 49.35
N TRP J 361 43.06 -20.21 49.42
CA TRP J 361 44.30 -19.70 48.84
C TRP J 361 45.44 -19.83 49.84
N LYS J 362 45.13 -19.66 51.12
CA LYS J 362 46.12 -19.75 52.21
C LYS J 362 46.68 -21.16 52.38
N THR J 363 46.56 -21.97 51.34
CA THR J 363 47.05 -23.35 51.35
C THR J 363 47.77 -23.67 50.03
N PHE K 55 -45.90 -41.69 -62.22
CA PHE K 55 -45.82 -42.89 -63.12
C PHE K 55 -44.60 -42.93 -64.05
N LEU K 56 -44.77 -42.36 -65.25
CA LEU K 56 -43.72 -42.32 -66.28
C LEU K 56 -42.62 -41.30 -66.04
N SER K 57 -41.49 -41.76 -65.52
CA SER K 57 -40.36 -40.91 -65.20
C SER K 57 -39.80 -40.11 -66.38
N LEU K 58 -39.37 -38.89 -66.10
CA LEU K 58 -38.81 -38.01 -67.12
C LEU K 58 -37.54 -38.58 -67.75
N ASP K 59 -36.84 -39.42 -67.01
CA ASP K 59 -35.60 -40.02 -67.50
C ASP K 59 -35.77 -41.47 -67.90
N SER K 60 -37.02 -41.91 -68.00
CA SER K 60 -37.33 -43.29 -68.39
C SER K 60 -37.02 -43.53 -69.87
N PRO K 61 -36.55 -44.75 -70.21
CA PRO K 61 -36.23 -45.05 -71.60
C PRO K 61 -37.45 -44.98 -72.52
N THR K 62 -38.63 -45.19 -71.95
CA THR K 62 -39.85 -45.13 -72.75
C THR K 62 -40.63 -43.83 -72.57
N TYR K 63 -39.99 -42.81 -72.01
CA TYR K 63 -40.69 -41.54 -71.80
C TYR K 63 -41.25 -41.02 -73.12
N VAL K 64 -42.42 -40.39 -73.06
CA VAL K 64 -43.07 -39.87 -74.26
C VAL K 64 -43.54 -38.44 -74.04
N LEU K 65 -43.17 -37.54 -74.95
CA LEU K 65 -43.58 -36.15 -74.81
C LEU K 65 -45.09 -36.10 -74.68
N TYR K 66 -45.59 -35.10 -73.98
CA TYR K 66 -47.02 -34.94 -73.79
C TYR K 66 -47.68 -34.68 -75.14
N ARG K 67 -46.97 -34.01 -76.04
CA ARG K 67 -47.54 -33.72 -77.34
C ARG K 67 -47.84 -35.00 -78.12
N ASP K 68 -47.20 -36.11 -77.75
CA ASP K 68 -47.43 -37.38 -78.43
C ASP K 68 -48.21 -38.38 -77.60
N ARG K 69 -48.89 -37.93 -76.55
CA ARG K 69 -49.67 -38.83 -75.71
C ARG K 69 -51.13 -38.74 -76.10
N ALA K 70 -51.78 -39.89 -76.24
CA ALA K 70 -53.18 -39.94 -76.63
C ALA K 70 -54.12 -39.31 -75.60
N GLU K 71 -53.88 -39.55 -74.31
CA GLU K 71 -54.74 -38.98 -73.26
C GLU K 71 -54.74 -37.46 -73.29
N TRP K 72 -53.75 -36.86 -73.95
CA TRP K 72 -53.65 -35.40 -74.01
C TRP K 72 -54.00 -34.80 -75.37
N ALA K 73 -54.39 -35.68 -76.30
CA ALA K 73 -54.71 -35.25 -77.67
C ALA K 73 -55.75 -34.12 -77.79
N ASP K 74 -56.69 -34.07 -76.87
CA ASP K 74 -57.74 -33.05 -76.91
C ASP K 74 -57.34 -31.65 -76.45
N ILE K 75 -56.17 -31.52 -75.82
CA ILE K 75 -55.70 -30.23 -75.32
C ILE K 75 -54.68 -29.56 -76.22
N ASP K 76 -54.82 -28.25 -76.38
CA ASP K 76 -53.88 -27.48 -77.19
C ASP K 76 -52.82 -26.85 -76.28
N PRO K 77 -51.54 -27.16 -76.53
CA PRO K 77 -50.46 -26.61 -75.71
C PRO K 77 -50.42 -25.09 -75.80
N VAL K 78 -50.11 -24.43 -74.68
CA VAL K 78 -50.02 -22.98 -74.64
C VAL K 78 -48.56 -22.59 -74.47
N PRO K 79 -47.98 -21.89 -75.46
CA PRO K 79 -46.58 -21.50 -75.37
C PRO K 79 -46.37 -20.20 -74.60
N GLN K 80 -45.12 -19.98 -74.21
CA GLN K 80 -44.72 -18.79 -73.48
C GLN K 80 -44.16 -17.81 -74.51
N ASN K 81 -44.43 -16.51 -74.36
CA ASN K 81 -43.90 -15.53 -75.31
C ASN K 81 -43.44 -14.23 -74.66
N ASP K 82 -42.14 -14.00 -74.72
CA ASP K 82 -41.53 -12.80 -74.14
C ASP K 82 -41.55 -11.61 -75.09
N GLY K 83 -42.30 -11.72 -76.18
CA GLY K 83 -42.36 -10.62 -77.13
C GLY K 83 -41.15 -10.55 -78.05
N PRO K 84 -41.05 -9.47 -78.83
CA PRO K 84 -39.97 -9.22 -79.79
C PRO K 84 -38.54 -9.22 -79.27
N SER K 85 -38.32 -8.63 -78.10
CA SER K 85 -36.97 -8.57 -77.52
C SER K 85 -36.96 -9.09 -76.09
N PRO K 86 -36.79 -10.41 -75.91
CA PRO K 86 -36.77 -11.01 -74.56
C PRO K 86 -35.56 -10.64 -73.68
N VAL K 87 -35.83 -10.41 -72.40
CA VAL K 87 -34.81 -10.04 -71.41
C VAL K 87 -34.59 -11.20 -70.43
N VAL K 88 -33.33 -11.44 -70.07
CA VAL K 88 -32.97 -12.51 -69.14
C VAL K 88 -33.71 -13.80 -69.51
N GLN K 89 -33.63 -14.14 -70.79
CA GLN K 89 -34.29 -15.32 -71.30
C GLN K 89 -33.52 -16.60 -71.04
N ILE K 90 -34.24 -17.56 -70.48
CA ILE K 90 -33.67 -18.85 -70.17
C ILE K 90 -34.00 -19.83 -71.31
N ILE K 91 -33.00 -20.53 -71.81
CA ILE K 91 -33.23 -21.48 -72.89
C ILE K 91 -33.69 -22.82 -72.31
N TYR K 92 -34.72 -23.39 -72.90
CA TYR K 92 -35.27 -24.65 -72.41
C TYR K 92 -35.14 -25.82 -73.37
N SER K 93 -34.94 -27.00 -72.80
CA SER K 93 -34.82 -28.23 -73.58
C SER K 93 -36.20 -28.60 -74.10
N GLU K 94 -36.23 -29.57 -75.01
CA GLU K 94 -37.48 -30.04 -75.58
C GLU K 94 -38.43 -30.56 -74.52
N LYS K 95 -37.92 -31.42 -73.64
CA LYS K 95 -38.71 -31.98 -72.57
C LYS K 95 -39.27 -30.91 -71.63
N PHE K 96 -38.41 -29.99 -71.21
CA PHE K 96 -38.82 -28.94 -70.30
C PHE K 96 -39.97 -28.12 -70.90
N ARG K 97 -39.75 -27.59 -72.09
CA ARG K 97 -40.75 -26.78 -72.76
C ARG K 97 -42.05 -27.56 -73.00
N ASP K 98 -41.93 -28.86 -73.22
CA ASP K 98 -43.10 -29.72 -73.47
C ASP K 98 -43.97 -29.81 -72.22
N VAL K 99 -43.37 -30.14 -71.07
CA VAL K 99 -44.12 -30.24 -69.83
C VAL K 99 -44.82 -28.92 -69.48
N TYR K 100 -44.09 -27.81 -69.56
CA TYR K 100 -44.69 -26.54 -69.21
C TYR K 100 -45.68 -25.97 -70.21
N ASP K 101 -45.58 -26.40 -71.47
CA ASP K 101 -46.53 -25.92 -72.47
C ASP K 101 -47.89 -26.51 -72.16
N TYR K 102 -47.89 -27.73 -71.62
CA TYR K 102 -49.13 -28.38 -71.25
C TYR K 102 -49.59 -27.90 -69.87
N PHE K 103 -48.63 -27.57 -69.00
CA PHE K 103 -48.99 -27.06 -67.69
C PHE K 103 -49.76 -25.76 -67.91
N ARG K 104 -49.24 -24.90 -68.79
CA ARG K 104 -49.91 -23.63 -69.09
C ARG K 104 -51.32 -23.86 -69.59
N ALA K 105 -51.50 -24.90 -70.41
CA ALA K 105 -52.81 -25.23 -70.96
C ALA K 105 -53.80 -25.63 -69.87
N VAL K 106 -53.41 -26.61 -69.06
CA VAL K 106 -54.26 -27.09 -67.97
C VAL K 106 -54.57 -25.97 -66.97
N LEU K 107 -53.56 -25.16 -66.68
CA LEU K 107 -53.67 -24.06 -65.74
C LEU K 107 -54.66 -23.01 -66.26
N GLN K 108 -54.53 -22.68 -67.54
CA GLN K 108 -55.40 -21.67 -68.15
C GLN K 108 -56.87 -22.06 -68.14
N ARG K 109 -57.15 -23.36 -68.14
CA ARG K 109 -58.51 -23.85 -68.14
C ARG K 109 -58.97 -24.32 -66.78
N ASP K 110 -58.12 -24.14 -65.77
CA ASP K 110 -58.44 -24.55 -64.41
C ASP K 110 -59.01 -25.98 -64.39
N GLU K 111 -58.39 -26.87 -65.15
CA GLU K 111 -58.84 -28.25 -65.20
C GLU K 111 -58.46 -29.03 -63.94
N ARG K 112 -59.46 -29.40 -63.14
CA ARG K 112 -59.21 -30.16 -61.92
C ARG K 112 -59.21 -31.67 -62.18
N SER K 113 -58.31 -32.15 -63.04
CA SER K 113 -58.26 -33.56 -63.37
C SER K 113 -57.12 -34.34 -62.74
N GLU K 114 -57.23 -35.67 -62.83
CA GLU K 114 -56.20 -36.55 -62.30
C GLU K 114 -54.95 -36.46 -63.16
N ARG K 115 -55.13 -36.19 -64.45
CA ARG K 115 -53.98 -36.09 -65.34
C ARG K 115 -53.21 -34.80 -65.06
N ALA K 116 -53.94 -33.77 -64.63
CA ALA K 116 -53.32 -32.49 -64.30
C ALA K 116 -52.47 -32.67 -63.04
N PHE K 117 -53.01 -33.40 -62.07
CA PHE K 117 -52.31 -33.66 -60.82
C PHE K 117 -50.98 -34.36 -61.10
N LYS K 118 -51.00 -35.35 -62.00
CA LYS K 118 -49.78 -36.08 -62.35
C LYS K 118 -48.78 -35.18 -63.10
N LEU K 119 -49.32 -34.25 -63.88
CA LEU K 119 -48.48 -33.32 -64.63
C LEU K 119 -47.71 -32.39 -63.68
N THR K 120 -48.32 -32.00 -62.57
CA THR K 120 -47.63 -31.12 -61.62
C THR K 120 -46.41 -31.79 -61.04
N ARG K 121 -46.46 -33.12 -60.90
CA ARG K 121 -45.33 -33.84 -60.33
C ARG K 121 -44.10 -33.63 -61.23
N ASP K 122 -44.33 -33.64 -62.54
CA ASP K 122 -43.25 -33.45 -63.52
C ASP K 122 -42.77 -31.99 -63.54
N ALA K 123 -43.72 -31.06 -63.44
CA ALA K 123 -43.42 -29.65 -63.44
C ALA K 123 -42.53 -29.32 -62.23
N ILE K 124 -42.83 -29.95 -61.10
CA ILE K 124 -42.07 -29.73 -59.88
C ILE K 124 -40.67 -30.34 -59.98
N GLU K 125 -40.56 -31.48 -60.66
CA GLU K 125 -39.25 -32.10 -60.81
C GLU K 125 -38.36 -31.22 -61.67
N LEU K 126 -38.97 -30.51 -62.61
CA LEU K 126 -38.23 -29.61 -63.48
C LEU K 126 -37.89 -28.28 -62.78
N ASN K 127 -38.77 -27.82 -61.89
CA ASN K 127 -38.54 -26.57 -61.19
C ASN K 127 -39.41 -26.45 -59.93
N ALA K 128 -38.84 -26.82 -58.79
CA ALA K 128 -39.57 -26.77 -57.53
C ALA K 128 -39.75 -25.37 -56.96
N ALA K 129 -39.18 -24.37 -57.62
CA ALA K 129 -39.29 -22.99 -57.15
C ALA K 129 -40.46 -22.23 -57.76
N ASN K 130 -41.24 -22.91 -58.60
CA ASN K 130 -42.40 -22.28 -59.24
C ASN K 130 -43.58 -22.30 -58.27
N TYR K 131 -43.80 -21.19 -57.58
CA TYR K 131 -44.88 -21.10 -56.60
C TYR K 131 -46.27 -21.33 -57.16
N THR K 132 -46.49 -21.00 -58.44
CA THR K 132 -47.81 -21.20 -59.05
C THR K 132 -48.12 -22.69 -59.18
N VAL K 133 -47.11 -23.48 -59.54
CA VAL K 133 -47.30 -24.91 -59.66
C VAL K 133 -47.71 -25.51 -58.31
N TRP K 134 -47.05 -25.08 -57.23
CA TRP K 134 -47.41 -25.61 -55.91
C TRP K 134 -48.83 -25.22 -55.49
N HIS K 135 -49.24 -24.00 -55.82
CA HIS K 135 -50.58 -23.57 -55.48
C HIS K 135 -51.62 -24.44 -56.19
N PHE K 136 -51.44 -24.61 -57.50
CA PHE K 136 -52.35 -25.42 -58.30
C PHE K 136 -52.41 -26.85 -57.78
N ARG K 137 -51.25 -27.39 -57.41
CA ARG K 137 -51.21 -28.74 -56.89
C ARG K 137 -52.06 -28.82 -55.61
N ARG K 138 -52.06 -27.75 -54.80
CA ARG K 138 -52.85 -27.74 -53.57
C ARG K 138 -54.33 -27.67 -53.92
N VAL K 139 -54.67 -26.92 -54.96
CA VAL K 139 -56.06 -26.82 -55.40
C VAL K 139 -56.53 -28.23 -55.78
N LEU K 140 -55.70 -28.94 -56.54
CA LEU K 140 -56.02 -30.30 -56.97
C LEU K 140 -56.09 -31.26 -55.79
N LEU K 141 -55.19 -31.13 -54.83
CA LEU K 141 -55.21 -32.01 -53.67
C LEU K 141 -56.60 -31.97 -53.03
N ARG K 142 -57.16 -30.77 -52.97
CA ARG K 142 -58.48 -30.57 -52.40
C ARG K 142 -59.59 -31.10 -53.33
N SER K 143 -59.62 -30.61 -54.57
CA SER K 143 -60.61 -31.03 -55.56
C SER K 143 -60.74 -32.54 -55.73
N LEU K 144 -59.59 -33.23 -55.79
CA LEU K 144 -59.61 -34.67 -55.98
C LEU K 144 -59.58 -35.43 -54.66
N GLN K 145 -59.64 -34.70 -53.54
CA GLN K 145 -59.62 -35.31 -52.23
C GLN K 145 -58.54 -36.40 -52.13
N LYS K 146 -57.29 -36.02 -52.37
CA LYS K 146 -56.15 -36.95 -52.33
C LYS K 146 -55.74 -37.26 -50.91
N ASP K 147 -55.04 -38.37 -50.72
CA ASP K 147 -54.56 -38.78 -49.41
C ASP K 147 -53.43 -37.86 -48.98
N LEU K 148 -53.69 -37.01 -48.00
CA LEU K 148 -52.69 -36.06 -47.52
C LEU K 148 -51.53 -36.73 -46.82
N GLN K 149 -51.74 -37.89 -46.23
CA GLN K 149 -50.66 -38.59 -45.56
C GLN K 149 -49.64 -39.01 -46.61
N GLU K 150 -50.11 -39.22 -47.83
CA GLU K 150 -49.24 -39.62 -48.93
C GLU K 150 -48.45 -38.38 -49.39
N GLU K 151 -49.12 -37.24 -49.44
CA GLU K 151 -48.48 -36.00 -49.85
C GLU K 151 -47.38 -35.63 -48.84
N MET K 152 -47.56 -35.98 -47.57
CA MET K 152 -46.55 -35.70 -46.57
C MET K 152 -45.26 -36.46 -46.89
N ASN K 153 -45.39 -37.68 -47.39
CA ASN K 153 -44.21 -38.45 -47.73
C ASN K 153 -43.51 -37.76 -48.89
N TYR K 154 -44.32 -37.32 -49.85
CA TYR K 154 -43.81 -36.64 -51.03
C TYR K 154 -43.00 -35.38 -50.66
N ILE K 155 -43.63 -34.46 -49.94
CA ILE K 155 -42.96 -33.23 -49.56
C ILE K 155 -41.77 -33.52 -48.65
N ILE K 156 -41.83 -34.57 -47.85
CA ILE K 156 -40.72 -34.90 -46.97
C ILE K 156 -39.47 -35.23 -47.79
N ALA K 157 -39.66 -35.92 -48.91
CA ALA K 157 -38.54 -36.28 -49.78
C ALA K 157 -38.03 -35.06 -50.54
N ILE K 158 -38.96 -34.23 -51.03
CA ILE K 158 -38.60 -33.03 -51.77
C ILE K 158 -37.73 -32.07 -50.94
N ILE K 159 -38.16 -31.80 -49.71
CA ILE K 159 -37.44 -30.89 -48.85
C ILE K 159 -36.03 -31.38 -48.54
N GLU K 160 -35.86 -32.70 -48.43
CA GLU K 160 -34.53 -33.23 -48.15
C GLU K 160 -33.57 -32.96 -49.29
N GLU K 161 -34.09 -32.89 -50.50
CA GLU K 161 -33.26 -32.62 -51.67
C GLU K 161 -33.04 -31.12 -51.86
N GLN K 162 -33.99 -30.31 -51.38
CA GLN K 162 -33.90 -28.87 -51.53
C GLN K 162 -34.34 -28.17 -50.26
N PRO K 163 -33.53 -28.28 -49.20
CA PRO K 163 -33.82 -27.68 -47.91
C PRO K 163 -33.77 -26.15 -47.78
N LYS K 164 -33.37 -25.45 -48.83
CA LYS K 164 -33.29 -24.00 -48.79
C LYS K 164 -34.29 -23.33 -49.73
N ASN K 165 -35.29 -24.09 -50.16
CA ASN K 165 -36.34 -23.62 -51.07
C ASN K 165 -37.55 -23.09 -50.25
N TYR K 166 -37.98 -21.86 -50.52
CA TYR K 166 -39.11 -21.28 -49.78
C TYR K 166 -40.46 -21.96 -50.05
N GLN K 167 -40.73 -22.28 -51.30
CA GLN K 167 -41.99 -22.89 -51.68
C GLN K 167 -42.28 -24.26 -51.05
N VAL K 168 -41.24 -25.09 -50.90
CA VAL K 168 -41.45 -26.41 -50.30
C VAL K 168 -41.75 -26.35 -48.81
N TRP K 169 -41.14 -25.41 -48.10
CA TRP K 169 -41.42 -25.28 -46.68
C TRP K 169 -42.83 -24.75 -46.45
N HIS K 170 -43.26 -23.86 -47.35
CA HIS K 170 -44.60 -23.31 -47.24
C HIS K 170 -45.62 -24.41 -47.48
N HIS K 171 -45.36 -25.28 -48.46
CA HIS K 171 -46.26 -26.36 -48.80
C HIS K 171 -46.47 -27.30 -47.60
N ARG K 172 -45.36 -27.69 -46.95
CA ARG K 172 -45.44 -28.59 -45.80
C ARG K 172 -46.23 -27.95 -44.67
N ARG K 173 -46.06 -26.64 -44.47
CA ARG K 173 -46.77 -25.97 -43.40
C ARG K 173 -48.29 -25.98 -43.66
N VAL K 174 -48.68 -25.79 -44.91
CA VAL K 174 -50.09 -25.82 -45.24
C VAL K 174 -50.68 -27.20 -44.97
N LEU K 175 -49.93 -28.24 -45.34
CA LEU K 175 -50.36 -29.62 -45.11
C LEU K 175 -50.56 -29.91 -43.63
N VAL K 176 -49.58 -29.55 -42.82
CA VAL K 176 -49.69 -29.79 -41.39
C VAL K 176 -50.90 -29.05 -40.81
N GLU K 177 -51.20 -27.85 -41.32
CA GLU K 177 -52.37 -27.10 -40.85
C GLU K 177 -53.63 -27.89 -41.23
N TRP K 178 -53.67 -28.42 -42.45
CA TRP K 178 -54.80 -29.21 -42.94
C TRP K 178 -55.05 -30.46 -42.10
N LEU K 179 -53.99 -31.20 -41.82
CA LEU K 179 -54.11 -32.42 -41.05
C LEU K 179 -54.25 -32.19 -39.56
N LYS K 180 -53.83 -31.02 -39.09
CA LYS K 180 -53.85 -30.71 -37.66
C LYS K 180 -53.07 -31.83 -36.96
N ASP K 181 -52.06 -32.36 -37.65
CA ASP K 181 -51.23 -33.44 -37.14
C ASP K 181 -49.74 -33.07 -37.12
N PRO K 182 -49.18 -32.78 -35.94
CA PRO K 182 -47.77 -32.42 -35.88
C PRO K 182 -46.84 -33.55 -35.43
N SER K 183 -47.38 -34.75 -35.28
CA SER K 183 -46.61 -35.89 -34.78
C SER K 183 -45.30 -36.21 -35.48
N GLN K 184 -45.17 -35.84 -36.75
CA GLN K 184 -43.95 -36.10 -37.53
C GLN K 184 -42.94 -34.94 -37.52
N GLU K 185 -43.43 -33.72 -37.35
CA GLU K 185 -42.60 -32.53 -37.41
C GLU K 185 -41.28 -32.43 -36.63
N LEU K 186 -41.30 -32.54 -35.32
CA LEU K 186 -40.05 -32.40 -34.56
C LEU K 186 -38.91 -33.34 -34.99
N GLU K 187 -39.25 -34.56 -35.37
CA GLU K 187 -38.22 -35.51 -35.78
C GLU K 187 -37.72 -35.21 -37.19
N PHE K 188 -38.63 -34.77 -38.05
CA PHE K 188 -38.28 -34.44 -39.42
C PHE K 188 -37.29 -33.28 -39.43
N ILE K 189 -37.62 -32.23 -38.68
CA ILE K 189 -36.78 -31.05 -38.59
C ILE K 189 -35.43 -31.39 -37.99
N ALA K 190 -35.41 -32.27 -36.99
CA ALA K 190 -34.14 -32.67 -36.38
C ALA K 190 -33.23 -33.31 -37.44
N ASP K 191 -33.82 -34.05 -38.38
CA ASP K 191 -33.03 -34.66 -39.43
C ASP K 191 -32.45 -33.62 -40.36
N ILE K 192 -33.29 -32.66 -40.77
CA ILE K 192 -32.86 -31.60 -41.66
C ILE K 192 -31.75 -30.79 -40.98
N LEU K 193 -31.91 -30.53 -39.67
CA LEU K 193 -30.91 -29.78 -38.94
C LEU K 193 -29.62 -30.56 -38.82
N ASN K 194 -29.62 -31.81 -39.27
CA ASN K 194 -28.41 -32.61 -39.22
C ASN K 194 -27.55 -32.31 -40.44
N GLN K 195 -28.17 -31.84 -41.50
CA GLN K 195 -27.44 -31.50 -42.72
C GLN K 195 -26.91 -30.06 -42.58
N ASP K 196 -27.61 -29.26 -41.78
CA ASP K 196 -27.24 -27.86 -41.55
C ASP K 196 -27.95 -27.39 -40.29
N ALA K 197 -27.21 -27.34 -39.20
CA ALA K 197 -27.77 -26.95 -37.91
C ALA K 197 -28.19 -25.49 -37.81
N LYS K 198 -28.00 -24.70 -38.88
CA LYS K 198 -28.38 -23.29 -38.83
C LYS K 198 -29.39 -22.88 -39.89
N ASN K 199 -29.91 -23.86 -40.63
CA ASN K 199 -30.89 -23.63 -41.68
C ASN K 199 -32.05 -22.78 -41.14
N TYR K 200 -32.13 -21.53 -41.57
CA TYR K 200 -33.17 -20.64 -41.09
C TYR K 200 -34.59 -21.16 -41.35
N HIS K 201 -34.82 -21.79 -42.51
CA HIS K 201 -36.13 -22.33 -42.84
C HIS K 201 -36.56 -23.38 -41.81
N ALA K 202 -35.63 -24.26 -41.44
CA ALA K 202 -35.90 -25.33 -40.50
C ALA K 202 -36.25 -24.82 -39.09
N TRP K 203 -35.49 -23.83 -38.61
CA TRP K 203 -35.78 -23.29 -37.29
C TRP K 203 -37.10 -22.54 -37.30
N GLN K 204 -37.40 -21.87 -38.41
CA GLN K 204 -38.64 -21.13 -38.52
C GLN K 204 -39.83 -22.10 -38.44
N HIS K 205 -39.73 -23.20 -39.18
CA HIS K 205 -40.79 -24.19 -39.21
C HIS K 205 -40.94 -24.83 -37.82
N ARG K 206 -39.81 -25.10 -37.15
CA ARG K 206 -39.83 -25.72 -35.83
C ARG K 206 -40.55 -24.83 -34.81
N GLN K 207 -40.30 -23.52 -34.85
CA GLN K 207 -40.97 -22.62 -33.92
C GLN K 207 -42.45 -22.54 -34.22
N TRP K 208 -42.81 -22.53 -35.49
CA TRP K 208 -44.22 -22.48 -35.85
C TRP K 208 -44.95 -23.68 -35.28
N VAL K 209 -44.40 -24.87 -35.50
CA VAL K 209 -45.01 -26.08 -35.01
C VAL K 209 -45.19 -26.07 -33.51
N ILE K 210 -44.11 -25.81 -32.80
CA ILE K 210 -44.14 -25.80 -31.34
C ILE K 210 -45.19 -24.83 -30.79
N GLN K 211 -45.26 -23.65 -31.38
CA GLN K 211 -46.18 -22.65 -30.91
C GLN K 211 -47.63 -23.02 -31.22
N GLU K 212 -47.86 -23.45 -32.46
CA GLU K 212 -49.18 -23.82 -32.94
C GLU K 212 -49.82 -25.02 -32.25
N PHE K 213 -49.03 -26.01 -31.89
CA PHE K 213 -49.56 -27.20 -31.26
C PHE K 213 -49.13 -27.37 -29.81
N ARG K 214 -48.55 -26.30 -29.25
CA ARG K 214 -48.09 -26.28 -27.86
C ARG K 214 -47.22 -27.49 -27.49
N LEU K 215 -46.11 -27.67 -28.20
CA LEU K 215 -45.21 -28.80 -27.94
C LEU K 215 -43.92 -28.35 -27.24
N TRP K 216 -44.06 -27.66 -26.10
CA TRP K 216 -42.89 -27.16 -25.37
C TRP K 216 -42.18 -28.18 -24.50
N ASP K 217 -42.91 -29.20 -24.05
CA ASP K 217 -42.39 -30.22 -23.16
C ASP K 217 -40.96 -30.71 -23.27
N ASN K 218 -40.46 -30.94 -24.48
CA ASN K 218 -39.10 -31.46 -24.61
C ASN K 218 -38.09 -30.58 -25.34
N GLU K 219 -38.50 -29.37 -25.72
CA GLU K 219 -37.61 -28.51 -26.46
C GLU K 219 -36.40 -28.03 -25.66
N LEU K 220 -36.58 -27.70 -24.38
CA LEU K 220 -35.45 -27.23 -23.59
C LEU K 220 -34.36 -28.31 -23.50
N GLN K 221 -34.77 -29.57 -23.56
CA GLN K 221 -33.81 -30.66 -23.49
C GLN K 221 -33.11 -30.81 -24.83
N TYR K 222 -33.85 -30.61 -25.91
CA TYR K 222 -33.30 -30.72 -27.26
C TYR K 222 -32.22 -29.65 -27.41
N VAL K 223 -32.51 -28.46 -26.87
CA VAL K 223 -31.61 -27.34 -26.91
C VAL K 223 -30.35 -27.67 -26.16
N ASP K 224 -30.48 -28.26 -24.97
CA ASP K 224 -29.31 -28.63 -24.17
C ASP K 224 -28.41 -29.61 -24.91
N GLN K 225 -29.02 -30.52 -25.63
CA GLN K 225 -28.28 -31.51 -26.40
C GLN K 225 -27.49 -30.87 -27.53
N LEU K 226 -28.15 -30.00 -28.30
CA LEU K 226 -27.49 -29.32 -29.41
C LEU K 226 -26.37 -28.37 -28.97
N LEU K 227 -26.55 -27.73 -27.82
CA LEU K 227 -25.51 -26.82 -27.34
C LEU K 227 -24.24 -27.58 -26.95
N LYS K 228 -24.38 -28.87 -26.68
CA LYS K 228 -23.21 -29.68 -26.34
C LYS K 228 -22.50 -30.04 -27.62
N GLU K 229 -23.25 -30.20 -28.72
CA GLU K 229 -22.65 -30.53 -30.00
C GLU K 229 -21.86 -29.36 -30.58
N ASP K 230 -22.34 -28.14 -30.34
CA ASP K 230 -21.71 -26.93 -30.82
C ASP K 230 -22.24 -25.72 -30.06
N VAL K 231 -21.51 -25.34 -29.03
CA VAL K 231 -21.88 -24.21 -28.17
C VAL K 231 -21.86 -22.86 -28.89
N ARG K 232 -21.38 -22.84 -30.13
CA ARG K 232 -21.33 -21.61 -30.89
C ARG K 232 -22.49 -21.43 -31.86
N ASN K 233 -23.42 -22.39 -31.91
CA ASN K 233 -24.56 -22.28 -32.80
C ASN K 233 -25.56 -21.24 -32.27
N ASN K 234 -25.54 -20.05 -32.87
CA ASN K 234 -26.40 -18.96 -32.47
C ASN K 234 -27.89 -19.29 -32.55
N SER K 235 -28.27 -20.16 -33.48
CA SER K 235 -29.68 -20.55 -33.67
C SER K 235 -30.22 -21.29 -32.45
N VAL K 236 -29.36 -22.08 -31.81
CA VAL K 236 -29.74 -22.85 -30.64
C VAL K 236 -29.91 -21.96 -29.41
N TRP K 237 -29.05 -20.95 -29.25
CA TRP K 237 -29.20 -20.04 -28.12
C TRP K 237 -30.53 -19.28 -28.30
N ASN K 238 -30.88 -18.95 -29.54
CA ASN K 238 -32.12 -18.25 -29.77
C ASN K 238 -33.28 -19.17 -29.40
N GLN K 239 -33.14 -20.45 -29.75
CA GLN K 239 -34.21 -21.40 -29.43
C GLN K 239 -34.41 -21.51 -27.92
N ARG K 240 -33.31 -21.49 -27.19
CA ARG K 240 -33.39 -21.58 -25.75
C ARG K 240 -34.20 -20.42 -25.18
N HIS K 241 -33.95 -19.21 -25.66
CA HIS K 241 -34.69 -18.05 -25.19
C HIS K 241 -36.17 -18.16 -25.61
N PHE K 242 -36.40 -18.72 -26.78
CA PHE K 242 -37.74 -18.93 -27.33
C PHE K 242 -38.56 -19.83 -26.38
N VAL K 243 -38.00 -20.98 -26.01
CA VAL K 243 -38.66 -21.92 -25.11
C VAL K 243 -38.96 -21.32 -23.74
N ILE K 244 -37.93 -20.81 -23.07
CA ILE K 244 -38.10 -20.25 -21.75
C ILE K 244 -39.06 -19.07 -21.67
N SER K 245 -38.89 -18.08 -22.54
CA SER K 245 -39.78 -16.92 -22.46
C SER K 245 -41.22 -17.27 -22.80
N ASN K 246 -41.45 -18.42 -23.41
CA ASN K 246 -42.81 -18.83 -23.75
C ASN K 246 -43.38 -19.84 -22.77
N THR K 247 -42.61 -20.19 -21.74
CA THR K 247 -43.11 -21.14 -20.75
C THR K 247 -43.05 -20.50 -19.36
N THR K 248 -41.93 -20.67 -18.66
CA THR K 248 -41.79 -20.09 -17.32
C THR K 248 -41.54 -18.58 -17.32
N GLY K 249 -40.83 -18.09 -18.33
CA GLY K 249 -40.51 -16.67 -18.36
C GLY K 249 -39.23 -16.47 -17.56
N TYR K 250 -38.73 -15.23 -17.49
CA TYR K 250 -37.49 -14.99 -16.74
C TYR K 250 -37.69 -14.23 -15.43
N SER K 251 -38.92 -13.80 -15.16
CA SER K 251 -39.23 -13.04 -13.96
C SER K 251 -39.12 -13.90 -12.70
N ASP K 252 -39.11 -15.21 -12.86
CA ASP K 252 -38.96 -16.10 -11.71
C ASP K 252 -37.48 -16.12 -11.34
N ARG K 253 -37.11 -15.45 -10.26
CA ARG K 253 -35.73 -15.37 -9.81
C ARG K 253 -34.97 -16.70 -9.80
N ALA K 254 -35.69 -17.79 -9.59
CA ALA K 254 -35.03 -19.09 -9.58
C ALA K 254 -34.60 -19.46 -10.99
N VAL K 255 -35.44 -19.12 -11.96
CA VAL K 255 -35.13 -19.42 -13.36
C VAL K 255 -34.01 -18.52 -13.87
N LEU K 256 -34.12 -17.23 -13.57
CA LEU K 256 -33.11 -16.27 -13.99
C LEU K 256 -31.73 -16.71 -13.48
N GLU K 257 -31.67 -17.14 -12.22
CA GLU K 257 -30.41 -17.58 -11.66
C GLU K 257 -29.90 -18.84 -12.34
N ARG K 258 -30.80 -19.77 -12.61
CA ARG K 258 -30.42 -21.02 -13.27
C ARG K 258 -29.81 -20.71 -14.63
N GLU K 259 -30.45 -19.81 -15.38
CA GLU K 259 -29.99 -19.43 -16.70
C GLU K 259 -28.68 -18.64 -16.70
N VAL K 260 -28.57 -17.66 -15.80
CA VAL K 260 -27.34 -16.88 -15.73
C VAL K 260 -26.17 -17.79 -15.35
N GLN K 261 -26.45 -18.77 -14.50
CA GLN K 261 -25.40 -19.69 -14.07
C GLN K 261 -25.01 -20.63 -15.20
N TYR K 262 -26.01 -21.11 -15.93
CA TYR K 262 -25.80 -22.02 -17.06
C TYR K 262 -24.92 -21.37 -18.12
N THR K 263 -25.20 -20.10 -18.40
CA THR K 263 -24.48 -19.35 -19.40
C THR K 263 -23.04 -19.10 -18.97
N LEU K 264 -22.82 -18.69 -17.72
CA LEU K 264 -21.46 -18.46 -17.25
C LEU K 264 -20.63 -19.75 -17.37
N GLU K 265 -21.29 -20.89 -17.24
CA GLU K 265 -20.59 -22.15 -17.36
C GLU K 265 -20.15 -22.39 -18.80
N MET K 266 -21.02 -22.02 -19.74
CA MET K 266 -20.71 -22.21 -21.16
C MET K 266 -19.60 -21.24 -21.56
N ILE K 267 -19.65 -20.04 -20.99
CA ILE K 267 -18.65 -19.03 -21.28
C ILE K 267 -17.28 -19.50 -20.77
N LYS K 268 -17.26 -20.18 -19.62
CA LYS K 268 -16.01 -20.68 -19.08
C LYS K 268 -15.42 -21.77 -19.99
N LEU K 269 -16.27 -22.51 -20.68
CA LEU K 269 -15.79 -23.56 -21.58
C LEU K 269 -15.22 -23.00 -22.87
N VAL K 270 -15.85 -21.94 -23.39
CA VAL K 270 -15.42 -21.29 -24.63
C VAL K 270 -15.71 -19.81 -24.44
N PRO K 271 -14.76 -19.07 -23.83
CA PRO K 271 -14.87 -17.64 -23.55
C PRO K 271 -15.14 -16.73 -24.76
N HIS K 272 -14.62 -17.10 -25.91
CA HIS K 272 -14.81 -16.29 -27.10
C HIS K 272 -16.02 -16.80 -27.89
N ASN K 273 -17.21 -16.42 -27.44
CA ASN K 273 -18.45 -16.84 -28.07
C ASN K 273 -19.50 -15.74 -27.92
N GLU K 274 -19.70 -14.98 -28.99
CA GLU K 274 -20.65 -13.89 -28.97
C GLU K 274 -22.06 -14.33 -28.57
N SER K 275 -22.49 -15.50 -29.05
CA SER K 275 -23.82 -16.02 -28.76
C SER K 275 -24.10 -16.14 -27.26
N ALA K 276 -23.20 -16.79 -26.54
CA ALA K 276 -23.37 -16.94 -25.10
C ALA K 276 -23.43 -15.57 -24.42
N TRP K 277 -22.53 -14.66 -24.78
CA TRP K 277 -22.51 -13.33 -24.16
C TRP K 277 -23.76 -12.54 -24.49
N ASN K 278 -24.27 -12.70 -25.72
CA ASN K 278 -25.47 -11.98 -26.13
C ASN K 278 -26.69 -12.46 -25.35
N TYR K 279 -26.74 -13.76 -25.05
CA TYR K 279 -27.84 -14.35 -24.30
C TYR K 279 -27.78 -13.81 -22.87
N LEU K 280 -26.60 -13.86 -22.27
CA LEU K 280 -26.43 -13.35 -20.91
C LEU K 280 -26.88 -11.90 -20.80
N LYS K 281 -26.43 -11.05 -21.72
CA LYS K 281 -26.82 -9.65 -21.65
C LYS K 281 -28.29 -9.49 -21.99
N GLY K 282 -28.76 -10.34 -22.89
CA GLY K 282 -30.15 -10.27 -23.31
C GLY K 282 -31.16 -10.48 -22.22
N ILE K 283 -30.92 -11.45 -21.34
CA ILE K 283 -31.86 -11.73 -20.26
C ILE K 283 -31.71 -10.82 -19.04
N LEU K 284 -30.73 -9.92 -19.05
CA LEU K 284 -30.53 -9.01 -17.92
C LEU K 284 -30.64 -7.53 -18.28
N GLN K 285 -30.37 -7.17 -19.53
CA GLN K 285 -30.37 -5.76 -19.93
C GLN K 285 -31.61 -4.95 -19.60
N ASP K 286 -32.78 -5.57 -19.62
CA ASP K 286 -33.98 -4.81 -19.33
C ASP K 286 -34.32 -4.69 -17.87
N ARG K 287 -33.76 -5.57 -17.03
CA ARG K 287 -34.00 -5.47 -15.60
C ARG K 287 -32.98 -4.46 -15.05
N GLY K 288 -31.90 -4.24 -15.80
CA GLY K 288 -30.87 -3.29 -15.39
C GLY K 288 -29.59 -3.99 -14.97
N LEU K 289 -28.57 -3.92 -15.81
CA LEU K 289 -27.30 -4.57 -15.52
C LEU K 289 -26.64 -4.15 -14.20
N SER K 290 -26.82 -2.90 -13.81
CA SER K 290 -26.20 -2.42 -12.58
C SER K 290 -26.90 -2.95 -11.32
N ARG K 291 -28.07 -3.57 -11.48
CA ARG K 291 -28.81 -4.11 -10.32
C ARG K 291 -28.25 -5.45 -9.82
N TYR K 292 -27.25 -6.00 -10.50
CA TYR K 292 -26.67 -7.29 -10.12
C TYR K 292 -25.19 -7.18 -9.72
N PRO K 293 -24.93 -6.61 -8.53
CA PRO K 293 -23.60 -6.39 -7.94
C PRO K 293 -22.62 -7.56 -7.99
N ASN K 294 -23.10 -8.76 -7.70
CA ASN K 294 -22.20 -9.92 -7.72
C ASN K 294 -21.76 -10.27 -9.14
N LEU K 295 -22.56 -9.87 -10.12
CA LEU K 295 -22.22 -10.18 -11.52
C LEU K 295 -20.98 -9.38 -11.92
N LEU K 296 -20.98 -8.10 -11.58
CA LEU K 296 -19.85 -7.22 -11.88
C LEU K 296 -18.55 -7.78 -11.35
N ASN K 297 -18.56 -8.24 -10.11
CA ASN K 297 -17.35 -8.80 -9.50
C ASN K 297 -16.94 -10.14 -10.10
N GLN K 298 -17.91 -10.99 -10.39
CA GLN K 298 -17.57 -12.29 -10.97
C GLN K 298 -16.91 -12.09 -12.33
N LEU K 299 -17.37 -11.08 -13.05
CA LEU K 299 -16.81 -10.79 -14.37
C LEU K 299 -15.41 -10.21 -14.23
N LEU K 300 -15.23 -9.28 -13.28
CA LEU K 300 -13.91 -8.69 -13.07
C LEU K 300 -12.89 -9.76 -12.69
N ASP K 301 -13.38 -10.86 -12.15
CA ASP K 301 -12.53 -11.98 -11.74
C ASP K 301 -12.16 -12.87 -12.91
N LEU K 302 -13.05 -13.00 -13.88
CA LEU K 302 -12.79 -13.81 -15.07
C LEU K 302 -11.82 -13.09 -15.99
N GLN K 303 -11.80 -11.77 -15.91
CA GLN K 303 -10.96 -10.95 -16.78
C GLN K 303 -9.52 -11.44 -16.96
N PRO K 304 -8.82 -11.76 -15.86
CA PRO K 304 -7.44 -12.25 -15.99
C PRO K 304 -7.26 -13.43 -16.95
N SER K 305 -8.09 -14.46 -16.82
CA SER K 305 -7.99 -15.64 -17.70
C SER K 305 -8.97 -15.67 -18.88
N HIS K 306 -10.26 -15.84 -18.60
CA HIS K 306 -11.28 -15.90 -19.65
C HIS K 306 -11.63 -14.54 -20.28
N SER K 307 -10.64 -13.72 -20.57
CA SER K 307 -10.92 -12.43 -21.18
C SER K 307 -11.29 -12.54 -22.66
N SER K 308 -11.95 -11.51 -23.18
CA SER K 308 -12.36 -11.45 -24.57
C SER K 308 -12.97 -10.07 -24.76
N PRO K 309 -13.13 -9.63 -26.02
CA PRO K 309 -13.73 -8.31 -26.24
C PRO K 309 -15.19 -8.28 -25.76
N TYR K 310 -15.84 -9.44 -25.81
CA TYR K 310 -17.23 -9.56 -25.37
C TYR K 310 -17.36 -9.30 -23.87
N LEU K 311 -16.38 -9.76 -23.10
CA LEU K 311 -16.38 -9.53 -21.66
C LEU K 311 -16.17 -8.05 -21.34
N ILE K 312 -15.17 -7.44 -21.98
CA ILE K 312 -14.87 -6.03 -21.76
C ILE K 312 -16.09 -5.16 -22.11
N ALA K 313 -16.76 -5.50 -23.22
CA ALA K 313 -17.94 -4.75 -23.67
C ALA K 313 -19.09 -4.87 -22.68
N PHE K 314 -19.20 -6.04 -22.04
CA PHE K 314 -20.25 -6.25 -21.07
C PHE K 314 -19.97 -5.30 -19.90
N LEU K 315 -18.71 -5.22 -19.48
CA LEU K 315 -18.31 -4.34 -18.39
C LEU K 315 -18.69 -2.88 -18.72
N VAL K 316 -18.33 -2.42 -19.91
CA VAL K 316 -18.67 -1.06 -20.32
C VAL K 316 -20.18 -0.81 -20.18
N ASP K 317 -20.97 -1.78 -20.61
CA ASP K 317 -22.43 -1.69 -20.55
C ASP K 317 -22.96 -1.67 -19.10
N ILE K 318 -22.29 -2.41 -18.21
CA ILE K 318 -22.69 -2.40 -16.81
C ILE K 318 -22.41 -0.99 -16.28
N TYR K 319 -21.18 -0.50 -16.49
CA TYR K 319 -20.85 0.85 -16.04
C TYR K 319 -21.80 1.89 -16.62
N GLU K 320 -22.15 1.74 -17.89
CA GLU K 320 -23.06 2.70 -18.48
C GLU K 320 -24.43 2.69 -17.79
N ASP K 321 -24.91 1.51 -17.42
CA ASP K 321 -26.20 1.44 -16.73
C ASP K 321 -26.10 2.14 -15.36
N MET K 322 -24.95 2.02 -14.70
CA MET K 322 -24.77 2.70 -13.41
C MET K 322 -24.88 4.20 -13.62
N LEU K 323 -24.15 4.74 -14.59
CA LEU K 323 -24.20 6.18 -14.85
C LEU K 323 -25.63 6.59 -15.17
N GLU K 324 -26.36 5.70 -15.81
CA GLU K 324 -27.74 5.94 -16.20
C GLU K 324 -28.65 6.09 -14.99
N ASN K 325 -28.29 5.43 -13.91
CA ASN K 325 -29.06 5.45 -12.67
C ASN K 325 -28.41 6.28 -11.57
N GLN K 326 -27.86 7.44 -11.95
CA GLN K 326 -27.19 8.36 -11.02
C GLN K 326 -26.56 7.61 -9.83
N CYS K 327 -25.50 6.86 -10.10
CA CYS K 327 -24.83 6.09 -9.05
C CYS K 327 -23.88 6.97 -8.24
N ASP K 328 -23.15 6.34 -7.32
CA ASP K 328 -22.19 7.04 -6.49
C ASP K 328 -20.83 7.01 -7.17
N ASN K 329 -20.14 8.16 -7.17
CA ASN K 329 -18.82 8.30 -7.79
C ASN K 329 -18.99 8.39 -9.30
N LYS K 330 -20.01 9.13 -9.73
CA LYS K 330 -20.28 9.27 -11.15
C LYS K 330 -19.02 9.47 -11.99
N GLU K 331 -18.16 10.40 -11.61
CA GLU K 331 -16.94 10.66 -12.38
C GLU K 331 -15.94 9.51 -12.36
N ASP K 332 -15.92 8.74 -11.28
CA ASP K 332 -14.99 7.63 -11.18
C ASP K 332 -15.44 6.42 -12.03
N ILE K 333 -16.76 6.23 -12.14
CA ILE K 333 -17.32 5.13 -12.92
C ILE K 333 -17.13 5.44 -14.40
N LEU K 334 -17.37 6.70 -14.76
CA LEU K 334 -17.20 7.17 -16.13
C LEU K 334 -15.76 6.92 -16.58
N ASN K 335 -14.80 7.14 -15.68
CA ASN K 335 -13.41 6.92 -16.04
C ASN K 335 -13.13 5.44 -16.23
N LYS K 336 -13.80 4.59 -15.45
CA LYS K 336 -13.62 3.14 -15.59
C LYS K 336 -14.11 2.70 -16.96
N ALA K 337 -15.21 3.32 -17.41
CA ALA K 337 -15.79 3.00 -18.70
C ALA K 337 -14.85 3.45 -19.83
N LEU K 338 -14.44 4.70 -19.78
CA LEU K 338 -13.56 5.26 -20.78
C LEU K 338 -12.26 4.47 -20.87
N GLU K 339 -11.76 4.01 -19.74
CA GLU K 339 -10.54 3.23 -19.73
C GLU K 339 -10.73 1.97 -20.59
N LEU K 340 -11.89 1.33 -20.43
CA LEU K 340 -12.21 0.11 -21.17
C LEU K 340 -12.43 0.39 -22.66
N CYS K 341 -13.11 1.48 -22.97
CA CYS K 341 -13.33 1.84 -24.37
C CYS K 341 -12.00 1.95 -25.11
N GLU K 342 -11.04 2.62 -24.46
CA GLU K 342 -9.72 2.81 -25.04
C GLU K 342 -8.96 1.48 -25.16
N ILE K 343 -9.21 0.55 -24.24
CA ILE K 343 -8.55 -0.76 -24.31
C ILE K 343 -9.10 -1.55 -25.51
N LEU K 344 -10.41 -1.46 -25.71
CA LEU K 344 -11.06 -2.13 -26.83
C LEU K 344 -10.53 -1.53 -28.14
N ALA K 345 -10.59 -0.22 -28.24
CA ALA K 345 -10.15 0.49 -29.43
C ALA K 345 -8.70 0.25 -29.82
N LYS K 346 -7.79 0.26 -28.85
CA LYS K 346 -6.40 0.06 -29.22
C LYS K 346 -5.82 -1.34 -29.04
N GLU K 347 -6.55 -2.25 -28.41
CA GLU K 347 -6.01 -3.60 -28.21
C GLU K 347 -6.93 -4.80 -28.39
N LYS K 348 -8.07 -4.77 -27.71
CA LYS K 348 -8.98 -5.90 -27.70
C LYS K 348 -9.99 -6.13 -28.84
N ASP K 349 -10.44 -5.06 -29.48
CA ASP K 349 -11.41 -5.17 -30.56
C ASP K 349 -11.04 -4.07 -31.55
N THR K 350 -9.81 -4.13 -32.06
CA THR K 350 -9.31 -3.11 -32.98
C THR K 350 -10.08 -2.84 -34.27
N ILE K 351 -10.74 -3.85 -34.82
CA ILE K 351 -11.49 -3.66 -36.05
C ILE K 351 -12.60 -2.63 -35.83
N ARG K 352 -13.07 -2.51 -34.59
CA ARG K 352 -14.13 -1.55 -34.23
C ARG K 352 -13.60 -0.30 -33.51
N LYS K 353 -12.30 -0.08 -33.68
CA LYS K 353 -11.55 1.04 -33.12
C LYS K 353 -12.30 2.37 -33.16
N GLU K 354 -12.73 2.79 -34.34
CA GLU K 354 -13.45 4.05 -34.44
C GLU K 354 -14.80 4.00 -33.70
N TYR K 355 -15.44 2.83 -33.69
CA TYR K 355 -16.74 2.70 -33.02
C TYR K 355 -16.59 2.86 -31.50
N TRP K 356 -15.62 2.16 -30.93
CA TRP K 356 -15.41 2.25 -29.50
C TRP K 356 -14.98 3.65 -29.07
N ARG K 357 -14.25 4.35 -29.94
CA ARG K 357 -13.82 5.71 -29.65
C ARG K 357 -15.07 6.60 -29.68
N TYR K 358 -15.97 6.30 -30.61
CA TYR K 358 -17.23 7.04 -30.73
C TYR K 358 -18.10 6.80 -29.46
N ILE K 359 -18.10 5.57 -28.95
CA ILE K 359 -18.89 5.26 -27.76
C ILE K 359 -18.31 6.07 -26.59
N GLY K 360 -16.98 6.05 -26.47
CA GLY K 360 -16.31 6.80 -25.42
C GLY K 360 -16.68 8.27 -25.46
N ARG K 361 -16.58 8.90 -26.63
CA ARG K 361 -16.92 10.30 -26.75
C ARG K 361 -18.38 10.55 -26.35
N SER K 362 -19.25 9.58 -26.63
CA SER K 362 -20.66 9.69 -26.30
C SER K 362 -20.90 9.66 -24.80
N LEU K 363 -20.16 8.82 -24.10
CA LEU K 363 -20.29 8.71 -22.65
C LEU K 363 -19.85 10.00 -21.98
N GLN K 364 -18.74 10.57 -22.45
CA GLN K 364 -18.23 11.80 -21.88
C GLN K 364 -19.19 12.96 -22.00
N SER K 365 -19.68 13.20 -23.20
CA SER K 365 -20.59 14.32 -23.39
C SER K 365 -21.93 14.11 -22.70
N LYS K 366 -22.17 12.93 -22.17
CA LYS K 366 -23.43 12.67 -21.51
C LYS K 366 -23.33 12.63 -19.99
N HIS K 367 -22.13 12.38 -19.45
CA HIS K 367 -21.95 12.34 -18.01
C HIS K 367 -20.73 13.09 -17.48
N SER K 368 -20.75 14.41 -17.54
CA SER K 368 -19.62 15.22 -17.06
C SER K 368 -20.05 16.61 -16.57
N LEU L 18 -6.59 -5.65 -53.82
CA LEU L 18 -6.48 -5.56 -55.30
C LEU L 18 -7.26 -4.41 -55.91
N ASP L 19 -7.49 -4.49 -57.22
CA ASP L 19 -8.21 -3.46 -57.95
C ASP L 19 -9.59 -3.90 -58.46
N PHE L 20 -10.42 -2.91 -58.72
CA PHE L 20 -11.78 -3.11 -59.17
C PHE L 20 -11.86 -3.22 -60.68
N LEU L 21 -12.23 -4.39 -61.19
CA LEU L 21 -12.34 -4.63 -62.62
C LEU L 21 -13.64 -4.14 -63.25
N ARG L 22 -13.88 -2.84 -63.17
CA ARG L 22 -15.08 -2.23 -63.72
C ARG L 22 -15.54 -2.68 -65.11
N ASP L 23 -14.65 -2.66 -66.11
CA ASP L 23 -15.06 -3.06 -67.46
C ASP L 23 -15.58 -4.50 -67.52
N ARG L 24 -14.95 -5.40 -66.78
CA ARG L 24 -15.35 -6.80 -66.78
C ARG L 24 -16.73 -6.99 -66.13
N HIS L 25 -17.03 -6.19 -65.10
CA HIS L 25 -18.32 -6.30 -64.44
C HIS L 25 -19.41 -5.77 -65.36
N VAL L 26 -19.06 -4.83 -66.22
CA VAL L 26 -20.04 -4.30 -67.16
C VAL L 26 -20.43 -5.42 -68.13
N ARG L 27 -19.42 -6.16 -68.60
CA ARG L 27 -19.66 -7.27 -69.52
C ARG L 27 -20.46 -8.39 -68.85
N PHE L 28 -20.19 -8.60 -67.55
CA PHE L 28 -20.88 -9.62 -66.79
C PHE L 28 -22.37 -9.29 -66.73
N PHE L 29 -22.71 -8.06 -66.35
CA PHE L 29 -24.12 -7.67 -66.27
C PHE L 29 -24.82 -7.77 -67.62
N GLN L 30 -24.13 -7.30 -68.66
CA GLN L 30 -24.66 -7.36 -70.02
C GLN L 30 -25.03 -8.79 -70.38
N ARG L 31 -24.16 -9.72 -69.99
CA ARG L 31 -24.36 -11.13 -70.24
C ARG L 31 -25.64 -11.64 -69.55
N CYS L 32 -25.88 -11.18 -68.31
CA CYS L 32 -27.07 -11.59 -67.55
C CYS L 32 -28.38 -11.21 -68.25
N LEU L 33 -28.40 -10.05 -68.90
CA LEU L 33 -29.62 -9.58 -69.58
C LEU L 33 -29.92 -10.33 -70.85
N GLN L 34 -28.94 -11.07 -71.36
CA GLN L 34 -29.15 -11.79 -72.61
C GLN L 34 -29.76 -13.16 -72.47
N VAL L 35 -28.94 -14.20 -72.54
CA VAL L 35 -29.47 -15.56 -72.44
C VAL L 35 -28.77 -16.40 -71.39
N LEU L 36 -29.54 -17.21 -70.69
CA LEU L 36 -28.99 -18.07 -69.65
C LEU L 36 -29.21 -19.55 -69.99
N PRO L 37 -28.29 -20.42 -69.55
CA PRO L 37 -28.37 -21.87 -69.79
C PRO L 37 -29.55 -22.43 -69.00
N GLU L 38 -30.04 -23.59 -69.41
CA GLU L 38 -31.18 -24.19 -68.72
C GLU L 38 -30.94 -24.50 -67.24
N ARG L 39 -29.69 -24.47 -66.80
CA ARG L 39 -29.41 -24.76 -65.39
C ARG L 39 -29.84 -23.64 -64.45
N TYR L 40 -30.39 -22.56 -65.00
CA TYR L 40 -30.86 -21.44 -64.19
C TYR L 40 -32.38 -21.39 -64.23
N SER L 41 -32.97 -22.50 -64.66
CA SER L 41 -34.42 -22.63 -64.79
C SER L 41 -35.21 -22.29 -63.52
N SER L 42 -34.59 -22.43 -62.36
CA SER L 42 -35.29 -22.14 -61.11
C SER L 42 -35.44 -20.63 -60.88
N LEU L 43 -34.93 -19.82 -61.80
CA LEU L 43 -35.03 -18.38 -61.67
C LEU L 43 -36.15 -17.82 -62.53
N GLU L 44 -36.75 -18.69 -63.33
CA GLU L 44 -37.83 -18.31 -64.25
C GLU L 44 -38.85 -17.36 -63.64
N THR L 45 -39.47 -17.76 -62.54
CA THR L 45 -40.50 -16.91 -61.93
C THR L 45 -39.97 -15.63 -61.31
N SER L 46 -38.66 -15.43 -61.30
CA SER L 46 -38.14 -14.20 -60.74
C SER L 46 -37.09 -13.54 -61.64
N ARG L 47 -37.31 -13.68 -62.94
CA ARG L 47 -36.41 -13.11 -63.94
C ARG L 47 -36.34 -11.59 -63.83
N LEU L 48 -37.44 -10.98 -63.44
CA LEU L 48 -37.49 -9.53 -63.31
C LEU L 48 -36.49 -9.03 -62.25
N THR L 49 -36.29 -9.77 -61.17
CA THR L 49 -35.34 -9.30 -60.16
C THR L 49 -33.90 -9.53 -60.66
N ILE L 50 -33.71 -10.50 -61.56
CA ILE L 50 -32.38 -10.72 -62.12
C ILE L 50 -32.09 -9.52 -63.02
N ALA L 51 -33.12 -9.06 -63.74
CA ALA L 51 -32.99 -7.91 -64.63
C ALA L 51 -32.62 -6.70 -63.79
N PHE L 52 -33.26 -6.59 -62.63
CA PHE L 52 -33.00 -5.48 -61.69
C PHE L 52 -31.54 -5.48 -61.22
N PHE L 53 -31.02 -6.65 -60.87
CA PHE L 53 -29.64 -6.72 -60.41
C PHE L 53 -28.70 -6.25 -61.52
N ALA L 54 -28.99 -6.67 -62.74
CA ALA L 54 -28.15 -6.30 -63.88
C ALA L 54 -28.29 -4.83 -64.28
N LEU L 55 -29.53 -4.35 -64.42
CA LEU L 55 -29.76 -2.96 -64.84
C LEU L 55 -29.33 -1.94 -63.79
N SER L 56 -29.71 -2.16 -62.53
CA SER L 56 -29.32 -1.26 -61.46
C SER L 56 -27.80 -1.37 -61.31
N GLY L 57 -27.28 -2.56 -61.60
CA GLY L 57 -25.84 -2.77 -61.51
C GLY L 57 -25.14 -1.95 -62.58
N LEU L 58 -25.69 -1.95 -63.79
CA LEU L 58 -25.10 -1.17 -64.88
C LEU L 58 -25.24 0.31 -64.58
N ASP L 59 -26.35 0.69 -63.97
CA ASP L 59 -26.61 2.08 -63.61
C ASP L 59 -25.53 2.53 -62.63
N MET L 60 -25.28 1.70 -61.62
CA MET L 60 -24.30 2.00 -60.60
C MET L 60 -22.90 2.17 -61.22
N LEU L 61 -22.66 1.54 -62.35
CA LEU L 61 -21.36 1.66 -63.00
C LEU L 61 -21.43 2.67 -64.14
N ASP L 62 -22.56 3.35 -64.22
CA ASP L 62 -22.80 4.36 -65.24
C ASP L 62 -22.54 3.81 -66.64
N SER L 63 -23.25 2.73 -67.00
CA SER L 63 -23.11 2.09 -68.29
C SER L 63 -24.43 1.58 -68.86
N LEU L 64 -25.54 2.22 -68.52
CA LEU L 64 -26.83 1.80 -69.04
C LEU L 64 -26.87 1.94 -70.56
N ASP L 65 -25.94 2.72 -71.10
CA ASP L 65 -25.89 2.94 -72.54
C ASP L 65 -25.65 1.66 -73.35
N VAL L 66 -25.07 0.63 -72.73
CA VAL L 66 -24.82 -0.60 -73.47
C VAL L 66 -26.05 -1.46 -73.72
N VAL L 67 -27.23 -0.97 -73.34
CA VAL L 67 -28.48 -1.73 -73.56
C VAL L 67 -29.53 -0.87 -74.24
N ASN L 68 -30.53 -1.50 -74.82
CA ASN L 68 -31.60 -0.78 -75.49
C ASN L 68 -32.70 -0.50 -74.47
N LYS L 69 -32.64 0.66 -73.84
CA LYS L 69 -33.63 1.03 -72.83
C LYS L 69 -35.08 0.88 -73.28
N ASP L 70 -35.40 1.38 -74.48
CA ASP L 70 -36.76 1.30 -74.98
C ASP L 70 -37.29 -0.12 -75.07
N ASP L 71 -36.45 -1.03 -75.54
CA ASP L 71 -36.86 -2.43 -75.65
C ASP L 71 -37.16 -3.03 -74.29
N ILE L 72 -36.25 -2.80 -73.35
CA ILE L 72 -36.40 -3.33 -72.01
C ILE L 72 -37.64 -2.77 -71.29
N ILE L 73 -37.93 -1.49 -71.52
CA ILE L 73 -39.09 -0.87 -70.90
C ILE L 73 -40.38 -1.55 -71.36
N GLU L 74 -40.43 -1.93 -72.64
CA GLU L 74 -41.61 -2.59 -73.18
C GLU L 74 -41.76 -3.99 -72.60
N TRP L 75 -40.63 -4.67 -72.39
CA TRP L 75 -40.65 -6.01 -71.83
C TRP L 75 -41.19 -5.93 -70.40
N ILE L 76 -40.72 -4.95 -69.65
CA ILE L 76 -41.19 -4.78 -68.27
C ILE L 76 -42.69 -4.54 -68.23
N TYR L 77 -43.18 -3.64 -69.08
CA TYR L 77 -44.61 -3.34 -69.10
C TYR L 77 -45.44 -4.54 -69.52
N SER L 78 -44.85 -5.49 -70.21
CA SER L 78 -45.59 -6.67 -70.62
C SER L 78 -45.79 -7.58 -69.41
N LEU L 79 -45.13 -7.25 -68.31
CA LEU L 79 -45.23 -8.05 -67.09
C LEU L 79 -46.25 -7.49 -66.11
N GLN L 80 -46.88 -6.36 -66.44
CA GLN L 80 -47.87 -5.78 -65.55
C GLN L 80 -49.22 -6.47 -65.64
N VAL L 81 -49.76 -6.86 -64.48
CA VAL L 81 -51.07 -7.48 -64.43
C VAL L 81 -52.04 -6.31 -64.30
N LEU L 82 -52.71 -5.99 -65.40
CA LEU L 82 -53.65 -4.88 -65.44
C LEU L 82 -55.06 -5.31 -65.11
N PRO L 83 -55.88 -4.39 -64.59
CA PRO L 83 -57.26 -4.73 -64.26
C PRO L 83 -58.08 -5.04 -65.52
N THR L 84 -58.95 -6.05 -65.45
CA THR L 84 -59.78 -6.41 -66.59
C THR L 84 -60.89 -5.40 -66.83
N GLU L 85 -61.66 -5.62 -67.89
CA GLU L 85 -62.77 -4.72 -68.24
C GLU L 85 -63.69 -4.48 -67.04
N ASP L 86 -64.16 -5.57 -66.43
CA ASP L 86 -65.05 -5.49 -65.28
C ASP L 86 -64.36 -5.10 -63.98
N ARG L 87 -63.03 -4.96 -64.01
CA ARG L 87 -62.25 -4.59 -62.84
C ARG L 87 -62.50 -5.51 -61.64
N SER L 88 -62.70 -6.79 -61.91
CA SER L 88 -62.97 -7.74 -60.84
C SER L 88 -61.70 -8.44 -60.34
N ASN L 89 -60.54 -7.97 -60.81
CA ASN L 89 -59.28 -8.57 -60.41
C ASN L 89 -58.33 -7.54 -59.80
N LEU L 90 -58.87 -6.47 -59.24
CA LEU L 90 -58.03 -5.43 -58.64
C LEU L 90 -57.10 -5.94 -57.56
N ASP L 91 -57.60 -6.86 -56.73
CA ASP L 91 -56.82 -7.44 -55.64
C ASP L 91 -55.65 -8.30 -56.11
N ARG L 92 -55.49 -8.44 -57.42
CA ARG L 92 -54.42 -9.25 -57.96
C ARG L 92 -53.48 -8.50 -58.91
N CYS L 93 -53.57 -7.18 -58.94
CA CYS L 93 -52.73 -6.40 -59.82
C CYS L 93 -51.34 -6.12 -59.26
N GLY L 94 -50.41 -5.84 -60.16
CA GLY L 94 -49.03 -5.58 -59.80
C GLY L 94 -48.21 -6.11 -60.97
N PHE L 95 -47.06 -6.72 -60.72
CA PHE L 95 -46.22 -7.27 -61.79
C PHE L 95 -45.88 -8.74 -61.61
N ARG L 96 -45.62 -9.43 -62.73
CA ARG L 96 -45.25 -10.84 -62.76
C ARG L 96 -43.73 -10.91 -62.82
N GLY L 97 -43.16 -12.03 -62.42
CA GLY L 97 -41.71 -12.19 -62.46
C GLY L 97 -41.22 -12.48 -63.87
N SER L 98 -42.10 -13.03 -64.69
CA SER L 98 -41.80 -13.37 -66.08
C SER L 98 -43.09 -13.72 -66.81
N SER L 99 -42.95 -14.25 -68.01
CA SER L 99 -44.10 -14.62 -68.82
C SER L 99 -44.40 -16.11 -68.79
N TYR L 100 -43.94 -16.81 -67.76
CA TYR L 100 -44.16 -18.26 -67.68
C TYR L 100 -45.60 -18.75 -67.74
N LEU L 101 -46.58 -17.88 -67.54
CA LEU L 101 -47.97 -18.34 -67.61
C LEU L 101 -48.52 -18.51 -69.02
N GLY L 102 -47.87 -17.89 -69.99
CA GLY L 102 -48.33 -18.04 -71.36
C GLY L 102 -49.30 -16.99 -71.85
N ILE L 103 -49.38 -15.88 -71.13
CA ILE L 103 -50.28 -14.79 -71.54
C ILE L 103 -49.64 -14.05 -72.71
N PRO L 104 -50.42 -13.77 -73.76
CA PRO L 104 -49.93 -13.07 -74.96
C PRO L 104 -49.28 -11.72 -74.68
N PHE L 105 -48.10 -11.50 -75.26
CA PHE L 105 -47.34 -10.26 -75.09
C PHE L 105 -48.21 -9.02 -75.23
N ASN L 106 -48.16 -8.16 -74.22
CA ASN L 106 -48.96 -6.94 -74.22
C ASN L 106 -48.31 -5.90 -73.30
N PRO L 107 -47.50 -5.00 -73.87
CA PRO L 107 -46.81 -3.94 -73.13
C PRO L 107 -47.72 -2.88 -72.52
N SER L 108 -48.66 -3.33 -71.69
CA SER L 108 -49.60 -2.45 -71.03
C SER L 108 -50.31 -1.53 -72.02
N LYS L 109 -50.78 -2.11 -73.13
CA LYS L 109 -51.48 -1.36 -74.16
C LYS L 109 -52.98 -1.64 -74.05
N ASN L 110 -53.38 -2.87 -74.31
CA ASN L 110 -54.79 -3.25 -74.22
C ASN L 110 -55.11 -3.58 -72.75
N PRO L 111 -56.41 -3.74 -72.43
CA PRO L 111 -56.80 -4.05 -71.05
C PRO L 111 -56.41 -5.48 -70.66
N GLY L 112 -56.52 -5.79 -69.37
CA GLY L 112 -56.14 -7.10 -68.88
C GLY L 112 -56.96 -8.28 -69.38
N THR L 113 -56.27 -9.35 -69.77
CA THR L 113 -56.93 -10.56 -70.24
C THR L 113 -57.08 -11.52 -69.06
N ALA L 114 -58.33 -11.81 -68.70
CA ALA L 114 -58.64 -12.70 -67.58
C ALA L 114 -57.94 -14.05 -67.64
N HIS L 115 -57.53 -14.53 -66.47
CA HIS L 115 -56.85 -15.81 -66.35
C HIS L 115 -57.02 -16.23 -64.89
N PRO L 116 -57.45 -17.46 -64.65
CA PRO L 116 -57.66 -17.97 -63.29
C PRO L 116 -56.49 -17.85 -62.31
N TYR L 117 -55.26 -17.90 -62.80
CA TYR L 117 -54.11 -17.85 -61.89
C TYR L 117 -53.09 -16.76 -62.13
N ASP L 118 -53.44 -15.76 -62.92
CA ASP L 118 -52.51 -14.68 -63.20
C ASP L 118 -52.67 -13.52 -62.23
N SER L 119 -51.60 -13.23 -61.48
CA SER L 119 -51.62 -12.12 -60.53
C SER L 119 -50.18 -11.67 -60.27
N GLY L 120 -50.03 -10.55 -59.56
CA GLY L 120 -48.70 -10.03 -59.29
C GLY L 120 -47.97 -10.67 -58.12
N HIS L 121 -46.68 -10.34 -57.99
CA HIS L 121 -45.85 -10.85 -56.91
C HIS L 121 -45.19 -9.61 -56.33
N ILE L 122 -45.39 -9.39 -55.03
CA ILE L 122 -44.87 -8.19 -54.36
C ILE L 122 -43.39 -7.84 -54.64
N ALA L 123 -42.52 -8.83 -54.73
CA ALA L 123 -41.10 -8.55 -54.99
C ALA L 123 -40.91 -8.16 -56.46
N MET L 124 -41.82 -8.58 -57.31
CA MET L 124 -41.72 -8.25 -58.74
C MET L 124 -42.30 -6.85 -59.01
N THR L 125 -43.33 -6.47 -58.26
CA THR L 125 -43.91 -5.15 -58.41
C THR L 125 -42.84 -4.15 -57.98
N TYR L 126 -42.15 -4.48 -56.89
CA TYR L 126 -41.09 -3.63 -56.38
C TYR L 126 -39.93 -3.49 -57.38
N THR L 127 -39.32 -4.60 -57.77
CA THR L 127 -38.21 -4.54 -58.72
C THR L 127 -38.64 -4.02 -60.09
N GLY L 128 -39.89 -4.26 -60.46
CA GLY L 128 -40.41 -3.78 -61.73
C GLY L 128 -40.44 -2.25 -61.78
N LEU L 129 -41.14 -1.63 -60.83
CA LEU L 129 -41.24 -0.16 -60.75
C LEU L 129 -39.82 0.41 -60.65
N SER L 130 -39.01 -0.25 -59.84
CA SER L 130 -37.64 0.16 -59.63
C SER L 130 -36.88 0.19 -60.98
N CYS L 131 -37.05 -0.85 -61.79
CA CYS L 131 -36.38 -0.90 -63.09
C CYS L 131 -36.84 0.21 -64.02
N LEU L 132 -38.15 0.43 -64.07
CA LEU L 132 -38.72 1.47 -64.92
C LEU L 132 -38.10 2.83 -64.61
N ILE L 133 -37.96 3.16 -63.33
CA ILE L 133 -37.38 4.43 -62.95
C ILE L 133 -35.91 4.50 -63.37
N ILE L 134 -35.18 3.41 -63.19
CA ILE L 134 -33.77 3.36 -63.54
C ILE L 134 -33.60 3.59 -65.05
N LEU L 135 -34.52 3.06 -65.84
CA LEU L 135 -34.46 3.19 -67.29
C LEU L 135 -34.98 4.54 -67.80
N GLY L 136 -35.47 5.39 -66.91
CA GLY L 136 -35.96 6.69 -67.33
C GLY L 136 -37.45 6.83 -67.61
N ASP L 137 -38.19 5.73 -67.55
CA ASP L 137 -39.63 5.82 -67.79
C ASP L 137 -40.27 6.71 -66.73
N ASP L 138 -41.45 7.25 -67.00
CA ASP L 138 -42.15 8.12 -66.05
C ASP L 138 -43.32 7.45 -65.32
N LEU L 139 -43.45 6.14 -65.48
CA LEU L 139 -44.51 5.37 -64.82
C LEU L 139 -45.94 5.74 -65.24
N SER L 140 -46.08 6.41 -66.38
CA SER L 140 -47.40 6.82 -66.84
C SER L 140 -48.28 5.63 -67.24
N ARG L 141 -47.66 4.53 -67.65
CA ARG L 141 -48.41 3.34 -68.05
C ARG L 141 -48.67 2.40 -66.87
N VAL L 142 -48.25 2.81 -65.68
CA VAL L 142 -48.46 2.01 -64.49
C VAL L 142 -49.82 2.39 -63.91
N ASP L 143 -50.66 1.39 -63.64
CA ASP L 143 -51.97 1.67 -63.06
C ASP L 143 -51.75 1.77 -61.55
N LYS L 144 -51.28 2.93 -61.10
CA LYS L 144 -51.01 3.14 -59.69
C LYS L 144 -52.08 2.65 -58.72
N GLU L 145 -53.33 3.02 -58.97
CA GLU L 145 -54.38 2.59 -58.06
C GLU L 145 -54.57 1.09 -57.98
N ALA L 146 -54.39 0.41 -59.11
CA ALA L 146 -54.53 -1.03 -59.15
C ALA L 146 -53.42 -1.68 -58.34
N CYS L 147 -52.19 -1.19 -58.50
CA CYS L 147 -51.05 -1.73 -57.76
C CYS L 147 -51.25 -1.59 -56.26
N LEU L 148 -51.66 -0.39 -55.84
CA LEU L 148 -51.91 -0.13 -54.43
C LEU L 148 -53.04 -0.99 -53.89
N ALA L 149 -54.03 -1.31 -54.72
CA ALA L 149 -55.14 -2.15 -54.30
C ALA L 149 -54.62 -3.55 -54.08
N GLY L 150 -53.74 -3.99 -54.99
CA GLY L 150 -53.15 -5.31 -54.87
C GLY L 150 -52.25 -5.39 -53.66
N LEU L 151 -51.53 -4.32 -53.38
CA LEU L 151 -50.64 -4.29 -52.24
C LEU L 151 -51.44 -4.45 -50.94
N ARG L 152 -52.48 -3.62 -50.77
CA ARG L 152 -53.33 -3.69 -49.58
C ARG L 152 -53.82 -5.11 -49.30
N ALA L 153 -54.20 -5.82 -50.36
CA ALA L 153 -54.71 -7.16 -50.24
C ALA L 153 -53.71 -8.18 -49.69
N LEU L 154 -52.42 -7.85 -49.76
CA LEU L 154 -51.38 -8.76 -49.28
C LEU L 154 -51.04 -8.65 -47.80
N GLN L 155 -51.46 -7.57 -47.15
CA GLN L 155 -51.13 -7.39 -45.74
C GLN L 155 -51.97 -8.26 -44.80
N LEU L 156 -51.32 -8.85 -43.81
CA LEU L 156 -52.01 -9.70 -42.84
C LEU L 156 -52.38 -8.94 -41.57
N GLU L 157 -53.14 -9.60 -40.70
CA GLU L 157 -53.57 -9.00 -39.46
C GLU L 157 -52.42 -8.51 -38.59
N ASP L 158 -51.30 -9.25 -38.60
CA ASP L 158 -50.15 -8.89 -37.77
C ASP L 158 -49.30 -7.76 -38.36
N GLY L 159 -49.69 -7.24 -39.51
CA GLY L 159 -48.94 -6.16 -40.12
C GLY L 159 -47.96 -6.55 -41.23
N SER L 160 -47.57 -7.82 -41.28
CA SER L 160 -46.63 -8.26 -42.33
C SER L 160 -47.35 -8.50 -43.65
N PHE L 161 -46.60 -8.92 -44.67
CA PHE L 161 -47.16 -9.15 -46.00
C PHE L 161 -46.83 -10.51 -46.60
N CYS L 162 -47.67 -10.91 -47.56
CA CYS L 162 -47.48 -12.15 -48.33
C CYS L 162 -46.97 -11.65 -49.68
N ALA L 163 -46.47 -12.54 -50.51
CA ALA L 163 -45.97 -12.12 -51.81
C ALA L 163 -47.05 -12.16 -52.89
N VAL L 164 -47.98 -13.09 -52.77
CA VAL L 164 -49.03 -13.24 -53.76
C VAL L 164 -50.40 -13.47 -53.12
N PRO L 165 -51.47 -12.97 -53.77
CA PRO L 165 -52.83 -13.12 -53.24
C PRO L 165 -53.30 -14.56 -53.03
N GLU L 166 -52.72 -15.51 -53.76
CA GLU L 166 -53.10 -16.92 -53.60
C GLU L 166 -52.56 -17.45 -52.29
N GLY L 167 -51.60 -16.74 -51.70
CA GLY L 167 -51.02 -17.17 -50.43
C GLY L 167 -49.56 -17.58 -50.54
N SER L 168 -48.81 -17.33 -49.48
CA SER L 168 -47.39 -17.66 -49.43
C SER L 168 -46.94 -17.44 -48.00
N GLU L 169 -45.65 -17.60 -47.76
CA GLU L 169 -45.12 -17.37 -46.43
C GLU L 169 -45.14 -15.84 -46.25
N ASN L 170 -45.06 -15.38 -45.00
CA ASN L 170 -45.07 -13.95 -44.75
C ASN L 170 -43.96 -13.56 -43.79
N ASP L 171 -43.22 -12.50 -44.11
CA ASP L 171 -42.15 -12.05 -43.23
C ASP L 171 -41.63 -10.66 -43.58
N MET L 172 -40.55 -10.28 -42.92
CA MET L 172 -39.95 -8.97 -43.11
C MET L 172 -39.53 -8.64 -44.54
N ARG L 173 -39.15 -9.64 -45.31
CA ARG L 173 -38.74 -9.41 -46.70
C ARG L 173 -39.81 -8.64 -47.45
N PHE L 174 -41.05 -9.09 -47.32
CA PHE L 174 -42.17 -8.48 -48.02
C PHE L 174 -42.63 -7.16 -47.42
N VAL L 175 -42.32 -6.92 -46.15
CA VAL L 175 -42.67 -5.65 -45.53
C VAL L 175 -41.81 -4.58 -46.21
N TYR L 176 -40.56 -4.91 -46.49
CA TYR L 176 -39.65 -3.99 -47.16
C TYR L 176 -40.13 -3.71 -48.58
N CYS L 177 -40.61 -4.75 -49.26
CA CYS L 177 -41.11 -4.60 -50.64
C CYS L 177 -42.30 -3.65 -50.66
N ALA L 178 -43.22 -3.83 -49.71
CA ALA L 178 -44.40 -2.99 -49.61
C ALA L 178 -43.97 -1.55 -49.40
N SER L 179 -43.01 -1.35 -48.51
CA SER L 179 -42.52 -0.01 -48.20
C SER L 179 -41.94 0.68 -49.43
N CYS L 180 -41.13 -0.05 -50.20
CA CYS L 180 -40.52 0.51 -51.40
C CYS L 180 -41.58 0.88 -52.45
N ILE L 181 -42.60 0.04 -52.59
CA ILE L 181 -43.65 0.31 -53.55
C ILE L 181 -44.39 1.59 -53.18
N CYS L 182 -44.79 1.71 -51.91
CA CYS L 182 -45.49 2.90 -51.46
C CYS L 182 -44.64 4.14 -51.65
N TYR L 183 -43.37 4.02 -51.34
CA TYR L 183 -42.47 5.14 -51.47
C TYR L 183 -42.33 5.61 -52.92
N MET L 184 -42.12 4.66 -53.84
CA MET L 184 -41.95 5.00 -55.25
C MET L 184 -43.21 5.57 -55.87
N LEU L 185 -44.38 5.06 -55.49
CA LEU L 185 -45.62 5.57 -56.03
C LEU L 185 -46.02 6.78 -55.21
N ASN L 186 -45.17 7.14 -54.24
CA ASN L 186 -45.41 8.30 -53.40
C ASN L 186 -46.84 8.33 -52.85
N ASN L 187 -47.29 7.19 -52.34
CA ASN L 187 -48.64 7.05 -51.81
C ASN L 187 -48.67 5.87 -50.82
N TRP L 188 -48.86 6.17 -49.53
CA TRP L 188 -48.88 5.12 -48.53
C TRP L 188 -50.23 4.48 -48.26
N SER L 189 -51.18 4.65 -49.17
CA SER L 189 -52.49 4.05 -48.98
C SER L 189 -52.38 2.55 -49.28
N GLY L 190 -51.21 2.15 -49.75
CA GLY L 190 -50.98 0.76 -50.07
C GLY L 190 -50.82 -0.12 -48.85
N MET L 191 -50.73 0.47 -47.67
CA MET L 191 -50.57 -0.32 -46.45
C MET L 191 -51.11 0.36 -45.22
N ASP L 192 -51.29 -0.43 -44.17
CA ASP L 192 -51.73 0.09 -42.87
C ASP L 192 -50.40 0.23 -42.13
N MET L 193 -49.79 1.41 -42.27
CA MET L 193 -48.50 1.70 -41.65
C MET L 193 -48.40 1.43 -40.16
N LYS L 194 -49.48 1.67 -39.43
CA LYS L 194 -49.48 1.43 -38.00
C LYS L 194 -49.23 -0.03 -37.69
N LYS L 195 -49.91 -0.93 -38.41
CA LYS L 195 -49.74 -2.37 -38.19
C LYS L 195 -48.36 -2.88 -38.64
N ALA L 196 -47.84 -2.30 -39.72
CA ALA L 196 -46.52 -2.69 -40.23
C ALA L 196 -45.44 -2.33 -39.20
N ILE L 197 -45.54 -1.12 -38.64
CA ILE L 197 -44.60 -0.67 -37.64
C ILE L 197 -44.65 -1.60 -36.44
N SER L 198 -45.85 -2.03 -36.08
CA SER L 198 -46.02 -2.95 -34.97
C SER L 198 -45.25 -4.26 -35.25
N TYR L 199 -45.39 -4.77 -36.46
CA TYR L 199 -44.71 -5.99 -36.84
C TYR L 199 -43.19 -5.81 -36.73
N ILE L 200 -42.69 -4.69 -37.22
CA ILE L 200 -41.26 -4.42 -37.17
C ILE L 200 -40.76 -4.36 -35.73
N ARG L 201 -41.49 -3.69 -34.85
CA ARG L 201 -41.05 -3.61 -33.46
C ARG L 201 -40.98 -5.01 -32.84
N ARG L 202 -42.04 -5.79 -33.01
CA ARG L 202 -42.11 -7.13 -32.44
C ARG L 202 -41.06 -8.10 -32.92
N SER L 203 -40.40 -7.79 -34.02
CA SER L 203 -39.39 -8.68 -34.53
C SER L 203 -38.03 -8.49 -33.85
N MET L 204 -37.90 -7.46 -33.02
CA MET L 204 -36.63 -7.23 -32.34
C MET L 204 -36.35 -8.35 -31.33
N SER L 205 -35.16 -8.92 -31.42
CA SER L 205 -34.76 -10.02 -30.55
C SER L 205 -34.11 -9.55 -29.25
N TYR L 206 -33.91 -10.50 -28.34
CA TYR L 206 -33.29 -10.21 -27.06
C TYR L 206 -31.84 -9.74 -27.27
N ASP L 207 -31.24 -10.10 -28.40
CA ASP L 207 -29.88 -9.67 -28.67
C ASP L 207 -29.85 -8.32 -29.42
N ASN L 208 -31.06 -7.78 -29.61
CA ASN L 208 -31.26 -6.47 -30.23
C ASN L 208 -31.23 -6.32 -31.74
N GLY L 209 -31.04 -7.42 -32.46
CA GLY L 209 -31.10 -7.35 -33.91
C GLY L 209 -32.57 -7.55 -34.29
N LEU L 210 -32.89 -7.50 -35.58
CA LEU L 210 -34.28 -7.71 -36.01
C LEU L 210 -34.36 -9.07 -36.71
N ALA L 211 -35.39 -9.84 -36.41
CA ALA L 211 -35.58 -11.15 -37.04
C ALA L 211 -36.64 -11.08 -38.13
N GLN L 212 -36.86 -12.18 -38.84
CA GLN L 212 -37.88 -12.22 -39.89
C GLN L 212 -39.28 -12.08 -39.31
N GLY L 213 -39.41 -12.40 -38.03
CA GLY L 213 -40.68 -12.33 -37.31
C GLY L 213 -40.42 -12.51 -35.82
N ALA L 214 -41.42 -12.20 -35.00
CA ALA L 214 -41.29 -12.31 -33.56
C ALA L 214 -40.78 -13.67 -33.11
N GLY L 215 -39.83 -13.66 -32.18
CA GLY L 215 -39.30 -14.91 -31.64
C GLY L 215 -38.20 -15.58 -32.43
N LEU L 216 -38.11 -15.28 -33.72
CA LEU L 216 -37.08 -15.85 -34.58
C LEU L 216 -35.69 -15.25 -34.30
N GLU L 217 -34.66 -15.89 -34.83
CA GLU L 217 -33.28 -15.43 -34.66
C GLU L 217 -33.04 -14.15 -35.46
N SER L 218 -32.47 -13.14 -34.82
CA SER L 218 -32.19 -11.87 -35.50
C SER L 218 -31.25 -12.15 -36.66
N HIS L 219 -31.38 -11.37 -37.73
CA HIS L 219 -30.61 -11.63 -38.94
C HIS L 219 -30.29 -10.33 -39.70
N GLY L 220 -29.13 -10.29 -40.33
CA GLY L 220 -28.72 -9.10 -41.06
C GLY L 220 -29.68 -8.67 -42.16
N GLY L 221 -30.27 -9.65 -42.85
CA GLY L 221 -31.20 -9.36 -43.91
C GLY L 221 -32.49 -8.72 -43.40
N SER L 222 -33.08 -9.31 -42.37
CA SER L 222 -34.32 -8.78 -41.82
C SER L 222 -34.11 -7.47 -41.08
N THR L 223 -32.91 -7.28 -40.50
CA THR L 223 -32.60 -6.03 -39.80
C THR L 223 -32.57 -4.92 -40.84
N PHE L 224 -31.98 -5.19 -42.01
CA PHE L 224 -31.94 -4.20 -43.07
C PHE L 224 -33.37 -3.89 -43.51
N CYS L 225 -34.15 -4.93 -43.77
CA CYS L 225 -35.52 -4.73 -44.22
C CYS L 225 -36.31 -3.89 -43.24
N GLY L 226 -36.17 -4.18 -41.94
CA GLY L 226 -36.92 -3.43 -40.94
C GLY L 226 -36.50 -1.98 -40.83
N ILE L 227 -35.19 -1.75 -40.65
CA ILE L 227 -34.69 -0.39 -40.53
C ILE L 227 -34.93 0.44 -41.79
N ALA L 228 -34.67 -0.14 -42.96
CA ALA L 228 -34.88 0.57 -44.22
C ALA L 228 -36.35 0.93 -44.40
N SER L 229 -37.26 0.03 -44.01
CA SER L 229 -38.67 0.31 -44.13
C SER L 229 -39.04 1.54 -43.31
N LEU L 230 -38.59 1.58 -42.06
CA LEU L 230 -38.90 2.70 -41.19
C LEU L 230 -38.31 3.99 -41.74
N CYS L 231 -37.10 3.92 -42.30
CA CYS L 231 -36.49 5.12 -42.87
C CYS L 231 -37.29 5.62 -44.07
N LEU L 232 -37.83 4.69 -44.85
CA LEU L 232 -38.63 5.04 -46.01
C LEU L 232 -39.93 5.70 -45.56
N MET L 233 -40.45 5.29 -44.41
CA MET L 233 -41.69 5.87 -43.88
C MET L 233 -41.33 7.14 -43.12
N GLY L 234 -40.04 7.33 -42.88
CA GLY L 234 -39.58 8.50 -42.13
C GLY L 234 -40.00 8.44 -40.68
N LYS L 235 -39.90 7.27 -40.05
CA LYS L 235 -40.31 7.12 -38.67
C LYS L 235 -39.32 6.36 -37.79
N LEU L 236 -38.06 6.30 -38.20
CA LEU L 236 -37.07 5.57 -37.43
C LEU L 236 -37.01 6.09 -35.99
N GLU L 237 -36.78 7.40 -35.87
CA GLU L 237 -36.67 8.10 -34.58
C GLU L 237 -37.92 7.95 -33.72
N GLU L 238 -39.07 7.94 -34.38
CA GLU L 238 -40.34 7.84 -33.70
C GLU L 238 -40.67 6.43 -33.17
N VAL L 239 -40.15 5.40 -33.84
CA VAL L 239 -40.44 4.03 -33.44
C VAL L 239 -39.49 3.44 -32.40
N PHE L 240 -38.20 3.77 -32.52
CA PHE L 240 -37.21 3.26 -31.57
C PHE L 240 -36.60 4.37 -30.73
N SER L 241 -36.44 4.11 -29.43
CA SER L 241 -35.87 5.09 -28.53
C SER L 241 -34.38 5.21 -28.79
N GLU L 242 -33.74 6.22 -28.19
CA GLU L 242 -32.31 6.38 -28.38
C GLU L 242 -31.59 5.16 -27.82
N LYS L 243 -32.07 4.66 -26.68
CA LYS L 243 -31.44 3.51 -26.07
C LYS L 243 -31.57 2.30 -26.99
N GLU L 244 -32.75 2.14 -27.57
CA GLU L 244 -33.02 1.04 -28.50
C GLU L 244 -32.13 1.14 -29.74
N LEU L 245 -32.05 2.32 -30.34
CA LEU L 245 -31.20 2.50 -31.51
C LEU L 245 -29.73 2.22 -31.18
N ASN L 246 -29.31 2.54 -29.96
CA ASN L 246 -27.93 2.27 -29.59
C ASN L 246 -27.66 0.78 -29.57
N ARG L 247 -28.64 0.03 -29.09
CA ARG L 247 -28.51 -1.43 -29.03
C ARG L 247 -28.50 -2.05 -30.43
N ILE L 248 -29.37 -1.56 -31.31
CA ILE L 248 -29.42 -2.05 -32.68
C ILE L 248 -28.09 -1.77 -33.38
N LYS L 249 -27.55 -0.57 -33.15
CA LYS L 249 -26.27 -0.19 -33.75
C LYS L 249 -25.17 -1.14 -33.28
N ARG L 250 -25.18 -1.45 -31.98
CA ARG L 250 -24.19 -2.36 -31.42
C ARG L 250 -24.27 -3.73 -32.11
N TRP L 251 -25.49 -4.23 -32.29
CA TRP L 251 -25.66 -5.53 -32.91
C TRP L 251 -25.13 -5.54 -34.34
N CYS L 252 -25.44 -4.48 -35.08
CA CYS L 252 -25.02 -4.38 -36.48
C CYS L 252 -23.51 -4.26 -36.63
N ILE L 253 -22.89 -3.35 -35.89
CA ILE L 253 -21.46 -3.18 -36.04
C ILE L 253 -20.67 -4.39 -35.58
N MET L 254 -21.27 -5.25 -34.77
CA MET L 254 -20.58 -6.46 -34.32
C MET L 254 -20.56 -7.51 -35.44
N ARG L 255 -21.28 -7.26 -36.53
CA ARG L 255 -21.32 -8.18 -37.67
C ARG L 255 -20.04 -8.17 -38.52
N GLN L 256 -19.20 -7.14 -38.39
CA GLN L 256 -17.98 -7.12 -39.19
C GLN L 256 -16.85 -7.96 -38.61
N GLN L 257 -16.35 -8.90 -39.41
CA GLN L 257 -15.26 -9.78 -39.03
C GLN L 257 -14.04 -9.31 -39.84
N ASN L 258 -14.30 -8.98 -41.10
CA ASN L 258 -13.35 -8.43 -42.08
C ASN L 258 -14.38 -7.95 -43.08
N GLY L 259 -15.14 -8.92 -43.61
CA GLY L 259 -16.26 -8.62 -44.47
C GLY L 259 -17.37 -8.73 -43.45
N TYR L 260 -18.61 -8.96 -43.86
CA TYR L 260 -19.70 -9.07 -42.89
C TYR L 260 -20.46 -10.38 -42.97
N HIS L 261 -20.93 -10.87 -41.81
CA HIS L 261 -21.74 -12.09 -41.79
C HIS L 261 -23.18 -11.66 -41.44
N GLY L 262 -24.15 -12.56 -41.64
CA GLY L 262 -25.53 -12.20 -41.36
C GLY L 262 -26.04 -12.52 -39.97
N ARG L 263 -25.28 -13.34 -39.23
CA ARG L 263 -25.66 -13.75 -37.89
C ARG L 263 -24.40 -14.09 -37.09
N PRO L 264 -24.46 -13.91 -35.76
CA PRO L 264 -23.30 -14.23 -34.93
C PRO L 264 -22.83 -15.65 -35.21
N ASN L 265 -21.51 -15.83 -35.24
CA ASN L 265 -20.89 -17.14 -35.46
C ASN L 265 -21.12 -17.79 -36.82
N LYS L 266 -21.47 -16.99 -37.83
CA LYS L 266 -21.67 -17.51 -39.19
C LYS L 266 -20.55 -16.94 -40.05
N PRO L 267 -20.15 -17.65 -41.12
CA PRO L 267 -19.08 -17.13 -41.99
C PRO L 267 -19.52 -15.90 -42.78
N VAL L 268 -18.58 -15.00 -43.07
CA VAL L 268 -18.89 -13.80 -43.83
C VAL L 268 -19.35 -14.13 -45.25
N ASP L 269 -20.13 -13.21 -45.81
CA ASP L 269 -20.72 -13.38 -47.13
C ASP L 269 -20.79 -11.97 -47.77
N THR L 270 -20.21 -11.84 -48.96
CA THR L 270 -20.19 -10.56 -49.67
C THR L 270 -21.48 -9.74 -49.63
N CYS L 271 -22.64 -10.34 -49.90
CA CYS L 271 -23.86 -9.55 -49.92
C CYS L 271 -24.17 -8.83 -48.61
N TYR L 272 -23.62 -9.29 -47.50
CA TYR L 272 -23.88 -8.62 -46.22
C TYR L 272 -23.14 -7.29 -46.10
N SER L 273 -22.17 -7.07 -46.99
CA SER L 273 -21.44 -5.79 -47.01
C SER L 273 -22.49 -4.73 -47.35
N PHE L 274 -23.57 -5.14 -48.01
CA PHE L 274 -24.63 -4.19 -48.30
C PHE L 274 -25.73 -4.28 -47.26
N TRP L 275 -26.29 -5.48 -47.04
CA TRP L 275 -27.38 -5.64 -46.06
C TRP L 275 -27.08 -4.95 -44.73
N VAL L 276 -25.93 -5.27 -44.13
CA VAL L 276 -25.54 -4.70 -42.86
C VAL L 276 -24.92 -3.30 -43.04
N GLY L 277 -24.02 -3.18 -44.01
CA GLY L 277 -23.38 -1.90 -44.28
C GLY L 277 -24.40 -0.79 -44.52
N ALA L 278 -25.43 -1.08 -45.30
CA ALA L 278 -26.48 -0.11 -45.59
C ALA L 278 -27.27 0.24 -44.33
N THR L 279 -27.45 -0.73 -43.43
CA THR L 279 -28.17 -0.48 -42.20
C THR L 279 -27.34 0.47 -41.35
N LEU L 280 -26.03 0.21 -41.28
CA LEU L 280 -25.13 1.06 -40.52
C LEU L 280 -25.15 2.48 -41.08
N LYS L 281 -25.20 2.59 -42.40
CA LYS L 281 -25.22 3.89 -43.06
C LYS L 281 -26.49 4.62 -42.68
N LEU L 282 -27.61 3.91 -42.62
CA LEU L 282 -28.87 4.53 -42.25
C LEU L 282 -28.86 4.95 -40.78
N LEU L 283 -28.08 4.24 -39.96
CA LEU L 283 -27.98 4.56 -38.54
C LEU L 283 -26.83 5.53 -38.29
N LYS L 284 -26.26 6.04 -39.38
CA LYS L 284 -25.16 7.00 -39.33
C LYS L 284 -23.89 6.63 -38.58
N ILE L 285 -23.51 5.36 -38.62
CA ILE L 285 -22.29 4.96 -37.95
C ILE L 285 -21.44 4.07 -38.85
N PHE L 286 -21.79 3.97 -40.13
CA PHE L 286 -21.00 3.16 -41.06
C PHE L 286 -19.58 3.73 -41.11
N GLN L 287 -19.50 5.03 -40.92
CA GLN L 287 -18.25 5.77 -40.92
C GLN L 287 -17.26 5.28 -39.86
N TYR L 288 -17.76 4.56 -38.85
CA TYR L 288 -16.90 4.06 -37.78
C TYR L 288 -16.42 2.61 -37.97
N THR L 289 -16.76 2.04 -39.11
CA THR L 289 -16.35 0.67 -39.41
C THR L 289 -14.95 0.69 -40.04
N ASN L 290 -14.37 -0.48 -40.25
CA ASN L 290 -13.06 -0.56 -40.86
C ASN L 290 -13.24 -0.76 -42.37
N PHE L 291 -12.97 0.28 -43.16
CA PHE L 291 -13.12 0.21 -44.63
C PHE L 291 -12.19 -0.74 -45.37
N GLU L 292 -10.91 -0.68 -45.03
CA GLU L 292 -9.93 -1.51 -45.70
C GLU L 292 -10.21 -3.01 -45.69
N LYS L 293 -10.49 -3.56 -44.52
CA LYS L 293 -10.75 -5.00 -44.43
C LYS L 293 -12.02 -5.40 -45.16
N ASN L 294 -13.02 -4.52 -45.15
CA ASN L 294 -14.27 -4.81 -45.84
C ASN L 294 -13.98 -4.81 -47.35
N ARG L 295 -13.33 -3.76 -47.83
CA ARG L 295 -13.00 -3.66 -49.24
C ARG L 295 -12.12 -4.85 -49.68
N ASN L 296 -11.13 -5.19 -48.87
CA ASN L 296 -10.28 -6.32 -49.22
C ASN L 296 -11.08 -7.62 -49.35
N TYR L 297 -12.01 -7.86 -48.43
CA TYR L 297 -12.79 -9.09 -48.51
C TYR L 297 -13.65 -9.10 -49.78
N ILE L 298 -14.38 -8.03 -50.03
CA ILE L 298 -15.24 -7.95 -51.21
C ILE L 298 -14.45 -8.27 -52.47
N LEU L 299 -13.31 -7.60 -52.64
CA LEU L 299 -12.49 -7.84 -53.82
C LEU L 299 -11.96 -9.26 -53.91
N SER L 300 -11.77 -9.91 -52.78
CA SER L 300 -11.27 -11.28 -52.81
C SER L 300 -12.31 -12.26 -53.37
N THR L 301 -13.55 -11.80 -53.54
CA THR L 301 -14.60 -12.66 -54.10
C THR L 301 -14.89 -12.27 -55.55
N GLN L 302 -14.08 -11.38 -56.09
CA GLN L 302 -14.22 -10.89 -57.46
C GLN L 302 -13.73 -11.97 -58.44
N ASP L 303 -14.50 -12.25 -59.48
CA ASP L 303 -14.06 -13.24 -60.46
C ASP L 303 -13.35 -12.45 -61.57
N ARG L 304 -12.02 -12.53 -61.56
CA ARG L 304 -11.20 -11.79 -62.52
C ARG L 304 -11.29 -12.28 -63.96
N LEU L 305 -11.88 -13.46 -64.15
CA LEU L 305 -12.02 -14.00 -65.50
C LEU L 305 -13.40 -13.68 -66.13
N VAL L 306 -14.47 -14.04 -65.44
CA VAL L 306 -15.81 -13.79 -65.98
C VAL L 306 -16.50 -12.53 -65.46
N GLY L 307 -15.96 -11.95 -64.39
CA GLY L 307 -16.56 -10.75 -63.85
C GLY L 307 -17.58 -11.09 -62.77
N GLY L 308 -18.15 -10.06 -62.13
CA GLY L 308 -19.10 -10.30 -61.06
C GLY L 308 -18.40 -10.68 -59.76
N PHE L 309 -19.18 -10.91 -58.70
CA PHE L 309 -18.64 -11.31 -57.40
C PHE L 309 -19.41 -12.54 -56.88
N ALA L 310 -18.77 -13.28 -55.99
CA ALA L 310 -19.37 -14.48 -55.40
C ALA L 310 -19.58 -14.23 -53.91
N LYS L 311 -20.22 -15.16 -53.21
CA LYS L 311 -20.42 -14.94 -51.78
C LYS L 311 -19.11 -15.17 -51.02
N TRP L 312 -18.30 -16.11 -51.50
CA TRP L 312 -17.02 -16.43 -50.88
C TRP L 312 -15.92 -16.43 -51.92
N PRO L 313 -14.66 -16.29 -51.48
CA PRO L 313 -13.54 -16.28 -52.44
C PRO L 313 -13.46 -17.64 -53.12
N ASP L 314 -12.97 -17.69 -54.36
CA ASP L 314 -12.86 -18.96 -55.06
C ASP L 314 -14.21 -19.67 -55.08
N SER L 315 -15.24 -18.96 -55.56
CA SER L 315 -16.58 -19.49 -55.62
C SER L 315 -17.18 -18.87 -56.88
N HIS L 316 -18.17 -19.52 -57.49
CA HIS L 316 -18.75 -18.97 -58.71
C HIS L 316 -19.60 -17.73 -58.49
N PRO L 317 -19.43 -16.73 -59.36
CA PRO L 317 -20.19 -15.48 -59.26
C PRO L 317 -21.63 -15.61 -59.72
N ASP L 318 -22.46 -14.67 -59.29
CA ASP L 318 -23.86 -14.62 -59.69
C ASP L 318 -24.32 -13.17 -59.67
N ALA L 319 -25.45 -12.90 -60.29
CA ALA L 319 -26.00 -11.55 -60.37
C ALA L 319 -26.26 -10.90 -59.02
N LEU L 320 -26.75 -11.66 -58.05
CA LEU L 320 -27.04 -11.10 -56.75
C LEU L 320 -25.78 -10.60 -56.03
N HIS L 321 -24.74 -11.43 -55.97
CA HIS L 321 -23.53 -10.99 -55.28
C HIS L 321 -22.75 -9.96 -56.09
N ALA L 322 -22.87 -10.00 -57.40
CA ALA L 322 -22.19 -9.02 -58.23
C ALA L 322 -22.79 -7.66 -57.90
N TYR L 323 -24.12 -7.60 -57.86
CA TYR L 323 -24.79 -6.35 -57.56
C TYR L 323 -24.54 -5.85 -56.15
N PHE L 324 -24.75 -6.71 -55.15
CA PHE L 324 -24.55 -6.29 -53.77
C PHE L 324 -23.09 -6.06 -53.41
N GLY L 325 -22.17 -6.73 -54.09
CA GLY L 325 -20.77 -6.49 -53.82
C GLY L 325 -20.42 -5.08 -54.29
N ILE L 326 -20.96 -4.70 -55.44
CA ILE L 326 -20.74 -3.38 -55.99
C ILE L 326 -21.40 -2.31 -55.12
N CYS L 327 -22.59 -2.59 -54.60
CA CYS L 327 -23.24 -1.63 -53.71
C CYS L 327 -22.45 -1.52 -52.40
N GLY L 328 -21.84 -2.61 -51.99
CA GLY L 328 -21.05 -2.60 -50.77
C GLY L 328 -19.87 -1.68 -50.96
N LEU L 329 -19.22 -1.79 -52.12
CA LEU L 329 -18.06 -0.95 -52.45
C LEU L 329 -18.51 0.52 -52.53
N SER L 330 -19.71 0.73 -53.05
CA SER L 330 -20.27 2.07 -53.16
C SER L 330 -20.40 2.77 -51.81
N LEU L 331 -20.83 2.06 -50.78
CA LEU L 331 -21.00 2.64 -49.44
C LEU L 331 -19.72 3.30 -48.92
N MET L 332 -18.56 2.78 -49.34
CA MET L 332 -17.29 3.32 -48.91
C MET L 332 -16.73 4.30 -49.96
N GLU L 333 -17.57 4.63 -50.94
CA GLU L 333 -17.22 5.55 -52.02
C GLU L 333 -16.07 5.08 -52.89
N GLU L 334 -16.27 3.93 -53.53
CA GLU L 334 -15.27 3.35 -54.41
C GLU L 334 -15.20 4.25 -55.61
N SER L 335 -14.01 4.35 -56.18
CA SER L 335 -13.83 5.21 -57.32
C SER L 335 -14.39 4.58 -58.61
N GLY L 336 -15.27 5.31 -59.29
CA GLY L 336 -15.83 4.80 -60.52
C GLY L 336 -17.18 4.15 -60.37
N ILE L 337 -17.70 4.18 -59.15
CA ILE L 337 -19.01 3.61 -58.84
C ILE L 337 -19.89 4.72 -58.28
N CYS L 338 -21.13 4.81 -58.76
CA CYS L 338 -22.04 5.85 -58.29
C CYS L 338 -22.41 5.65 -56.83
N LYS L 339 -22.86 6.73 -56.20
CA LYS L 339 -23.27 6.69 -54.82
C LYS L 339 -24.64 6.03 -54.76
N VAL L 340 -24.83 5.16 -53.79
CA VAL L 340 -26.10 4.46 -53.66
C VAL L 340 -27.00 5.06 -52.59
N HIS L 341 -28.30 4.84 -52.76
CA HIS L 341 -29.31 5.30 -51.82
C HIS L 341 -29.57 4.07 -50.91
N PRO L 342 -29.06 4.07 -49.68
CA PRO L 342 -29.20 2.99 -48.72
C PRO L 342 -30.57 2.33 -48.55
N ALA L 343 -31.59 3.12 -48.23
CA ALA L 343 -32.90 2.58 -48.00
C ALA L 343 -33.66 2.10 -49.22
N LEU L 344 -33.46 2.76 -50.35
CA LEU L 344 -34.19 2.42 -51.57
C LEU L 344 -33.49 1.41 -52.48
N ASN L 345 -32.20 1.19 -52.25
CA ASN L 345 -31.45 0.23 -53.01
C ASN L 345 -31.34 0.53 -54.52
N VAL L 346 -31.12 1.81 -54.85
CA VAL L 346 -30.92 2.28 -56.23
C VAL L 346 -29.87 3.37 -56.14
N SER L 347 -29.33 3.80 -57.27
CA SER L 347 -28.29 4.85 -57.24
C SER L 347 -28.96 6.17 -56.91
N THR L 348 -28.20 7.08 -56.30
CA THR L 348 -28.74 8.39 -55.95
C THR L 348 -29.20 9.13 -57.20
N ARG L 349 -28.52 8.88 -58.32
CA ARG L 349 -28.92 9.50 -59.58
C ARG L 349 -30.37 9.13 -59.83
N THR L 350 -30.67 7.84 -59.70
CA THR L 350 -32.02 7.32 -59.89
C THR L 350 -32.98 7.82 -58.79
N SER L 351 -32.49 7.91 -57.56
CA SER L 351 -33.35 8.36 -56.47
C SER L 351 -33.79 9.79 -56.73
N GLU L 352 -32.92 10.57 -57.35
CA GLU L 352 -33.21 11.95 -57.67
C GLU L 352 -34.16 12.07 -58.85
N ARG L 353 -33.97 11.23 -59.85
CA ARG L 353 -34.85 11.23 -60.99
C ARG L 353 -36.26 10.96 -60.46
N LEU L 354 -36.36 10.13 -59.41
CA LEU L 354 -37.65 9.79 -58.82
C LEU L 354 -38.23 11.01 -58.10
N ARG L 355 -37.36 11.78 -57.47
CA ARG L 355 -37.77 12.97 -56.75
C ARG L 355 -38.43 13.94 -57.74
N ASP L 356 -37.88 13.97 -58.95
CA ASP L 356 -38.42 14.83 -60.00
C ASP L 356 -39.78 14.35 -60.47
N LEU L 357 -39.94 13.05 -60.66
CA LEU L 357 -41.22 12.50 -61.08
C LEU L 357 -42.28 12.88 -60.07
N HIS L 358 -41.95 12.74 -58.80
CA HIS L 358 -42.88 13.05 -57.73
C HIS L 358 -43.33 14.50 -57.76
N GLN L 359 -42.37 15.41 -57.85
CA GLN L 359 -42.68 16.83 -57.86
C GLN L 359 -43.54 17.18 -59.06
N SER L 360 -43.32 16.52 -60.19
CA SER L 360 -44.10 16.79 -61.38
C SER L 360 -45.54 16.25 -61.26
N TRP L 361 -45.75 15.24 -60.43
CA TRP L 361 -47.12 14.71 -60.25
C TRP L 361 -47.87 15.64 -59.31
N LYS L 362 -47.12 16.42 -58.52
CA LYS L 362 -47.71 17.36 -57.58
C LYS L 362 -48.08 18.65 -58.31
N THR L 363 -49.07 18.55 -59.19
CA THR L 363 -49.55 19.70 -59.98
C THR L 363 -51.08 19.66 -60.10
N THR M 6 -7.34 -20.60 17.15
CA THR M 6 -6.86 -19.30 16.70
C THR M 6 -7.24 -18.17 17.67
N LYS M 7 -8.50 -18.14 18.08
CA LYS M 7 -8.98 -17.11 18.99
C LYS M 7 -9.78 -17.67 20.18
N CYS M 8 -10.26 -16.78 21.04
CA CYS M 8 -11.05 -17.16 22.21
C CYS M 8 -12.35 -16.40 22.23
N VAL M 9 -13.42 -17.03 21.79
CA VAL M 9 -14.73 -16.37 21.80
C VAL M 9 -15.33 -16.57 23.19
N ILE M 10 -15.47 -15.48 23.95
CA ILE M 10 -16.01 -15.59 25.29
C ILE M 10 -17.45 -15.08 25.42
N MET M 11 -18.09 -14.82 24.29
CA MET M 11 -19.48 -14.37 24.27
C MET M 11 -20.23 -14.69 22.98
N THR N 6 2.72 32.24 -31.56
CA THR N 6 1.79 32.09 -32.68
C THR N 6 2.24 30.99 -33.65
N LYS N 7 3.54 30.97 -33.95
CA LYS N 7 4.09 29.99 -34.88
C LYS N 7 5.38 29.33 -34.42
N CYS N 8 5.87 28.39 -35.22
CA CYS N 8 7.10 27.68 -34.92
C CYS N 8 8.11 27.77 -36.05
N VAL N 9 9.07 28.67 -35.90
CA VAL N 9 10.10 28.85 -36.90
C VAL N 9 11.21 27.84 -36.60
N ILE N 10 11.38 26.87 -37.48
CA ILE N 10 12.39 25.84 -37.26
C ILE N 10 13.64 26.02 -38.13
N MET N 11 13.74 27.15 -38.81
CA MET N 11 14.90 27.45 -39.66
C MET N 11 15.13 28.94 -39.86
N THR O 6 74.41 26.33 -29.55
CA THR O 6 75.20 25.12 -29.31
C THR O 6 74.58 23.90 -29.97
N LYS O 7 73.27 23.72 -29.80
CA LYS O 7 72.57 22.58 -30.39
C LYS O 7 71.27 22.96 -31.11
N CYS O 8 70.61 21.95 -31.68
CA CYS O 8 69.35 22.14 -32.39
C CYS O 8 68.29 21.21 -31.82
N VAL O 9 67.40 21.75 -31.00
CA VAL O 9 66.34 20.93 -30.42
C VAL O 9 65.16 20.98 -31.40
N ILE O 10 64.85 19.84 -32.00
CA ILE O 10 63.77 19.80 -32.97
C ILE O 10 62.48 19.15 -32.46
N MET O 11 62.43 18.90 -31.15
CA MET O 11 61.26 18.30 -30.51
C MET O 11 61.16 18.59 -29.01
N THR P 6 -70.13 -35.62 48.75
CA THR P 6 -70.44 -35.52 50.18
C THR P 6 -69.74 -34.34 50.83
N LYS P 7 -68.45 -34.18 50.55
CA LYS P 7 -67.66 -33.07 51.12
C LYS P 7 -66.81 -32.32 50.09
N CYS P 8 -66.09 -31.29 50.54
CA CYS P 8 -65.24 -30.48 49.66
C CYS P 8 -63.83 -30.42 50.20
N VAL P 9 -62.94 -31.22 49.65
CA VAL P 9 -61.57 -31.23 50.11
C VAL P 9 -60.84 -30.13 49.36
N ILE P 10 -60.45 -29.07 50.07
CA ILE P 10 -59.76 -27.95 49.43
C ILE P 10 -58.26 -27.93 49.67
N MET P 11 -57.72 -29.00 50.27
CA MET P 11 -56.28 -29.11 50.53
C MET P 11 -55.77 -30.55 50.60
N THR Q 6 19.98 15.65 36.33
CA THR Q 6 19.21 14.46 35.96
C THR Q 6 19.92 13.17 36.34
N LYS Q 7 21.22 13.08 36.03
CA LYS Q 7 22.02 11.89 36.32
C LYS Q 7 23.38 12.19 36.95
N CYS Q 8 24.10 11.12 37.30
CA CYS Q 8 25.42 11.25 37.92
C CYS Q 8 26.48 10.48 37.13
N VAL Q 9 27.24 11.19 36.32
CA VAL Q 9 28.30 10.57 35.53
C VAL Q 9 29.55 10.48 36.41
N ILE Q 10 29.92 9.27 36.81
CA ILE Q 10 31.09 9.10 37.67
C ILE Q 10 32.33 8.61 36.95
N MET Q 11 32.28 8.57 35.62
CA MET Q 11 33.40 8.14 34.79
C MET Q 11 33.42 8.73 33.38
N THR R 6 -22.93 -22.03 -51.43
CA THR R 6 -22.55 -21.61 -52.77
C THR R 6 -23.29 -20.34 -53.19
N LYS R 7 -24.61 -20.33 -52.98
CA LYS R 7 -25.44 -19.19 -53.35
C LYS R 7 -26.40 -18.74 -52.25
N CYS R 8 -27.15 -17.68 -52.54
CA CYS R 8 -28.12 -17.11 -51.60
C CYS R 8 -29.49 -17.00 -52.24
N VAL R 9 -30.37 -17.95 -51.95
CA VAL R 9 -31.72 -17.92 -52.50
C VAL R 9 -32.58 -17.07 -51.55
N ILE R 10 -33.00 -15.91 -52.03
CA ILE R 10 -33.79 -15.01 -51.21
C ILE R 10 -35.27 -15.02 -51.53
N MET R 11 -35.69 -15.93 -52.41
CA MET R 11 -37.10 -16.08 -52.78
C MET R 11 -37.51 -17.47 -53.20
ZN ZN S . -7.13 -17.29 25.16
O1 MES T . 2.48 6.62 38.10
C2 MES T . 1.78 5.59 37.32
C3 MES T . 0.80 4.99 38.12
N4 MES T . 1.40 4.40 39.32
C5 MES T . 2.01 5.43 40.10
C6 MES T . 3.01 6.10 39.39
C7 MES T . 0.42 3.78 40.13
C8 MES T . -0.28 2.70 39.57
S MES T . -0.58 1.43 40.22
O1S MES T . 0.84 0.31 40.32
O2S MES T . -1.15 1.71 41.93
O3S MES T . -1.93 0.52 39.40
C20 MGM U . -15.58 -8.85 29.01
C19 MGM U . -13.82 -9.20 30.77
C18 MGM U . -15.14 -9.63 30.20
C17 MGM U . -15.88 -10.63 30.68
C16 MGM U . -15.55 -11.50 31.88
C14 MGM U . -17.25 -13.64 29.88
C13 MGM U . -16.32 -13.70 31.08
C15 MGM U . -16.56 -12.58 32.08
C12 MGM U . -15.35 -14.67 31.25
C11 MGM U . -15.05 -15.80 30.27
C9 MGM U . -13.93 -16.72 30.73
C8 MGM U . -13.57 -17.83 29.77
C10 MGM U . -12.11 -17.82 29.39
C7 MGM U . -14.46 -18.76 29.29
C6 MGM U . -14.12 -19.91 28.31
C5 MGM U . -14.39 -19.53 26.84
N3 MGM U . -14.40 -20.64 25.87
C4 MGM U . -13.44 -20.43 24.78
C2 MGM U . -15.31 -21.81 25.98
C1 MGM U . -15.50 -23.06 25.10
O1 MGM U . -14.63 -23.13 23.96
PA MGM U . -13.32 -24.04 24.08
O1A MGM U . -13.61 -25.48 24.41
O3A MGM U . -12.43 -23.27 25.17
O2A MGM U . -12.59 -23.89 22.71
PB MGM U . -11.02 -23.50 25.81
O1B MGM U . -10.32 -24.70 25.27
O2B MGM U . -11.30 -23.59 27.32
O3B MGM U . -10.28 -22.19 25.52
ZN ZN V . 4.64 23.96 -33.00
CL CL W . 4.45 1.87 -29.14
C20 MGM X . 11.93 20.32 -42.64
C19 MGM X . 11.01 18.33 -41.39
C18 MGM X . 12.12 19.34 -41.52
C17 MGM X . 13.18 19.42 -40.71
C16 MGM X . 13.49 18.52 -39.56
C14 MGM X . 14.72 21.48 -38.46
C13 MGM X . 14.36 20.13 -37.88
C15 MGM X . 14.72 18.96 -38.81
C12 MGM X . 13.78 19.97 -36.66
C11 MGM X . 13.39 21.11 -35.73
C9 MGM X . 12.78 20.65 -34.40
C8 MGM X . 12.36 21.77 -33.46
C10 MGM X . 10.88 21.70 -33.12
C7 MGM X . 13.21 22.74 -32.98
C6 MGM X . 12.82 23.88 -32.03
C5 MGM X . 12.35 25.16 -32.76
N3 MGM X . 12.23 26.38 -31.93
C4 MGM X . 10.91 27.02 -32.04
C2 MGM X . 13.37 26.89 -31.10
C1 MGM X . 13.48 28.11 -30.18
O1 MGM X . 12.30 28.92 -30.10
PA MGM X . 11.36 28.74 -28.81
O1A MGM X . 12.06 28.95 -27.50
O3A MGM X . 10.79 27.26 -29.03
O2A MGM X . 10.17 29.71 -29.00
PB MGM X . 9.81 26.31 -28.26
O1B MGM X . 9.25 26.92 -27.02
O2B MGM X . 10.65 25.06 -28.01
O3B MGM X . 8.74 25.99 -29.32
ZN ZN Y . 71.59 22.45 -36.68
CL CL Z . 69.86 18.62 -58.75
O1 MES AA . 77.28 -0.89 -51.79
C2 MES AA . 76.96 0.21 -50.87
C3 MES AA . 75.70 0.70 -51.22
N4 MES AA . 75.69 1.16 -52.59
C5 MES AA . 75.95 0.09 -53.47
C6 MES AA . 77.21 -0.48 -53.20
C7 MES AA . 74.41 1.69 -52.94
C8 MES AA . 73.97 2.78 -52.20
S MES AA . 73.05 3.79 -52.64
O1S MES AA . 73.84 5.23 -53.31
O2S MES AA . 71.95 3.15 -53.94
O3S MES AA . 71.94 4.33 -51.34
C20 MGM BA . 63.32 12.86 -36.33
C19 MGM BA . 64.14 13.22 -38.67
C18 MGM BA . 63.13 13.59 -37.61
C17 MGM BA . 62.14 14.48 -37.76
C16 MGM BA . 61.85 15.28 -39.00
C14 MGM BA . 61.06 17.41 -36.49
C13 MGM BA . 61.28 17.48 -38.00
C15 MGM BA . 60.74 16.27 -38.75
C12 MGM BA . 61.92 18.54 -38.61
C11 MGM BA . 62.49 19.75 -37.87
C9 MGM BA . 63.12 20.78 -38.81
C8 MGM BA . 63.72 22.00 -38.12
C10 MGM BA . 65.19 22.15 -38.42
C7 MGM BA . 63.01 22.87 -37.32
C6 MGM BA . 63.58 24.10 -36.61
C5 MGM BA . 64.06 23.79 -35.16
N3 MGM BA . 64.34 24.95 -34.28
C4 MGM BA . 65.67 24.88 -33.67
C2 MGM BA . 63.34 26.03 -34.04
C1 MGM BA . 63.41 27.30 -33.16
O1 MGM BA . 64.66 27.52 -32.51
PA MGM BA . 65.67 28.58 -33.19
O1A MGM BA . 65.08 29.96 -33.36
O3A MGM BA . 66.05 27.84 -34.55
O2A MGM BA . 66.95 28.61 -32.31
PB MGM BA . 66.97 28.15 -35.76
O1B MGM BA . 67.69 29.45 -35.63
O2B MGM BA . 66.02 28.09 -36.95
O3B MGM BA . 67.90 26.93 -35.82
ZN ZN CA . -68.71 -27.10 48.99
CL CL DA . -72.95 -5.51 45.38
C20 MGM EA . -58.58 -22.16 54.41
C19 MGM EA . -60.11 -20.33 53.62
C18 MGM EA . -58.97 -21.26 53.29
C17 MGM EA . -58.36 -21.30 52.10
C16 MGM EA . -58.66 -20.43 50.91
C14 MGM EA . -57.67 -23.34 49.44
C13 MGM EA . -58.41 -22.07 49.06
C15 MGM EA . -57.82 -20.82 49.71
C12 MGM EA . -59.48 -22.05 48.22
C11 MGM EA . -60.10 -23.27 47.57
C9 MGM EA . -61.30 -22.95 46.66
C8 MGM EA . -61.95 -24.16 46.03
C10 MGM EA . -63.43 -24.23 46.37
C7 MGM EA . -61.32 -25.07 45.22
C6 MGM EA . -61.99 -26.29 44.59
C5 MGM EA . -61.85 -27.57 45.43
N3 MGM EA . -62.15 -28.84 44.73
C4 MGM EA . -63.15 -29.64 45.44
C2 MGM EA . -61.47 -29.24 43.48
C1 MGM EA . -61.62 -30.52 42.63
O1 MGM EA . -62.60 -31.44 43.11
PA MGM EA . -64.04 -31.44 42.39
O1A MGM EA . -63.96 -31.70 40.92
O3A MGM EA . -64.63 -30.01 42.79
O2A MGM EA . -64.92 -32.50 43.13
PB MGM EA . -65.97 -29.28 42.51
O1B MGM EA . -66.91 -30.09 41.70
O2B MGM EA . -65.54 -27.97 41.84
O3B MGM EA . -66.49 -28.98 43.93
ZN ZN FA . 23.63 10.77 42.46
C20 MGM GA . 31.94 1.76 39.67
C19 MGM GA . 31.32 1.65 42.11
C18 MGM GA . 32.22 2.25 41.06
C17 MGM GA . 33.20 3.14 41.30
C16 MGM GA . 33.62 3.71 42.63
C14 MGM GA . 34.23 6.27 40.50
C13 MGM GA . 34.10 6.06 42.00
C15 MGM GA . 34.70 4.73 42.49
C12 MGM GA . 33.47 6.96 42.84
C11 MGM GA . 32.84 8.25 42.37
C9 MGM GA . 32.22 9.08 43.49
C8 MGM GA . 31.52 10.36 43.06
C10 MGM GA . 30.07 10.38 43.48
C7 MGM GA . 32.13 11.39 42.38
C6 MGM GA . 31.43 12.68 41.95
C5 MGM GA . 30.81 12.61 40.54
N3 MGM GA . 30.46 13.91 39.91
C4 MGM GA . 29.07 13.93 39.41
C2 MGM GA . 31.44 15.03 39.80
C1 MGM GA . 31.29 16.43 39.18
O1 MGM GA . 29.99 16.72 38.70
PA MGM GA . 29.02 17.58 39.64
O1A MGM GA . 29.61 18.92 40.03
O3A MGM GA . 28.73 16.60 40.87
O2A MGM GA . 27.68 17.73 38.87
PB MGM GA . 27.87 16.68 42.18
O1B MGM GA . 27.12 17.96 42.34
O2B MGM GA . 28.87 16.44 43.31
O3B MGM GA . 26.96 15.45 42.07
ZN ZN HA . -24.95 -13.79 -49.98
CL CL IA . -22.25 6.76 -41.55
C20 MGM JA . -35.20 -8.46 -54.92
C19 MGM JA . -33.82 -6.70 -53.75
C18 MGM JA . -34.91 -7.74 -53.64
C17 MGM JA . -35.57 -8.03 -52.51
C16 MGM JA . -35.38 -7.39 -51.16
C14 MGM JA . -36.19 -10.58 -50.44
C13 MGM JA . -35.59 -9.39 -49.71
C15 MGM JA . -36.23 -8.06 -50.11
C12 MGM JA . -34.57 -9.50 -48.79
C11 MGM JA . -33.90 -10.81 -48.39
C9 MGM JA . -32.81 -10.63 -47.34
C8 MGM JA . -32.08 -11.91 -46.94
C10 MGM JA . -30.59 -11.83 -47.19
C7 MGM JA . -32.69 -13.03 -46.40
C6 MGM JA . -31.98 -14.32 -45.99
C5 MGM JA . -31.96 -15.37 -47.10
N3 MGM JA . -31.63 -16.76 -46.71
C4 MGM JA . -30.55 -17.35 -47.54
C2 MGM JA . -32.33 -17.47 -45.60
C1 MGM JA . -32.16 -18.91 -45.03
O1 MGM JA . -31.06 -19.65 -45.58
PA MGM JA . -29.67 -19.70 -44.77
O1A MGM JA . -29.84 -20.20 -43.37
O3A MGM JA . -29.15 -18.19 -44.89
O2A MGM JA . -28.69 -20.54 -45.59
PB MGM JA . -27.89 -17.40 -44.41
O1B MGM JA . -26.91 -18.23 -43.66
O2B MGM JA . -28.46 -16.25 -43.58
O3B MGM JA . -27.32 -16.85 -45.70
#